data_5T5N
#
_entry.id   5T5N
#
_cell.length_a   98.243
_cell.length_b   243.878
_cell.length_c   172.052
_cell.angle_alpha   90.00
_cell.angle_beta   93.84
_cell.angle_gamma   90.00
#
_symmetry.space_group_name_H-M   'P 1 21 1'
#
loop_
_entity.id
_entity.type
_entity.pdbx_description
1 polymer 'bestrophin-1 (BEST1)'
2 polymer 'Fab antibody fragment, light chain (10D10)'
3 polymer 'Fab antibody fragment, heavy chain (10D10)'
4 non-polymer 'CHLORIDE ION'
5 non-polymer 'POTASSIUM ION'
6 non-polymer GLYCEROL
7 non-polymer 'CALCIUM ION'
8 water water
#
loop_
_entity_poly.entity_id
_entity_poly.type
_entity_poly.pdbx_seq_one_letter_code
_entity_poly.pdbx_strand_id
1 'polypeptide(L)'
;TVTYTNRVADARLGTFSQLLLQWKGSIYKLLYSEFLIFISLYFAISLVYRLILSESQRLMFEKLALYCNSYAELAPVSAV
LGAYVSLVVSRWWAQYESIPWPDRIMNLVSCNVDGEDEYGRLLRRTLMRYSNLCSVLILRSVSTAVYKRFPSMEHVVRAG
LMTPEEHKKFESLNSPHNKFWIPCVWFSNLAVKARNEGRIRDSVLLQGILNELNTLRSQCGRLYGYDWISIPLVYTQVVT
VAVYSFFLACLIGRQFLDPEKAYPGHELDLFVPVFTFLQFFFYAGWLKVAEQLINPFGEDDDDFETNWLIDRNLQVSLMA
VDEMHQDLPILEKDLYWNEPDPQPPYTAATAEYKRPSFLGSTFDISMQKEEMEFQPLEQIKENEEANHSTPLLGHLGRLL
GVQSEGEEF
;
A,B,C,D,E
2 'polypeptide(L)'
;DIQMTQSPASLSASVGETVTITCRASENIYSYLTWYQQKQGKSPQLLVYNAKTLTEGVPSRFSGSGSGTQFSLKINSLQP
EDFGGYFCQHHYGTPPTFGGGTKLEVKRADAAPTVSIFPPSSEQLTSGGASVVCFLNNFYPKDINVKWKIDGSERQNGVL
NSWTDQDSKDSTYSMSSTLTLTKDEYERHNSYTCEATHKTSTSPIVKSFNRN
;
F,H,J,L,N
3 'polypeptide(L)'
;QVQLQQSGPELVRPGASVKMSCKASGYTFTNYWMHWVKQRPGQALEWIGMIDPSKSETTLNQKFRGKATLNVDKSSNTAY
MQLSSLTSEDSAVYYCAREVYYFDYWGQGTTLTVSSAKTTPPSVYPLAPGSAAQTNSMVTLGCLVKGYFPEPVTVTWNSG
SLSSGVHTFPAVLQSDLYTLSSSVTVPSSSWPSETVTCNVAHPASSTKVDKKIVPRD
;
G,I,K,M,O
#
# COMPACT_ATOMS: atom_id res chain seq x y z
N THR A 1 21.02 11.26 4.03
CA THR A 1 22.10 11.27 5.01
C THR A 1 23.44 11.22 4.27
N VAL A 2 23.56 10.33 3.30
CA VAL A 2 24.66 10.38 2.33
C VAL A 2 23.95 10.60 0.99
N THR A 3 23.62 11.85 0.72
CA THR A 3 22.84 12.22 -0.45
C THR A 3 23.71 12.47 -1.67
N TYR A 4 23.50 11.66 -2.71
CA TYR A 4 24.17 11.81 -4.00
C TYR A 4 23.12 12.02 -5.09
N THR A 5 21.90 12.37 -4.68
CA THR A 5 20.77 12.58 -5.58
C THR A 5 21.11 13.46 -6.78
N ASN A 6 21.89 14.53 -6.57
CA ASN A 6 22.17 15.44 -7.68
C ASN A 6 23.16 14.85 -8.67
N ARG A 7 24.07 13.99 -8.19
CA ARG A 7 25.04 13.35 -9.09
C ARG A 7 24.34 12.41 -10.07
N VAL A 8 23.30 11.73 -9.60
CA VAL A 8 22.60 10.75 -10.42
C VAL A 8 21.32 11.33 -11.03
N ALA A 9 21.28 12.66 -11.19
CA ALA A 9 20.09 13.29 -11.76
C ALA A 9 19.86 12.86 -13.21
N ASP A 10 20.94 12.75 -13.98
CA ASP A 10 20.84 12.34 -15.37
C ASP A 10 21.57 11.03 -15.62
N ALA A 11 21.13 10.32 -16.65
CA ALA A 11 21.71 9.04 -17.04
C ALA A 11 22.75 9.31 -18.12
N ARG A 12 23.94 9.70 -17.68
CA ARG A 12 25.02 10.02 -18.58
C ARG A 12 26.02 8.85 -18.61
N LEU A 13 27.18 9.08 -19.24
CA LEU A 13 28.19 8.04 -19.40
C LEU A 13 28.61 7.42 -18.06
N GLY A 14 29.02 8.26 -17.11
CA GLY A 14 29.53 7.73 -15.86
C GLY A 14 28.65 7.96 -14.64
N THR A 15 27.33 8.06 -14.85
CA THR A 15 26.40 8.29 -13.76
C THR A 15 26.65 7.37 -12.57
N PHE A 16 26.81 6.07 -12.82
CA PHE A 16 27.02 5.12 -11.73
C PHE A 16 28.48 4.79 -11.50
N SER A 17 29.29 4.78 -12.55
CA SER A 17 30.72 4.52 -12.42
C SER A 17 31.38 5.51 -11.48
N GLN A 18 31.04 6.80 -11.62
CA GLN A 18 31.58 7.84 -10.77
C GLN A 18 31.42 7.51 -9.29
N LEU A 19 30.32 6.85 -8.93
CA LEU A 19 30.03 6.56 -7.54
C LEU A 19 30.94 5.49 -6.96
N LEU A 20 31.67 4.76 -7.81
CA LEU A 20 32.61 3.75 -7.33
C LEU A 20 33.86 4.37 -6.73
N LEU A 21 34.06 5.68 -6.94
CA LEU A 21 35.22 6.38 -6.42
C LEU A 21 34.92 7.12 -5.12
N GLN A 22 33.75 6.94 -4.55
CA GLN A 22 33.35 7.61 -3.31
C GLN A 22 33.55 6.69 -2.11
N TRP A 23 34.08 7.25 -1.02
CA TRP A 23 34.39 6.50 0.20
C TRP A 23 33.31 6.56 1.27
N LYS A 24 32.76 7.75 1.54
CA LYS A 24 31.75 7.89 2.58
C LYS A 24 30.54 6.99 2.32
N GLY A 25 30.20 6.17 3.31
CA GLY A 25 29.08 5.25 3.19
C GLY A 25 29.20 4.29 2.03
N SER A 26 30.43 3.96 1.65
CA SER A 26 30.70 3.11 0.49
C SER A 26 30.83 1.64 0.88
N ILE A 27 30.89 0.81 -0.17
CA ILE A 27 31.07 -0.63 -0.01
C ILE A 27 32.45 -0.94 0.55
N TYR A 28 33.46 -0.14 0.18
CA TYR A 28 34.82 -0.35 0.66
C TYR A 28 34.90 -0.14 2.16
N LYS A 29 34.33 0.95 2.65
CA LYS A 29 34.39 1.29 4.06
C LYS A 29 33.67 0.23 4.91
N LEU A 30 32.57 -0.31 4.41
CA LEU A 30 31.82 -1.29 5.18
C LEU A 30 32.42 -2.69 5.09
N LEU A 31 33.14 -3.00 4.01
CA LEU A 31 33.70 -4.33 3.81
C LEU A 31 35.16 -4.46 4.22
N TYR A 32 35.86 -3.33 4.36
CA TYR A 32 37.28 -3.26 4.67
C TYR A 32 37.82 -4.41 5.53
N SER A 33 37.42 -4.45 6.79
CA SER A 33 37.92 -5.48 7.71
C SER A 33 37.61 -6.88 7.22
N GLU A 34 36.34 -7.14 6.87
CA GLU A 34 35.96 -8.47 6.38
C GLU A 34 36.79 -8.90 5.18
N PHE A 35 36.95 -8.01 4.20
CA PHE A 35 37.71 -8.31 3.00
C PHE A 35 39.14 -8.71 3.35
N LEU A 36 39.79 -7.93 4.22
CA LEU A 36 41.16 -8.21 4.62
C LEU A 36 41.28 -9.60 5.24
N ILE A 37 40.32 -9.95 6.11
CA ILE A 37 40.34 -11.28 6.72
C ILE A 37 40.18 -12.35 5.67
N PHE A 38 39.30 -12.12 4.69
CA PHE A 38 39.13 -13.07 3.60
C PHE A 38 40.42 -13.19 2.78
N ILE A 39 40.94 -12.06 2.32
CA ILE A 39 42.21 -12.00 1.59
C ILE A 39 43.26 -12.82 2.32
N SER A 40 43.44 -12.53 3.61
CA SER A 40 44.44 -13.21 4.43
C SER A 40 44.20 -14.72 4.44
N LEU A 41 43.02 -15.14 4.91
CA LEU A 41 42.71 -16.57 4.95
C LEU A 41 42.96 -17.25 3.60
N TYR A 42 42.59 -16.58 2.51
CA TYR A 42 42.81 -17.16 1.19
C TYR A 42 44.30 -17.38 0.91
N PHE A 43 45.07 -16.28 0.86
CA PHE A 43 46.49 -16.39 0.54
C PHE A 43 47.25 -17.20 1.57
N ALA A 44 46.78 -17.25 2.81
CA ALA A 44 47.41 -18.12 3.80
C ALA A 44 47.28 -19.58 3.36
N ILE A 45 46.04 -20.01 3.08
CA ILE A 45 45.80 -21.34 2.55
C ILE A 45 46.62 -21.57 1.28
N SER A 46 46.65 -20.59 0.39
CA SER A 46 47.38 -20.71 -0.87
C SER A 46 48.85 -21.03 -0.64
N LEU A 47 49.49 -20.36 0.32
CA LEU A 47 50.91 -20.60 0.57
C LEU A 47 51.14 -21.97 1.21
N VAL A 48 50.26 -22.38 2.13
CA VAL A 48 50.35 -23.70 2.73
C VAL A 48 50.33 -24.78 1.66
N TYR A 49 49.49 -24.61 0.64
CA TYR A 49 49.38 -25.57 -0.44
C TYR A 49 50.60 -25.55 -1.36
N ARG A 50 51.08 -24.36 -1.71
CA ARG A 50 52.21 -24.24 -2.63
C ARG A 50 53.55 -24.60 -1.98
N LEU A 51 53.74 -24.23 -0.71
CA LEU A 51 55.04 -24.37 -0.07
C LEU A 51 55.16 -25.41 1.03
N ILE A 52 54.07 -25.82 1.67
CA ILE A 52 54.15 -26.70 2.85
C ILE A 52 53.73 -28.14 2.51
N LEU A 53 52.53 -28.33 1.99
CA LEU A 53 52.01 -29.66 1.71
C LEU A 53 52.94 -30.49 0.85
N SER A 54 52.99 -31.79 1.14
CA SER A 54 53.77 -32.75 0.37
C SER A 54 52.99 -33.15 -0.88
N GLU A 55 53.69 -33.81 -1.81
CA GLU A 55 53.06 -34.24 -3.04
C GLU A 55 51.79 -35.04 -2.77
N SER A 56 51.80 -35.85 -1.71
CA SER A 56 50.63 -36.65 -1.37
C SER A 56 49.54 -35.81 -0.73
N GLN A 57 49.93 -34.86 0.13
CA GLN A 57 48.96 -33.98 0.77
C GLN A 57 48.31 -33.05 -0.25
N ARG A 58 49.11 -32.57 -1.21
CA ARG A 58 48.58 -31.69 -2.25
C ARG A 58 47.46 -32.39 -3.02
N LEU A 59 47.57 -33.70 -3.23
CA LEU A 59 46.52 -34.39 -3.96
C LEU A 59 45.22 -34.42 -3.17
N MET A 60 45.31 -34.50 -1.84
CA MET A 60 44.11 -34.47 -1.01
C MET A 60 43.51 -33.06 -1.03
N PHE A 61 44.37 -32.05 -0.85
CA PHE A 61 43.89 -30.67 -0.90
C PHE A 61 43.19 -30.40 -2.21
N GLU A 62 43.74 -30.90 -3.32
CA GLU A 62 43.13 -30.68 -4.62
C GLU A 62 41.77 -31.36 -4.68
N LYS A 63 41.66 -32.54 -4.06
CA LYS A 63 40.38 -33.23 -4.01
C LYS A 63 39.44 -32.52 -3.05
N LEU A 64 39.99 -31.93 -1.99
CA LEU A 64 39.17 -31.17 -1.05
C LEU A 64 38.68 -29.89 -1.69
N ALA A 65 39.54 -29.22 -2.46
CA ALA A 65 39.14 -27.98 -3.11
C ALA A 65 38.06 -28.24 -4.15
N LEU A 66 38.13 -29.38 -4.85
CA LEU A 66 37.09 -29.69 -5.82
C LEU A 66 35.76 -29.91 -5.13
N TYR A 67 35.80 -30.48 -3.92
CA TYR A 67 34.60 -30.72 -3.14
C TYR A 67 33.98 -29.41 -2.67
N CYS A 68 34.80 -28.55 -2.05
CA CYS A 68 34.32 -27.26 -1.58
C CYS A 68 33.80 -26.42 -2.74
N ASN A 69 34.54 -26.39 -3.85
CA ASN A 69 34.14 -25.58 -4.98
C ASN A 69 32.79 -25.99 -5.51
N SER A 70 32.43 -27.27 -5.41
CA SER A 70 31.14 -27.70 -5.91
C SER A 70 30.00 -27.21 -5.02
N TYR A 71 30.31 -26.68 -3.84
CA TYR A 71 29.26 -26.20 -2.95
C TYR A 71 29.25 -24.69 -2.85
N ALA A 72 30.13 -23.99 -3.58
CA ALA A 72 30.01 -22.53 -3.63
C ALA A 72 29.01 -22.19 -4.72
N GLU A 73 27.73 -22.18 -4.35
CA GLU A 73 26.64 -21.93 -5.27
C GLU A 73 25.92 -20.65 -4.85
N LEU A 74 25.96 -19.65 -5.71
CA LEU A 74 25.37 -18.37 -5.35
C LEU A 74 23.84 -18.38 -5.42
N ALA A 75 23.27 -19.14 -6.35
CA ALA A 75 21.82 -19.16 -6.55
C ALA A 75 21.00 -19.29 -5.27
N PRO A 76 21.29 -20.21 -4.34
CA PRO A 76 20.53 -20.22 -3.08
C PRO A 76 20.82 -19.01 -2.20
N VAL A 77 22.05 -18.50 -2.23
CA VAL A 77 22.37 -17.30 -1.47
C VAL A 77 21.63 -16.09 -2.05
N SER A 78 21.64 -15.95 -3.38
CA SER A 78 20.90 -14.87 -4.03
C SER A 78 19.44 -14.88 -3.62
N ALA A 79 18.85 -16.07 -3.52
CA ALA A 79 17.43 -16.18 -3.15
C ALA A 79 17.18 -15.59 -1.77
N VAL A 80 17.87 -16.11 -0.76
CA VAL A 80 17.59 -15.68 0.62
C VAL A 80 18.06 -14.24 0.86
N LEU A 81 19.19 -13.85 0.25
CA LEU A 81 19.69 -12.48 0.41
C LEU A 81 18.70 -11.47 -0.15
N GLY A 82 18.33 -11.65 -1.43
CA GLY A 82 17.38 -10.74 -2.06
C GLY A 82 16.12 -10.53 -1.24
N ALA A 83 15.53 -11.62 -0.76
CA ALA A 83 14.31 -11.51 0.05
C ALA A 83 14.59 -10.76 1.35
N TYR A 84 15.66 -11.14 2.05
CA TYR A 84 15.97 -10.53 3.34
C TYR A 84 16.28 -9.05 3.16
N VAL A 85 17.13 -8.71 2.21
CA VAL A 85 17.48 -7.31 1.98
C VAL A 85 16.25 -6.52 1.56
N SER A 86 15.33 -7.15 0.82
CA SER A 86 14.10 -6.47 0.42
C SER A 86 13.25 -6.14 1.65
N LEU A 87 13.17 -7.08 2.59
CA LEU A 87 12.45 -6.84 3.84
C LEU A 87 13.09 -5.68 4.61
N VAL A 88 14.42 -5.69 4.73
CA VAL A 88 15.12 -4.64 5.44
C VAL A 88 14.88 -3.29 4.78
N VAL A 89 15.02 -3.24 3.45
CA VAL A 89 14.82 -1.98 2.73
C VAL A 89 13.39 -1.49 2.92
N SER A 90 12.43 -2.41 2.94
CA SER A 90 11.03 -2.03 3.16
C SER A 90 10.86 -1.33 4.51
N ARG A 91 11.31 -1.99 5.59
CA ARG A 91 11.24 -1.40 6.92
C ARG A 91 12.03 -0.09 7.00
N TRP A 92 13.18 -0.05 6.32
CA TRP A 92 14.02 1.14 6.30
C TRP A 92 13.24 2.38 5.87
N TRP A 93 12.52 2.30 4.74
CA TRP A 93 11.77 3.46 4.28
C TRP A 93 10.55 3.71 5.13
N ALA A 94 9.94 2.65 5.67
CA ALA A 94 8.78 2.82 6.53
C ALA A 94 9.17 3.58 7.78
N GLN A 95 10.34 3.28 8.33
CA GLN A 95 10.81 3.99 9.52
C GLN A 95 11.08 5.45 9.24
N TYR A 96 11.61 5.78 8.06
CA TYR A 96 11.83 7.18 7.73
C TYR A 96 10.51 7.95 7.73
N GLU A 97 9.52 7.44 7.01
CA GLU A 97 8.24 8.13 6.94
C GLU A 97 7.52 8.17 8.28
N SER A 98 8.03 7.46 9.28
CA SER A 98 7.47 7.46 10.62
C SER A 98 8.12 8.50 11.52
N ILE A 99 9.15 9.20 11.02
CA ILE A 99 9.75 10.30 11.77
C ILE A 99 8.78 11.46 11.71
N PRO A 100 8.24 11.88 12.85
CA PRO A 100 7.23 12.93 12.88
C PRO A 100 7.76 14.30 12.51
N TRP A 101 6.96 15.02 11.72
CA TRP A 101 7.30 16.39 11.33
C TRP A 101 6.25 17.33 11.92
N PRO A 102 6.68 18.47 12.45
CA PRO A 102 5.73 19.39 13.10
C PRO A 102 4.82 20.12 12.14
N ASP A 103 5.27 20.34 10.89
CA ASP A 103 4.59 21.16 9.90
C ASP A 103 3.06 21.10 9.86
N ARG A 104 2.44 19.92 9.99
CA ARG A 104 0.98 19.89 9.90
C ARG A 104 0.32 20.48 11.14
N ILE A 105 0.80 20.12 12.34
CA ILE A 105 0.28 20.74 13.56
C ILE A 105 0.69 22.20 13.59
N MET A 106 1.95 22.45 13.24
CA MET A 106 2.51 23.79 13.17
C MET A 106 1.59 24.75 12.43
N ASN A 107 1.07 24.32 11.28
CA ASN A 107 0.18 25.17 10.49
C ASN A 107 -1.12 25.48 11.24
N LEU A 108 -1.70 24.49 11.92
CA LEU A 108 -2.95 24.71 12.63
C LEU A 108 -2.76 25.57 13.87
N VAL A 109 -1.80 25.20 14.72
CA VAL A 109 -1.55 25.95 15.96
C VAL A 109 -1.22 27.41 15.66
N SER A 110 -0.45 27.66 14.60
CA SER A 110 -0.08 29.03 14.26
C SER A 110 -1.27 29.90 13.90
N CYS A 111 -2.27 29.33 13.23
CA CYS A 111 -3.40 30.13 12.77
C CYS A 111 -4.66 30.02 13.64
N ASN A 112 -4.84 28.94 14.40
CA ASN A 112 -6.07 28.73 15.15
C ASN A 112 -5.96 28.91 16.67
N VAL A 113 -4.82 29.33 17.20
CA VAL A 113 -4.71 29.63 18.63
C VAL A 113 -4.56 31.14 18.74
N ASP A 114 -5.68 31.79 19.04
CA ASP A 114 -5.79 33.26 18.99
C ASP A 114 -4.99 33.97 20.08
N GLY A 115 -4.61 35.20 19.77
CA GLY A 115 -3.93 36.07 20.72
C GLY A 115 -2.59 36.61 20.24
N GLU A 116 -2.48 37.94 20.20
CA GLU A 116 -1.22 38.60 19.86
C GLU A 116 -0.55 39.15 21.10
N ASP A 117 -0.98 38.68 22.27
CA ASP A 117 -0.47 39.04 23.58
C ASP A 117 0.42 37.92 24.11
N GLU A 118 1.30 38.28 25.05
CA GLU A 118 2.25 37.34 25.65
C GLU A 118 1.66 35.98 25.99
N TYR A 119 0.41 35.93 26.46
CA TYR A 119 -0.17 34.62 26.78
C TYR A 119 -0.44 33.84 25.50
N GLY A 120 -1.05 34.49 24.51
CA GLY A 120 -1.25 33.84 23.23
C GLY A 120 0.06 33.34 22.65
N ARG A 121 1.14 34.09 22.86
CA ARG A 121 2.45 33.67 22.41
C ARG A 121 2.95 32.48 23.22
N LEU A 122 2.87 32.57 24.55
CA LEU A 122 3.28 31.46 25.40
C LEU A 122 2.45 30.22 25.13
N LEU A 123 1.17 30.41 24.82
CA LEU A 123 0.29 29.28 24.57
C LEU A 123 0.73 28.51 23.33
N ARG A 124 0.87 29.23 22.21
CA ARG A 124 1.31 28.61 20.96
C ARG A 124 2.70 27.97 21.08
N ARG A 125 3.64 28.66 21.72
CA ARG A 125 4.99 28.09 21.86
C ARG A 125 4.98 26.83 22.71
N THR A 126 4.16 26.80 23.76
CA THR A 126 4.15 25.63 24.64
C THR A 126 3.50 24.44 23.95
N LEU A 127 2.48 24.69 23.13
CA LEU A 127 1.82 23.61 22.40
C LEU A 127 2.81 22.91 21.46
N MET A 128 3.51 23.69 20.63
CA MET A 128 4.53 23.12 19.74
C MET A 128 5.58 22.34 20.51
N ARG A 129 6.08 22.90 21.62
CA ARG A 129 7.11 22.20 22.38
C ARG A 129 6.62 20.86 22.91
N TYR A 130 5.32 20.74 23.18
CA TYR A 130 4.82 19.45 23.64
C TYR A 130 4.91 18.43 22.52
N SER A 131 4.73 18.87 21.28
CA SER A 131 4.90 18.00 20.12
C SER A 131 6.35 17.58 19.96
N ASN A 132 7.25 18.57 19.89
CA ASN A 132 8.67 18.27 19.74
C ASN A 132 9.18 17.41 20.89
N LEU A 133 8.60 17.56 22.09
CA LEU A 133 9.03 16.74 23.20
C LEU A 133 8.56 15.31 23.01
N CYS A 134 7.33 15.12 22.53
CA CYS A 134 6.83 13.77 22.26
C CYS A 134 7.77 13.06 21.29
N SER A 135 8.33 13.80 20.32
CA SER A 135 9.27 13.25 19.35
C SER A 135 10.64 12.98 19.95
N VAL A 136 11.28 14.02 20.49
CA VAL A 136 12.60 13.87 21.11
C VAL A 136 12.62 12.72 22.11
N LEU A 137 11.54 12.55 22.87
CA LEU A 137 11.49 11.45 23.83
C LEU A 137 11.56 10.10 23.14
N ILE A 138 10.81 9.92 22.05
CA ILE A 138 10.84 8.64 21.34
C ILE A 138 12.15 8.49 20.54
N LEU A 139 12.64 9.57 19.92
CA LEU A 139 13.88 9.49 19.16
C LEU A 139 15.05 9.06 20.03
N ARG A 140 15.14 9.58 21.26
CA ARG A 140 16.25 9.19 22.11
C ARG A 140 16.08 7.78 22.65
N SER A 141 14.93 7.17 22.40
CA SER A 141 14.65 5.80 22.80
C SER A 141 15.02 4.81 21.70
N VAL A 142 15.00 5.26 20.44
CA VAL A 142 15.23 4.39 19.31
C VAL A 142 16.52 4.72 18.57
N SER A 143 17.06 5.93 18.70
CA SER A 143 18.25 6.35 17.98
C SER A 143 19.45 6.46 18.91
N THR A 144 20.51 5.71 18.60
CA THR A 144 21.71 5.79 19.42
C THR A 144 22.41 7.12 19.22
N ALA A 145 22.25 7.71 18.03
CA ALA A 145 22.83 9.02 17.75
C ALA A 145 22.19 10.08 18.61
N VAL A 146 20.89 9.97 18.82
CA VAL A 146 20.17 10.94 19.65
C VAL A 146 20.42 10.65 21.13
N TYR A 147 20.31 9.37 21.53
CA TYR A 147 20.52 9.03 22.93
C TYR A 147 21.88 9.51 23.41
N LYS A 148 22.93 9.38 22.59
CA LYS A 148 24.24 9.83 23.04
C LYS A 148 24.29 11.35 23.21
N ARG A 149 23.28 12.05 22.71
CA ARG A 149 23.16 13.50 22.86
C ARG A 149 22.25 13.85 24.02
N PHE A 150 21.34 12.95 24.38
CA PHE A 150 20.41 13.14 25.51
C PHE A 150 20.44 11.88 26.37
N PRO A 151 21.62 11.53 26.91
CA PRO A 151 21.74 10.26 27.66
C PRO A 151 20.84 10.19 28.87
N SER A 152 20.48 11.33 29.45
CA SER A 152 19.66 11.38 30.65
C SER A 152 18.57 12.44 30.43
N MET A 153 17.49 12.29 31.19
CA MET A 153 16.39 13.25 31.07
C MET A 153 16.82 14.65 31.46
N GLU A 154 17.93 14.78 32.20
CA GLU A 154 18.44 16.11 32.52
C GLU A 154 18.97 16.80 31.27
N HIS A 155 19.61 16.04 30.38
CA HIS A 155 20.10 16.62 29.13
C HIS A 155 18.94 17.21 28.34
N VAL A 156 17.79 16.51 28.33
CA VAL A 156 16.62 17.01 27.62
C VAL A 156 16.21 18.37 28.17
N VAL A 157 16.19 18.49 29.50
CA VAL A 157 15.82 19.76 30.13
C VAL A 157 16.85 20.84 29.80
N ARG A 158 18.12 20.58 30.10
CA ARG A 158 19.17 21.59 29.87
C ARG A 158 19.30 22.00 28.41
N ALA A 159 18.85 21.15 27.48
CA ALA A 159 18.93 21.48 26.07
C ALA A 159 17.79 22.39 25.65
N GLY A 160 16.83 22.62 26.53
CA GLY A 160 15.73 23.50 26.25
C GLY A 160 14.55 22.85 25.60
N LEU A 161 14.46 21.52 25.66
CA LEU A 161 13.35 20.78 25.09
C LEU A 161 12.27 20.49 26.13
N MET A 162 12.57 20.70 27.41
CA MET A 162 11.63 20.45 28.49
C MET A 162 11.96 21.40 29.62
N THR A 163 10.93 22.02 30.22
CA THR A 163 11.18 22.91 31.34
C THR A 163 11.33 22.11 32.64
N PRO A 164 12.03 22.67 33.63
CA PRO A 164 12.18 21.94 34.90
C PRO A 164 10.86 21.67 35.61
N GLU A 165 9.85 22.51 35.39
CA GLU A 165 8.55 22.21 35.96
C GLU A 165 7.94 21.01 35.25
N GLU A 166 8.05 21.00 33.92
CA GLU A 166 7.56 19.86 33.15
C GLU A 166 8.25 18.59 33.59
N HIS A 167 9.56 18.67 33.84
CA HIS A 167 10.30 17.51 34.33
C HIS A 167 9.76 17.08 35.69
N LYS A 168 9.36 18.04 36.51
CA LYS A 168 8.80 17.73 37.83
C LYS A 168 7.46 17.01 37.66
N LYS A 169 6.61 17.56 36.78
CA LYS A 169 5.32 16.95 36.47
C LYS A 169 5.54 15.59 35.86
N PHE A 170 6.56 15.48 35.01
CA PHE A 170 6.93 14.23 34.37
C PHE A 170 7.22 13.15 35.43
N GLU A 171 8.10 13.48 36.38
CA GLU A 171 8.45 12.55 37.44
C GLU A 171 7.26 12.26 38.34
N SER A 172 6.40 13.26 38.57
CA SER A 172 5.25 13.08 39.44
C SER A 172 4.32 11.96 38.98
N LEU A 173 4.20 11.76 37.67
CA LEU A 173 3.35 10.72 37.09
C LEU A 173 4.06 9.38 37.17
N ASN A 174 3.60 8.50 38.06
CA ASN A 174 4.24 7.22 38.32
C ASN A 174 3.83 6.20 37.27
N SER A 175 4.79 5.76 36.46
CA SER A 175 4.55 4.74 35.44
C SER A 175 5.86 4.03 35.13
N PRO A 176 5.82 2.69 35.05
CA PRO A 176 7.05 1.92 34.76
C PRO A 176 7.43 1.90 33.28
N HIS A 177 6.56 2.37 32.40
CA HIS A 177 6.77 2.31 30.97
C HIS A 177 7.34 3.61 30.42
N ASN A 178 7.78 3.55 29.17
CA ASN A 178 8.31 4.73 28.49
C ASN A 178 7.26 5.83 28.46
N LYS A 179 7.62 7.00 28.98
CA LYS A 179 6.70 8.12 29.11
C LYS A 179 6.67 9.03 27.88
N PHE A 180 7.16 8.57 26.73
CA PHE A 180 7.18 9.42 25.54
C PHE A 180 5.78 9.91 25.18
N TRP A 181 4.75 9.22 25.66
CA TRP A 181 3.37 9.56 25.37
C TRP A 181 2.85 10.69 26.25
N ILE A 182 3.52 11.01 27.35
CA ILE A 182 3.10 12.07 28.28
C ILE A 182 2.89 13.40 27.56
N PRO A 183 3.91 14.01 26.92
CA PRO A 183 3.69 15.31 26.25
C PRO A 183 2.52 15.29 25.30
N CYS A 184 2.22 14.13 24.73
CA CYS A 184 1.13 14.05 23.79
C CYS A 184 -0.22 14.18 24.50
N VAL A 185 -0.28 13.79 25.79
CA VAL A 185 -1.50 13.97 26.58
C VAL A 185 -1.62 15.42 27.05
N TRP A 186 -0.51 15.97 27.57
CA TRP A 186 -0.47 17.38 27.95
C TRP A 186 -0.99 18.27 26.83
N PHE A 187 -0.53 18.00 25.60
CA PHE A 187 -0.97 18.79 24.44
C PHE A 187 -2.48 18.81 24.33
N SER A 188 -3.12 17.63 24.35
CA SER A 188 -4.58 17.59 24.22
C SER A 188 -5.27 18.34 25.35
N ASN A 189 -4.77 18.20 26.59
CA ASN A 189 -5.34 18.95 27.69
C ASN A 189 -5.11 20.45 27.51
N LEU A 190 -3.89 20.85 27.15
CA LEU A 190 -3.61 22.28 26.95
C LEU A 190 -4.40 22.83 25.77
N ALA A 191 -4.64 22.00 24.76
CA ALA A 191 -5.41 22.48 23.61
C ALA A 191 -6.87 22.70 24.02
N VAL A 192 -7.37 21.84 24.91
CA VAL A 192 -8.75 21.97 25.38
C VAL A 192 -8.86 23.17 26.30
N LYS A 193 -7.93 23.30 27.25
CA LYS A 193 -7.91 24.47 28.12
C LYS A 193 -7.85 25.74 27.30
N ALA A 194 -7.04 25.75 26.23
CA ALA A 194 -6.95 26.92 25.38
C ALA A 194 -8.29 27.24 24.74
N ARG A 195 -9.06 26.20 24.40
CA ARG A 195 -10.36 26.43 23.79
C ARG A 195 -11.35 26.99 24.80
N ASN A 196 -11.26 26.52 26.04
CA ASN A 196 -12.15 26.99 27.09
C ASN A 196 -11.85 28.43 27.48
N GLU A 197 -10.60 28.86 27.38
CA GLU A 197 -10.22 30.25 27.62
C GLU A 197 -10.60 31.17 26.47
N GLY A 198 -11.24 30.64 25.43
CA GLY A 198 -11.66 31.40 24.28
C GLY A 198 -10.58 31.61 23.25
N ARG A 199 -9.43 30.96 23.40
CA ARG A 199 -8.32 31.11 22.48
C ARG A 199 -8.48 30.25 21.23
N ILE A 200 -9.38 29.26 21.26
CA ILE A 200 -9.71 28.43 20.11
C ILE A 200 -11.19 28.53 19.87
N ARG A 201 -11.57 29.19 18.77
CA ARG A 201 -12.96 29.48 18.45
C ARG A 201 -13.92 28.30 18.60
N ASP A 202 -13.96 27.43 17.61
CA ASP A 202 -14.84 26.27 17.54
C ASP A 202 -14.23 24.98 18.04
N SER A 203 -15.07 23.95 18.06
CA SER A 203 -14.64 22.61 18.39
C SER A 203 -14.16 21.94 17.13
N VAL A 204 -14.66 22.40 15.99
CA VAL A 204 -14.20 21.94 14.69
C VAL A 204 -12.72 22.23 14.55
N LEU A 205 -12.31 23.44 14.94
CA LEU A 205 -10.89 23.80 14.89
C LEU A 205 -10.10 23.07 15.96
N LEU A 206 -10.72 22.77 17.10
CA LEU A 206 -10.01 22.07 18.17
C LEU A 206 -9.79 20.62 17.80
N GLN A 207 -10.84 19.95 17.29
CA GLN A 207 -10.69 18.55 16.90
C GLN A 207 -9.70 18.41 15.76
N GLY A 208 -9.68 19.38 14.85
CA GLY A 208 -8.70 19.37 13.78
C GLY A 208 -7.28 19.39 14.31
N ILE A 209 -7.06 20.13 15.39
CA ILE A 209 -5.72 20.19 15.99
C ILE A 209 -5.47 18.89 16.76
N LEU A 210 -6.51 18.36 17.40
CA LEU A 210 -6.37 17.11 18.13
C LEU A 210 -6.09 15.94 17.19
N ASN A 211 -6.66 15.99 15.97
CA ASN A 211 -6.42 14.92 15.00
C ASN A 211 -4.96 14.89 14.57
N GLU A 212 -4.41 16.05 14.19
CA GLU A 212 -3.01 16.10 13.79
C GLU A 212 -2.09 15.68 14.92
N LEU A 213 -2.50 15.89 16.17
CA LEU A 213 -1.72 15.39 17.30
C LEU A 213 -1.73 13.87 17.31
N ASN A 214 -2.92 13.28 17.24
CA ASN A 214 -3.06 11.82 17.21
C ASN A 214 -2.23 11.21 16.09
N THR A 215 -2.21 11.86 14.93
CA THR A 215 -1.36 11.41 13.83
C THR A 215 0.10 11.36 14.26
N LEU A 216 0.57 12.43 14.92
CA LEU A 216 1.94 12.46 15.41
C LEU A 216 2.18 11.35 16.41
N ARG A 217 1.19 11.04 17.25
CA ARG A 217 1.33 9.94 18.19
C ARG A 217 1.49 8.61 17.46
N SER A 218 0.71 8.41 16.40
CA SER A 218 0.82 7.19 15.61
C SER A 218 2.20 7.10 14.98
N GLN A 219 2.79 8.23 14.60
CA GLN A 219 4.14 8.23 14.06
C GLN A 219 5.12 7.71 15.10
N CYS A 220 5.05 8.25 16.32
CA CYS A 220 5.93 7.80 17.39
C CYS A 220 5.72 6.32 17.70
N GLY A 221 4.47 5.84 17.57
CA GLY A 221 4.20 4.45 17.81
C GLY A 221 4.87 3.55 16.79
N ARG A 222 4.85 3.98 15.52
CA ARG A 222 5.50 3.20 14.47
C ARG A 222 6.99 3.07 14.76
N LEU A 223 7.62 4.18 15.15
CA LEU A 223 9.02 4.16 15.51
C LEU A 223 9.27 3.19 16.66
N TYR A 224 8.41 3.24 17.68
CA TYR A 224 8.54 2.32 18.80
C TYR A 224 8.38 0.87 18.33
N GLY A 225 7.40 0.62 17.45
CA GLY A 225 7.17 -0.72 16.95
C GLY A 225 8.36 -1.30 16.20
N TYR A 226 8.92 -0.52 15.28
CA TYR A 226 10.07 -1.01 14.51
C TYR A 226 11.29 -1.21 15.40
N ASP A 227 11.42 -0.43 16.47
CA ASP A 227 12.54 -0.60 17.39
C ASP A 227 12.34 -1.83 18.25
N TRP A 228 11.10 -2.05 18.70
CA TRP A 228 10.79 -3.18 19.57
C TRP A 228 10.79 -4.49 18.77
N ILE A 229 10.02 -4.54 17.69
CA ILE A 229 9.86 -5.75 16.88
C ILE A 229 10.98 -5.79 15.84
N SER A 230 12.10 -6.42 16.21
CA SER A 230 13.21 -6.60 15.28
C SER A 230 12.80 -7.63 14.23
N ILE A 231 13.54 -7.67 13.13
CA ILE A 231 13.31 -8.79 12.21
C ILE A 231 13.65 -10.07 12.94
N PRO A 232 12.77 -11.08 12.94
CA PRO A 232 13.03 -12.32 13.68
C PRO A 232 14.46 -12.83 13.58
N LEU A 233 15.08 -13.05 14.74
CA LEU A 233 16.49 -13.44 14.81
C LEU A 233 16.82 -14.64 13.93
N VAL A 234 15.95 -15.66 13.94
CA VAL A 234 16.19 -16.86 13.14
C VAL A 234 16.38 -16.49 11.66
N TYR A 235 15.58 -15.54 11.15
CA TYR A 235 15.72 -15.13 9.76
C TYR A 235 17.08 -14.49 9.51
N THR A 236 17.49 -13.57 10.39
CA THR A 236 18.80 -12.93 10.26
C THR A 236 19.93 -13.95 10.28
N GLN A 237 19.86 -14.94 11.18
CA GLN A 237 20.91 -15.94 11.28
C GLN A 237 20.98 -16.79 10.01
N VAL A 238 19.81 -17.17 9.47
CA VAL A 238 19.76 -17.97 8.25
C VAL A 238 20.56 -17.31 7.12
N VAL A 239 20.34 -16.02 6.87
CA VAL A 239 21.03 -15.36 5.76
C VAL A 239 22.53 -15.21 6.01
N THR A 240 22.96 -15.10 7.27
CA THR A 240 24.41 -15.00 7.48
C THR A 240 25.06 -16.37 7.35
N VAL A 241 24.34 -17.42 7.76
CA VAL A 241 24.85 -18.78 7.60
C VAL A 241 25.00 -19.09 6.11
N ALA A 242 23.99 -18.75 5.31
CA ALA A 242 24.06 -18.98 3.88
C ALA A 242 25.22 -18.23 3.24
N VAL A 243 25.36 -16.94 3.57
CA VAL A 243 26.45 -16.15 3.01
C VAL A 243 27.79 -16.72 3.42
N TYR A 244 27.96 -16.99 4.71
CA TYR A 244 29.23 -17.51 5.22
C TYR A 244 29.53 -18.90 4.66
N SER A 245 28.49 -19.73 4.49
CA SER A 245 28.70 -21.04 3.87
C SER A 245 29.37 -20.87 2.51
N PHE A 246 28.88 -19.91 1.72
CA PHE A 246 29.47 -19.65 0.40
C PHE A 246 30.92 -19.23 0.52
N PHE A 247 31.22 -18.24 1.37
CA PHE A 247 32.60 -17.78 1.48
C PHE A 247 33.48 -18.85 2.09
N LEU A 248 32.93 -19.74 2.92
CA LEU A 248 33.72 -20.85 3.43
C LEU A 248 34.13 -21.78 2.30
N ALA A 249 33.17 -22.13 1.44
CA ALA A 249 33.47 -22.94 0.26
C ALA A 249 34.52 -22.28 -0.63
N CYS A 250 34.35 -20.99 -0.91
CA CYS A 250 35.29 -20.27 -1.77
C CYS A 250 36.70 -20.27 -1.20
N LEU A 251 36.84 -20.13 0.12
CA LEU A 251 38.17 -20.09 0.74
C LEU A 251 39.05 -21.24 0.27
N ILE A 252 38.48 -22.44 0.13
CA ILE A 252 39.22 -23.61 -0.32
C ILE A 252 38.92 -23.95 -1.77
N GLY A 253 37.64 -24.02 -2.13
CA GLY A 253 37.25 -24.33 -3.50
C GLY A 253 37.85 -23.43 -4.56
N ARG A 254 37.97 -22.14 -4.29
CA ARG A 254 38.49 -21.19 -5.26
C ARG A 254 40.01 -21.11 -5.28
N GLN A 255 40.69 -21.99 -4.54
CA GLN A 255 42.15 -22.03 -4.58
C GLN A 255 42.61 -22.43 -5.97
N PHE A 256 43.72 -21.84 -6.41
CA PHE A 256 44.28 -22.18 -7.73
C PHE A 256 45.02 -23.50 -7.61
N LEU A 257 44.45 -24.55 -8.19
CA LEU A 257 45.06 -25.86 -8.11
C LEU A 257 46.20 -25.98 -9.10
N ASP A 258 46.95 -27.08 -8.99
CA ASP A 258 48.08 -27.34 -9.88
C ASP A 258 47.67 -27.34 -11.34
N PRO A 259 48.24 -26.46 -12.16
CA PRO A 259 47.89 -26.47 -13.59
C PRO A 259 48.36 -27.74 -14.28
N GLU A 260 49.52 -28.27 -13.85
CA GLU A 260 50.06 -29.49 -14.46
C GLU A 260 49.08 -30.65 -14.34
N LYS A 261 48.45 -30.81 -13.16
CA LYS A 261 47.50 -31.91 -12.98
C LYS A 261 46.32 -31.82 -13.93
N ALA A 262 46.12 -30.67 -14.57
CA ALA A 262 45.08 -30.50 -15.61
C ALA A 262 43.69 -30.87 -15.13
N TYR A 263 43.27 -30.29 -14.01
CA TYR A 263 41.92 -30.52 -13.52
C TYR A 263 40.93 -29.74 -14.37
N PRO A 264 39.84 -30.35 -14.83
CA PRO A 264 38.83 -29.61 -15.60
C PRO A 264 38.31 -28.42 -14.83
N GLY A 265 38.53 -27.23 -15.40
CA GLY A 265 38.15 -26.00 -14.77
C GLY A 265 39.31 -25.24 -14.14
N HIS A 266 40.44 -25.92 -13.93
CA HIS A 266 41.59 -25.27 -13.30
C HIS A 266 42.82 -25.36 -14.18
N GLU A 267 42.75 -24.81 -15.39
CA GLU A 267 43.86 -24.85 -16.34
C GLU A 267 44.85 -23.71 -16.18
N LEU A 268 44.47 -22.61 -15.53
CA LEU A 268 45.31 -21.43 -15.43
C LEU A 268 45.48 -21.02 -13.97
N ASP A 269 46.72 -20.70 -13.58
CA ASP A 269 47.06 -20.25 -12.24
C ASP A 269 47.35 -18.75 -12.26
N LEU A 270 46.46 -17.95 -11.66
CA LEU A 270 46.66 -16.51 -11.59
C LEU A 270 47.08 -16.02 -10.21
N PHE A 271 47.19 -16.92 -9.23
CA PHE A 271 47.55 -16.62 -7.84
C PHE A 271 46.51 -15.77 -7.12
N VAL A 272 45.99 -14.72 -7.76
CA VAL A 272 44.97 -13.85 -7.18
C VAL A 272 43.64 -14.16 -7.87
N PRO A 273 42.60 -14.67 -7.09
CA PRO A 273 41.26 -15.03 -7.59
C PRO A 273 40.42 -13.78 -7.83
N VAL A 274 40.74 -13.10 -8.93
CA VAL A 274 40.09 -11.84 -9.29
C VAL A 274 38.57 -11.93 -9.18
N PHE A 275 37.97 -12.87 -9.91
CA PHE A 275 36.51 -12.95 -9.91
C PHE A 275 35.94 -13.43 -8.59
N THR A 276 36.71 -14.20 -7.80
CA THR A 276 36.19 -14.61 -6.51
C THR A 276 36.16 -13.42 -5.57
N PHE A 277 37.17 -12.56 -5.66
CA PHE A 277 37.18 -11.34 -4.86
C PHE A 277 36.08 -10.40 -5.33
N LEU A 278 35.82 -10.36 -6.63
CA LEU A 278 34.71 -9.56 -7.13
C LEU A 278 33.39 -10.14 -6.67
N GLN A 279 33.32 -11.47 -6.48
CA GLN A 279 32.11 -12.06 -5.95
C GLN A 279 31.98 -11.75 -4.46
N PHE A 280 33.10 -11.62 -3.77
CA PHE A 280 33.06 -11.29 -2.35
C PHE A 280 32.46 -9.90 -2.16
N PHE A 281 32.96 -8.91 -2.92
CA PHE A 281 32.41 -7.56 -2.83
C PHE A 281 30.92 -7.58 -3.12
N PHE A 282 30.51 -8.33 -4.13
CA PHE A 282 29.09 -8.44 -4.48
C PHE A 282 28.28 -8.93 -3.29
N TYR A 283 28.51 -10.17 -2.84
CA TYR A 283 27.69 -10.74 -1.78
C TYR A 283 27.98 -10.14 -0.41
N ALA A 284 29.25 -9.94 -0.05
CA ALA A 284 29.48 -9.33 1.25
C ALA A 284 28.96 -7.89 1.26
N GLY A 285 29.11 -7.17 0.14
CA GLY A 285 28.55 -5.83 0.06
C GLY A 285 27.04 -5.84 0.05
N TRP A 286 26.44 -6.86 -0.58
CA TRP A 286 24.98 -6.97 -0.60
C TRP A 286 24.46 -7.24 0.79
N LEU A 287 25.18 -8.06 1.57
CA LEU A 287 24.78 -8.32 2.94
C LEU A 287 24.96 -7.06 3.76
N LYS A 288 25.98 -6.26 3.44
CA LYS A 288 26.21 -5.02 4.18
C LYS A 288 25.07 -4.03 3.97
N VAL A 289 24.36 -4.12 2.84
CA VAL A 289 23.19 -3.26 2.65
C VAL A 289 22.19 -3.50 3.78
N ALA A 290 21.85 -4.77 3.99
CA ALA A 290 20.95 -5.11 5.10
C ALA A 290 21.61 -4.79 6.43
N GLU A 291 22.89 -5.13 6.56
CA GLU A 291 23.63 -4.88 7.79
C GLU A 291 23.54 -3.41 8.21
N GLN A 292 23.58 -2.49 7.24
CA GLN A 292 23.53 -1.07 7.56
C GLN A 292 22.12 -0.56 7.78
N LEU A 293 21.15 -0.98 6.96
CA LEU A 293 19.79 -0.45 7.07
C LEU A 293 18.91 -1.19 8.06
N ILE A 294 19.39 -2.27 8.68
CA ILE A 294 18.54 -3.01 9.61
C ILE A 294 18.20 -2.15 10.82
N ASN A 295 19.00 -1.10 11.07
CA ASN A 295 18.73 -0.14 12.13
C ASN A 295 19.17 1.22 11.60
N PRO A 296 18.26 1.94 10.95
CA PRO A 296 18.61 3.21 10.30
C PRO A 296 18.77 4.37 11.27
N PHE A 297 18.62 4.14 12.57
CA PHE A 297 18.75 5.18 13.57
C PHE A 297 20.06 5.07 14.33
N GLY A 298 20.99 4.27 13.82
CA GLY A 298 22.30 4.12 14.41
C GLY A 298 23.21 5.25 13.96
N GLU A 299 24.51 4.99 14.02
CA GLU A 299 25.52 5.99 13.66
C GLU A 299 26.25 5.65 12.35
N ASP A 300 25.62 4.90 11.46
CA ASP A 300 26.25 4.63 10.17
C ASP A 300 26.21 5.87 9.29
N ASP A 301 27.10 5.90 8.30
CA ASP A 301 27.13 7.01 7.37
C ASP A 301 25.78 7.23 6.71
N ASP A 302 25.12 6.14 6.32
CA ASP A 302 23.82 6.20 5.66
C ASP A 302 22.65 6.08 6.62
N ASP A 303 22.89 6.10 7.93
CA ASP A 303 21.80 6.12 8.88
C ASP A 303 21.21 7.52 8.96
N PHE A 304 19.93 7.61 9.28
CA PHE A 304 19.21 8.87 9.29
C PHE A 304 19.88 9.93 10.17
N GLU A 305 19.76 11.18 9.73
CA GLU A 305 20.28 12.35 10.44
C GLU A 305 19.22 12.86 11.42
N THR A 306 19.03 12.09 12.49
CA THR A 306 17.95 12.39 13.42
C THR A 306 18.22 13.64 14.26
N ASN A 307 19.49 13.92 14.59
CA ASN A 307 19.76 15.10 15.40
C ASN A 307 19.53 16.39 14.63
N TRP A 308 19.87 16.40 13.34
CA TRP A 308 19.60 17.60 12.55
C TRP A 308 18.10 17.83 12.43
N LEU A 309 17.34 16.76 12.24
CA LEU A 309 15.89 16.89 12.16
C LEU A 309 15.33 17.54 13.42
N ILE A 310 15.79 17.08 14.58
CA ILE A 310 15.37 17.67 15.85
C ILE A 310 15.65 19.17 15.88
N ASP A 311 16.88 19.56 15.51
CA ASP A 311 17.22 20.98 15.47
C ASP A 311 16.36 21.75 14.47
N ARG A 312 16.27 21.25 13.23
CA ARG A 312 15.46 21.94 12.23
C ARG A 312 14.03 22.08 12.71
N ASN A 313 13.46 21.01 13.27
CA ASN A 313 12.07 21.07 13.69
C ASN A 313 11.87 22.09 14.81
N LEU A 314 12.78 22.10 15.79
CA LEU A 314 12.68 23.08 16.88
C LEU A 314 12.63 24.50 16.35
N GLN A 315 13.63 24.88 15.55
CA GLN A 315 13.70 26.22 14.97
C GLN A 315 12.42 26.57 14.19
N VAL A 316 12.10 25.76 13.18
CA VAL A 316 10.93 26.03 12.34
C VAL A 316 9.63 26.04 13.14
N SER A 317 9.43 25.05 14.00
CA SER A 317 8.21 24.96 14.80
C SER A 317 7.86 26.26 15.51
N LEU A 318 8.70 26.65 16.47
CA LEU A 318 8.47 27.88 17.23
C LEU A 318 8.32 29.10 16.32
N MET A 319 9.19 29.23 15.32
CA MET A 319 9.13 30.37 14.41
C MET A 319 7.77 30.51 13.72
N ALA A 320 7.14 29.40 13.36
CA ALA A 320 5.89 29.49 12.61
C ALA A 320 4.69 29.86 13.49
N VAL A 321 4.70 29.47 14.76
CA VAL A 321 3.56 29.78 15.64
C VAL A 321 3.78 31.05 16.44
N ASP A 322 4.99 31.61 16.46
CA ASP A 322 5.26 32.83 17.20
C ASP A 322 5.42 33.97 16.21
N GLU A 323 6.61 34.20 15.65
CA GLU A 323 6.84 35.30 14.71
C GLU A 323 5.87 35.33 13.54
N MET A 324 5.21 34.22 13.23
CA MET A 324 4.36 34.15 12.05
C MET A 324 2.87 34.10 12.37
N HIS A 325 2.49 34.16 13.65
CA HIS A 325 1.08 34.15 13.99
C HIS A 325 0.38 35.38 13.45
N GLN A 326 -0.65 35.15 12.64
CA GLN A 326 -1.43 36.19 11.97
C GLN A 326 -0.56 37.29 11.37
N ASP A 327 0.66 36.94 10.97
CA ASP A 327 1.64 37.86 10.39
C ASP A 327 1.82 37.52 8.91
N LEU A 328 1.25 38.32 8.04
CA LEU A 328 1.28 38.05 6.61
C LEU A 328 2.02 39.15 5.86
N PRO A 329 2.41 38.91 4.60
CA PRO A 329 2.99 39.98 3.80
C PRO A 329 1.88 40.87 3.27
N ILE A 330 2.28 41.97 2.64
CA ILE A 330 1.31 42.92 2.11
C ILE A 330 0.62 42.31 0.90
N LEU A 331 -0.70 42.19 0.96
CA LEU A 331 -1.44 41.65 -0.18
C LEU A 331 -1.29 42.60 -1.36
N GLU A 332 -0.84 42.05 -2.48
CA GLU A 332 -0.70 42.79 -3.72
C GLU A 332 -1.47 42.06 -4.82
N LYS A 333 -1.73 42.78 -5.91
CA LYS A 333 -2.24 42.12 -7.09
C LYS A 333 -1.09 41.33 -7.71
N ASP A 334 -1.39 40.11 -8.14
CA ASP A 334 -0.32 39.30 -8.68
C ASP A 334 0.04 39.79 -10.07
N LEU A 335 1.25 39.41 -10.51
CA LEU A 335 1.75 39.87 -11.79
C LEU A 335 0.86 39.44 -12.95
N TYR A 336 -0.02 38.46 -12.73
CA TYR A 336 -0.90 37.93 -13.76
C TYR A 336 -2.37 38.27 -13.49
N TRP A 337 -2.59 39.33 -12.70
CA TRP A 337 -3.93 39.77 -12.32
C TRP A 337 -4.87 39.86 -13.53
N ASN A 338 -4.44 40.50 -14.60
CA ASN A 338 -5.25 40.65 -15.80
C ASN A 338 -4.86 39.67 -16.88
N GLU A 339 -4.07 38.66 -16.56
CA GLU A 339 -3.67 37.66 -17.55
C GLU A 339 -4.30 36.32 -17.25
N PRO A 340 -5.31 35.91 -18.02
CA PRO A 340 -5.95 34.61 -17.78
C PRO A 340 -5.08 33.43 -18.14
N ASP A 341 -4.27 33.52 -19.19
CA ASP A 341 -3.37 32.45 -19.58
C ASP A 341 -1.91 32.87 -19.46
N PRO A 342 -1.40 32.94 -18.22
CA PRO A 342 -0.02 33.38 -18.02
C PRO A 342 1.00 32.48 -18.72
N GLN A 343 2.09 33.10 -19.16
CA GLN A 343 3.18 32.40 -19.84
C GLN A 343 4.48 32.73 -19.09
N PRO A 344 4.67 32.16 -17.90
CA PRO A 344 5.89 32.40 -17.11
C PRO A 344 7.14 32.21 -17.93
N PRO A 345 8.14 33.07 -17.75
CA PRO A 345 9.35 33.00 -18.57
C PRO A 345 10.16 31.74 -18.29
N TYR A 346 11.13 31.52 -19.16
CA TYR A 346 12.08 30.42 -19.04
C TYR A 346 13.48 30.98 -19.22
N THR A 347 14.44 30.43 -18.50
CA THR A 347 15.82 30.83 -18.71
C THR A 347 16.31 30.32 -20.06
N ALA A 348 17.50 30.77 -20.45
CA ALA A 348 18.05 30.35 -21.73
C ALA A 348 18.23 28.83 -21.75
N ALA A 349 18.74 28.27 -20.65
CA ALA A 349 19.01 26.85 -20.55
C ALA A 349 17.76 25.97 -20.45
N THR A 350 16.59 26.51 -20.09
CA THR A 350 15.42 25.67 -19.87
C THR A 350 14.29 25.87 -20.87
N ALA A 351 14.51 26.60 -21.97
CA ALA A 351 13.41 26.84 -22.90
C ALA A 351 12.96 25.57 -23.61
N GLU A 352 13.86 24.59 -23.77
CA GLU A 352 13.47 23.34 -24.42
C GLU A 352 12.41 22.59 -23.62
N TYR A 353 12.23 22.95 -22.35
CA TYR A 353 11.30 22.29 -21.45
C TYR A 353 9.93 22.94 -21.43
N LYS A 354 9.70 23.96 -22.26
CA LYS A 354 8.37 24.56 -22.39
C LYS A 354 7.62 23.72 -23.42
N ARG A 355 6.73 22.86 -22.96
CA ARG A 355 6.07 21.88 -23.79
C ARG A 355 4.61 22.22 -24.01
N PRO A 356 4.00 21.72 -25.07
CA PRO A 356 2.55 21.89 -25.25
C PRO A 356 1.83 20.99 -24.27
N SER A 357 0.62 21.40 -23.91
CA SER A 357 -0.15 20.66 -22.91
C SER A 357 -0.44 19.24 -23.37
N PHE A 358 -0.21 18.27 -22.49
CA PHE A 358 -0.59 16.89 -22.76
C PHE A 358 -2.08 16.73 -22.51
N LEU A 359 -2.84 16.50 -23.58
CA LEU A 359 -4.29 16.45 -23.48
C LEU A 359 -4.79 15.04 -23.18
N GLY A 360 -4.07 14.03 -23.63
CA GLY A 360 -4.43 12.63 -23.48
C GLY A 360 -3.86 11.84 -24.63
N SER A 361 -3.71 10.53 -24.38
CA SER A 361 -3.14 9.67 -25.41
C SER A 361 -4.07 9.56 -26.62
N THR A 362 -5.38 9.58 -26.38
CA THR A 362 -6.37 9.37 -27.43
C THR A 362 -6.42 10.51 -28.44
N PHE A 363 -6.02 11.72 -28.06
CA PHE A 363 -6.19 12.85 -28.95
C PHE A 363 -5.11 12.90 -30.02
N ASP A 364 -5.51 13.29 -31.22
CA ASP A 364 -4.59 13.45 -32.33
C ASP A 364 -3.73 14.69 -32.11
N ILE A 365 -2.41 14.52 -32.16
CA ILE A 365 -1.46 15.61 -31.98
C ILE A 365 -1.28 16.38 -33.29
N SER A 366 -2.06 17.44 -33.48
CA SER A 366 -2.01 18.24 -34.70
C SER A 366 -2.08 19.73 -34.41
N THR B 1 6.08 11.75 -19.91
CA THR B 1 7.17 12.59 -20.38
C THR B 1 7.65 12.11 -21.75
N VAL B 2 7.85 10.80 -21.89
CA VAL B 2 8.00 10.19 -23.21
C VAL B 2 6.81 9.25 -23.30
N THR B 3 5.66 9.79 -23.66
CA THR B 3 4.41 9.04 -23.66
C THR B 3 4.18 8.34 -24.99
N TYR B 4 4.10 7.00 -24.94
CA TYR B 4 3.79 6.16 -26.08
C TYR B 4 2.53 5.35 -25.78
N THR B 5 1.79 5.78 -24.74
CA THR B 5 0.57 5.12 -24.28
C THR B 5 -0.39 4.77 -25.41
N ASN B 6 -0.56 5.66 -26.39
CA ASN B 6 -1.52 5.39 -27.45
C ASN B 6 -1.02 4.34 -28.43
N ARG B 7 0.30 4.26 -28.62
CA ARG B 7 0.87 3.25 -29.52
C ARG B 7 0.64 1.84 -28.99
N VAL B 8 0.69 1.67 -27.67
CA VAL B 8 0.57 0.36 -27.05
C VAL B 8 -0.84 0.13 -26.52
N ALA B 9 -1.83 0.83 -27.09
CA ALA B 9 -3.21 0.68 -26.64
C ALA B 9 -3.74 -0.72 -26.89
N ASP B 10 -3.42 -1.31 -28.05
CA ASP B 10 -3.87 -2.65 -28.39
C ASP B 10 -2.69 -3.61 -28.54
N ALA B 11 -2.98 -4.88 -28.32
CA ALA B 11 -1.97 -5.94 -28.44
C ALA B 11 -2.06 -6.53 -29.85
N ARG B 12 -1.43 -5.83 -30.79
CA ARG B 12 -1.43 -6.24 -32.17
C ARG B 12 -0.09 -6.90 -32.52
N LEU B 13 0.14 -7.15 -33.81
CA LEU B 13 1.34 -7.84 -34.26
C LEU B 13 2.62 -7.15 -33.79
N GLY B 14 2.76 -5.85 -34.07
CA GLY B 14 3.99 -5.15 -33.73
C GLY B 14 3.91 -4.13 -32.62
N THR B 15 2.99 -4.34 -31.67
CA THR B 15 2.83 -3.42 -30.54
C THR B 15 4.15 -3.04 -29.88
N PHE B 16 5.00 -4.03 -29.60
CA PHE B 16 6.27 -3.76 -28.93
C PHE B 16 7.44 -3.64 -29.90
N SER B 17 7.40 -4.39 -31.00
CA SER B 17 8.47 -4.30 -31.99
C SER B 17 8.61 -2.89 -32.54
N GLN B 18 7.49 -2.23 -32.83
CA GLN B 18 7.50 -0.86 -33.33
C GLN B 18 8.31 0.07 -32.44
N LEU B 19 8.29 -0.16 -31.13
CA LEU B 19 8.99 0.72 -30.19
C LEU B 19 10.48 0.58 -30.27
N LEU B 20 10.98 -0.46 -30.93
CA LEU B 20 12.42 -0.65 -31.10
C LEU B 20 13.00 0.31 -32.12
N LEU B 21 12.16 0.98 -32.88
CA LEU B 21 12.58 1.93 -33.89
C LEU B 21 12.54 3.37 -33.39
N GLN B 22 12.26 3.58 -32.11
CA GLN B 22 12.15 4.92 -31.53
C GLN B 22 13.45 5.29 -30.83
N TRP B 23 13.89 6.54 -31.02
CA TRP B 23 15.13 7.05 -30.45
C TRP B 23 14.96 7.81 -29.15
N LYS B 24 13.97 8.71 -29.07
CA LYS B 24 13.77 9.51 -27.86
C LYS B 24 13.56 8.62 -26.64
N GLY B 25 14.37 8.86 -25.60
CA GLY B 25 14.29 8.07 -24.37
C GLY B 25 14.47 6.59 -24.57
N SER B 26 15.22 6.21 -25.60
CA SER B 26 15.41 4.81 -25.95
C SER B 26 16.64 4.21 -25.29
N ILE B 27 16.75 2.88 -25.44
CA ILE B 27 17.89 2.14 -24.92
C ILE B 27 19.15 2.51 -25.69
N TYR B 28 19.02 2.80 -26.99
CA TYR B 28 20.17 3.17 -27.81
C TYR B 28 20.79 4.47 -27.34
N LYS B 29 19.95 5.48 -27.11
CA LYS B 29 20.44 6.79 -26.71
C LYS B 29 21.13 6.75 -25.34
N LEU B 30 20.62 5.92 -24.43
CA LEU B 30 21.21 5.85 -23.09
C LEU B 30 22.46 4.97 -23.05
N LEU B 31 22.57 4.00 -23.95
CA LEU B 31 23.70 3.06 -23.94
C LEU B 31 24.81 3.43 -24.92
N TYR B 32 24.53 4.30 -25.87
CA TYR B 32 25.44 4.72 -26.94
C TYR B 32 26.92 4.71 -26.56
N SER B 33 27.32 5.62 -25.68
CA SER B 33 28.72 5.74 -25.29
C SER B 33 29.26 4.45 -24.68
N GLU B 34 28.54 3.89 -23.69
CA GLU B 34 28.98 2.65 -23.05
C GLU B 34 29.18 1.53 -24.06
N PHE B 35 28.23 1.33 -24.97
CA PHE B 35 28.33 0.27 -25.97
C PHE B 35 29.58 0.43 -26.83
N LEU B 36 29.84 1.64 -27.30
CA LEU B 36 31.02 1.89 -28.12
C LEU B 36 32.31 1.52 -27.41
N ILE B 37 32.41 1.89 -26.12
CA ILE B 37 33.59 1.54 -25.35
C ILE B 37 33.73 0.03 -25.23
N PHE B 38 32.60 -0.66 -25.03
CA PHE B 38 32.62 -2.13 -24.98
C PHE B 38 33.06 -2.70 -26.31
N ILE B 39 32.38 -2.30 -27.39
CA ILE B 39 32.75 -2.71 -28.75
C ILE B 39 34.25 -2.55 -28.98
N SER B 40 34.77 -1.37 -28.69
CA SER B 40 36.18 -1.07 -28.90
C SER B 40 37.08 -2.02 -28.10
N LEU B 41 36.91 -2.03 -26.77
CA LEU B 41 37.71 -2.93 -25.94
C LEU B 41 37.66 -4.37 -26.43
N TYR B 42 36.48 -4.83 -26.86
CA TYR B 42 36.37 -6.19 -27.36
C TYR B 42 37.23 -6.40 -28.60
N PHE B 43 36.92 -5.68 -29.68
CA PHE B 43 37.65 -5.86 -30.94
C PHE B 43 39.12 -5.49 -30.78
N ALA B 44 39.45 -4.60 -29.85
CA ALA B 44 40.86 -4.32 -29.59
C ALA B 44 41.55 -5.57 -29.08
N ILE B 45 41.00 -6.18 -28.02
CA ILE B 45 41.50 -7.45 -27.51
C ILE B 45 41.54 -8.50 -28.61
N SER B 46 40.47 -8.57 -29.41
CA SER B 46 40.39 -9.56 -30.49
C SER B 46 41.57 -9.44 -31.45
N LEU B 47 41.93 -8.22 -31.84
CA LEU B 47 43.04 -8.07 -32.79
C LEU B 47 44.38 -8.41 -32.15
N VAL B 48 44.58 -8.03 -30.89
CA VAL B 48 45.80 -8.39 -30.17
C VAL B 48 45.99 -9.90 -30.17
N TYR B 49 44.90 -10.65 -29.99
CA TYR B 49 44.97 -12.10 -29.97
C TYR B 49 45.23 -12.68 -31.35
N ARG B 50 44.54 -12.17 -32.37
CA ARG B 50 44.66 -12.70 -33.72
C ARG B 50 45.98 -12.27 -34.39
N LEU B 51 46.44 -11.04 -34.15
CA LEU B 51 47.59 -10.51 -34.88
C LEU B 51 48.86 -10.29 -34.09
N ILE B 52 48.82 -10.17 -32.76
CA ILE B 52 50.00 -9.81 -31.98
C ILE B 52 50.57 -11.01 -31.22
N LEU B 53 49.75 -11.65 -30.38
CA LEU B 53 50.21 -12.74 -29.54
C LEU B 53 50.90 -13.85 -30.34
N SER B 54 51.93 -14.43 -29.73
CA SER B 54 52.66 -15.55 -30.29
C SER B 54 51.90 -16.84 -30.04
N GLU B 55 52.30 -17.91 -30.73
CA GLU B 55 51.63 -19.21 -30.56
C GLU B 55 51.57 -19.60 -29.08
N SER B 56 52.63 -19.29 -28.33
CA SER B 56 52.67 -19.64 -26.91
C SER B 56 51.78 -18.70 -26.10
N GLN B 57 51.78 -17.41 -26.44
CA GLN B 57 50.93 -16.44 -25.74
C GLN B 57 49.47 -16.71 -26.03
N ARG B 58 49.15 -17.08 -27.27
CA ARG B 58 47.77 -17.40 -27.63
C ARG B 58 47.23 -18.54 -26.77
N LEU B 59 48.09 -19.51 -26.41
CA LEU B 59 47.59 -20.60 -25.58
C LEU B 59 47.25 -20.12 -24.18
N MET B 60 47.98 -19.13 -23.67
CA MET B 60 47.67 -18.58 -22.36
C MET B 60 46.38 -17.75 -22.44
N PHE B 61 46.28 -16.91 -23.48
CA PHE B 61 45.06 -16.13 -23.66
C PHE B 61 43.84 -17.04 -23.75
N GLU B 62 43.98 -18.16 -24.46
CA GLU B 62 42.86 -19.09 -24.59
C GLU B 62 42.52 -19.68 -23.22
N LYS B 63 43.53 -19.94 -22.41
CA LYS B 63 43.28 -20.45 -21.06
C LYS B 63 42.71 -19.35 -20.17
N LEU B 64 43.12 -18.11 -20.39
CA LEU B 64 42.58 -16.99 -19.63
C LEU B 64 41.12 -16.73 -20.01
N ALA B 65 40.81 -16.84 -21.30
CA ALA B 65 39.44 -16.61 -21.77
C ALA B 65 38.50 -17.68 -21.22
N LEU B 66 38.97 -18.91 -21.10
CA LEU B 66 38.12 -19.96 -20.54
C LEU B 66 37.84 -19.67 -19.08
N TYR B 67 38.80 -19.07 -18.39
CA TYR B 67 38.64 -18.70 -16.99
C TYR B 67 37.63 -17.58 -16.82
N CYS B 68 37.81 -16.50 -17.60
CA CYS B 68 36.89 -15.37 -17.53
C CYS B 68 35.48 -15.79 -17.91
N ASN B 69 35.35 -16.56 -19.00
CA ASN B 69 34.03 -16.97 -19.46
C ASN B 69 33.28 -17.77 -18.42
N SER B 70 34.00 -18.53 -17.58
CA SER B 70 33.29 -19.32 -16.58
C SER B 70 32.73 -18.45 -15.47
N TYR B 71 33.11 -17.17 -15.42
CA TYR B 71 32.62 -16.28 -14.40
C TYR B 71 31.64 -15.26 -14.97
N ALA B 72 31.36 -15.31 -16.26
CA ALA B 72 30.30 -14.46 -16.80
C ALA B 72 28.99 -15.21 -16.59
N GLU B 73 28.41 -15.02 -15.41
CA GLU B 73 27.19 -15.68 -15.00
C GLU B 73 26.12 -14.62 -14.77
N LEU B 74 25.05 -14.68 -15.57
CA LEU B 74 24.04 -13.63 -15.46
C LEU B 74 23.16 -13.82 -14.24
N ALA B 75 22.88 -15.07 -13.85
CA ALA B 75 21.96 -15.37 -12.74
C ALA B 75 22.18 -14.52 -11.49
N PRO B 76 23.40 -14.35 -10.97
CA PRO B 76 23.56 -13.43 -9.82
C PRO B 76 23.33 -11.98 -10.19
N VAL B 77 23.67 -11.58 -11.41
CA VAL B 77 23.40 -10.22 -11.83
C VAL B 77 21.90 -9.99 -11.95
N SER B 78 21.20 -10.94 -12.58
CA SER B 78 19.75 -10.86 -12.69
C SER B 78 19.10 -10.69 -11.31
N ALA B 79 19.62 -11.41 -10.31
CA ALA B 79 19.06 -11.34 -8.97
C ALA B 79 19.16 -9.92 -8.41
N VAL B 80 20.38 -9.38 -8.33
CA VAL B 80 20.56 -8.08 -7.69
C VAL B 80 20.00 -6.96 -8.56
N LEU B 81 20.11 -7.08 -9.89
CA LEU B 81 19.58 -6.04 -10.77
C LEU B 81 18.06 -5.94 -10.65
N GLY B 82 17.37 -7.07 -10.82
CA GLY B 82 15.91 -7.08 -10.70
C GLY B 82 15.42 -6.44 -9.42
N ALA B 83 16.01 -6.81 -8.29
CA ALA B 83 15.61 -6.24 -7.01
C ALA B 83 15.86 -4.73 -6.97
N TYR B 84 17.06 -4.30 -7.39
CA TYR B 84 17.43 -2.89 -7.33
C TYR B 84 16.52 -2.07 -8.24
N VAL B 85 16.34 -2.51 -9.48
CA VAL B 85 15.49 -1.77 -10.42
C VAL B 85 14.06 -1.70 -9.91
N SER B 86 13.60 -2.76 -9.23
CA SER B 86 12.25 -2.73 -8.67
C SER B 86 12.12 -1.66 -7.60
N LEU B 87 13.14 -1.53 -6.75
CA LEU B 87 13.16 -0.47 -5.74
C LEU B 87 13.12 0.90 -6.40
N VAL B 88 13.96 1.11 -7.43
CA VAL B 88 13.99 2.38 -8.13
C VAL B 88 12.63 2.68 -8.74
N VAL B 89 12.05 1.70 -9.44
CA VAL B 89 10.75 1.89 -10.07
C VAL B 89 9.69 2.21 -9.03
N SER B 90 9.76 1.57 -7.86
CA SER B 90 8.81 1.85 -6.78
C SER B 90 8.88 3.31 -6.37
N ARG B 91 10.09 3.78 -6.02
CA ARG B 91 10.28 5.18 -5.64
C ARG B 91 9.93 6.12 -6.78
N TRP B 92 10.24 5.72 -8.02
CA TRP B 92 9.91 6.53 -9.18
C TRP B 92 8.44 6.92 -9.24
N TRP B 93 7.54 5.95 -9.08
CA TRP B 93 6.12 6.26 -9.13
C TRP B 93 5.65 6.96 -7.87
N ALA B 94 6.26 6.64 -6.72
CA ALA B 94 5.87 7.32 -5.49
C ALA B 94 6.20 8.79 -5.58
N GLN B 95 7.34 9.13 -6.19
CA GLN B 95 7.70 10.53 -6.35
C GLN B 95 6.74 11.25 -7.29
N TYR B 96 6.28 10.57 -8.34
CA TYR B 96 5.31 11.21 -9.24
C TYR B 96 4.04 11.56 -8.49
N GLU B 97 3.47 10.60 -7.76
CA GLU B 97 2.24 10.85 -7.04
C GLU B 97 2.43 11.84 -5.90
N SER B 98 3.67 12.22 -5.60
CA SER B 98 3.97 13.20 -4.57
C SER B 98 4.08 14.61 -5.14
N ILE B 99 3.97 14.77 -6.46
CA ILE B 99 3.93 16.10 -7.06
C ILE B 99 2.56 16.69 -6.77
N PRO B 100 2.52 17.79 -6.01
CA PRO B 100 1.24 18.38 -5.59
C PRO B 100 0.45 19.00 -6.74
N TRP B 101 -0.86 18.76 -6.72
CA TRP B 101 -1.76 19.34 -7.69
C TRP B 101 -2.73 20.28 -6.98
N PRO B 102 -3.00 21.45 -7.57
CA PRO B 102 -3.86 22.43 -6.90
C PRO B 102 -5.33 22.05 -6.88
N ASP B 103 -5.79 21.27 -7.86
CA ASP B 103 -7.20 20.95 -8.08
C ASP B 103 -8.05 20.73 -6.83
N ARG B 104 -7.56 20.04 -5.80
CA ARG B 104 -8.42 19.81 -4.63
C ARG B 104 -8.60 21.08 -3.81
N ILE B 105 -7.52 21.84 -3.57
CA ILE B 105 -7.65 23.12 -2.90
C ILE B 105 -8.38 24.10 -3.80
N MET B 106 -8.00 24.09 -5.06
CA MET B 106 -8.60 24.92 -6.10
C MET B 106 -10.13 24.89 -6.04
N ASN B 107 -10.69 23.68 -5.92
CA ASN B 107 -12.15 23.53 -5.85
C ASN B 107 -12.75 24.19 -4.61
N LEU B 108 -12.10 24.05 -3.45
CA LEU B 108 -12.65 24.64 -2.23
C LEU B 108 -12.53 26.15 -2.23
N VAL B 109 -11.33 26.66 -2.49
CA VAL B 109 -11.11 28.11 -2.49
C VAL B 109 -12.03 28.82 -3.47
N SER B 110 -12.24 28.22 -4.65
CA SER B 110 -13.09 28.84 -5.66
C SER B 110 -14.53 29.00 -5.20
N CYS B 111 -15.05 28.04 -4.43
CA CYS B 111 -16.45 28.09 -4.02
C CYS B 111 -16.69 28.57 -2.59
N ASN B 112 -15.71 28.47 -1.69
CA ASN B 112 -15.92 28.81 -0.29
C ASN B 112 -15.27 30.10 0.19
N VAL B 113 -14.63 30.87 -0.68
CA VAL B 113 -14.09 32.17 -0.28
C VAL B 113 -14.98 33.21 -0.96
N ASP B 114 -15.92 33.76 -0.19
CA ASP B 114 -16.97 34.61 -0.70
C ASP B 114 -16.47 35.97 -1.20
N GLY B 115 -17.23 36.53 -2.13
CA GLY B 115 -16.96 37.86 -2.64
C GLY B 115 -16.77 37.94 -4.14
N GLU B 116 -17.60 38.74 -4.81
CA GLU B 116 -17.48 39.01 -6.23
C GLU B 116 -16.86 40.37 -6.48
N ASP B 117 -16.25 40.95 -5.44
CA ASP B 117 -15.58 42.23 -5.46
C ASP B 117 -14.07 42.03 -5.50
N GLU B 118 -13.36 43.05 -5.97
CA GLU B 118 -11.90 43.02 -6.09
C GLU B 118 -11.19 42.38 -4.92
N TYR B 119 -11.66 42.61 -3.68
CA TYR B 119 -10.98 42.01 -2.54
C TYR B 119 -11.21 40.51 -2.54
N GLY B 120 -12.46 40.09 -2.72
CA GLY B 120 -12.74 38.66 -2.83
C GLY B 120 -11.93 38.02 -3.93
N ARG B 121 -11.72 38.75 -5.03
CA ARG B 121 -10.89 38.25 -6.11
C ARG B 121 -9.43 38.20 -5.70
N LEU B 122 -8.92 39.28 -5.12
CA LEU B 122 -7.53 39.29 -4.65
C LEU B 122 -7.31 38.24 -3.58
N LEU B 123 -8.33 38.01 -2.75
CA LEU B 123 -8.20 37.03 -1.67
C LEU B 123 -8.03 35.64 -2.25
N ARG B 124 -8.96 35.23 -3.12
CA ARG B 124 -8.88 33.92 -3.75
C ARG B 124 -7.60 33.75 -4.56
N ARG B 125 -7.21 34.75 -5.35
CA ARG B 125 -5.99 34.61 -6.15
C ARG B 125 -4.76 34.49 -5.28
N THR B 126 -4.72 35.22 -4.16
CA THR B 126 -3.54 35.20 -3.30
C THR B 126 -3.45 33.86 -2.57
N LEU B 127 -4.60 33.29 -2.20
CA LEU B 127 -4.60 31.98 -1.55
C LEU B 127 -4.00 30.92 -2.46
N MET B 128 -4.49 30.82 -3.70
CA MET B 128 -3.94 29.87 -4.66
C MET B 128 -2.44 30.08 -4.88
N ARG B 129 -2.00 31.33 -5.02
CA ARG B 129 -0.57 31.59 -5.25
C ARG B 129 0.27 31.13 -4.09
N TYR B 130 -0.27 31.14 -2.87
CA TYR B 130 0.52 30.65 -1.75
C TYR B 130 0.73 29.16 -1.87
N SER B 131 -0.26 28.46 -2.44
CA SER B 131 -0.13 27.03 -2.71
C SER B 131 0.92 26.77 -3.79
N ASN B 132 0.76 27.41 -4.95
CA ASN B 132 1.71 27.22 -6.04
C ASN B 132 3.11 27.61 -5.63
N LEU B 133 3.25 28.58 -4.71
CA LEU B 133 4.58 28.96 -4.25
C LEU B 133 5.17 27.87 -3.37
N CYS B 134 4.36 27.27 -2.50
CA CYS B 134 4.84 26.17 -1.65
C CYS B 134 5.41 25.06 -2.54
N SER B 135 4.78 24.83 -3.70
CA SER B 135 5.22 23.82 -4.67
C SER B 135 6.47 24.24 -5.43
N VAL B 136 6.40 25.38 -6.13
CA VAL B 136 7.54 25.88 -6.89
C VAL B 136 8.80 25.93 -6.03
N LEU B 137 8.66 26.31 -4.76
CA LEU B 137 9.82 26.36 -3.87
C LEU B 137 10.45 24.98 -3.68
N ILE B 138 9.62 23.95 -3.46
CA ILE B 138 10.17 22.61 -3.28
C ILE B 138 10.65 22.01 -4.59
N LEU B 139 9.93 22.26 -5.69
CA LEU B 139 10.34 21.72 -6.99
C LEU B 139 11.71 22.23 -7.39
N ARG B 140 12.00 23.51 -7.17
CA ARG B 140 13.31 24.03 -7.55
C ARG B 140 14.40 23.55 -6.61
N SER B 141 14.03 22.88 -5.52
CA SER B 141 14.98 22.31 -4.58
C SER B 141 15.34 20.88 -4.92
N VAL B 142 14.43 20.18 -5.62
CA VAL B 142 14.61 18.77 -5.94
C VAL B 142 14.78 18.51 -7.43
N SER B 143 14.35 19.42 -8.30
CA SER B 143 14.41 19.22 -9.74
C SER B 143 15.46 20.11 -10.38
N THR B 144 16.44 19.51 -11.07
CA THR B 144 17.45 20.29 -11.75
C THR B 144 16.84 21.02 -12.93
N ALA B 145 15.80 20.43 -13.53
CA ALA B 145 15.11 21.07 -14.64
C ALA B 145 14.43 22.35 -14.17
N VAL B 146 13.87 22.33 -12.97
CA VAL B 146 13.21 23.50 -12.43
C VAL B 146 14.23 24.50 -11.90
N TYR B 147 15.21 24.02 -11.13
CA TYR B 147 16.24 24.91 -10.59
C TYR B 147 16.92 25.72 -11.67
N LYS B 148 17.24 25.09 -12.81
CA LYS B 148 17.88 25.85 -13.87
C LYS B 148 16.97 26.92 -14.44
N ARG B 149 15.68 26.87 -14.12
CA ARG B 149 14.72 27.89 -14.54
C ARG B 149 14.49 28.92 -13.45
N PHE B 150 14.75 28.54 -12.19
CA PHE B 150 14.62 29.44 -11.04
C PHE B 150 15.88 29.33 -10.19
N PRO B 151 17.06 29.63 -10.78
CA PRO B 151 18.32 29.44 -10.04
C PRO B 151 18.43 30.28 -8.78
N SER B 152 17.75 31.41 -8.74
CA SER B 152 17.79 32.32 -7.60
C SER B 152 16.38 32.73 -7.24
N MET B 153 16.21 33.15 -5.98
CA MET B 153 14.89 33.58 -5.54
C MET B 153 14.39 34.79 -6.31
N GLU B 154 15.29 35.53 -6.97
CA GLU B 154 14.87 36.64 -7.80
C GLU B 154 14.12 36.13 -9.02
N HIS B 155 14.57 35.01 -9.60
CA HIS B 155 13.87 34.43 -10.74
C HIS B 155 12.44 34.10 -10.38
N VAL B 156 12.22 33.57 -9.18
CA VAL B 156 10.87 33.23 -8.73
C VAL B 156 9.99 34.48 -8.74
N VAL B 157 10.53 35.59 -8.21
CA VAL B 157 9.77 36.84 -8.17
C VAL B 157 9.51 37.37 -9.58
N ARG B 158 10.57 37.54 -10.38
CA ARG B 158 10.42 38.08 -11.72
C ARG B 158 9.52 37.23 -12.61
N ALA B 159 9.36 35.94 -12.29
CA ALA B 159 8.51 35.06 -13.08
C ALA B 159 7.03 35.21 -12.70
N GLY B 160 6.75 35.94 -11.63
CA GLY B 160 5.39 36.20 -11.21
C GLY B 160 4.83 35.15 -10.28
N LEU B 161 5.68 34.36 -9.64
CA LEU B 161 5.28 33.34 -8.69
C LEU B 161 5.35 33.84 -7.26
N MET B 162 5.98 34.99 -7.04
CA MET B 162 6.11 35.58 -5.72
C MET B 162 6.19 37.08 -5.90
N THR B 163 5.45 37.82 -5.07
CA THR B 163 5.51 39.28 -5.16
C THR B 163 6.74 39.80 -4.41
N PRO B 164 7.24 40.98 -4.79
CA PRO B 164 8.41 41.53 -4.07
C PRO B 164 8.15 41.79 -2.60
N GLU B 165 6.90 42.06 -2.21
CA GLU B 165 6.61 42.20 -0.79
C GLU B 165 6.74 40.84 -0.13
N GLU B 166 6.19 39.80 -0.77
CA GLU B 166 6.31 38.45 -0.25
C GLU B 166 7.77 38.07 -0.11
N HIS B 167 8.60 38.44 -1.09
CA HIS B 167 10.02 38.16 -1.01
C HIS B 167 10.63 38.90 0.17
N LYS B 168 10.14 40.10 0.47
CA LYS B 168 10.64 40.87 1.59
C LYS B 168 10.27 40.18 2.90
N LYS B 169 9.01 39.76 3.01
CA LYS B 169 8.55 39.02 4.18
C LYS B 169 9.30 37.72 4.30
N PHE B 170 9.56 37.10 3.15
CA PHE B 170 10.31 35.85 3.07
C PHE B 170 11.70 36.02 3.71
N GLU B 171 12.43 37.04 3.27
CA GLU B 171 13.77 37.31 3.80
C GLU B 171 13.70 37.69 5.27
N SER B 172 12.65 38.42 5.67
CA SER B 172 12.52 38.89 7.05
C SER B 172 12.51 37.74 8.05
N LEU B 173 11.96 36.60 7.68
CA LEU B 173 11.89 35.42 8.54
C LEU B 173 13.24 34.71 8.54
N ASN B 174 13.97 34.82 9.65
CA ASN B 174 15.32 34.27 9.76
C ASN B 174 15.27 32.78 10.08
N SER B 175 15.74 31.96 9.15
CA SER B 175 15.80 30.52 9.34
C SER B 175 16.89 29.94 8.46
N PRO B 176 17.73 29.05 8.99
CA PRO B 176 18.80 28.45 8.18
C PRO B 176 18.33 27.32 7.29
N HIS B 177 17.10 26.87 7.44
CA HIS B 177 16.57 25.73 6.71
C HIS B 177 15.76 26.17 5.49
N ASN B 178 15.47 25.19 4.64
CA ASN B 178 14.66 25.44 3.45
C ASN B 178 13.29 26.00 3.84
N LYS B 179 12.96 27.17 3.29
CA LYS B 179 11.73 27.89 3.63
C LYS B 179 10.54 27.50 2.76
N PHE B 180 10.59 26.36 2.07
CA PHE B 180 9.47 25.99 1.20
C PHE B 180 8.16 25.89 1.98
N TRP B 181 8.24 25.73 3.30
CA TRP B 181 7.08 25.60 4.15
C TRP B 181 6.43 26.94 4.50
N ILE B 182 7.14 28.06 4.28
CA ILE B 182 6.63 29.39 4.59
C ILE B 182 5.29 29.66 3.92
N PRO B 183 5.18 29.64 2.57
CA PRO B 183 3.87 29.91 1.94
C PRO B 183 2.76 29.07 2.50
N CYS B 184 3.09 27.87 2.96
CA CYS B 184 2.09 26.98 3.50
C CYS B 184 1.57 27.51 4.84
N VAL B 185 2.39 28.24 5.58
CA VAL B 185 1.94 28.87 6.83
C VAL B 185 1.12 30.11 6.53
N TRP B 186 1.62 30.97 5.64
CA TRP B 186 0.88 32.15 5.18
C TRP B 186 -0.55 31.77 4.79
N PHE B 187 -0.69 30.71 4.00
CA PHE B 187 -2.01 30.26 3.55
C PHE B 187 -2.94 30.04 4.74
N SER B 188 -2.51 29.26 5.73
CA SER B 188 -3.38 28.98 6.87
C SER B 188 -3.76 30.27 7.61
N ASN B 189 -2.80 31.18 7.78
CA ASN B 189 -3.09 32.46 8.41
C ASN B 189 -4.04 33.28 7.54
N LEU B 190 -3.77 33.36 6.23
CA LEU B 190 -4.65 34.13 5.35
C LEU B 190 -6.03 33.49 5.28
N ALA B 191 -6.11 32.16 5.38
CA ALA B 191 -7.41 31.51 5.34
C ALA B 191 -8.20 31.82 6.60
N VAL B 192 -7.51 31.92 7.74
CA VAL B 192 -8.18 32.24 8.99
C VAL B 192 -8.62 33.69 8.99
N LYS B 193 -7.72 34.59 8.59
CA LYS B 193 -8.07 36.00 8.46
C LYS B 193 -9.27 36.17 7.54
N ALA B 194 -9.30 35.43 6.43
CA ALA B 194 -10.44 35.51 5.51
C ALA B 194 -11.72 35.09 6.21
N ARG B 195 -11.63 34.11 7.11
CA ARG B 195 -12.82 33.66 7.82
C ARG B 195 -13.28 34.69 8.83
N ASN B 196 -12.34 35.37 9.46
CA ASN B 196 -12.68 36.39 10.45
C ASN B 196 -13.30 37.62 9.79
N GLU B 197 -12.90 37.93 8.56
CA GLU B 197 -13.49 39.02 7.79
C GLU B 197 -14.85 38.67 7.22
N GLY B 198 -15.35 37.46 7.50
CA GLY B 198 -16.63 37.00 7.04
C GLY B 198 -16.60 36.45 5.63
N ARG B 199 -15.41 36.28 5.04
CA ARG B 199 -15.32 35.76 3.69
C ARG B 199 -15.42 34.25 3.63
N ILE B 200 -15.25 33.58 4.78
CA ILE B 200 -15.42 32.15 4.92
C ILE B 200 -16.44 31.89 6.01
N ARG B 201 -17.60 31.41 5.61
CA ARG B 201 -18.72 31.23 6.52
C ARG B 201 -18.41 30.52 7.84
N ASP B 202 -18.34 29.19 7.80
CA ASP B 202 -18.13 28.38 8.98
C ASP B 202 -16.68 27.99 9.18
N SER B 203 -16.44 27.28 10.29
CA SER B 203 -15.15 26.69 10.59
C SER B 203 -15.05 25.33 9.93
N VAL B 204 -16.20 24.71 9.70
CA VAL B 204 -16.25 23.44 8.96
C VAL B 204 -15.66 23.65 7.57
N LEU B 205 -16.06 24.74 6.92
CA LEU B 205 -15.52 25.05 5.60
C LEU B 205 -14.08 25.51 5.71
N LEU B 206 -13.72 26.17 6.82
CA LEU B 206 -12.35 26.65 6.98
C LEU B 206 -11.41 25.48 7.25
N GLN B 207 -11.80 24.58 8.14
CA GLN B 207 -10.96 23.42 8.45
C GLN B 207 -10.81 22.54 7.21
N GLY B 208 -11.89 22.42 6.42
CA GLY B 208 -11.83 21.69 5.17
C GLY B 208 -10.78 22.24 4.23
N ILE B 209 -10.63 23.56 4.20
CA ILE B 209 -9.63 24.18 3.34
C ILE B 209 -8.24 23.99 3.97
N LEU B 210 -8.17 24.06 5.30
CA LEU B 210 -6.90 23.87 5.98
C LEU B 210 -6.42 22.43 5.82
N ASN B 211 -7.33 21.47 5.77
CA ASN B 211 -6.95 20.07 5.59
C ASN B 211 -6.30 19.84 4.24
N GLU B 212 -6.94 20.30 3.16
CA GLU B 212 -6.36 20.16 1.83
C GLU B 212 -5.01 20.85 1.74
N LEU B 213 -4.81 21.92 2.50
CA LEU B 213 -3.49 22.55 2.55
C LEU B 213 -2.47 21.61 3.18
N ASN B 214 -2.79 21.08 4.37
CA ASN B 214 -1.90 20.16 5.05
C ASN B 214 -1.54 18.97 4.15
N THR B 215 -2.52 18.46 3.39
CA THR B 215 -2.25 17.40 2.44
C THR B 215 -1.19 17.83 1.44
N LEU B 216 -1.33 19.03 0.89
CA LEU B 216 -0.33 19.55 -0.04
C LEU B 216 1.04 19.66 0.63
N ARG B 217 1.06 20.04 1.91
CA ARG B 217 2.32 20.10 2.65
C ARG B 217 2.94 18.72 2.74
N SER B 218 2.13 17.69 3.01
CA SER B 218 2.65 16.34 3.07
C SER B 218 3.22 15.91 1.74
N GLN B 219 2.62 16.37 0.63
CA GLN B 219 3.15 16.08 -0.69
C GLN B 219 4.56 16.65 -0.83
N CYS B 220 4.73 17.93 -0.48
CA CYS B 220 6.05 18.55 -0.56
C CYS B 220 7.05 17.84 0.34
N GLY B 221 6.58 17.35 1.49
CA GLY B 221 7.47 16.62 2.39
C GLY B 221 7.96 15.33 1.78
N ARG B 222 7.07 14.61 1.10
CA ARG B 222 7.47 13.37 0.45
C ARG B 222 8.55 13.64 -0.59
N LEU B 223 8.36 14.69 -1.39
CA LEU B 223 9.36 15.08 -2.37
C LEU B 223 10.69 15.41 -1.70
N TYR B 224 10.64 16.14 -0.59
CA TYR B 224 11.85 16.45 0.16
C TYR B 224 12.51 15.17 0.66
N GLY B 225 11.71 14.24 1.18
CA GLY B 225 12.25 12.98 1.70
C GLY B 225 12.98 12.17 0.65
N TYR B 226 12.35 11.98 -0.51
CA TYR B 226 12.98 11.20 -1.57
C TYR B 226 14.23 11.87 -2.11
N ASP B 227 14.29 13.19 -2.10
CA ASP B 227 15.47 13.90 -2.56
C ASP B 227 16.58 13.78 -1.53
N TRP B 228 16.21 13.90 -0.25
CA TRP B 228 17.18 13.84 0.84
C TRP B 228 17.68 12.41 1.03
N ILE B 229 16.76 11.47 1.22
CA ILE B 229 17.10 10.06 1.48
C ILE B 229 17.29 9.35 0.14
N SER B 230 18.53 9.36 -0.35
CA SER B 230 18.85 8.64 -1.58
C SER B 230 18.82 7.15 -1.29
N ILE B 231 18.75 6.35 -2.35
CA ILE B 231 18.95 4.91 -2.12
C ILE B 231 20.36 4.70 -1.57
N PRO B 232 20.52 3.98 -0.46
CA PRO B 232 21.86 3.80 0.14
C PRO B 232 22.97 3.53 -0.86
N LEU B 233 24.03 4.34 -0.78
CA LEU B 233 25.14 4.28 -1.74
C LEU B 233 25.71 2.87 -1.89
N VAL B 234 25.90 2.17 -0.77
CA VAL B 234 26.46 0.81 -0.83
C VAL B 234 25.62 -0.08 -1.75
N TYR B 235 24.29 0.05 -1.70
CA TYR B 235 23.45 -0.77 -2.55
C TYR B 235 23.69 -0.43 -4.02
N THR B 236 23.73 0.87 -4.34
CA THR B 236 23.99 1.29 -5.72
C THR B 236 25.34 0.76 -6.22
N GLN B 237 26.38 0.82 -5.37
CA GLN B 237 27.70 0.35 -5.79
C GLN B 237 27.69 -1.15 -6.03
N VAL B 238 27.02 -1.90 -5.16
CA VAL B 238 26.92 -3.36 -5.30
C VAL B 238 26.40 -3.75 -6.68
N VAL B 239 25.29 -3.13 -7.12
CA VAL B 239 24.73 -3.53 -8.41
C VAL B 239 25.61 -3.12 -9.58
N THR B 240 26.39 -2.04 -9.46
CA THR B 240 27.28 -1.68 -10.56
C THR B 240 28.50 -2.58 -10.59
N VAL B 241 28.97 -2.99 -9.41
CA VAL B 241 30.09 -3.91 -9.33
C VAL B 241 29.71 -5.24 -9.97
N ALA B 242 28.52 -5.76 -9.63
CA ALA B 242 28.05 -7.01 -10.19
C ALA B 242 27.92 -6.93 -11.71
N VAL B 243 27.28 -5.88 -12.22
CA VAL B 243 27.12 -5.72 -13.66
C VAL B 243 28.48 -5.62 -14.36
N TYR B 244 29.35 -4.75 -13.83
CA TYR B 244 30.66 -4.57 -14.44
C TYR B 244 31.51 -5.83 -14.35
N SER B 245 31.39 -6.58 -13.24
CA SER B 245 32.10 -7.86 -13.16
C SER B 245 31.72 -8.75 -14.32
N PHE B 246 30.41 -8.80 -14.64
CA PHE B 246 29.94 -9.60 -15.76
C PHE B 246 30.55 -9.12 -17.07
N PHE B 247 30.45 -7.82 -17.35
CA PHE B 247 31.00 -7.32 -18.61
C PHE B 247 32.52 -7.42 -18.65
N LEU B 248 33.17 -7.39 -17.48
CA LEU B 248 34.62 -7.61 -17.45
C LEU B 248 34.94 -9.02 -17.91
N ALA B 249 34.23 -10.01 -17.35
CA ALA B 249 34.38 -11.39 -17.77
C ALA B 249 34.12 -11.56 -19.27
N CYS B 250 33.03 -10.97 -19.75
CA CYS B 250 32.67 -11.09 -21.16
C CYS B 250 33.75 -10.52 -22.08
N LEU B 251 34.37 -9.41 -21.68
CA LEU B 251 35.41 -8.79 -22.52
C LEU B 251 36.46 -9.79 -22.97
N ILE B 252 36.85 -10.71 -22.09
CA ILE B 252 37.85 -11.72 -22.42
C ILE B 252 37.22 -13.09 -22.68
N GLY B 253 36.36 -13.53 -21.77
CA GLY B 253 35.70 -14.82 -21.91
C GLY B 253 34.94 -15.03 -23.21
N ARG B 254 34.28 -14.00 -23.72
CA ARG B 254 33.48 -14.13 -24.93
C ARG B 254 34.29 -13.93 -26.21
N GLN B 255 35.61 -13.86 -26.11
CA GLN B 255 36.46 -13.78 -27.29
C GLN B 255 36.34 -15.05 -28.12
N PHE B 256 36.38 -14.92 -29.45
CA PHE B 256 36.31 -16.08 -30.33
C PHE B 256 37.68 -16.75 -30.36
N LEU B 257 37.78 -17.93 -29.72
CA LEU B 257 39.04 -18.64 -29.65
C LEU B 257 39.31 -19.38 -30.95
N ASP B 258 40.52 -19.93 -31.06
CA ASP B 258 40.94 -20.69 -32.22
C ASP B 258 40.01 -21.86 -32.51
N PRO B 259 39.36 -21.90 -33.69
CA PRO B 259 38.50 -23.04 -34.00
C PRO B 259 39.27 -24.33 -34.15
N GLU B 260 40.49 -24.25 -34.69
CA GLU B 260 41.32 -25.44 -34.89
C GLU B 260 41.59 -26.14 -33.58
N LYS B 261 41.90 -25.39 -32.51
CA LYS B 261 42.17 -26.01 -31.21
C LYS B 261 40.98 -26.79 -30.67
N ALA B 262 39.79 -26.60 -31.25
CA ALA B 262 38.61 -27.39 -30.92
C ALA B 262 38.27 -27.37 -29.43
N TYR B 263 38.18 -26.17 -28.87
CA TYR B 263 37.78 -26.06 -27.47
C TYR B 263 36.29 -26.34 -27.35
N PRO B 264 35.86 -27.18 -26.40
CA PRO B 264 34.43 -27.43 -26.22
C PRO B 264 33.70 -26.13 -25.95
N GLY B 265 32.77 -25.81 -26.84
CA GLY B 265 32.00 -24.58 -26.77
C GLY B 265 32.45 -23.52 -27.75
N HIS B 266 33.65 -23.65 -28.31
CA HIS B 266 34.17 -22.65 -29.24
C HIS B 266 34.53 -23.26 -30.58
N GLU B 267 33.55 -23.87 -31.25
CA GLU B 267 33.77 -24.52 -32.53
C GLU B 267 33.64 -23.58 -33.73
N LEU B 268 32.99 -22.42 -33.57
CA LEU B 268 32.73 -21.51 -34.67
C LEU B 268 33.24 -20.11 -34.36
N ASP B 269 33.91 -19.51 -35.36
CA ASP B 269 34.44 -18.15 -35.26
C ASP B 269 33.60 -17.20 -36.11
N LEU B 270 32.84 -16.32 -35.45
CA LEU B 270 32.02 -15.34 -36.17
C LEU B 270 32.60 -13.93 -36.13
N PHE B 271 33.74 -13.74 -35.45
CA PHE B 271 34.41 -12.45 -35.28
C PHE B 271 33.59 -11.45 -34.46
N VAL B 272 32.29 -11.34 -34.74
CA VAL B 272 31.40 -10.44 -34.02
C VAL B 272 30.51 -11.28 -33.11
N PRO B 273 30.60 -11.09 -31.71
CA PRO B 273 29.82 -11.82 -30.68
C PRO B 273 28.39 -11.31 -30.60
N VAL B 274 27.59 -11.72 -31.59
CA VAL B 274 26.20 -11.27 -31.71
C VAL B 274 25.45 -11.39 -30.38
N PHE B 275 25.40 -12.60 -29.82
CA PHE B 275 24.62 -12.80 -28.60
C PHE B 275 25.25 -12.12 -27.38
N THR B 276 26.56 -11.92 -27.36
CA THR B 276 27.14 -11.23 -26.22
C THR B 276 26.78 -9.75 -26.27
N PHE B 277 26.74 -9.18 -27.48
CA PHE B 277 26.32 -7.80 -27.62
C PHE B 277 24.83 -7.68 -27.30
N LEU B 278 24.05 -8.69 -27.66
CA LEU B 278 22.63 -8.67 -27.29
C LEU B 278 22.46 -8.79 -25.79
N GLN B 279 23.40 -9.48 -25.12
CA GLN B 279 23.34 -9.56 -23.66
C GLN B 279 23.73 -8.22 -23.05
N PHE B 280 24.63 -7.48 -23.71
CA PHE B 280 25.04 -6.19 -23.21
C PHE B 280 23.87 -5.21 -23.21
N PHE B 281 23.14 -5.13 -24.33
CA PHE B 281 21.97 -4.26 -24.39
C PHE B 281 20.98 -4.63 -23.29
N PHE B 282 20.77 -5.93 -23.09
CA PHE B 282 19.86 -6.40 -22.05
C PHE B 282 20.30 -5.86 -20.69
N TYR B 283 21.48 -6.27 -20.21
CA TYR B 283 21.91 -5.88 -18.87
C TYR B 283 22.33 -4.41 -18.77
N ALA B 284 23.09 -3.90 -19.73
CA ALA B 284 23.42 -2.48 -19.64
C ALA B 284 22.17 -1.63 -19.79
N GLY B 285 21.26 -2.04 -20.68
CA GLY B 285 20.00 -1.31 -20.80
C GLY B 285 19.13 -1.48 -19.57
N TRP B 286 19.16 -2.66 -18.95
CA TRP B 286 18.38 -2.88 -17.74
C TRP B 286 18.93 -2.01 -16.61
N LEU B 287 20.25 -1.86 -16.55
CA LEU B 287 20.84 -0.99 -15.55
C LEU B 287 20.50 0.47 -15.85
N LYS B 288 20.39 0.82 -17.14
CA LYS B 288 20.04 2.18 -17.51
C LYS B 288 18.63 2.53 -17.06
N VAL B 289 17.75 1.53 -16.93
CA VAL B 289 16.41 1.80 -16.40
C VAL B 289 16.54 2.43 -15.02
N ALA B 290 17.30 1.78 -14.14
CA ALA B 290 17.54 2.34 -12.80
C ALA B 290 18.32 3.63 -12.91
N GLU B 291 19.34 3.65 -13.76
CA GLU B 291 20.17 4.84 -13.94
C GLU B 291 19.33 6.07 -14.27
N GLN B 292 18.28 5.89 -15.09
CA GLN B 292 17.45 7.03 -15.49
C GLN B 292 16.38 7.39 -14.45
N LEU B 293 15.72 6.41 -13.85
CA LEU B 293 14.63 6.69 -12.91
C LEU B 293 15.08 6.91 -11.47
N ILE B 294 16.37 6.76 -11.15
CA ILE B 294 16.78 6.95 -9.76
C ILE B 294 16.57 8.39 -9.32
N ASN B 295 16.47 9.32 -10.27
CA ASN B 295 16.17 10.73 -9.99
C ASN B 295 15.29 11.19 -11.13
N PRO B 296 13.97 11.05 -10.98
CA PRO B 296 13.02 11.36 -12.05
C PRO B 296 12.80 12.84 -12.26
N PHE B 297 13.48 13.69 -11.49
CA PHE B 297 13.33 15.13 -11.58
C PHE B 297 14.52 15.77 -12.28
N GLY B 298 15.35 14.96 -12.92
CA GLY B 298 16.48 15.44 -13.69
C GLY B 298 16.05 15.88 -15.06
N GLU B 299 17.00 15.87 -16.00
CA GLU B 299 16.76 16.31 -17.37
C GLU B 299 16.77 15.16 -18.38
N ASP B 300 16.49 13.93 -17.94
CA ASP B 300 16.41 12.83 -18.89
C ASP B 300 15.15 12.91 -19.72
N ASP B 301 15.18 12.24 -20.88
CA ASP B 301 14.01 12.20 -21.75
C ASP B 301 12.78 11.70 -20.99
N ASP B 302 12.95 10.66 -20.18
CA ASP B 302 11.85 10.08 -19.42
C ASP B 302 11.72 10.64 -18.01
N ASP B 303 12.48 11.69 -17.68
CA ASP B 303 12.29 12.34 -16.39
C ASP B 303 11.06 13.24 -16.47
N PHE B 304 10.40 13.42 -15.32
CA PHE B 304 9.15 14.15 -15.27
C PHE B 304 9.26 15.55 -15.88
N GLU B 305 8.14 15.98 -16.47
CA GLU B 305 8.00 17.31 -17.07
C GLU B 305 7.52 18.29 -16.01
N THR B 306 8.43 18.61 -15.09
CA THR B 306 8.05 19.43 -13.94
C THR B 306 7.77 20.89 -14.31
N ASN B 307 8.47 21.43 -15.30
CA ASN B 307 8.22 22.83 -15.65
C ASN B 307 6.87 23.04 -16.31
N TRP B 308 6.44 22.08 -17.16
CA TRP B 308 5.11 22.20 -17.76
C TRP B 308 4.03 22.12 -16.69
N LEU B 309 4.22 21.23 -15.72
CA LEU B 309 3.27 21.10 -14.62
C LEU B 309 3.09 22.43 -13.90
N ILE B 310 4.19 23.11 -13.59
CA ILE B 310 4.13 24.42 -12.96
C ILE B 310 3.30 25.39 -13.79
N ASP B 311 3.58 25.46 -15.09
CA ASP B 311 2.81 26.35 -15.98
C ASP B 311 1.34 25.98 -16.00
N ARG B 312 1.04 24.71 -16.23
CA ARG B 312 -0.36 24.28 -16.27
C ARG B 312 -1.07 24.62 -14.97
N ASN B 313 -0.43 24.34 -13.83
CA ASN B 313 -1.07 24.58 -12.55
C ASN B 313 -1.33 26.06 -12.33
N LEU B 314 -0.36 26.92 -12.67
CA LEU B 314 -0.55 28.36 -12.54
C LEU B 314 -1.78 28.84 -13.30
N GLN B 315 -1.84 28.53 -14.60
CA GLN B 315 -2.97 28.91 -15.43
C GLN B 315 -4.30 28.42 -14.87
N VAL B 316 -4.44 27.11 -14.68
CA VAL B 316 -5.70 26.53 -14.20
C VAL B 316 -6.08 27.05 -12.81
N SER B 317 -5.12 27.07 -11.87
CA SER B 317 -5.40 27.53 -10.51
C SER B 317 -6.13 28.85 -10.46
N LEU B 318 -5.46 29.92 -10.89
CA LEU B 318 -6.05 31.26 -10.87
C LEU B 318 -7.37 31.30 -11.63
N MET B 319 -7.43 30.68 -12.81
CA MET B 319 -8.66 30.67 -13.59
C MET B 319 -9.85 30.10 -12.85
N ALA B 320 -9.63 29.07 -12.03
CA ALA B 320 -10.76 28.42 -11.37
C ALA B 320 -11.28 29.22 -10.18
N VAL B 321 -10.41 29.96 -9.49
CA VAL B 321 -10.85 30.73 -8.33
C VAL B 321 -11.23 32.16 -8.66
N ASP B 322 -10.91 32.63 -9.87
CA ASP B 322 -11.23 33.99 -10.26
C ASP B 322 -12.38 33.95 -11.27
N GLU B 323 -12.11 33.78 -12.57
CA GLU B 323 -13.16 33.75 -13.59
C GLU B 323 -14.27 32.76 -13.30
N MET B 324 -14.04 31.76 -12.45
CA MET B 324 -15.03 30.72 -12.22
C MET B 324 -15.68 30.80 -10.85
N HIS B 325 -15.34 31.80 -10.04
CA HIS B 325 -15.98 31.94 -8.74
C HIS B 325 -17.45 32.23 -8.91
N GLN B 326 -18.29 31.37 -8.32
CA GLN B 326 -19.74 31.45 -8.40
C GLN B 326 -20.23 31.73 -9.82
N ASP B 327 -19.46 31.31 -10.81
CA ASP B 327 -19.79 31.51 -12.23
C ASP B 327 -20.13 30.16 -12.85
N LEU B 328 -21.42 29.94 -13.07
CA LEU B 328 -21.91 28.67 -13.57
C LEU B 328 -22.59 28.85 -14.92
N PRO B 329 -22.81 27.77 -15.65
CA PRO B 329 -23.59 27.87 -16.89
C PRO B 329 -25.07 27.92 -16.57
N ILE B 330 -25.87 28.16 -17.60
CA ILE B 330 -27.31 28.27 -17.41
C ILE B 330 -27.86 26.89 -17.13
N LEU B 331 -28.51 26.73 -15.97
CA LEU B 331 -29.12 25.45 -15.64
C LEU B 331 -30.22 25.12 -16.63
N GLU B 332 -30.11 23.95 -17.26
CA GLU B 332 -31.11 23.45 -18.18
C GLU B 332 -31.58 22.08 -17.73
N LYS B 333 -32.71 21.66 -18.28
CA LYS B 333 -33.15 20.29 -18.12
C LYS B 333 -32.26 19.41 -19.00
N ASP B 334 -31.82 18.29 -18.46
CA ASP B 334 -30.92 17.44 -19.24
C ASP B 334 -31.70 16.70 -20.32
N LEU B 335 -30.96 16.21 -21.32
CA LEU B 335 -31.59 15.55 -22.45
C LEU B 335 -32.36 14.30 -22.03
N TYR B 336 -32.11 13.79 -20.82
CA TYR B 336 -32.74 12.57 -20.32
C TYR B 336 -33.70 12.87 -19.17
N TRP B 337 -34.17 14.11 -19.08
CA TRP B 337 -35.06 14.55 -18.01
C TRP B 337 -36.23 13.59 -17.80
N ASN B 338 -36.91 13.22 -18.88
CA ASN B 338 -38.04 12.30 -18.80
C ASN B 338 -37.68 10.88 -19.20
N GLU B 339 -36.38 10.58 -19.29
CA GLU B 339 -35.95 9.24 -19.65
C GLU B 339 -35.27 8.57 -18.47
N PRO B 340 -35.95 7.61 -17.82
CA PRO B 340 -35.33 6.93 -16.66
C PRO B 340 -34.20 6.01 -17.04
N ASP B 341 -34.28 5.33 -18.17
CA ASP B 341 -33.22 4.43 -18.62
C ASP B 341 -32.60 4.93 -19.92
N PRO B 342 -31.77 5.98 -19.84
CA PRO B 342 -31.16 6.53 -21.06
C PRO B 342 -30.32 5.50 -21.80
N GLN B 343 -30.30 5.64 -23.13
CA GLN B 343 -29.52 4.78 -24.00
C GLN B 343 -28.65 5.67 -24.88
N PRO B 344 -27.61 6.26 -24.30
CA PRO B 344 -26.71 7.15 -25.07
C PRO B 344 -26.25 6.48 -26.35
N PRO B 345 -26.20 7.24 -27.45
CA PRO B 345 -25.85 6.66 -28.75
C PRO B 345 -24.41 6.19 -28.78
N TYR B 346 -24.10 5.46 -29.85
CA TYR B 346 -22.76 4.96 -30.12
C TYR B 346 -22.42 5.30 -31.56
N THR B 347 -21.15 5.60 -31.81
CA THR B 347 -20.73 5.82 -33.18
C THR B 347 -20.73 4.49 -33.92
N ALA B 348 -20.53 4.56 -35.24
CA ALA B 348 -20.53 3.33 -36.03
C ALA B 348 -19.42 2.40 -35.57
N ALA B 349 -18.24 2.97 -35.31
CA ALA B 349 -17.07 2.20 -34.92
C ALA B 349 -17.15 1.62 -33.50
N THR B 350 -18.01 2.14 -32.63
CA THR B 350 -18.03 1.72 -31.23
C THR B 350 -19.27 0.96 -30.81
N ALA B 351 -20.13 0.57 -31.74
CA ALA B 351 -21.38 -0.10 -31.35
C ALA B 351 -21.12 -1.48 -30.75
N GLU B 352 -20.01 -2.12 -31.12
CA GLU B 352 -19.69 -3.42 -30.56
C GLU B 352 -19.43 -3.34 -29.06
N TYR B 353 -19.18 -2.14 -28.54
CA TYR B 353 -18.86 -1.93 -27.14
C TYR B 353 -20.09 -1.64 -26.29
N LYS B 354 -21.29 -1.68 -26.87
CA LYS B 354 -22.51 -1.53 -26.09
C LYS B 354 -22.85 -2.94 -25.58
N ARG B 355 -22.57 -3.19 -24.32
CA ARG B 355 -22.68 -4.52 -23.74
C ARG B 355 -23.85 -4.61 -22.78
N PRO B 356 -24.36 -5.82 -22.55
CA PRO B 356 -25.37 -6.00 -21.51
C PRO B 356 -24.73 -5.87 -20.14
N SER B 357 -25.53 -5.46 -19.17
CA SER B 357 -25.00 -5.23 -17.82
C SER B 357 -24.44 -6.50 -17.21
N PHE B 358 -23.24 -6.40 -16.65
CA PHE B 358 -22.65 -7.51 -15.91
C PHE B 358 -23.29 -7.55 -14.53
N LEU B 359 -24.06 -8.61 -14.25
CA LEU B 359 -24.81 -8.69 -13.01
C LEU B 359 -24.02 -9.37 -11.90
N GLY B 360 -23.15 -10.30 -12.27
CA GLY B 360 -22.37 -11.08 -11.33
C GLY B 360 -22.06 -12.42 -11.95
N SER B 361 -20.99 -13.05 -11.44
CA SER B 361 -20.59 -14.33 -12.00
C SER B 361 -21.63 -15.42 -11.70
N THR B 362 -22.28 -15.32 -10.55
CA THR B 362 -23.21 -16.37 -10.11
C THR B 362 -24.47 -16.45 -10.95
N PHE B 363 -24.87 -15.36 -11.60
CA PHE B 363 -26.15 -15.36 -12.30
C PHE B 363 -26.05 -16.05 -13.65
N ASP B 364 -27.12 -16.78 -13.99
CA ASP B 364 -27.21 -17.45 -15.28
C ASP B 364 -27.45 -16.42 -16.37
N ILE B 365 -26.60 -16.44 -17.39
CA ILE B 365 -26.72 -15.52 -18.52
C ILE B 365 -27.73 -16.04 -19.54
N SER B 366 -28.98 -15.60 -19.41
CA SER B 366 -30.04 -16.05 -20.31
C SER B 366 -30.95 -14.89 -20.72
N THR C 1 -14.06 -7.89 -18.04
CA THR C 1 -14.20 -7.65 -19.47
C THR C 1 -14.27 -8.97 -20.23
N VAL C 2 -13.35 -9.88 -19.92
CA VAL C 2 -13.48 -11.27 -20.34
C VAL C 2 -13.58 -12.04 -19.03
N THR C 3 -14.78 -12.08 -18.47
CA THR C 3 -15.01 -12.66 -17.15
C THR C 3 -15.28 -14.15 -17.24
N TYR C 4 -14.40 -14.94 -16.61
CA TYR C 4 -14.54 -16.38 -16.49
C TYR C 4 -14.58 -16.76 -15.01
N THR C 5 -14.82 -15.75 -14.17
CA THR C 5 -14.87 -15.91 -12.71
C THR C 5 -15.72 -17.09 -12.26
N ASN C 6 -16.87 -17.31 -12.91
CA ASN C 6 -17.76 -18.37 -12.45
C ASN C 6 -17.23 -19.76 -12.84
N ARG C 7 -16.49 -19.84 -13.95
CA ARG C 7 -15.92 -21.11 -14.37
C ARG C 7 -14.86 -21.60 -13.40
N VAL C 8 -14.09 -20.68 -12.83
CA VAL C 8 -12.99 -21.04 -11.94
C VAL C 8 -13.40 -20.89 -10.48
N ALA C 9 -14.71 -20.99 -10.19
CA ALA C 9 -15.18 -20.86 -8.82
C ALA C 9 -14.65 -21.99 -7.94
N ASP C 10 -14.62 -23.21 -8.46
CA ASP C 10 -14.14 -24.36 -7.71
C ASP C 10 -12.90 -24.95 -8.37
N ALA C 11 -12.08 -25.61 -7.55
CA ALA C 11 -10.86 -26.26 -8.01
C ALA C 11 -11.17 -27.72 -8.28
N ARG C 12 -11.73 -27.97 -9.46
CA ARG C 12 -12.11 -29.30 -9.88
C ARG C 12 -11.07 -29.86 -10.85
N LEU C 13 -11.40 -31.02 -11.46
CA LEU C 13 -10.47 -31.68 -12.37
C LEU C 13 -9.98 -30.77 -13.50
N GLY C 14 -10.91 -30.18 -14.24
CA GLY C 14 -10.51 -29.37 -15.38
C GLY C 14 -10.70 -27.87 -15.26
N THR C 15 -10.63 -27.35 -14.03
CA THR C 15 -10.81 -25.92 -13.78
C THR C 15 -9.98 -25.06 -14.72
N PHE C 16 -8.69 -25.38 -14.89
CA PHE C 16 -7.83 -24.58 -15.74
C PHE C 16 -7.68 -25.15 -17.15
N SER C 17 -7.71 -26.47 -17.28
CA SER C 17 -7.62 -27.10 -18.60
C SER C 17 -8.73 -26.62 -19.52
N GLN C 18 -9.96 -26.54 -18.98
CA GLN C 18 -11.10 -26.07 -19.76
C GLN C 18 -10.83 -24.72 -20.42
N LEU C 19 -10.06 -23.85 -19.75
CA LEU C 19 -9.81 -22.51 -20.25
C LEU C 19 -8.88 -22.52 -21.46
N LEU C 20 -8.19 -23.63 -21.73
CA LEU C 20 -7.33 -23.72 -22.89
C LEU C 20 -8.12 -23.85 -24.17
N LEU C 21 -9.43 -24.12 -24.08
CA LEU C 21 -10.29 -24.27 -25.22
C LEU C 21 -11.06 -22.99 -25.55
N GLN C 22 -10.77 -21.89 -24.87
CA GLN C 22 -11.47 -20.63 -25.08
C GLN C 22 -10.63 -19.72 -25.98
N TRP C 23 -11.30 -19.05 -26.93
CA TRP C 23 -10.66 -18.19 -27.92
C TRP C 23 -10.65 -16.71 -27.54
N LYS C 24 -11.79 -16.18 -27.06
CA LYS C 24 -11.88 -14.76 -26.73
C LYS C 24 -10.84 -14.38 -25.68
N GLY C 25 -10.04 -13.36 -26.01
CA GLY C 25 -8.99 -12.90 -25.11
C GLY C 25 -7.99 -13.97 -24.76
N SER C 26 -7.78 -14.94 -25.65
CA SER C 26 -6.91 -16.07 -25.39
C SER C 26 -5.49 -15.84 -25.88
N ILE C 27 -4.62 -16.78 -25.50
CA ILE C 27 -3.22 -16.76 -25.91
C ILE C 27 -3.10 -17.01 -27.41
N TYR C 28 -3.98 -17.83 -27.97
CA TYR C 28 -3.95 -18.13 -29.40
C TYR C 28 -4.24 -16.89 -30.22
N LYS C 29 -5.30 -16.16 -29.84
CA LYS C 29 -5.72 -14.97 -30.59
C LYS C 29 -4.65 -13.89 -30.55
N LEU C 30 -3.95 -13.75 -29.42
CA LEU C 30 -2.94 -12.71 -29.30
C LEU C 30 -1.62 -13.12 -29.94
N LEU C 31 -1.33 -14.43 -30.01
CA LEU C 31 -0.06 -14.90 -30.55
C LEU C 31 -0.14 -15.33 -32.01
N TYR C 32 -1.34 -15.56 -32.53
CA TYR C 32 -1.59 -16.05 -33.88
C TYR C 32 -0.56 -15.61 -34.92
N SER C 33 -0.54 -14.32 -35.23
CA SER C 33 0.37 -13.81 -36.25
C SER C 33 1.83 -14.09 -35.91
N GLU C 34 2.26 -13.73 -34.68
CA GLU C 34 3.64 -13.97 -34.26
C GLU C 34 4.03 -15.44 -34.39
N PHE C 35 3.17 -16.34 -33.91
CA PHE C 35 3.46 -17.77 -33.98
C PHE C 35 3.68 -18.23 -35.41
N LEU C 36 2.80 -17.81 -36.32
CA LEU C 36 2.92 -18.19 -37.74
C LEU C 36 4.24 -17.74 -38.33
N ILE C 37 4.66 -16.51 -38.01
CA ILE C 37 5.93 -16.00 -38.51
C ILE C 37 7.09 -16.83 -37.96
N PHE C 38 7.00 -17.22 -36.68
CA PHE C 38 8.02 -18.08 -36.09
C PHE C 38 8.04 -19.43 -36.78
N ILE C 39 6.88 -20.09 -36.85
CA ILE C 39 6.72 -21.37 -37.54
C ILE C 39 7.39 -21.31 -38.91
N SER C 40 7.02 -20.29 -39.70
CA SER C 40 7.54 -20.13 -41.05
C SER C 40 9.06 -20.01 -41.06
N LEU C 41 9.60 -19.01 -40.35
CA LEU C 41 11.05 -18.83 -40.31
C LEU C 41 11.76 -20.11 -39.90
N TYR C 42 11.21 -20.85 -38.94
CA TYR C 42 11.82 -22.10 -38.52
C TYR C 42 11.87 -23.11 -39.67
N PHE C 43 10.70 -23.53 -40.16
CA PHE C 43 10.66 -24.54 -41.21
C PHE C 43 11.33 -24.07 -42.49
N ALA C 44 11.37 -22.76 -42.73
CA ALA C 44 12.11 -22.26 -43.88
C ALA C 44 13.60 -22.60 -43.72
N ILE C 45 14.18 -22.20 -42.60
CA ILE C 45 15.56 -22.56 -42.28
C ILE C 45 15.75 -24.07 -42.34
N SER C 46 14.81 -24.83 -41.77
CA SER C 46 14.89 -26.28 -41.76
C SER C 46 15.03 -26.86 -43.16
N LEU C 47 14.23 -26.37 -44.12
CA LEU C 47 14.31 -26.90 -45.49
C LEU C 47 15.61 -26.49 -46.17
N VAL C 48 16.05 -25.25 -45.96
CA VAL C 48 17.33 -24.81 -46.51
C VAL C 48 18.47 -25.73 -46.07
N TYR C 49 18.44 -26.15 -44.82
CA TYR C 49 19.46 -27.04 -44.29
C TYR C 49 19.34 -28.45 -44.84
N ARG C 50 18.11 -28.98 -44.91
CA ARG C 50 17.90 -30.35 -45.37
C ARG C 50 18.06 -30.50 -46.89
N LEU C 51 17.63 -29.50 -47.66
CA LEU C 51 17.57 -29.65 -49.11
C LEU C 51 18.55 -28.79 -49.91
N ILE C 52 19.06 -27.69 -49.38
CA ILE C 52 19.87 -26.76 -50.16
C ILE C 52 21.36 -26.85 -49.82
N LEU C 53 21.71 -26.66 -48.54
CA LEU C 53 23.10 -26.64 -48.12
C LEU C 53 23.87 -27.88 -48.56
N SER C 54 25.14 -27.67 -48.91
CA SER C 54 26.05 -28.73 -49.29
C SER C 54 26.59 -29.41 -48.03
N GLU C 55 27.22 -30.57 -48.22
CA GLU C 55 27.79 -31.29 -47.08
C GLU C 55 28.72 -30.40 -46.26
N SER C 56 29.47 -29.52 -46.93
CA SER C 56 30.38 -28.64 -46.22
C SER C 56 29.63 -27.50 -45.53
N GLN C 57 28.61 -26.95 -46.20
CA GLN C 57 27.81 -25.89 -45.60
C GLN C 57 27.01 -26.41 -44.42
N ARG C 58 26.49 -27.63 -44.54
CA ARG C 58 25.73 -28.23 -43.45
C ARG C 58 26.59 -28.31 -42.19
N LEU C 59 27.89 -28.57 -42.34
CA LEU C 59 28.75 -28.66 -41.17
C LEU C 59 28.89 -27.31 -40.50
N MET C 60 28.88 -26.23 -41.28
CA MET C 60 28.95 -24.90 -40.69
C MET C 60 27.64 -24.56 -40.00
N PHE C 61 26.52 -24.83 -40.68
CA PHE C 61 25.20 -24.60 -40.09
C PHE C 61 25.07 -25.34 -38.77
N GLU C 62 25.55 -26.58 -38.73
CA GLU C 62 25.47 -27.36 -37.50
C GLU C 62 26.30 -26.70 -36.41
N LYS C 63 27.44 -26.15 -36.78
CA LYS C 63 28.28 -25.44 -35.81
C LYS C 63 27.63 -24.12 -35.42
N LEU C 64 26.93 -23.48 -36.35
CA LEU C 64 26.22 -22.24 -36.05
C LEU C 64 25.04 -22.50 -35.13
N ALA C 65 24.31 -23.60 -35.37
CA ALA C 65 23.16 -23.94 -34.54
C ALA C 65 23.60 -24.27 -33.12
N LEU C 66 24.75 -24.93 -32.96
CA LEU C 66 25.24 -25.23 -31.61
C LEU C 66 25.58 -23.94 -30.89
N TYR C 67 26.07 -22.94 -31.63
CA TYR C 67 26.40 -21.65 -31.06
C TYR C 67 25.15 -20.91 -30.63
N CYS C 68 24.17 -20.81 -31.53
CA CYS C 68 22.92 -20.13 -31.21
C CYS C 68 22.21 -20.83 -30.06
N ASN C 69 22.16 -22.16 -30.11
CA ASN C 69 21.44 -22.89 -29.07
C ASN C 69 22.03 -22.66 -27.69
N SER C 70 23.34 -22.41 -27.62
CA SER C 70 23.91 -22.18 -26.30
C SER C 70 23.51 -20.85 -25.73
N TYR C 71 22.90 -19.98 -26.54
CA TYR C 71 22.48 -18.68 -26.05
C TYR C 71 20.98 -18.57 -25.91
N ALA C 72 20.22 -19.63 -26.21
CA ALA C 72 18.79 -19.55 -25.91
C ALA C 72 18.60 -19.97 -24.45
N GLU C 73 18.74 -18.99 -23.56
CA GLU C 73 18.65 -19.21 -22.12
C GLU C 73 17.48 -18.41 -21.55
N LEU C 74 16.46 -19.08 -21.01
CA LEU C 74 15.32 -18.31 -20.53
C LEU C 74 15.59 -17.63 -19.20
N ALA C 75 16.39 -18.24 -18.34
CA ALA C 75 16.62 -17.70 -16.99
C ALA C 75 16.79 -16.18 -16.96
N PRO C 76 17.59 -15.55 -17.82
CA PRO C 76 17.59 -14.09 -17.86
C PRO C 76 16.29 -13.52 -18.42
N VAL C 77 15.64 -14.21 -19.37
CA VAL C 77 14.36 -13.72 -19.88
C VAL C 77 13.27 -13.83 -18.81
N SER C 78 13.23 -14.97 -18.10
CA SER C 78 12.27 -15.11 -17.01
C SER C 78 12.43 -14.00 -15.97
N ALA C 79 13.68 -13.63 -15.68
CA ALA C 79 13.93 -12.59 -14.69
C ALA C 79 13.31 -11.26 -15.11
N VAL C 80 13.69 -10.76 -16.29
CA VAL C 80 13.23 -9.44 -16.70
C VAL C 80 11.74 -9.47 -17.03
N LEU C 81 11.26 -10.56 -17.64
CA LEU C 81 9.84 -10.66 -17.98
C LEU C 81 8.98 -10.63 -16.73
N GLY C 82 9.27 -11.52 -15.78
CA GLY C 82 8.50 -11.55 -14.54
C GLY C 82 8.39 -10.20 -13.87
N ALA C 83 9.52 -9.49 -13.74
CA ALA C 83 9.49 -8.17 -13.11
C ALA C 83 8.66 -7.18 -13.93
N TYR C 84 8.88 -7.15 -15.24
CA TYR C 84 8.16 -6.20 -16.09
C TYR C 84 6.67 -6.49 -16.07
N VAL C 85 6.30 -7.76 -16.27
CA VAL C 85 4.87 -8.10 -16.26
C VAL C 85 4.25 -7.82 -14.91
N SER C 86 5.01 -7.99 -13.82
CA SER C 86 4.51 -7.67 -12.50
C SER C 86 4.21 -6.18 -12.38
N LEU C 87 5.10 -5.36 -12.92
CA LEU C 87 4.88 -3.91 -12.93
C LEU C 87 3.62 -3.57 -13.72
N VAL C 88 3.46 -4.16 -14.90
CA VAL C 88 2.30 -3.90 -15.74
C VAL C 88 1.02 -4.31 -15.01
N VAL C 89 1.00 -5.50 -14.44
CA VAL C 89 -0.18 -5.98 -13.72
C VAL C 89 -0.51 -5.06 -12.56
N SER C 90 0.53 -4.55 -11.87
CA SER C 90 0.31 -3.63 -10.77
C SER C 90 -0.43 -2.38 -11.25
N ARG C 91 0.11 -1.72 -12.28
CA ARG C 91 -0.55 -0.53 -12.84
C ARG C 91 -1.93 -0.87 -13.40
N TRP C 92 -2.06 -2.04 -14.02
CA TRP C 92 -3.34 -2.48 -14.57
C TRP C 92 -4.47 -2.42 -13.54
N TRP C 93 -4.25 -3.01 -12.35
CA TRP C 93 -5.30 -2.98 -11.34
C TRP C 93 -5.45 -1.61 -10.71
N ALA C 94 -4.35 -0.86 -10.59
CA ALA C 94 -4.45 0.48 -10.04
C ALA C 94 -5.29 1.37 -10.94
N GLN C 95 -5.16 1.21 -12.26
CA GLN C 95 -5.96 2.00 -13.18
C GLN C 95 -7.43 1.64 -13.07
N TYR C 96 -7.75 0.36 -12.87
CA TYR C 96 -9.16 -0.02 -12.70
C TYR C 96 -9.76 0.67 -11.49
N GLU C 97 -9.09 0.57 -10.34
CA GLU C 97 -9.63 1.17 -9.14
C GLU C 97 -9.66 2.69 -9.22
N SER C 98 -9.06 3.26 -10.27
CA SER C 98 -9.06 4.70 -10.49
C SER C 98 -10.21 5.14 -11.37
N ILE C 99 -10.99 4.19 -11.89
CA ILE C 99 -12.19 4.55 -12.66
C ILE C 99 -13.22 5.03 -11.65
N PRO C 100 -13.62 6.30 -11.73
CA PRO C 100 -14.54 6.87 -10.75
C PRO C 100 -15.95 6.29 -10.85
N TRP C 101 -16.55 6.03 -9.68
CA TRP C 101 -17.91 5.56 -9.59
C TRP C 101 -18.75 6.61 -8.88
N PRO C 102 -19.97 6.86 -9.36
CA PRO C 102 -20.80 7.92 -8.76
C PRO C 102 -21.38 7.56 -7.41
N ASP C 103 -21.57 6.28 -7.13
CA ASP C 103 -22.27 5.79 -5.95
C ASP C 103 -22.04 6.54 -4.64
N ARG C 104 -20.80 6.97 -4.33
CA ARG C 104 -20.61 7.64 -3.05
C ARG C 104 -21.18 9.06 -3.06
N ILE C 105 -20.95 9.82 -4.13
CA ILE C 105 -21.57 11.14 -4.26
C ILE C 105 -23.07 10.98 -4.44
N MET C 106 -23.44 10.02 -5.29
CA MET C 106 -24.84 9.69 -5.56
C MET C 106 -25.66 9.56 -4.28
N ASN C 107 -25.12 8.84 -3.30
CA ASN C 107 -25.83 8.67 -2.03
C ASN C 107 -26.03 9.99 -1.29
N LEU C 108 -25.01 10.85 -1.26
CA LEU C 108 -25.13 12.11 -0.55
C LEU C 108 -26.06 13.09 -1.26
N VAL C 109 -25.84 13.30 -2.55
CA VAL C 109 -26.68 14.23 -3.32
C VAL C 109 -28.15 13.83 -3.26
N SER C 110 -28.43 12.53 -3.33
CA SER C 110 -29.80 12.04 -3.30
C SER C 110 -30.52 12.37 -1.99
N CYS C 111 -29.80 12.31 -0.87
CA CYS C 111 -30.47 12.52 0.41
C CYS C 111 -30.28 13.90 1.01
N ASN C 112 -29.23 14.64 0.65
CA ASN C 112 -28.93 15.93 1.28
C ASN C 112 -29.20 17.16 0.43
N VAL C 113 -29.75 17.04 -0.78
CA VAL C 113 -30.12 18.22 -1.55
C VAL C 113 -31.65 18.25 -1.54
N ASP C 114 -32.20 19.09 -0.67
CA ASP C 114 -33.63 19.13 -0.38
C ASP C 114 -34.47 19.66 -1.53
N GLY C 115 -35.73 19.23 -1.55
CA GLY C 115 -36.70 19.71 -2.52
C GLY C 115 -37.35 18.61 -3.34
N GLU C 116 -38.69 18.52 -3.27
CA GLU C 116 -39.45 17.59 -4.08
C GLU C 116 -40.13 18.30 -5.25
N ASP C 117 -39.69 19.52 -5.55
CA ASP C 117 -40.17 20.37 -6.61
C ASP C 117 -39.18 20.36 -7.78
N GLU C 118 -39.69 20.71 -8.97
CA GLU C 118 -38.90 20.72 -10.20
C GLU C 118 -37.50 21.30 -10.05
N TYR C 119 -37.33 22.36 -9.25
CA TYR C 119 -35.99 22.92 -9.08
C TYR C 119 -35.12 21.97 -8.30
N GLY C 120 -35.63 21.44 -7.18
CA GLY C 120 -34.90 20.45 -6.42
C GLY C 120 -34.51 19.27 -7.30
N ARG C 121 -35.39 18.89 -8.23
CA ARG C 121 -35.10 17.81 -9.15
C ARG C 121 -34.01 18.23 -10.13
N LEU C 122 -34.17 19.41 -10.74
CA LEU C 122 -33.16 19.89 -11.67
C LEU C 122 -31.82 20.08 -10.98
N LEU C 123 -31.85 20.50 -9.72
CA LEU C 123 -30.62 20.73 -8.97
C LEU C 123 -29.86 19.42 -8.79
N ARG C 124 -30.54 18.41 -8.23
CA ARG C 124 -29.92 17.11 -8.02
C ARG C 124 -29.45 16.47 -9.33
N ARG C 125 -30.28 16.54 -10.38
CA ARG C 125 -29.86 15.94 -11.65
C ARG C 125 -28.65 16.64 -12.24
N THR C 126 -28.59 17.97 -12.09
CA THR C 126 -27.47 18.71 -12.67
C THR C 126 -26.18 18.46 -11.91
N LEU C 127 -26.28 18.30 -10.58
CA LEU C 127 -25.08 17.99 -9.80
C LEU C 127 -24.46 16.67 -10.24
N MET C 128 -25.27 15.60 -10.30
CA MET C 128 -24.76 14.31 -10.78
C MET C 128 -24.16 14.41 -12.17
N ARG C 129 -24.83 15.11 -13.09
CA ARG C 129 -24.30 15.22 -14.44
C ARG C 129 -22.95 15.92 -14.47
N TYR C 130 -22.70 16.83 -13.52
CA TYR C 130 -21.40 17.47 -13.49
C TYR C 130 -20.33 16.45 -13.10
N SER C 131 -20.69 15.49 -12.25
CA SER C 131 -19.77 14.40 -11.90
C SER C 131 -19.53 13.51 -13.11
N ASN C 132 -20.60 12.99 -13.71
CA ASN C 132 -20.46 12.12 -14.87
C ASN C 132 -19.71 12.83 -16.00
N LEU C 133 -19.86 14.15 -16.11
CA LEU C 133 -19.14 14.88 -17.15
C LEU C 133 -17.65 14.94 -16.84
N CYS C 134 -17.30 15.16 -15.56
CA CYS C 134 -15.90 15.17 -15.17
C CYS C 134 -15.24 13.84 -15.56
N SER C 135 -16.00 12.74 -15.45
CA SER C 135 -15.52 11.41 -15.81
C SER C 135 -15.45 11.20 -17.31
N VAL C 136 -16.58 11.36 -18.00
CA VAL C 136 -16.62 11.18 -19.46
C VAL C 136 -15.51 11.99 -20.13
N LEU C 137 -15.25 13.20 -19.65
CA LEU C 137 -14.20 14.01 -20.26
C LEU C 137 -12.82 13.35 -20.12
N ILE C 138 -12.51 12.81 -18.94
CA ILE C 138 -11.21 12.15 -18.75
C ILE C 138 -11.15 10.80 -19.44
N LEU C 139 -12.25 10.03 -19.40
CA LEU C 139 -12.26 8.73 -20.06
C LEU C 139 -12.00 8.85 -21.55
N ARG C 140 -12.59 9.85 -22.21
CA ARG C 140 -12.37 9.99 -23.64
C ARG C 140 -10.98 10.52 -23.94
N SER C 141 -10.23 10.91 -22.91
CA SER C 141 -8.86 11.37 -23.06
C SER C 141 -7.87 10.23 -22.93
N VAL C 142 -8.23 9.18 -22.21
CA VAL C 142 -7.32 8.07 -21.93
C VAL C 142 -7.76 6.76 -22.59
N SER C 143 -9.02 6.60 -22.95
CA SER C 143 -9.53 5.36 -23.53
C SER C 143 -9.84 5.54 -25.01
N THR C 144 -9.20 4.72 -25.85
CA THR C 144 -9.48 4.80 -27.29
C THR C 144 -10.87 4.28 -27.58
N ALA C 145 -11.38 3.36 -26.76
CA ALA C 145 -12.72 2.83 -26.94
C ALA C 145 -13.75 3.92 -26.71
N VAL C 146 -13.50 4.78 -25.73
CA VAL C 146 -14.42 5.88 -25.43
C VAL C 146 -14.24 7.00 -26.44
N TYR C 147 -12.99 7.39 -26.72
CA TYR C 147 -12.74 8.47 -27.67
C TYR C 147 -13.40 8.18 -29.03
N LYS C 148 -13.33 6.93 -29.51
CA LYS C 148 -13.95 6.64 -30.79
C LYS C 148 -15.47 6.78 -30.73
N ARG C 149 -16.03 6.87 -29.54
CA ARG C 149 -17.46 7.08 -29.36
C ARG C 149 -17.77 8.55 -29.13
N PHE C 150 -16.79 9.32 -28.64
CA PHE C 150 -16.93 10.76 -28.42
C PHE C 150 -15.73 11.48 -29.03
N PRO C 151 -15.53 11.32 -30.33
CA PRO C 151 -14.32 11.90 -30.96
C PRO C 151 -14.21 13.40 -30.85
N SER C 152 -15.34 14.09 -30.73
CA SER C 152 -15.37 15.55 -30.64
C SER C 152 -16.29 15.94 -29.51
N MET C 153 -16.08 17.16 -29.00
CA MET C 153 -16.91 17.65 -27.91
C MET C 153 -18.37 17.75 -28.31
N GLU C 154 -18.66 17.78 -29.62
CA GLU C 154 -20.04 17.80 -30.08
C GLU C 154 -20.71 16.47 -29.79
N HIS C 155 -19.98 15.35 -29.95
CA HIS C 155 -20.55 14.04 -29.64
C HIS C 155 -20.98 13.99 -28.18
N VAL C 156 -20.18 14.56 -27.28
CA VAL C 156 -20.52 14.58 -25.87
C VAL C 156 -21.84 15.28 -25.65
N VAL C 157 -22.03 16.42 -26.31
CA VAL C 157 -23.27 17.18 -26.19
C VAL C 157 -24.44 16.38 -26.77
N ARG C 158 -24.33 15.95 -28.04
CA ARG C 158 -25.41 15.22 -28.68
C ARG C 158 -25.77 13.93 -27.97
N ALA C 159 -24.86 13.36 -27.18
CA ALA C 159 -25.13 12.13 -26.46
C ALA C 159 -25.89 12.39 -25.17
N GLY C 160 -26.04 13.66 -24.78
CA GLY C 160 -26.80 14.01 -23.61
C GLY C 160 -25.98 14.03 -22.33
N LEU C 161 -24.67 14.10 -22.45
CA LEU C 161 -23.77 14.16 -21.31
C LEU C 161 -23.40 15.60 -20.96
N MET C 162 -23.69 16.54 -21.84
CA MET C 162 -23.38 17.94 -21.64
C MET C 162 -24.41 18.76 -22.40
N THR C 163 -24.93 19.82 -21.75
CA THR C 163 -25.89 20.67 -22.43
C THR C 163 -25.18 21.68 -23.31
N PRO C 164 -25.86 22.18 -24.35
CA PRO C 164 -25.22 23.19 -25.23
C PRO C 164 -24.84 24.47 -24.50
N GLU C 165 -25.56 24.84 -23.42
CA GLU C 165 -25.14 25.99 -22.64
C GLU C 165 -23.84 25.68 -21.91
N GLU C 166 -23.77 24.49 -21.33
CA GLU C 166 -22.54 24.06 -20.67
C GLU C 166 -21.39 24.05 -21.64
N HIS C 167 -21.63 23.60 -22.88
CA HIS C 167 -20.59 23.62 -23.89
C HIS C 167 -20.18 25.06 -24.20
N LYS C 168 -21.14 25.98 -24.15
CA LYS C 168 -20.83 27.39 -24.39
C LYS C 168 -19.96 27.93 -23.27
N LYS C 169 -20.36 27.64 -22.02
CA LYS C 169 -19.58 28.03 -20.86
C LYS C 169 -18.23 27.37 -20.90
N PHE C 170 -18.21 26.11 -21.34
CA PHE C 170 -16.97 25.36 -21.49
C PHE C 170 -16.01 26.11 -22.41
N GLU C 171 -16.47 26.47 -23.60
CA GLU C 171 -15.65 27.19 -24.56
C GLU C 171 -15.27 28.57 -24.04
N SER C 172 -16.18 29.23 -23.30
CA SER C 172 -15.91 30.58 -22.81
C SER C 172 -14.68 30.65 -21.92
N LEU C 173 -14.40 29.58 -21.17
CA LEU C 173 -13.24 29.51 -20.29
C LEU C 173 -11.99 29.20 -21.09
N ASN C 174 -11.12 30.19 -21.28
CA ASN C 174 -9.94 30.05 -22.12
C ASN C 174 -8.81 29.37 -21.35
N SER C 175 -8.43 28.17 -21.80
CA SER C 175 -7.34 27.43 -21.18
C SER C 175 -6.75 26.48 -22.20
N PRO C 176 -5.41 26.41 -22.30
CA PRO C 176 -4.77 25.52 -23.27
C PRO C 176 -4.70 24.07 -22.82
N HIS C 177 -5.05 23.78 -21.57
CA HIS C 177 -4.92 22.46 -21.00
C HIS C 177 -6.26 21.72 -21.05
N ASN C 178 -6.19 20.41 -20.77
CA ASN C 178 -7.37 19.57 -20.73
C ASN C 178 -8.35 20.10 -19.70
N LYS C 179 -9.58 20.38 -20.13
CA LYS C 179 -10.61 20.98 -19.30
C LYS C 179 -11.44 19.95 -18.53
N PHE C 180 -10.99 18.70 -18.41
CA PHE C 180 -11.77 17.70 -17.70
C PHE C 180 -12.09 18.12 -16.28
N TRP C 181 -11.31 19.05 -15.73
CA TRP C 181 -11.47 19.52 -14.36
C TRP C 181 -12.58 20.56 -14.23
N ILE C 182 -13.03 21.16 -15.33
CA ILE C 182 -14.07 22.19 -15.32
C ILE C 182 -15.34 21.71 -14.62
N PRO C 183 -16.02 20.64 -15.09
CA PRO C 183 -17.25 20.20 -14.40
C PRO C 183 -17.05 19.99 -12.92
N CYS C 184 -15.83 19.64 -12.53
CA CYS C 184 -15.56 19.41 -11.12
C CYS C 184 -15.58 20.74 -10.35
N VAL C 185 -15.25 21.85 -11.01
CA VAL C 185 -15.33 23.16 -10.37
C VAL C 185 -16.80 23.64 -10.33
N TRP C 186 -17.50 23.52 -11.45
CA TRP C 186 -18.93 23.83 -11.52
C TRP C 186 -19.68 23.16 -10.38
N PHE C 187 -19.42 21.88 -10.17
CA PHE C 187 -20.08 21.14 -9.10
C PHE C 187 -19.91 21.84 -7.76
N SER C 188 -18.67 22.15 -7.38
CA SER C 188 -18.44 22.79 -6.10
C SER C 188 -19.17 24.14 -6.01
N ASN C 189 -19.15 24.92 -7.09
CA ASN C 189 -19.90 26.18 -7.09
C ASN C 189 -21.40 25.94 -6.99
N LEU C 190 -21.92 24.99 -7.79
CA LEU C 190 -23.36 24.70 -7.75
C LEU C 190 -23.76 24.13 -6.40
N ALA C 191 -22.88 23.36 -5.76
CA ALA C 191 -23.20 22.80 -4.46
C ALA C 191 -23.28 23.89 -3.41
N VAL C 192 -22.40 24.89 -3.53
CA VAL C 192 -22.40 26.01 -2.58
C VAL C 192 -23.63 26.88 -2.82
N LYS C 193 -23.90 27.21 -4.09
CA LYS C 193 -25.10 27.97 -4.42
C LYS C 193 -26.33 27.26 -3.90
N ALA C 194 -26.38 25.93 -4.02
CA ALA C 194 -27.50 25.15 -3.52
C ALA C 194 -27.63 25.33 -2.01
N ARG C 195 -26.50 25.43 -1.31
CA ARG C 195 -26.54 25.59 0.14
C ARG C 195 -27.03 26.96 0.52
N ASN C 196 -26.65 27.99 -0.24
CA ASN C 196 -27.08 29.35 0.04
C ASN C 196 -28.57 29.54 -0.23
N GLU C 197 -29.12 28.80 -1.19
CA GLU C 197 -30.55 28.82 -1.47
C GLU C 197 -31.36 28.03 -0.45
N GLY C 198 -30.70 27.47 0.56
CA GLY C 198 -31.34 26.70 1.60
C GLY C 198 -31.62 25.26 1.24
N ARG C 199 -31.10 24.78 0.11
CA ARG C 199 -31.34 23.41 -0.32
C ARG C 199 -30.41 22.43 0.37
N ILE C 200 -29.34 22.92 1.00
CA ILE C 200 -28.41 22.12 1.79
C ILE C 200 -28.31 22.68 3.18
N ARG C 201 -28.85 21.96 4.15
CA ARG C 201 -28.91 22.45 5.51
C ARG C 201 -27.63 23.07 6.07
N ASP C 202 -26.70 22.23 6.52
CA ASP C 202 -25.49 22.69 7.15
C ASP C 202 -24.32 22.73 6.17
N SER C 203 -23.18 23.19 6.69
CA SER C 203 -21.91 23.18 5.98
C SER C 203 -21.24 21.82 6.18
N VAL C 204 -21.59 21.15 7.28
CA VAL C 204 -21.11 19.79 7.52
C VAL C 204 -21.58 18.88 6.39
N LEU C 205 -22.85 19.01 6.00
CA LEU C 205 -23.38 18.23 4.89
C LEU C 205 -22.81 18.73 3.57
N LEU C 206 -22.52 20.03 3.47
CA LEU C 206 -21.98 20.57 2.23
C LEU C 206 -20.54 20.12 2.03
N GLN C 207 -19.73 20.22 3.10
CA GLN C 207 -18.34 19.80 3.01
C GLN C 207 -18.26 18.30 2.74
N GLY C 208 -19.18 17.52 3.33
CA GLY C 208 -19.23 16.10 3.05
C GLY C 208 -19.45 15.79 1.59
N ILE C 209 -20.25 16.61 0.92
CA ILE C 209 -20.49 16.42 -0.51
C ILE C 209 -19.29 16.91 -1.29
N LEU C 210 -18.66 17.99 -0.82
CA LEU C 210 -17.47 18.51 -1.47
C LEU C 210 -16.31 17.54 -1.35
N ASN C 211 -16.22 16.80 -0.24
CA ASN C 211 -15.15 15.83 -0.08
C ASN C 211 -15.26 14.69 -1.09
N GLU C 212 -16.44 14.09 -1.21
CA GLU C 212 -16.63 13.02 -2.19
C GLU C 212 -16.38 13.52 -3.60
N LEU C 213 -16.62 14.80 -3.87
CA LEU C 213 -16.28 15.35 -5.17
C LEU C 213 -14.77 15.36 -5.35
N ASN C 214 -14.04 15.91 -4.37
CA ASN C 214 -12.59 15.95 -4.42
C ASN C 214 -12.01 14.55 -4.63
N THR C 215 -12.60 13.56 -3.96
CA THR C 215 -12.17 12.17 -4.16
C THR C 215 -12.32 11.77 -5.62
N LEU C 216 -13.46 12.10 -6.23
CA LEU C 216 -13.66 11.79 -7.64
C LEU C 216 -12.63 12.52 -8.50
N ARG C 217 -12.27 13.74 -8.13
CA ARG C 217 -11.24 14.47 -8.87
C ARG C 217 -9.91 13.74 -8.78
N SER C 218 -9.55 13.24 -7.60
CA SER C 218 -8.31 12.50 -7.45
C SER C 218 -8.32 11.24 -8.31
N GLN C 219 -9.49 10.62 -8.46
CA GLN C 219 -9.61 9.46 -9.33
C GLN C 219 -9.27 9.83 -10.76
N CYS C 220 -9.87 10.91 -11.27
CA CYS C 220 -9.60 11.36 -12.62
C CYS C 220 -8.12 11.72 -12.79
N GLY C 221 -7.51 12.25 -11.73
CA GLY C 221 -6.09 12.59 -11.81
C GLY C 221 -5.23 11.34 -11.95
N ARG C 222 -5.58 10.28 -11.22
CA ARG C 222 -4.83 9.03 -11.33
C ARG C 222 -4.90 8.49 -12.75
N LEU C 223 -6.10 8.53 -13.35
CA LEU C 223 -6.25 8.08 -14.73
C LEU C 223 -5.39 8.91 -15.65
N TYR C 224 -5.37 10.23 -15.45
CA TYR C 224 -4.52 11.10 -16.25
C TYR C 224 -3.05 10.75 -16.06
N GLY C 225 -2.64 10.50 -14.81
CA GLY C 225 -1.25 10.16 -14.52
C GLY C 225 -0.78 8.90 -15.22
N TYR C 226 -1.58 7.82 -15.13
CA TYR C 226 -1.18 6.57 -15.76
C TYR C 226 -1.16 6.68 -17.27
N ASP C 227 -2.01 7.54 -17.84
CA ASP C 227 -2.01 7.75 -19.28
C ASP C 227 -0.80 8.59 -19.70
N TRP C 228 -0.47 9.60 -18.91
CA TRP C 228 0.64 10.49 -19.22
C TRP C 228 1.98 9.80 -18.99
N ILE C 229 2.18 9.26 -17.78
CA ILE C 229 3.43 8.62 -17.40
C ILE C 229 3.40 7.15 -17.82
N SER C 230 3.88 6.89 -19.03
CA SER C 230 3.97 5.52 -19.53
C SER C 230 5.08 4.81 -18.76
N ILE C 231 5.08 3.47 -18.84
CA ILE C 231 6.25 2.78 -18.30
C ILE C 231 7.45 3.22 -19.12
N PRO C 232 8.55 3.65 -18.50
CA PRO C 232 9.72 4.13 -19.26
C PRO C 232 10.05 3.29 -20.47
N LEU C 233 10.16 3.96 -21.62
CA LEU C 233 10.37 3.28 -22.90
C LEU C 233 11.57 2.35 -22.86
N VAL C 234 12.68 2.80 -22.25
CA VAL C 234 13.89 1.97 -22.18
C VAL C 234 13.58 0.62 -21.53
N TYR C 235 12.77 0.61 -20.48
CA TYR C 235 12.42 -0.65 -19.82
C TYR C 235 11.66 -1.56 -20.77
N THR C 236 10.66 -1.01 -21.46
CA THR C 236 9.90 -1.79 -22.42
C THR C 236 10.79 -2.36 -23.52
N GLN C 237 11.72 -1.55 -24.03
CA GLN C 237 12.61 -2.03 -25.09
C GLN C 237 13.51 -3.15 -24.59
N VAL C 238 14.03 -3.03 -23.38
CA VAL C 238 14.89 -4.05 -22.78
C VAL C 238 14.20 -5.42 -22.80
N VAL C 239 12.95 -5.48 -22.33
CA VAL C 239 12.28 -6.79 -22.25
C VAL C 239 11.95 -7.35 -23.63
N THR C 240 11.73 -6.50 -24.64
CA THR C 240 11.48 -7.06 -25.96
C THR C 240 12.76 -7.55 -26.60
N VAL C 241 13.86 -6.84 -26.34
CA VAL C 241 15.16 -7.26 -26.84
C VAL C 241 15.53 -8.62 -26.24
N ALA C 242 15.33 -8.75 -24.93
CA ALA C 242 15.63 -10.02 -24.26
C ALA C 242 14.78 -11.16 -24.82
N VAL C 243 13.48 -10.94 -24.96
CA VAL C 243 12.59 -11.97 -25.49
C VAL C 243 13.00 -12.32 -26.92
N TYR C 244 13.18 -11.31 -27.75
CA TYR C 244 13.54 -11.54 -29.15
C TYR C 244 14.91 -12.17 -29.29
N SER C 245 15.85 -11.80 -28.41
CA SER C 245 17.16 -12.46 -28.44
C SER C 245 16.98 -13.97 -28.29
N PHE C 246 16.11 -14.38 -27.36
CA PHE C 246 15.83 -15.80 -27.17
C PHE C 246 15.24 -16.44 -28.41
N PHE C 247 14.18 -15.85 -28.97
CA PHE C 247 13.56 -16.48 -30.13
C PHE C 247 14.49 -16.44 -31.34
N LEU C 248 15.40 -15.47 -31.40
CA LEU C 248 16.38 -15.46 -32.47
C LEU C 248 17.31 -16.67 -32.35
N ALA C 249 17.80 -16.92 -31.14
CA ALA C 249 18.63 -18.09 -30.88
C ALA C 249 17.90 -19.38 -31.23
N CYS C 250 16.64 -19.51 -30.78
CA CYS C 250 15.87 -20.72 -31.07
C CYS C 250 15.68 -20.97 -32.55
N LEU C 251 15.48 -19.91 -33.34
CA LEU C 251 15.26 -20.08 -34.77
C LEU C 251 16.33 -20.95 -35.42
N ILE C 252 17.58 -20.79 -35.00
CA ILE C 252 18.70 -21.57 -35.53
C ILE C 252 19.13 -22.67 -34.57
N GLY C 253 19.35 -22.31 -33.30
CA GLY C 253 19.78 -23.28 -32.30
C GLY C 253 18.87 -24.49 -32.15
N ARG C 254 17.57 -24.30 -32.24
CA ARG C 254 16.61 -25.39 -32.06
C ARG C 254 16.35 -26.18 -33.33
N GLN C 255 17.12 -25.95 -34.38
CA GLN C 255 17.00 -26.74 -35.60
C GLN C 255 17.40 -28.19 -35.31
N PHE C 256 16.71 -29.13 -35.94
CA PHE C 256 17.03 -30.55 -35.78
C PHE C 256 18.25 -30.86 -36.63
N LEU C 257 19.38 -31.08 -35.99
CA LEU C 257 20.62 -31.35 -36.71
C LEU C 257 20.64 -32.81 -37.18
N ASP C 258 21.64 -33.12 -38.00
CA ASP C 258 21.83 -34.46 -38.53
C ASP C 258 21.96 -35.50 -37.42
N PRO C 259 21.07 -36.50 -37.37
CA PRO C 259 21.20 -37.53 -36.33
C PRO C 259 22.45 -38.37 -36.52
N GLU C 260 22.84 -38.63 -37.78
CA GLU C 260 24.02 -39.44 -38.06
C GLU C 260 25.27 -38.83 -37.44
N LYS C 261 25.44 -37.51 -37.54
CA LYS C 261 26.62 -36.87 -36.97
C LYS C 261 26.70 -37.04 -35.45
N ALA C 262 25.63 -37.48 -34.80
CA ALA C 262 25.62 -37.82 -33.39
C ALA C 262 26.12 -36.69 -32.50
N TYR C 263 25.53 -35.50 -32.65
CA TYR C 263 25.90 -34.39 -31.79
C TYR C 263 25.27 -34.62 -30.41
N PRO C 264 26.03 -34.46 -29.33
CA PRO C 264 25.46 -34.61 -27.99
C PRO C 264 24.29 -33.67 -27.79
N GLY C 265 23.11 -34.24 -27.55
CA GLY C 265 21.90 -33.49 -27.39
C GLY C 265 20.99 -33.53 -28.59
N HIS C 266 21.50 -33.94 -29.76
CA HIS C 266 20.69 -33.98 -30.96
C HIS C 266 20.69 -35.37 -31.58
N GLU C 267 20.20 -36.35 -30.82
CA GLU C 267 20.17 -37.73 -31.27
C GLU C 267 18.91 -38.10 -32.06
N LEU C 268 17.84 -37.32 -31.94
CA LEU C 268 16.56 -37.63 -32.56
C LEU C 268 16.06 -36.47 -33.42
N ASP C 269 15.58 -36.79 -34.63
CA ASP C 269 15.03 -35.81 -35.56
C ASP C 269 13.51 -35.98 -35.61
N LEU C 270 12.77 -35.00 -35.07
CA LEU C 270 11.32 -35.02 -35.09
C LEU C 270 10.72 -34.06 -36.12
N PHE C 271 11.56 -33.30 -36.83
CA PHE C 271 11.16 -32.30 -37.83
C PHE C 271 10.39 -31.13 -37.22
N VAL C 272 9.45 -31.39 -36.32
CA VAL C 272 8.67 -30.35 -35.66
C VAL C 272 9.15 -30.23 -34.20
N PRO C 273 9.73 -29.00 -33.78
CA PRO C 273 10.25 -28.74 -32.42
C PRO C 273 9.11 -28.49 -31.43
N VAL C 274 8.47 -29.59 -31.03
CA VAL C 274 7.31 -29.52 -30.13
C VAL C 274 7.59 -28.63 -28.92
N PHE C 275 8.63 -28.95 -28.16
CA PHE C 275 8.91 -28.20 -26.93
C PHE C 275 9.40 -26.79 -27.20
N THR C 276 10.01 -26.53 -28.35
CA THR C 276 10.44 -25.16 -28.61
C THR C 276 9.22 -24.30 -28.92
N PHE C 277 8.24 -24.88 -29.63
CA PHE C 277 7.00 -24.18 -29.91
C PHE C 277 6.22 -23.98 -28.62
N LEU C 278 6.28 -24.98 -27.71
CA LEU C 278 5.62 -24.82 -26.42
C LEU C 278 6.32 -23.74 -25.61
N GLN C 279 7.63 -23.57 -25.80
CA GLN C 279 8.33 -22.49 -25.12
C GLN C 279 7.95 -21.14 -25.73
N PHE C 280 7.67 -21.13 -27.03
CA PHE C 280 7.27 -19.88 -27.68
C PHE C 280 5.93 -19.41 -27.12
N PHE C 281 4.94 -20.30 -27.04
CA PHE C 281 3.66 -19.92 -26.46
C PHE C 281 3.85 -19.40 -25.04
N PHE C 282 4.70 -20.07 -24.27
CA PHE C 282 4.96 -19.65 -22.90
C PHE C 282 5.50 -18.21 -22.89
N TYR C 283 6.67 -17.97 -23.48
CA TYR C 283 7.28 -16.64 -23.40
C TYR C 283 6.60 -15.62 -24.31
N ALA C 284 6.24 -15.97 -25.54
CA ALA C 284 5.54 -14.96 -26.34
C ALA C 284 4.19 -14.65 -25.72
N GLY C 285 3.51 -15.67 -25.18
CA GLY C 285 2.25 -15.43 -24.50
C GLY C 285 2.45 -14.65 -23.20
N TRP C 286 3.55 -14.90 -22.50
CA TRP C 286 3.84 -14.18 -21.27
C TRP C 286 4.09 -12.72 -21.58
N LEU C 287 4.77 -12.44 -22.69
CA LEU C 287 4.99 -11.06 -23.09
C LEU C 287 3.68 -10.42 -23.51
N LYS C 288 2.77 -11.21 -24.10
CA LYS C 288 1.48 -10.69 -24.50
C LYS C 288 0.64 -10.27 -23.30
N VAL C 289 0.87 -10.86 -22.13
CA VAL C 289 0.16 -10.42 -20.94
C VAL C 289 0.45 -8.95 -20.69
N ALA C 290 1.74 -8.59 -20.68
CA ALA C 290 2.11 -7.20 -20.53
C ALA C 290 1.66 -6.40 -21.73
N GLU C 291 1.84 -6.94 -22.93
CA GLU C 291 1.44 -6.26 -24.16
C GLU C 291 -0.02 -5.84 -24.11
N GLN C 292 -0.89 -6.68 -23.54
CA GLN C 292 -2.31 -6.35 -23.49
C GLN C 292 -2.67 -5.42 -22.33
N LEU C 293 -2.10 -5.63 -21.15
CA LEU C 293 -2.47 -4.82 -19.98
C LEU C 293 -1.68 -3.52 -19.84
N ILE C 294 -0.70 -3.26 -20.71
CA ILE C 294 0.07 -2.02 -20.56
C ILE C 294 -0.81 -0.81 -20.80
N ASN C 295 -1.94 -0.98 -21.47
CA ASN C 295 -2.92 0.09 -21.69
C ASN C 295 -4.28 -0.59 -21.62
N PRO C 296 -4.87 -0.67 -20.42
CA PRO C 296 -6.12 -1.38 -20.23
C PRO C 296 -7.35 -0.64 -20.73
N PHE C 297 -7.18 0.54 -21.31
CA PHE C 297 -8.28 1.35 -21.79
C PHE C 297 -8.37 1.30 -23.32
N GLY C 298 -7.64 0.38 -23.94
CA GLY C 298 -7.68 0.19 -25.37
C GLY C 298 -8.87 -0.66 -25.78
N GLU C 299 -8.75 -1.29 -26.93
CA GLU C 299 -9.83 -2.11 -27.49
C GLU C 299 -9.50 -3.61 -27.46
N ASP C 300 -8.64 -4.06 -26.55
CA ASP C 300 -8.38 -5.48 -26.44
C ASP C 300 -9.55 -6.19 -25.79
N ASP C 301 -9.61 -7.50 -26.02
CA ASP C 301 -10.67 -8.32 -25.42
C ASP C 301 -10.68 -8.17 -23.91
N ASP C 302 -9.50 -8.15 -23.29
CA ASP C 302 -9.39 -8.02 -21.85
C ASP C 302 -9.19 -6.58 -21.38
N ASP C 303 -9.31 -5.61 -22.27
CA ASP C 303 -9.27 -4.22 -21.84
C ASP C 303 -10.60 -3.84 -21.22
N PHE C 304 -10.55 -2.88 -20.28
CA PHE C 304 -11.74 -2.51 -19.53
C PHE C 304 -12.90 -2.08 -20.44
N GLU C 305 -14.11 -2.38 -19.95
CA GLU C 305 -15.36 -2.05 -20.63
C GLU C 305 -15.80 -0.65 -20.19
N THR C 306 -15.07 0.35 -20.69
CA THR C 306 -15.30 1.72 -20.24
C THR C 306 -16.61 2.31 -20.76
N ASN C 307 -17.05 1.91 -21.96
CA ASN C 307 -18.29 2.49 -22.48
C ASN C 307 -19.51 1.96 -21.72
N TRP C 308 -19.49 0.69 -21.34
CA TRP C 308 -20.60 0.16 -20.55
C TRP C 308 -20.67 0.85 -19.19
N LEU C 309 -19.51 1.08 -18.59
CA LEU C 309 -19.45 1.76 -17.31
C LEU C 309 -20.11 3.13 -17.40
N ILE C 310 -19.79 3.88 -18.45
CA ILE C 310 -20.41 5.19 -18.67
C ILE C 310 -21.94 5.09 -18.71
N ASP C 311 -22.45 4.14 -19.50
CA ASP C 311 -23.90 3.95 -19.59
C ASP C 311 -24.51 3.58 -18.24
N ARG C 312 -23.94 2.58 -17.57
CA ARG C 312 -24.49 2.17 -16.28
C ARG C 312 -24.49 3.34 -15.30
N ASN C 313 -23.38 4.09 -15.24
CA ASN C 313 -23.30 5.19 -14.29
C ASN C 313 -24.34 6.26 -14.60
N LEU C 314 -24.52 6.61 -15.88
CA LEU C 314 -25.53 7.59 -16.25
C LEU C 314 -26.92 7.19 -15.75
N GLN C 315 -27.36 5.99 -16.12
CA GLN C 315 -28.66 5.48 -15.70
C GLN C 315 -28.82 5.49 -14.18
N VAL C 316 -27.94 4.79 -13.47
CA VAL C 316 -28.03 4.67 -12.01
C VAL C 316 -27.92 6.02 -11.32
N SER C 317 -26.95 6.85 -11.71
CA SER C 317 -26.76 8.16 -11.09
C SER C 317 -28.05 8.97 -11.00
N LEU C 318 -28.57 9.38 -12.15
CA LEU C 318 -29.80 10.17 -12.19
C LEU C 318 -30.94 9.49 -11.45
N MET C 319 -31.12 8.19 -11.67
CA MET C 319 -32.20 7.45 -11.01
C MET C 319 -32.14 7.55 -9.48
N ALA C 320 -30.94 7.54 -8.90
CA ALA C 320 -30.84 7.54 -7.45
C ALA C 320 -31.12 8.91 -6.84
N VAL C 321 -30.78 9.99 -7.55
CA VAL C 321 -30.99 11.33 -7.02
C VAL C 321 -32.33 11.94 -7.44
N ASP C 322 -33.04 11.32 -8.40
CA ASP C 322 -34.33 11.83 -8.85
C ASP C 322 -35.43 10.94 -8.32
N GLU C 323 -35.79 9.85 -9.01
CA GLU C 323 -36.85 8.95 -8.58
C GLU C 323 -36.71 8.46 -7.14
N MET C 324 -35.52 8.51 -6.57
CA MET C 324 -35.29 7.95 -5.24
C MET C 324 -35.09 9.00 -4.17
N HIS C 325 -35.18 10.29 -4.51
CA HIS C 325 -35.02 11.33 -3.49
C HIS C 325 -36.14 11.24 -2.46
N GLN C 326 -35.75 11.09 -1.20
CA GLN C 326 -36.66 10.94 -0.06
C GLN C 326 -37.81 9.97 -0.37
N ASP C 327 -37.56 9.00 -1.24
CA ASP C 327 -38.56 8.01 -1.65
C ASP C 327 -38.16 6.66 -1.09
N LEU C 328 -38.83 6.23 -0.05
CA LEU C 328 -38.47 4.98 0.62
C LEU C 328 -39.61 3.99 0.53
N PRO C 329 -39.36 2.71 0.82
CA PRO C 329 -40.47 1.75 0.87
C PRO C 329 -41.20 1.88 2.20
N ILE C 330 -42.31 1.17 2.31
CA ILE C 330 -43.11 1.25 3.52
C ILE C 330 -42.37 0.54 4.65
N LEU C 331 -42.09 1.29 5.72
CA LEU C 331 -41.41 0.69 6.87
C LEU C 331 -42.29 -0.39 7.49
N GLU C 332 -41.74 -1.59 7.61
CA GLU C 332 -42.42 -2.71 8.25
C GLU C 332 -41.56 -3.24 9.37
N LYS C 333 -42.18 -4.02 10.24
CA LYS C 333 -41.42 -4.78 11.21
C LYS C 333 -40.73 -5.92 10.48
N ASP C 334 -39.47 -6.16 10.81
CA ASP C 334 -38.75 -7.19 10.09
C ASP C 334 -39.22 -8.57 10.57
N LEU C 335 -38.95 -9.57 9.74
CA LEU C 335 -39.41 -10.93 10.03
C LEU C 335 -38.82 -11.46 11.34
N TYR C 336 -37.77 -10.83 11.86
CA TYR C 336 -37.09 -11.27 13.06
C TYR C 336 -37.29 -10.27 14.20
N TRP C 337 -38.34 -9.46 14.12
CA TRP C 337 -38.65 -8.43 15.12
C TRP C 337 -38.57 -8.97 16.54
N ASN C 338 -39.21 -10.10 16.80
CA ASN C 338 -39.22 -10.71 18.12
C ASN C 338 -38.24 -11.86 18.22
N GLU C 339 -37.34 -12.01 17.25
CA GLU C 339 -36.36 -13.08 17.29
C GLU C 339 -34.96 -12.51 17.50
N PRO C 340 -34.40 -12.64 18.70
CA PRO C 340 -33.04 -12.12 18.95
C PRO C 340 -31.94 -12.88 18.25
N ASP C 341 -32.08 -14.20 18.12
CA ASP C 341 -31.08 -15.03 17.43
C ASP C 341 -31.68 -15.68 16.19
N PRO C 342 -31.86 -14.91 15.12
CA PRO C 342 -32.45 -15.46 13.89
C PRO C 342 -31.62 -16.60 13.30
N GLN C 343 -32.32 -17.55 12.69
CA GLN C 343 -31.72 -18.70 12.03
C GLN C 343 -32.23 -18.75 10.60
N PRO C 344 -31.76 -17.83 9.75
CA PRO C 344 -32.19 -17.79 8.34
C PRO C 344 -32.08 -19.16 7.68
N PRO C 345 -33.06 -19.53 6.87
CA PRO C 345 -33.08 -20.86 6.27
C PRO C 345 -31.94 -21.06 5.27
N TYR C 346 -31.79 -22.31 4.88
CA TYR C 346 -30.82 -22.72 3.88
C TYR C 346 -31.52 -23.59 2.85
N THR C 347 -31.11 -23.49 1.60
CA THR C 347 -31.66 -24.36 0.59
C THR C 347 -31.13 -25.78 0.79
N ALA C 348 -31.70 -26.73 0.04
CA ALA C 348 -31.28 -28.11 0.19
C ALA C 348 -29.80 -28.24 -0.15
N ALA C 349 -29.37 -27.57 -1.22
CA ALA C 349 -28.00 -27.64 -1.69
C ALA C 349 -26.99 -26.92 -0.80
N THR C 350 -27.42 -26.00 0.07
CA THR C 350 -26.48 -25.19 0.85
C THR C 350 -26.51 -25.45 2.35
N ALA C 351 -27.20 -26.49 2.82
CA ALA C 351 -27.27 -26.72 4.26
C ALA C 351 -25.92 -27.09 4.86
N GLU C 352 -25.03 -27.70 4.06
CA GLU C 352 -23.72 -28.05 4.57
C GLU C 352 -22.92 -26.81 4.95
N TYR C 353 -23.34 -25.64 4.48
CA TYR C 353 -22.64 -24.39 4.73
C TYR C 353 -23.13 -23.65 5.95
N LYS C 354 -24.07 -24.23 6.70
CA LYS C 354 -24.50 -23.64 7.98
C LYS C 354 -23.52 -24.15 9.03
N ARG C 355 -22.60 -23.30 9.43
CA ARG C 355 -21.51 -23.69 10.30
C ARG C 355 -21.67 -23.10 11.70
N PRO C 356 -21.04 -23.72 12.71
CA PRO C 356 -21.03 -23.10 14.03
C PRO C 356 -20.10 -21.90 14.03
N SER C 357 -20.38 -20.95 14.92
CA SER C 357 -19.60 -19.72 14.96
C SER C 357 -18.13 -19.99 15.29
N PHE C 358 -17.24 -19.38 14.52
CA PHE C 358 -15.81 -19.45 14.81
C PHE C 358 -15.48 -18.46 15.92
N LEU C 359 -15.10 -18.98 17.08
CA LEU C 359 -14.87 -18.13 18.25
C LEU C 359 -13.43 -17.64 18.34
N GLY C 360 -12.49 -18.43 17.86
CA GLY C 360 -11.08 -18.12 17.92
C GLY C 360 -10.28 -19.41 17.95
N SER C 361 -9.01 -19.30 17.54
CA SER C 361 -8.16 -20.50 17.50
C SER C 361 -7.89 -21.04 18.90
N THR C 362 -7.79 -20.15 19.89
CA THR C 362 -7.41 -20.55 21.25
C THR C 362 -8.48 -21.36 21.96
N PHE C 363 -9.74 -21.23 21.59
CA PHE C 363 -10.80 -21.89 22.33
C PHE C 363 -10.92 -23.36 21.98
N ASP C 364 -11.20 -24.17 23.00
CA ASP C 364 -11.40 -25.60 22.82
C ASP C 364 -12.75 -25.82 22.13
N ILE C 365 -12.73 -26.55 21.03
CA ILE C 365 -13.94 -26.86 20.28
C ILE C 365 -14.68 -28.06 20.89
N SER C 366 -15.63 -27.78 21.78
CA SER C 366 -16.39 -28.85 22.45
C SER C 366 -17.87 -28.51 22.55
N THR D 1 -11.57 -20.50 7.01
CA THR D 1 -12.53 -21.46 6.47
C THR D 1 -12.03 -22.89 6.75
N VAL D 2 -10.75 -23.14 6.47
CA VAL D 2 -10.09 -24.35 6.96
C VAL D 2 -8.99 -23.81 7.87
N THR D 3 -9.37 -23.50 9.11
CA THR D 3 -8.48 -22.85 10.07
C THR D 3 -7.67 -23.87 10.86
N TYR D 4 -6.34 -23.79 10.73
CA TYR D 4 -5.41 -24.61 11.49
C TYR D 4 -4.48 -23.71 12.30
N THR D 5 -4.89 -22.45 12.45
CA THR D 5 -4.13 -21.43 13.18
C THR D 5 -3.62 -21.91 14.54
N ASN D 6 -4.43 -22.65 15.29
CA ASN D 6 -4.01 -23.05 16.63
C ASN D 6 -2.96 -24.16 16.58
N ARG D 7 -3.00 -25.01 15.56
CA ARG D 7 -2.02 -26.07 15.42
C ARG D 7 -0.63 -25.52 15.16
N VAL D 8 -0.54 -24.42 14.40
CA VAL D 8 0.74 -23.86 14.03
C VAL D 8 1.09 -22.66 14.91
N ALA D 9 0.54 -22.63 16.13
CA ALA D 9 0.82 -21.52 17.04
C ALA D 9 2.29 -21.51 17.44
N ASP D 10 2.88 -22.67 17.68
CA ASP D 10 4.28 -22.77 18.06
C ASP D 10 5.08 -23.53 17.02
N ALA D 11 6.37 -23.23 16.97
CA ALA D 11 7.28 -23.88 16.04
C ALA D 11 7.95 -25.04 16.78
N ARG D 12 7.23 -26.16 16.84
CA ARG D 12 7.70 -27.35 17.52
C ARG D 12 8.21 -28.37 16.49
N LEU D 13 8.50 -29.59 16.97
CA LEU D 13 9.06 -30.63 16.10
C LEU D 13 8.21 -30.89 14.86
N GLY D 14 6.92 -31.16 15.05
CA GLY D 14 6.08 -31.51 13.92
C GLY D 14 5.04 -30.47 13.52
N THR D 15 5.33 -29.19 13.78
CA THR D 15 4.41 -28.11 13.45
C THR D 15 3.86 -28.23 12.04
N PHE D 16 4.73 -28.45 11.05
CA PHE D 16 4.28 -28.54 9.67
C PHE D 16 4.09 -29.97 9.19
N SER D 17 4.88 -30.91 9.71
CA SER D 17 4.74 -32.32 9.34
C SER D 17 3.35 -32.84 9.67
N GLN D 18 2.83 -32.48 10.86
CA GLN D 18 1.50 -32.89 11.27
C GLN D 18 0.43 -32.55 10.23
N LEU D 19 0.60 -31.42 9.53
CA LEU D 19 -0.39 -30.96 8.56
C LEU D 19 -0.42 -31.83 7.31
N LEU D 20 0.60 -32.67 7.10
CA LEU D 20 0.61 -33.55 5.95
C LEU D 20 -0.36 -34.71 6.11
N LEU D 21 -0.89 -34.92 7.30
CA LEU D 21 -1.84 -35.99 7.57
C LEU D 21 -3.29 -35.53 7.52
N GLN D 22 -3.53 -34.28 7.12
CA GLN D 22 -4.89 -33.73 7.07
C GLN D 22 -5.45 -33.79 5.65
N TRP D 23 -6.73 -34.16 5.53
CA TRP D 23 -7.40 -34.33 4.25
C TRP D 23 -8.22 -33.10 3.81
N LYS D 24 -8.99 -32.52 4.73
CA LYS D 24 -9.83 -31.37 4.39
C LYS D 24 -9.01 -30.21 3.83
N GLY D 25 -9.39 -29.74 2.65
CA GLY D 25 -8.68 -28.65 1.99
C GLY D 25 -7.22 -28.94 1.75
N SER D 26 -6.87 -30.21 1.59
CA SER D 26 -5.48 -30.64 1.44
C SER D 26 -5.06 -30.74 -0.02
N ILE D 27 -3.76 -30.96 -0.20
CA ILE D 27 -3.17 -31.13 -1.52
C ILE D 27 -3.63 -32.44 -2.14
N TYR D 28 -3.85 -33.48 -1.32
CA TYR D 28 -4.30 -34.78 -1.83
C TYR D 28 -5.68 -34.67 -2.44
N LYS D 29 -6.61 -34.03 -1.72
CA LYS D 29 -7.99 -33.92 -2.18
C LYS D 29 -8.08 -33.12 -3.47
N LEU D 30 -7.24 -32.10 -3.62
CA LEU D 30 -7.29 -31.27 -4.83
C LEU D 30 -6.56 -31.91 -6.01
N LEU D 31 -5.56 -32.76 -5.75
CA LEU D 31 -4.76 -33.36 -6.82
C LEU D 31 -5.20 -34.76 -7.21
N TYR D 32 -5.99 -35.42 -6.36
CA TYR D 32 -6.45 -36.81 -6.55
C TYR D 32 -6.63 -37.24 -7.99
N SER D 33 -7.64 -36.68 -8.66
CA SER D 33 -7.94 -37.07 -10.04
C SER D 33 -6.74 -36.86 -10.97
N GLU D 34 -6.16 -35.65 -10.94
CA GLU D 34 -5.02 -35.35 -11.80
C GLU D 34 -3.87 -36.33 -11.59
N PHE D 35 -3.52 -36.61 -10.32
CA PHE D 35 -2.44 -37.53 -10.02
C PHE D 35 -2.69 -38.91 -10.62
N LEU D 36 -3.90 -39.43 -10.44
CA LEU D 36 -4.25 -40.75 -10.97
C LEU D 36 -4.08 -40.79 -12.48
N ILE D 37 -4.51 -39.74 -13.17
CA ILE D 37 -4.34 -39.67 -14.62
C ILE D 37 -2.87 -39.66 -14.98
N PHE D 38 -2.07 -38.93 -14.21
CA PHE D 38 -0.62 -38.92 -14.44
C PHE D 38 -0.03 -40.30 -14.21
N ILE D 39 -0.29 -40.87 -13.03
CA ILE D 39 0.13 -42.22 -12.68
C ILE D 39 -0.17 -43.19 -13.81
N SER D 40 -1.44 -43.18 -14.25
CA SER D 40 -1.89 -44.09 -15.31
C SER D 40 -1.08 -43.86 -16.60
N LEU D 41 -1.13 -42.64 -17.13
CA LEU D 41 -0.39 -42.34 -18.35
C LEU D 41 1.06 -42.76 -18.24
N TYR D 42 1.69 -42.52 -17.08
CA TYR D 42 3.08 -42.91 -16.89
C TYR D 42 3.26 -44.42 -17.02
N PHE D 43 2.64 -45.18 -16.10
CA PHE D 43 2.79 -46.62 -16.10
C PHE D 43 2.26 -47.27 -17.37
N ALA D 44 1.28 -46.64 -18.04
CA ALA D 44 0.84 -47.16 -19.32
C ALA D 44 1.98 -47.11 -20.32
N ILE D 45 2.58 -45.93 -20.49
CA ILE D 45 3.76 -45.76 -21.34
C ILE D 45 4.85 -46.73 -20.91
N SER D 46 5.09 -46.85 -19.60
CA SER D 46 6.14 -47.73 -19.09
C SER D 46 5.95 -49.17 -19.57
N LEU D 47 4.71 -49.68 -19.53
CA LEU D 47 4.47 -51.06 -19.96
C LEU D 47 4.62 -51.22 -21.46
N VAL D 48 4.15 -50.24 -22.24
CA VAL D 48 4.33 -50.28 -23.69
C VAL D 48 5.80 -50.41 -24.05
N TYR D 49 6.66 -49.69 -23.33
CA TYR D 49 8.09 -49.75 -23.57
C TYR D 49 8.72 -51.07 -23.15
N ARG D 50 8.34 -51.57 -21.98
CA ARG D 50 8.92 -52.80 -21.44
C ARG D 50 8.39 -54.05 -22.15
N LEU D 51 7.11 -54.07 -22.51
CA LEU D 51 6.49 -55.28 -23.03
C LEU D 51 6.08 -55.28 -24.50
N ILE D 52 5.89 -54.14 -25.14
CA ILE D 52 5.35 -54.08 -26.50
C ILE D 52 6.43 -53.74 -27.53
N LEU D 53 7.10 -52.60 -27.35
CA LEU D 53 8.09 -52.13 -28.31
C LEU D 53 9.15 -53.18 -28.62
N SER D 54 9.57 -53.20 -29.88
CA SER D 54 10.63 -54.07 -30.35
C SER D 54 11.98 -53.47 -30.00
N GLU D 55 13.04 -54.29 -30.12
CA GLU D 55 14.39 -53.82 -29.81
C GLU D 55 14.70 -52.53 -30.56
N SER D 56 14.23 -52.43 -31.81
CA SER D 56 14.50 -51.23 -32.61
C SER D 56 13.62 -50.07 -32.16
N GLN D 57 12.36 -50.35 -31.84
CA GLN D 57 11.46 -49.30 -31.36
C GLN D 57 11.90 -48.79 -30.00
N ARG D 58 12.37 -49.70 -29.13
CA ARG D 58 12.85 -49.30 -27.82
C ARG D 58 13.99 -48.29 -27.96
N LEU D 59 14.83 -48.44 -28.98
CA LEU D 59 15.94 -47.51 -29.15
C LEU D 59 15.42 -46.13 -29.51
N MET D 60 14.33 -46.05 -30.27
CA MET D 60 13.74 -44.76 -30.61
C MET D 60 13.09 -44.15 -29.38
N PHE D 61 12.32 -44.95 -28.63
CA PHE D 61 11.71 -44.47 -27.40
C PHE D 61 12.76 -43.93 -26.46
N GLU D 62 13.89 -44.62 -26.34
CA GLU D 62 14.95 -44.16 -25.45
C GLU D 62 15.51 -42.84 -25.94
N LYS D 63 15.61 -42.67 -27.26
CA LYS D 63 16.10 -41.41 -27.80
C LYS D 63 15.02 -40.34 -27.64
N LEU D 64 13.75 -40.74 -27.71
CA LEU D 64 12.66 -39.79 -27.51
C LEU D 64 12.59 -39.37 -26.05
N ALA D 65 12.79 -40.31 -25.13
CA ALA D 65 12.75 -39.99 -23.71
C ALA D 65 13.89 -39.05 -23.32
N LEU D 66 15.07 -39.22 -23.93
CA LEU D 66 16.18 -38.32 -23.64
C LEU D 66 15.86 -36.91 -24.12
N TYR D 67 15.12 -36.82 -25.23
CA TYR D 67 14.70 -35.53 -25.78
C TYR D 67 13.69 -34.86 -24.86
N CYS D 68 12.64 -35.59 -24.49
CA CYS D 68 11.62 -35.04 -23.60
C CYS D 68 12.23 -34.64 -22.26
N ASN D 69 13.07 -35.51 -21.70
CA ASN D 69 13.65 -35.22 -20.40
C ASN D 69 14.47 -33.94 -20.41
N SER D 70 15.10 -33.62 -21.55
CA SER D 70 15.90 -32.41 -21.58
C SER D 70 15.03 -31.16 -21.57
N TYR D 71 13.72 -31.29 -21.75
CA TYR D 71 12.84 -30.15 -21.74
C TYR D 71 11.98 -30.10 -20.49
N ALA D 72 12.12 -31.05 -19.57
CA ALA D 72 11.42 -30.92 -18.30
C ALA D 72 12.30 -30.07 -17.40
N GLU D 73 12.14 -28.76 -17.52
CA GLU D 73 12.94 -27.78 -16.77
C GLU D 73 11.99 -27.00 -15.87
N LEU D 74 12.20 -27.12 -14.56
CA LEU D 74 11.28 -26.48 -13.63
C LEU D 74 11.51 -24.98 -13.52
N ALA D 75 12.76 -24.52 -13.65
CA ALA D 75 13.12 -23.11 -13.50
C ALA D 75 12.19 -22.13 -14.22
N PRO D 76 11.83 -22.33 -15.50
CA PRO D 76 10.85 -21.41 -16.10
C PRO D 76 9.45 -21.58 -15.53
N VAL D 77 9.08 -22.79 -15.12
CA VAL D 77 7.77 -22.99 -14.50
C VAL D 77 7.72 -22.31 -13.14
N SER D 78 8.78 -22.47 -12.34
CA SER D 78 8.84 -21.79 -11.04
C SER D 78 8.67 -20.28 -11.19
N ALA D 79 9.27 -19.69 -12.22
CA ALA D 79 9.18 -18.25 -12.42
C ALA D 79 7.74 -17.81 -12.62
N VAL D 80 7.07 -18.37 -13.62
CA VAL D 80 5.71 -17.90 -13.95
C VAL D 80 4.72 -18.34 -12.88
N LEU D 81 4.90 -19.54 -12.31
CA LEU D 81 3.99 -20.00 -11.26
C LEU D 81 4.06 -19.09 -10.04
N GLY D 82 5.27 -18.89 -9.51
CA GLY D 82 5.44 -18.01 -8.36
C GLY D 82 4.79 -16.66 -8.54
N ALA D 83 5.02 -16.02 -9.69
CA ALA D 83 4.43 -14.71 -9.94
C ALA D 83 2.91 -14.80 -10.00
N TYR D 84 2.39 -15.78 -10.74
CA TYR D 84 0.94 -15.92 -10.90
C TYR D 84 0.28 -16.21 -9.56
N VAL D 85 0.80 -17.19 -8.82
CA VAL D 85 0.23 -17.53 -7.52
C VAL D 85 0.30 -16.34 -6.55
N SER D 86 1.36 -15.54 -6.65
CA SER D 86 1.48 -14.35 -5.81
C SER D 86 0.37 -13.36 -6.12
N LEU D 87 0.08 -13.17 -7.41
CA LEU D 87 -1.02 -12.30 -7.81
C LEU D 87 -2.34 -12.82 -7.27
N VAL D 88 -2.57 -14.12 -7.42
CA VAL D 88 -3.80 -14.73 -6.93
C VAL D 88 -3.92 -14.55 -5.42
N VAL D 89 -2.85 -14.85 -4.69
CA VAL D 89 -2.86 -14.71 -3.23
C VAL D 89 -3.11 -13.27 -2.83
N SER D 90 -2.53 -12.32 -3.58
CA SER D 90 -2.75 -10.90 -3.31
C SER D 90 -4.24 -10.54 -3.40
N ARG D 91 -4.86 -10.87 -4.53
CA ARG D 91 -6.29 -10.61 -4.72
C ARG D 91 -7.12 -11.37 -3.69
N TRP D 92 -6.71 -12.60 -3.37
CA TRP D 92 -7.41 -13.40 -2.38
C TRP D 92 -7.61 -12.67 -1.05
N TRP D 93 -6.55 -12.10 -0.51
CA TRP D 93 -6.68 -11.39 0.76
C TRP D 93 -7.40 -10.06 0.59
N ALA D 94 -7.23 -9.41 -0.55
CA ALA D 94 -7.93 -8.15 -0.78
C ALA D 94 -9.43 -8.37 -0.81
N GLN D 95 -9.86 -9.48 -1.41
CA GLN D 95 -11.28 -9.79 -1.46
C GLN D 95 -11.84 -10.07 -0.07
N TYR D 96 -11.06 -10.74 0.78
CA TYR D 96 -11.52 -10.99 2.15
C TYR D 96 -11.77 -9.68 2.88
N GLU D 97 -10.79 -8.78 2.87
CA GLU D 97 -10.93 -7.51 3.58
C GLU D 97 -12.00 -6.63 2.96
N SER D 98 -12.53 -7.03 1.81
CA SER D 98 -13.60 -6.32 1.12
C SER D 98 -14.97 -6.86 1.53
N ILE D 99 -15.00 -7.89 2.36
CA ILE D 99 -16.26 -8.40 2.89
C ILE D 99 -16.72 -7.40 3.92
N PRO D 100 -17.86 -6.75 3.70
CA PRO D 100 -18.33 -5.69 4.59
C PRO D 100 -18.76 -6.22 5.95
N TRP D 101 -18.37 -5.48 6.99
CA TRP D 101 -18.80 -5.83 8.32
C TRP D 101 -19.69 -4.73 8.87
N PRO D 102 -20.79 -5.10 9.54
CA PRO D 102 -21.72 -4.07 10.03
C PRO D 102 -21.18 -3.29 11.22
N ASP D 103 -20.30 -3.90 12.00
CA ASP D 103 -19.80 -3.36 13.27
C ASP D 103 -19.56 -1.85 13.32
N ARG D 104 -18.99 -1.24 12.27
CA ARG D 104 -18.73 0.20 12.37
C ARG D 104 -20.01 1.02 12.26
N ILE D 105 -20.89 0.68 11.31
CA ILE D 105 -22.19 1.36 11.23
C ILE D 105 -23.02 0.98 12.44
N MET D 106 -23.00 -0.31 12.78
CA MET D 106 -23.70 -0.85 13.93
C MET D 106 -23.48 -0.01 15.18
N ASN D 107 -22.22 0.36 15.44
CA ASN D 107 -21.91 1.17 16.62
C ASN D 107 -22.57 2.55 16.55
N LEU D 108 -22.56 3.19 15.38
CA LEU D 108 -23.15 4.52 15.27
C LEU D 108 -24.67 4.49 15.36
N VAL D 109 -25.31 3.64 14.56
CA VAL D 109 -26.77 3.55 14.56
C VAL D 109 -27.30 3.20 15.95
N SER D 110 -26.63 2.30 16.66
CA SER D 110 -27.08 1.90 17.99
C SER D 110 -27.10 3.05 18.98
N CYS D 111 -26.13 3.96 18.91
CA CYS D 111 -26.06 5.04 19.89
C CYS D 111 -26.59 6.39 19.42
N ASN D 112 -26.64 6.65 18.12
CA ASN D 112 -27.02 7.97 17.61
C ASN D 112 -28.41 8.05 16.96
N VAL D 113 -29.20 6.98 16.96
CA VAL D 113 -30.57 7.07 16.46
C VAL D 113 -31.47 6.97 17.68
N ASP D 114 -31.94 8.12 18.15
CA ASP D 114 -32.65 8.24 19.42
C ASP D 114 -34.03 7.60 19.42
N GLY D 115 -34.45 7.20 20.61
CA GLY D 115 -35.78 6.65 20.81
C GLY D 115 -35.80 5.27 21.44
N GLU D 116 -36.46 5.16 22.59
CA GLU D 116 -36.67 3.89 23.27
C GLU D 116 -38.08 3.37 23.06
N ASP D 117 -38.77 3.94 22.07
CA ASP D 117 -40.13 3.61 21.66
C ASP D 117 -40.10 2.78 20.39
N GLU D 118 -41.19 2.03 20.16
CA GLU D 118 -41.33 1.14 19.01
C GLU D 118 -40.83 1.75 17.70
N TYR D 119 -41.06 3.05 17.49
CA TYR D 119 -40.59 3.65 16.24
C TYR D 119 -39.07 3.74 16.25
N GLY D 120 -38.50 4.23 17.35
CA GLY D 120 -37.04 4.26 17.46
C GLY D 120 -36.45 2.88 17.26
N ARG D 121 -37.14 1.85 17.74
CA ARG D 121 -36.68 0.48 17.54
C ARG D 121 -36.80 0.09 16.08
N LEU D 122 -37.97 0.34 15.48
CA LEU D 122 -38.15 0.03 14.07
C LEU D 122 -37.19 0.82 13.20
N LEU D 123 -36.88 2.04 13.60
CA LEU D 123 -35.98 2.88 12.82
C LEU D 123 -34.59 2.27 12.79
N ARG D 124 -34.02 2.00 13.97
CA ARG D 124 -32.70 1.40 14.07
C ARG D 124 -32.63 0.04 13.38
N ARG D 125 -33.63 -0.82 13.58
CA ARG D 125 -33.60 -2.14 12.96
C ARG D 125 -33.67 -2.04 11.44
N THR D 126 -34.45 -1.08 10.93
CA THR D 126 -34.59 -0.97 9.47
C THR D 126 -33.31 -0.43 8.85
N LEU D 127 -32.62 0.48 9.56
CA LEU D 127 -31.36 1.01 9.06
C LEU D 127 -30.34 -0.10 8.89
N MET D 128 -30.11 -0.90 9.94
CA MET D 128 -29.18 -2.02 9.84
C MET D 128 -29.56 -2.98 8.72
N ARG D 129 -30.84 -3.32 8.59
CA ARG D 129 -31.25 -4.24 7.53
C ARG D 129 -30.95 -3.70 6.15
N TYR D 130 -30.96 -2.37 5.98
CA TYR D 130 -30.64 -1.83 4.67
C TYR D 130 -29.17 -2.06 4.36
N SER D 131 -28.32 -2.03 5.39
CA SER D 131 -26.91 -2.35 5.23
C SER D 131 -26.72 -3.82 4.89
N ASN D 132 -27.27 -4.69 5.74
CA ASN D 132 -27.15 -6.13 5.51
C ASN D 132 -27.73 -6.51 4.16
N LEU D 133 -28.75 -5.80 3.69
CA LEU D 133 -29.32 -6.10 2.39
C LEU D 133 -28.36 -5.69 1.28
N CYS D 134 -27.71 -4.53 1.44
CA CYS D 134 -26.73 -4.08 0.46
C CYS D 134 -25.64 -5.15 0.30
N SER D 135 -25.29 -5.81 1.41
CA SER D 135 -24.28 -6.88 1.40
C SER D 135 -24.80 -8.18 0.79
N VAL D 136 -25.88 -8.74 1.37
CA VAL D 136 -26.44 -9.97 0.84
C VAL D 136 -26.68 -9.89 -0.66
N LEU D 137 -27.13 -8.73 -1.14
CA LEU D 137 -27.35 -8.58 -2.58
C LEU D 137 -26.06 -8.74 -3.38
N ILE D 138 -24.96 -8.14 -2.91
CA ILE D 138 -23.70 -8.27 -3.63
C ILE D 138 -23.09 -9.66 -3.43
N LEU D 139 -23.20 -10.21 -2.20
CA LEU D 139 -22.66 -11.55 -1.93
C LEU D 139 -23.30 -12.60 -2.82
N ARG D 140 -24.62 -12.53 -3.02
CA ARG D 140 -25.26 -13.54 -3.87
C ARG D 140 -24.96 -13.32 -5.34
N SER D 141 -24.30 -12.21 -5.68
CA SER D 141 -23.89 -11.92 -7.04
C SER D 141 -22.49 -12.42 -7.34
N VAL D 142 -21.66 -12.56 -6.30
CA VAL D 142 -20.27 -12.95 -6.47
C VAL D 142 -19.95 -14.31 -5.86
N SER D 143 -20.76 -14.81 -4.93
CA SER D 143 -20.49 -16.08 -4.26
C SER D 143 -21.47 -17.15 -4.70
N THR D 144 -20.94 -18.25 -5.24
CA THR D 144 -21.80 -19.34 -5.66
C THR D 144 -22.40 -20.04 -4.43
N ALA D 145 -21.67 -20.02 -3.31
CA ALA D 145 -22.17 -20.60 -2.08
C ALA D 145 -23.38 -19.84 -1.59
N VAL D 146 -23.35 -18.52 -1.74
CA VAL D 146 -24.48 -17.69 -1.32
C VAL D 146 -25.60 -17.76 -2.34
N TYR D 147 -25.27 -17.64 -3.63
CA TYR D 147 -26.30 -17.70 -4.67
C TYR D 147 -27.12 -18.98 -4.59
N LYS D 148 -26.46 -20.12 -4.34
CA LYS D 148 -27.23 -21.35 -4.26
C LYS D 148 -28.16 -21.36 -3.07
N ARG D 149 -27.99 -20.43 -2.14
CA ARG D 149 -28.87 -20.28 -0.98
C ARG D 149 -29.92 -19.22 -1.23
N PHE D 150 -29.64 -18.28 -2.14
CA PHE D 150 -30.57 -17.20 -2.52
C PHE D 150 -30.64 -17.13 -4.05
N PRO D 151 -31.04 -18.23 -4.70
CA PRO D 151 -31.03 -18.26 -6.18
C PRO D 151 -31.93 -17.22 -6.82
N SER D 152 -32.98 -16.81 -6.12
CA SER D 152 -33.93 -15.84 -6.63
C SER D 152 -34.20 -14.79 -5.56
N MET D 153 -34.66 -13.63 -6.02
CA MET D 153 -34.95 -12.55 -5.09
C MET D 153 -36.06 -12.95 -4.11
N GLU D 154 -36.85 -13.96 -4.45
CA GLU D 154 -37.87 -14.45 -3.52
C GLU D 154 -37.22 -15.11 -2.31
N HIS D 155 -36.12 -15.84 -2.53
CA HIS D 155 -35.42 -16.46 -1.41
C HIS D 155 -34.95 -15.41 -0.42
N VAL D 156 -34.45 -14.28 -0.94
CA VAL D 156 -34.00 -13.20 -0.07
C VAL D 156 -35.14 -12.71 0.82
N VAL D 157 -36.33 -12.53 0.22
CA VAL D 157 -37.49 -12.07 0.98
C VAL D 157 -37.90 -13.12 2.01
N ARG D 158 -38.15 -14.35 1.56
CA ARG D 158 -38.60 -15.40 2.47
C ARG D 158 -37.61 -15.69 3.59
N ALA D 159 -36.32 -15.37 3.39
CA ALA D 159 -35.32 -15.60 4.41
C ALA D 159 -35.31 -14.51 5.47
N GLY D 160 -36.05 -13.43 5.26
CA GLY D 160 -36.16 -12.36 6.22
C GLY D 160 -35.11 -11.29 6.08
N LEU D 161 -34.46 -11.20 4.93
CA LEU D 161 -33.45 -10.19 4.66
C LEU D 161 -34.03 -8.99 3.93
N MET D 162 -35.25 -9.12 3.42
CA MET D 162 -35.92 -8.05 2.70
C MET D 162 -37.41 -8.22 2.90
N THR D 163 -38.11 -7.10 3.16
CA THR D 163 -39.55 -7.19 3.33
C THR D 163 -40.26 -7.19 1.97
N PRO D 164 -41.47 -7.75 1.89
CA PRO D 164 -42.19 -7.73 0.61
C PRO D 164 -42.51 -6.34 0.10
N GLU D 165 -42.66 -5.36 0.98
CA GLU D 165 -42.84 -3.99 0.51
C GLU D 165 -41.54 -3.49 -0.11
N GLU D 166 -40.42 -3.77 0.55
CA GLU D 166 -39.12 -3.40 0.00
C GLU D 166 -38.91 -4.05 -1.34
N HIS D 167 -39.32 -5.31 -1.47
CA HIS D 167 -39.21 -6.00 -2.75
C HIS D 167 -40.09 -5.33 -3.79
N LYS D 168 -41.24 -4.80 -3.36
CA LYS D 168 -42.12 -4.09 -4.29
C LYS D 168 -41.46 -2.80 -4.75
N LYS D 169 -40.91 -2.05 -3.79
CA LYS D 169 -40.19 -0.83 -4.10
C LYS D 169 -38.99 -1.14 -4.96
N PHE D 170 -38.33 -2.27 -4.66
CA PHE D 170 -37.17 -2.74 -5.41
C PHE D 170 -37.54 -2.90 -6.89
N GLU D 171 -38.61 -3.65 -7.15
CA GLU D 171 -39.07 -3.88 -8.52
C GLU D 171 -39.53 -2.58 -9.17
N SER D 172 -40.16 -1.70 -8.39
CA SER D 172 -40.68 -0.44 -8.95
C SER D 172 -39.60 0.40 -9.60
N LEU D 173 -38.37 0.36 -9.08
CA LEU D 173 -37.26 1.12 -9.63
C LEU D 173 -36.69 0.42 -10.85
N ASN D 174 -36.95 0.99 -12.04
CA ASN D 174 -36.56 0.37 -13.31
C ASN D 174 -35.10 0.65 -13.63
N SER D 175 -34.28 -0.41 -13.64
CA SER D 175 -32.87 -0.31 -13.96
C SER D 175 -32.37 -1.65 -14.50
N PRO D 176 -31.61 -1.65 -15.59
CA PRO D 176 -31.10 -2.91 -16.15
C PRO D 176 -29.89 -3.48 -15.43
N HIS D 177 -29.30 -2.72 -14.52
CA HIS D 177 -28.07 -3.10 -13.84
C HIS D 177 -28.34 -3.70 -12.47
N ASN D 178 -27.30 -4.31 -11.89
CA ASN D 178 -27.40 -4.89 -10.56
C ASN D 178 -27.81 -3.84 -9.54
N LYS D 179 -28.91 -4.12 -8.83
CA LYS D 179 -29.50 -3.18 -7.89
C LYS D 179 -28.94 -3.30 -6.47
N PHE D 180 -27.77 -3.94 -6.28
CA PHE D 180 -27.23 -4.10 -4.94
C PHE D 180 -27.04 -2.75 -4.24
N TRP D 181 -26.95 -1.68 -5.02
CA TRP D 181 -26.73 -0.34 -4.51
C TRP D 181 -28.00 0.32 -3.98
N ILE D 182 -29.18 -0.22 -4.31
CA ILE D 182 -30.46 0.33 -3.88
C ILE D 182 -30.54 0.46 -2.36
N PRO D 183 -30.42 -0.63 -1.56
CA PRO D 183 -30.51 -0.47 -0.10
C PRO D 183 -29.58 0.58 0.44
N CYS D 184 -28.45 0.79 -0.24
CA CYS D 184 -27.49 1.77 0.24
C CYS D 184 -28.03 3.19 0.05
N VAL D 185 -28.90 3.41 -0.94
CA VAL D 185 -29.54 4.72 -1.14
C VAL D 185 -30.67 4.92 -0.13
N TRP D 186 -31.53 3.90 0.01
CA TRP D 186 -32.58 3.92 1.01
C TRP D 186 -32.02 4.31 2.38
N PHE D 187 -30.89 3.69 2.75
CA PHE D 187 -30.26 3.97 4.03
C PHE D 187 -30.00 5.47 4.18
N SER D 188 -29.33 6.08 3.20
CA SER D 188 -29.02 7.50 3.31
C SER D 188 -30.30 8.33 3.40
N ASN D 189 -31.32 7.99 2.61
CA ASN D 189 -32.59 8.69 2.70
C ASN D 189 -33.25 8.46 4.05
N LEU D 190 -33.28 7.21 4.51
CA LEU D 190 -33.89 6.92 5.81
C LEU D 190 -33.11 7.56 6.94
N ALA D 191 -31.79 7.67 6.79
CA ALA D 191 -31.00 8.31 7.84
C ALA D 191 -31.29 9.79 7.90
N VAL D 192 -31.53 10.41 6.73
CA VAL D 192 -31.84 11.83 6.67
C VAL D 192 -33.24 12.07 7.21
N LYS D 193 -34.21 11.26 6.76
CA LYS D 193 -35.57 11.37 7.29
C LYS D 193 -35.56 11.24 8.80
N ALA D 194 -34.75 10.30 9.32
CA ALA D 194 -34.66 10.12 10.77
C ALA D 194 -34.12 11.38 11.43
N ARG D 195 -33.22 12.09 10.76
CA ARG D 195 -32.65 13.30 11.35
C ARG D 195 -33.69 14.42 11.34
N ASN D 196 -34.51 14.48 10.30
CA ASN D 196 -35.54 15.51 10.21
C ASN D 196 -36.64 15.29 11.25
N GLU D 197 -36.91 14.05 11.61
CA GLU D 197 -37.87 13.71 12.65
C GLU D 197 -37.32 13.96 14.05
N GLY D 198 -36.10 14.46 14.16
CA GLY D 198 -35.46 14.74 15.43
C GLY D 198 -34.83 13.54 16.09
N ARG D 199 -34.73 12.41 15.38
CA ARG D 199 -34.15 11.20 15.94
C ARG D 199 -32.63 11.21 15.89
N ILE D 200 -32.04 12.09 15.09
CA ILE D 200 -30.60 12.27 15.01
C ILE D 200 -30.25 13.72 15.29
N ARG D 201 -29.64 13.96 16.44
CA ARG D 201 -29.35 15.32 16.90
C ARG D 201 -28.74 16.25 15.84
N ASP D 202 -27.43 16.14 15.61
CA ASP D 202 -26.73 17.03 14.70
C ASP D 202 -26.57 16.43 13.29
N SER D 203 -25.97 17.26 12.42
CA SER D 203 -25.62 16.83 11.09
C SER D 203 -24.25 16.19 11.12
N VAL D 204 -23.46 16.56 12.13
CA VAL D 204 -22.17 15.94 12.37
C VAL D 204 -22.37 14.46 12.61
N LEU D 205 -23.37 14.13 13.43
CA LEU D 205 -23.68 12.72 13.70
C LEU D 205 -24.31 12.05 12.49
N LEU D 206 -25.05 12.82 11.68
CA LEU D 206 -25.69 12.23 10.50
C LEU D 206 -24.66 11.93 9.43
N GLN D 207 -23.75 12.87 9.18
CA GLN D 207 -22.71 12.67 8.18
C GLN D 207 -21.79 11.53 8.60
N GLY D 208 -21.53 11.41 9.90
CA GLY D 208 -20.74 10.30 10.41
C GLY D 208 -21.36 8.95 10.09
N ILE D 209 -22.69 8.87 10.13
CA ILE D 209 -23.36 7.63 9.80
C ILE D 209 -23.37 7.44 8.29
N LEU D 210 -23.51 8.53 7.55
CA LEU D 210 -23.49 8.46 6.09
C LEU D 210 -22.11 8.05 5.59
N ASN D 211 -21.04 8.46 6.28
CA ASN D 211 -19.69 8.09 5.88
C ASN D 211 -19.47 6.59 6.01
N GLU D 212 -19.81 6.03 7.18
CA GLU D 212 -19.65 4.59 7.37
C GLU D 212 -20.49 3.81 6.37
N LEU D 213 -21.61 4.38 5.93
CA LEU D 213 -22.39 3.76 4.87
C LEU D 213 -21.61 3.75 3.57
N ASN D 214 -21.10 4.92 3.16
CA ASN D 214 -20.31 5.02 1.94
C ASN D 214 -19.14 4.04 1.94
N THR D 215 -18.48 3.89 3.08
CA THR D 215 -17.41 2.90 3.21
C THR D 215 -17.93 1.50 2.89
N LEU D 216 -19.09 1.15 3.46
CA LEU D 216 -19.69 -0.15 3.17
C LEU D 216 -20.00 -0.28 1.69
N ARG D 217 -20.44 0.82 1.06
CA ARG D 217 -20.69 0.78 -0.38
C ARG D 217 -19.39 0.52 -1.13
N SER D 218 -18.30 1.17 -0.72
CA SER D 218 -17.01 0.95 -1.35
C SER D 218 -16.57 -0.50 -1.21
N GLN D 219 -16.90 -1.12 -0.07
CA GLN D 219 -16.59 -2.54 0.12
C GLN D 219 -17.30 -3.38 -0.92
N CYS D 220 -18.62 -3.15 -1.08
CA CYS D 220 -19.38 -3.90 -2.07
C CYS D 220 -18.85 -3.66 -3.48
N GLY D 221 -18.36 -2.45 -3.75
CA GLY D 221 -17.79 -2.16 -5.06
C GLY D 221 -16.54 -2.98 -5.33
N ARG D 222 -15.68 -3.11 -4.31
CA ARG D 222 -14.47 -3.90 -4.45
C ARG D 222 -14.81 -5.35 -4.78
N LEU D 223 -15.79 -5.91 -4.08
CA LEU D 223 -16.23 -7.27 -4.37
C LEU D 223 -16.72 -7.38 -5.81
N TYR D 224 -17.50 -6.41 -6.26
CA TYR D 224 -17.98 -6.41 -7.64
C TYR D 224 -16.80 -6.34 -8.61
N GLY D 225 -15.82 -5.49 -8.32
CA GLY D 225 -14.66 -5.35 -9.20
C GLY D 225 -13.88 -6.64 -9.36
N TYR D 226 -13.57 -7.30 -8.25
CA TYR D 226 -12.80 -8.54 -8.33
C TYR D 226 -13.59 -9.64 -9.02
N ASP D 227 -14.92 -9.62 -8.90
CA ASP D 227 -15.73 -10.62 -9.59
C ASP D 227 -15.80 -10.32 -11.07
N TRP D 228 -15.94 -9.04 -11.42
CA TRP D 228 -16.04 -8.63 -12.82
C TRP D 228 -14.69 -8.76 -13.52
N ILE D 229 -13.65 -8.13 -12.96
CA ILE D 229 -12.32 -8.12 -13.56
C ILE D 229 -11.54 -9.35 -13.11
N SER D 230 -11.66 -10.42 -13.90
CA SER D 230 -10.91 -11.64 -13.64
C SER D 230 -9.44 -11.39 -13.93
N ILE D 231 -8.58 -12.27 -13.42
CA ILE D 231 -7.20 -12.18 -13.88
C ILE D 231 -7.19 -12.45 -15.38
N PRO D 232 -6.55 -11.60 -16.19
CA PRO D 232 -6.58 -11.79 -17.65
C PRO D 232 -6.39 -13.23 -18.10
N LEU D 233 -7.32 -13.70 -18.93
CA LEU D 233 -7.34 -15.10 -19.38
C LEU D 233 -6.01 -15.54 -19.97
N VAL D 234 -5.39 -14.70 -20.80
CA VAL D 234 -4.12 -15.06 -21.41
C VAL D 234 -3.09 -15.42 -20.34
N TYR D 235 -3.07 -14.68 -19.24
CA TYR D 235 -2.11 -14.96 -18.17
C TYR D 235 -2.39 -16.34 -17.57
N THR D 236 -3.66 -16.63 -17.27
CA THR D 236 -4.03 -17.94 -16.73
C THR D 236 -3.64 -19.05 -17.68
N GLN D 237 -3.89 -18.86 -18.99
CA GLN D 237 -3.56 -19.91 -19.96
C GLN D 237 -2.05 -20.14 -20.01
N VAL D 238 -1.27 -19.05 -19.99
CA VAL D 238 0.19 -19.15 -20.02
C VAL D 238 0.70 -20.08 -18.94
N VAL D 239 0.25 -19.88 -17.70
CA VAL D 239 0.77 -20.69 -16.59
C VAL D 239 0.29 -22.15 -16.69
N THR D 240 -0.87 -22.40 -17.30
CA THR D 240 -1.28 -23.80 -17.42
C THR D 240 -0.51 -24.49 -18.54
N VAL D 241 -0.22 -23.73 -19.60
CA VAL D 241 0.58 -24.28 -20.70
C VAL D 241 1.98 -24.63 -20.19
N ALA D 242 2.59 -23.72 -19.42
CA ALA D 242 3.90 -23.97 -18.87
C ALA D 242 3.92 -25.19 -17.96
N VAL D 243 2.96 -25.28 -17.04
CA VAL D 243 2.90 -26.42 -16.13
C VAL D 243 2.70 -27.71 -16.91
N TYR D 244 1.72 -27.73 -17.81
CA TYR D 244 1.44 -28.94 -18.59
C TYR D 244 2.58 -29.31 -19.51
N SER D 245 3.28 -28.32 -20.08
CA SER D 245 4.45 -28.62 -20.88
C SER D 245 5.46 -29.44 -20.08
N PHE D 246 5.67 -29.04 -18.82
CA PHE D 246 6.59 -29.78 -17.94
C PHE D 246 6.12 -31.20 -17.72
N PHE D 247 4.85 -31.38 -17.34
CA PHE D 247 4.37 -32.74 -17.08
C PHE D 247 4.31 -33.57 -18.34
N LEU D 248 4.14 -32.94 -19.49
CA LEU D 248 4.19 -33.69 -20.75
C LEU D 248 5.58 -34.27 -20.95
N ALA D 249 6.60 -33.43 -20.76
CA ALA D 249 7.99 -33.88 -20.84
C ALA D 249 8.27 -35.01 -19.86
N CYS D 250 7.84 -34.84 -18.60
CA CYS D 250 8.08 -35.86 -17.60
C CYS D 250 7.43 -37.20 -17.97
N LEU D 251 6.23 -37.17 -18.54
CA LEU D 251 5.54 -38.40 -18.90
C LEU D 251 6.43 -39.35 -19.69
N ILE D 252 7.23 -38.82 -20.61
CA ILE D 252 8.12 -39.63 -21.43
C ILE D 252 9.57 -39.53 -20.94
N GLY D 253 10.06 -38.30 -20.75
CA GLY D 253 11.43 -38.09 -20.29
C GLY D 253 11.80 -38.81 -19.01
N ARG D 254 10.88 -38.88 -18.05
CA ARG D 254 11.16 -39.50 -16.76
C ARG D 254 10.95 -41.00 -16.76
N GLN D 255 10.71 -41.61 -17.92
CA GLN D 255 10.59 -43.06 -18.01
C GLN D 255 11.92 -43.70 -17.67
N PHE D 256 11.87 -44.85 -16.98
CA PHE D 256 13.08 -45.58 -16.63
C PHE D 256 13.58 -46.33 -17.86
N LEU D 257 14.69 -45.85 -18.42
CA LEU D 257 15.24 -46.44 -19.62
C LEU D 257 16.01 -47.72 -19.27
N ASP D 258 16.41 -48.44 -20.31
CA ASP D 258 17.17 -49.68 -20.15
C ASP D 258 18.46 -49.46 -19.36
N PRO D 259 18.63 -50.13 -18.21
CA PRO D 259 19.88 -49.97 -17.47
C PRO D 259 21.08 -50.54 -18.22
N GLU D 260 20.88 -51.63 -18.96
CA GLU D 260 21.97 -52.24 -19.71
C GLU D 260 22.57 -51.26 -20.70
N LYS D 261 21.74 -50.50 -21.41
CA LYS D 261 22.26 -49.53 -22.38
C LYS D 261 23.14 -48.47 -21.73
N ALA D 262 23.10 -48.36 -20.40
CA ALA D 262 23.99 -47.47 -19.65
C ALA D 262 23.94 -46.01 -20.14
N TYR D 263 22.74 -45.46 -20.20
CA TYR D 263 22.62 -44.06 -20.56
C TYR D 263 23.05 -43.19 -19.38
N PRO D 264 23.90 -42.18 -19.62
CA PRO D 264 24.31 -41.28 -18.54
C PRO D 264 23.09 -40.63 -17.89
N GLY D 265 22.92 -40.90 -16.60
CA GLY D 265 21.80 -40.42 -15.86
C GLY D 265 20.74 -41.46 -15.60
N HIS D 266 20.77 -42.57 -16.35
CA HIS D 266 19.78 -43.62 -16.20
C HIS D 266 20.42 -44.96 -15.89
N GLU D 267 21.17 -45.03 -14.78
CA GLU D 267 21.86 -46.25 -14.40
C GLU D 267 21.01 -47.20 -13.57
N LEU D 268 19.92 -46.70 -12.96
CA LEU D 268 19.09 -47.49 -12.07
C LEU D 268 17.63 -47.46 -12.49
N ASP D 269 16.99 -48.62 -12.50
CA ASP D 269 15.57 -48.80 -12.84
C ASP D 269 14.79 -49.08 -11.56
N LEU D 270 13.96 -48.13 -11.13
CA LEU D 270 13.14 -48.31 -9.94
C LEU D 270 11.67 -48.54 -10.27
N PHE D 271 11.30 -48.53 -11.55
CA PHE D 271 9.93 -48.72 -12.04
C PHE D 271 9.00 -47.58 -11.63
N VAL D 272 9.05 -47.14 -10.38
CA VAL D 272 8.23 -46.05 -9.88
C VAL D 272 9.11 -44.81 -9.70
N PRO D 273 8.84 -43.68 -10.49
CA PRO D 273 9.60 -42.41 -10.46
C PRO D 273 9.24 -41.60 -9.21
N VAL D 274 9.79 -42.05 -8.08
CA VAL D 274 9.52 -41.43 -6.78
C VAL D 274 9.65 -39.91 -6.84
N PHE D 275 10.83 -39.42 -7.24
CA PHE D 275 11.04 -37.97 -7.23
C PHE D 275 10.22 -37.26 -8.31
N THR D 276 9.88 -37.95 -9.40
CA THR D 276 9.07 -37.28 -10.41
C THR D 276 7.65 -37.12 -9.88
N PHE D 277 7.15 -38.12 -9.15
CA PHE D 277 5.83 -38.00 -8.54
C PHE D 277 5.85 -36.95 -7.44
N LEU D 278 6.96 -36.86 -6.70
CA LEU D 278 7.10 -35.82 -5.69
C LEU D 278 7.16 -34.45 -6.35
N GLN D 279 7.72 -34.37 -7.57
CA GLN D 279 7.72 -33.10 -8.28
C GLN D 279 6.32 -32.77 -8.77
N PHE D 280 5.53 -33.80 -9.09
CA PHE D 280 4.16 -33.57 -9.54
C PHE D 280 3.34 -32.94 -8.42
N PHE D 281 3.41 -33.51 -7.22
CA PHE D 281 2.69 -32.94 -6.08
C PHE D 281 3.12 -31.50 -5.85
N PHE D 282 4.42 -31.23 -5.95
CA PHE D 282 4.94 -29.88 -5.77
C PHE D 282 4.29 -28.92 -6.76
N TYR D 283 4.53 -29.11 -8.06
CA TYR D 283 4.02 -28.17 -9.06
C TYR D 283 2.52 -28.27 -9.28
N ALA D 284 1.95 -29.47 -9.37
CA ALA D 284 0.51 -29.53 -9.53
C ALA D 284 -0.18 -28.97 -8.29
N GLY D 285 0.36 -29.27 -7.10
CA GLY D 285 -0.21 -28.71 -5.88
C GLY D 285 -0.01 -27.21 -5.81
N TRP D 286 1.13 -26.72 -6.32
CA TRP D 286 1.38 -25.28 -6.33
C TRP D 286 0.40 -24.59 -7.26
N LEU D 287 0.09 -25.23 -8.40
CA LEU D 287 -0.89 -24.67 -9.31
C LEU D 287 -2.28 -24.73 -8.68
N LYS D 288 -2.54 -25.76 -7.87
CA LYS D 288 -3.84 -25.86 -7.20
C LYS D 288 -4.05 -24.74 -6.20
N VAL D 289 -2.97 -24.18 -5.65
CA VAL D 289 -3.11 -23.04 -4.76
C VAL D 289 -3.82 -21.91 -5.50
N ALA D 290 -3.30 -21.57 -6.68
CA ALA D 290 -3.96 -20.55 -7.49
C ALA D 290 -5.33 -21.02 -7.95
N GLU D 291 -5.41 -22.30 -8.37
CA GLU D 291 -6.68 -22.87 -8.84
C GLU D 291 -7.78 -22.69 -7.79
N GLN D 292 -7.44 -22.85 -6.51
CA GLN D 292 -8.44 -22.73 -5.45
C GLN D 292 -8.73 -21.29 -5.05
N LEU D 293 -7.70 -20.44 -4.93
CA LEU D 293 -7.92 -19.07 -4.46
C LEU D 293 -8.27 -18.07 -5.56
N ILE D 294 -8.28 -18.47 -6.83
CA ILE D 294 -8.59 -17.51 -7.88
C ILE D 294 -10.03 -17.00 -7.76
N ASN D 295 -10.88 -17.74 -7.05
CA ASN D 295 -12.25 -17.33 -6.78
C ASN D 295 -12.56 -17.83 -5.38
N PRO D 296 -12.28 -17.01 -4.37
CA PRO D 296 -12.43 -17.43 -2.97
C PRO D 296 -13.86 -17.46 -2.47
N PHE D 297 -14.83 -17.16 -3.33
CA PHE D 297 -16.24 -17.13 -2.97
C PHE D 297 -16.98 -18.35 -3.51
N GLY D 298 -16.25 -19.35 -3.98
CA GLY D 298 -16.82 -20.58 -4.48
C GLY D 298 -17.15 -21.53 -3.34
N GLU D 299 -17.21 -22.81 -3.68
CA GLU D 299 -17.54 -23.85 -2.71
C GLU D 299 -16.34 -24.74 -2.35
N ASP D 300 -15.12 -24.24 -2.48
CA ASP D 300 -13.96 -25.02 -2.07
C ASP D 300 -13.85 -25.08 -0.56
N ASP D 301 -13.12 -26.09 -0.08
CA ASP D 301 -12.90 -26.21 1.36
C ASP D 301 -12.30 -24.95 1.94
N ASP D 302 -11.33 -24.35 1.25
CA ASP D 302 -10.66 -23.15 1.71
C ASP D 302 -11.28 -21.86 1.17
N ASP D 303 -12.42 -21.94 0.50
CA ASP D 303 -13.11 -20.73 0.08
C ASP D 303 -13.85 -20.13 1.27
N PHE D 304 -14.02 -18.81 1.23
CA PHE D 304 -14.62 -18.09 2.36
C PHE D 304 -15.98 -18.64 2.76
N GLU D 305 -16.24 -18.56 4.06
CA GLU D 305 -17.51 -18.98 4.66
C GLU D 305 -18.49 -17.80 4.63
N THR D 306 -18.95 -17.49 3.42
CA THR D 306 -19.77 -16.30 3.25
C THR D 306 -21.16 -16.45 3.85
N ASN D 307 -21.71 -17.66 3.86
CA ASN D 307 -23.05 -17.83 4.41
C ASN D 307 -23.05 -17.68 5.94
N TRP D 308 -22.01 -18.18 6.60
CA TRP D 308 -21.93 -17.99 8.05
C TRP D 308 -21.79 -16.52 8.38
N LEU D 309 -20.99 -15.81 7.61
CA LEU D 309 -20.81 -14.38 7.82
C LEU D 309 -22.15 -13.66 7.76
N ILE D 310 -22.96 -13.98 6.75
CA ILE D 310 -24.29 -13.39 6.61
C ILE D 310 -25.12 -13.65 7.87
N ASP D 311 -25.15 -14.90 8.34
CA ASP D 311 -25.88 -15.24 9.56
C ASP D 311 -25.34 -14.48 10.77
N ARG D 312 -24.03 -14.53 11.00
CA ARG D 312 -23.45 -13.82 12.15
C ARG D 312 -23.78 -12.35 12.10
N ASN D 313 -23.64 -11.73 10.94
CA ASN D 313 -23.87 -10.30 10.83
C ASN D 313 -25.33 -9.96 11.13
N LEU D 314 -26.27 -10.74 10.60
CA LEU D 314 -27.69 -10.50 10.86
C LEU D 314 -27.98 -10.49 12.37
N GLN D 315 -27.60 -11.57 13.05
CA GLN D 315 -27.83 -11.69 14.49
C GLN D 315 -27.21 -10.52 15.26
N VAL D 316 -25.90 -10.34 15.13
CA VAL D 316 -25.20 -9.28 15.87
C VAL D 316 -25.73 -7.89 15.53
N SER D 317 -25.90 -7.59 14.24
CA SER D 317 -26.39 -6.28 13.81
C SER D 317 -27.62 -5.82 14.57
N LEU D 318 -28.74 -6.51 14.35
CA LEU D 318 -29.99 -6.16 15.00
C LEU D 318 -29.85 -6.11 16.52
N MET D 319 -29.18 -7.11 17.12
CA MET D 319 -29.01 -7.14 18.56
C MET D 319 -28.33 -5.89 19.12
N ALA D 320 -27.36 -5.34 18.38
CA ALA D 320 -26.61 -4.20 18.91
C ALA D 320 -27.41 -2.90 18.83
N VAL D 321 -28.29 -2.76 17.83
CA VAL D 321 -29.06 -1.53 17.68
C VAL D 321 -30.43 -1.61 18.36
N ASP D 322 -30.86 -2.81 18.78
CA ASP D 322 -32.14 -2.97 19.44
C ASP D 322 -31.92 -3.21 20.92
N GLU D 323 -31.70 -4.46 21.35
CA GLU D 323 -31.49 -4.78 22.76
C GLU D 323 -30.41 -3.95 23.44
N MET D 324 -29.48 -3.36 22.69
CA MET D 324 -28.36 -2.65 23.28
C MET D 324 -28.43 -1.14 23.14
N HIS D 325 -29.50 -0.61 22.56
CA HIS D 325 -29.63 0.83 22.43
C HIS D 325 -29.73 1.48 23.80
N GLN D 326 -28.81 2.39 24.08
CA GLN D 326 -28.71 3.10 25.36
C GLN D 326 -28.87 2.15 26.55
N ASP D 327 -28.48 0.89 26.38
CA ASP D 327 -28.58 -0.13 27.41
C ASP D 327 -27.17 -0.50 27.88
N LEU D 328 -26.80 -0.03 29.05
CA LEU D 328 -25.46 -0.23 29.57
C LEU D 328 -25.48 -1.05 30.86
N PRO D 329 -24.35 -1.58 31.30
CA PRO D 329 -24.31 -2.24 32.60
C PRO D 329 -24.21 -1.18 33.69
N ILE D 330 -24.30 -1.64 34.93
CA ILE D 330 -24.25 -0.70 36.06
C ILE D 330 -22.82 -0.20 36.21
N LEU D 331 -22.65 1.11 36.12
CA LEU D 331 -21.33 1.70 36.30
C LEU D 331 -20.84 1.43 37.71
N GLU D 332 -19.67 0.81 37.80
CA GLU D 332 -19.02 0.54 39.08
C GLU D 332 -17.63 1.15 39.08
N LYS D 333 -17.06 1.27 40.27
CA LYS D 333 -15.66 1.61 40.36
C LYS D 333 -14.85 0.39 39.95
N ASP D 334 -13.82 0.59 39.15
CA ASP D 334 -13.05 -0.54 38.68
C ASP D 334 -12.17 -1.07 39.82
N LEU D 335 -11.73 -2.31 39.66
CA LEU D 335 -10.93 -2.96 40.70
C LEU D 335 -9.63 -2.21 40.98
N TYR D 336 -9.21 -1.33 40.07
CA TYR D 336 -7.95 -0.60 40.20
C TYR D 336 -8.19 0.89 40.43
N TRP D 337 -9.38 1.24 40.92
CA TRP D 337 -9.77 2.62 41.18
C TRP D 337 -8.70 3.41 41.93
N ASN D 338 -8.19 2.85 43.03
CA ASN D 338 -7.17 3.51 43.82
C ASN D 338 -5.78 2.96 43.54
N GLU D 339 -5.61 2.20 42.47
CA GLU D 339 -4.30 1.66 42.13
C GLU D 339 -3.78 2.31 40.85
N PRO D 340 -2.80 3.21 40.96
CA PRO D 340 -2.25 3.86 39.75
C PRO D 340 -1.43 2.93 38.87
N ASP D 341 -0.70 1.99 39.45
CA ASP D 341 0.09 1.02 38.70
C ASP D 341 -0.42 -0.39 38.93
N PRO D 342 -1.55 -0.74 38.32
CA PRO D 342 -2.13 -2.08 38.51
C PRO D 342 -1.19 -3.18 38.05
N GLN D 343 -1.28 -4.32 38.74
CA GLN D 343 -0.46 -5.49 38.44
C GLN D 343 -1.39 -6.69 38.24
N PRO D 344 -2.13 -6.73 37.13
CA PRO D 344 -3.05 -7.85 36.86
C PRO D 344 -2.38 -9.20 37.02
N PRO D 345 -3.08 -10.16 37.61
CA PRO D 345 -2.47 -11.47 37.90
C PRO D 345 -2.16 -12.25 36.63
N TYR D 346 -1.41 -13.34 36.84
CA TYR D 346 -1.04 -14.29 35.80
C TYR D 346 -1.34 -15.69 36.30
N THR D 347 -1.76 -16.56 35.38
CA THR D 347 -1.95 -17.95 35.76
C THR D 347 -0.60 -18.61 36.01
N ALA D 348 -0.64 -19.84 36.54
CA ALA D 348 0.61 -20.53 36.82
C ALA D 348 1.38 -20.74 35.53
N ALA D 349 0.68 -21.13 34.47
CA ALA D 349 1.29 -21.43 33.18
C ALA D 349 1.79 -20.19 32.42
N THR D 350 1.35 -18.99 32.77
CA THR D 350 1.70 -17.80 32.00
C THR D 350 2.59 -16.80 32.74
N ALA D 351 3.13 -17.15 33.90
CA ALA D 351 3.94 -16.19 34.66
C ALA D 351 5.23 -15.84 33.94
N GLU D 352 5.76 -16.75 33.12
CA GLU D 352 6.99 -16.45 32.39
C GLU D 352 6.80 -15.31 31.41
N TYR D 353 5.55 -14.98 31.08
CA TYR D 353 5.22 -13.94 30.12
C TYR D 353 5.03 -12.56 30.74
N LYS D 354 5.25 -12.41 32.05
CA LYS D 354 5.21 -11.10 32.70
C LYS D 354 6.60 -10.50 32.55
N ARG D 355 6.75 -9.56 31.62
CA ARG D 355 8.05 -9.02 31.27
C ARG D 355 8.23 -7.60 31.76
N PRO D 356 9.47 -7.15 31.92
CA PRO D 356 9.70 -5.74 32.24
C PRO D 356 9.44 -4.89 31.01
N SER D 357 9.07 -3.63 31.24
CA SER D 357 8.72 -2.75 30.14
C SER D 357 9.90 -2.54 29.19
N PHE D 358 9.63 -2.67 27.88
CA PHE D 358 10.62 -2.35 26.88
C PHE D 358 10.67 -0.84 26.70
N LEU D 359 11.78 -0.23 27.10
CA LEU D 359 11.88 1.23 27.07
C LEU D 359 12.42 1.75 25.76
N GLY D 360 13.26 0.97 25.10
CA GLY D 360 13.88 1.35 23.84
C GLY D 360 15.22 0.65 23.72
N SER D 361 15.67 0.51 22.48
CA SER D 361 16.93 -0.19 22.25
C SER D 361 18.11 0.59 22.83
N THR D 362 18.04 1.92 22.80
CA THR D 362 19.14 2.77 23.22
C THR D 362 19.42 2.70 24.71
N PHE D 363 18.43 2.36 25.53
CA PHE D 363 18.64 2.42 26.96
C PHE D 363 19.40 1.21 27.48
N ASP D 364 20.28 1.47 28.45
CA ASP D 364 21.04 0.41 29.10
C ASP D 364 20.12 -0.40 29.99
N ILE D 365 20.08 -1.71 29.80
CA ILE D 365 19.25 -2.60 30.60
C ILE D 365 19.91 -2.94 31.92
N SER D 366 19.62 -2.18 32.97
CA SER D 366 20.21 -2.39 34.30
C SER D 366 19.18 -2.23 35.40
N THR E 1 10.02 -8.69 20.70
CA THR E 1 9.87 -9.84 21.60
C THR E 1 11.24 -10.47 21.88
N VAL E 2 12.03 -10.70 20.84
CA VAL E 2 13.45 -11.01 20.98
C VAL E 2 14.16 -9.85 20.30
N THR E 3 14.32 -8.74 21.02
CA THR E 3 14.86 -7.51 20.45
C THR E 3 16.38 -7.48 20.54
N TYR E 4 17.03 -7.41 19.38
CA TYR E 4 18.48 -7.26 19.27
C TYR E 4 18.79 -5.98 18.50
N THR E 5 17.79 -5.11 18.38
CA THR E 5 17.90 -3.85 17.64
C THR E 5 19.16 -3.05 17.98
N ASN E 6 19.54 -3.00 19.26
CA ASN E 6 20.69 -2.18 19.62
C ASN E 6 22.01 -2.82 19.21
N ARG E 7 22.06 -4.16 19.15
CA ARG E 7 23.27 -4.85 18.72
C ARG E 7 23.57 -4.58 17.26
N VAL E 8 22.54 -4.47 16.43
CA VAL E 8 22.72 -4.29 15.00
C VAL E 8 22.55 -2.82 14.62
N ALA E 9 22.80 -1.90 15.56
CA ALA E 9 22.67 -0.48 15.26
C ALA E 9 23.67 -0.02 14.23
N ASP E 10 24.91 -0.50 14.31
CA ASP E 10 25.95 -0.12 13.37
C ASP E 10 26.44 -1.32 12.57
N ALA E 11 26.95 -1.04 11.37
CA ALA E 11 27.49 -2.07 10.49
C ALA E 11 28.98 -2.16 10.73
N ARG E 12 29.36 -2.89 11.77
CA ARG E 12 30.75 -3.07 12.15
C ARG E 12 31.23 -4.45 11.71
N LEU E 13 32.42 -4.83 12.17
CA LEU E 13 33.03 -6.11 11.76
C LEU E 13 32.12 -7.30 12.04
N GLY E 14 31.65 -7.43 13.27
CA GLY E 14 30.86 -8.60 13.62
C GLY E 14 29.39 -8.37 13.90
N THR E 15 28.82 -7.34 13.26
CA THR E 15 27.40 -7.01 13.45
C THR E 15 26.50 -8.24 13.36
N PHE E 16 26.69 -9.05 12.32
CA PHE E 16 25.84 -10.22 12.14
C PHE E 16 26.46 -11.50 12.68
N SER E 17 27.78 -11.62 12.62
CA SER E 17 28.47 -12.79 13.16
C SER E 17 28.17 -12.98 14.64
N GLN E 18 28.19 -11.89 15.40
CA GLN E 18 27.90 -11.96 16.84
C GLN E 18 26.56 -12.63 17.12
N LEU E 19 25.58 -12.46 16.23
CA LEU E 19 24.26 -13.01 16.44
C LEU E 19 24.21 -14.53 16.30
N LEU E 20 25.25 -15.13 15.72
CA LEU E 20 25.31 -16.58 15.57
C LEU E 20 25.60 -17.26 16.90
N LEU E 21 25.99 -16.51 17.92
CA LEU E 21 26.28 -17.05 19.25
C LEU E 21 25.11 -16.91 20.21
N GLN E 22 23.94 -16.47 19.74
CA GLN E 22 22.77 -16.29 20.60
C GLN E 22 21.83 -17.47 20.49
N TRP E 23 21.29 -17.90 21.63
CA TRP E 23 20.39 -19.06 21.72
C TRP E 23 18.91 -18.72 21.70
N LYS E 24 18.49 -17.71 22.46
CA LYS E 24 17.07 -17.36 22.53
C LYS E 24 16.51 -17.01 21.15
N GLY E 25 15.43 -17.68 20.78
CA GLY E 25 14.80 -17.46 19.48
C GLY E 25 15.73 -17.69 18.31
N SER E 26 16.70 -18.57 18.46
CA SER E 26 17.71 -18.82 17.46
C SER E 26 17.35 -19.98 16.53
N ILE E 27 18.17 -20.11 15.48
CA ILE E 27 18.01 -21.20 14.52
C ILE E 27 18.33 -22.53 15.17
N TYR E 28 19.27 -22.54 16.12
CA TYR E 28 19.64 -23.78 16.80
C TYR E 28 18.48 -24.31 17.63
N LYS E 29 17.85 -23.43 18.41
CA LYS E 29 16.76 -23.83 19.29
C LYS E 29 15.56 -24.36 18.49
N LEU E 30 15.29 -23.77 17.33
CA LEU E 30 14.13 -24.19 16.54
C LEU E 30 14.42 -25.44 15.71
N LEU E 31 15.68 -25.68 15.34
CA LEU E 31 16.03 -26.82 14.48
C LEU E 31 16.54 -28.04 15.23
N TYR E 32 16.94 -27.88 16.49
CA TYR E 32 17.52 -28.92 17.33
C TYR E 32 17.03 -30.33 17.05
N SER E 33 15.76 -30.61 17.35
CA SER E 33 15.20 -31.94 17.18
C SER E 33 15.30 -32.42 15.72
N GLU E 34 14.85 -31.59 14.78
CA GLU E 34 14.90 -31.98 13.36
C GLU E 34 16.32 -32.33 12.93
N PHE E 35 17.29 -31.49 13.28
CA PHE E 35 18.68 -31.73 12.91
C PHE E 35 19.19 -33.07 13.43
N LEU E 36 18.91 -33.37 14.71
CA LEU E 36 19.36 -34.64 15.29
C LEU E 36 18.79 -35.82 14.53
N ILE E 37 17.50 -35.75 14.18
CA ILE E 37 16.87 -36.82 13.41
C ILE E 37 17.54 -36.95 12.05
N PHE E 38 17.86 -35.82 11.43
CA PHE E 38 18.57 -35.84 10.15
C PHE E 38 19.95 -36.46 10.33
N ILE E 39 20.73 -35.92 11.28
CA ILE E 39 22.05 -36.45 11.61
C ILE E 39 21.99 -37.97 11.79
N SER E 40 21.06 -38.43 12.63
CA SER E 40 20.92 -39.85 12.90
C SER E 40 20.64 -40.65 11.63
N LEU E 41 19.54 -40.30 10.94
CA LEU E 41 19.19 -41.00 9.70
C LEU E 41 20.36 -41.05 8.72
N TYR E 42 21.11 -39.94 8.61
CA TYR E 42 22.26 -39.92 7.70
C TYR E 42 23.31 -40.94 8.11
N PHE E 43 23.90 -40.76 9.29
CA PHE E 43 24.96 -41.66 9.75
C PHE E 43 24.48 -43.09 9.90
N ALA E 44 23.19 -43.30 10.15
CA ALA E 44 22.67 -44.66 10.19
C ALA E 44 22.82 -45.31 8.82
N ILE E 45 22.30 -44.63 7.78
CA ILE E 45 22.47 -45.08 6.41
C ILE E 45 23.95 -45.25 6.08
N SER E 46 24.78 -44.29 6.50
CA SER E 46 26.21 -44.35 6.22
C SER E 46 26.85 -45.63 6.76
N LEU E 47 26.50 -46.02 7.99
CA LEU E 47 27.10 -47.23 8.56
C LEU E 47 26.60 -48.49 7.86
N VAL E 48 25.31 -48.53 7.53
CA VAL E 48 24.76 -49.66 6.79
C VAL E 48 25.52 -49.87 5.49
N TYR E 49 25.87 -48.78 4.81
CA TYR E 49 26.60 -48.87 3.55
C TYR E 49 28.05 -49.31 3.76
N ARG E 50 28.73 -48.74 4.76
CA ARG E 50 30.13 -49.05 4.99
C ARG E 50 30.33 -50.43 5.62
N LEU E 51 29.44 -50.84 6.52
CA LEU E 51 29.65 -52.06 7.30
C LEU E 51 28.72 -53.23 7.02
N ILE E 52 27.53 -53.01 6.43
CA ILE E 52 26.54 -54.08 6.28
C ILE E 52 26.46 -54.56 4.83
N LEU E 53 26.18 -53.66 3.90
CA LEU E 53 25.99 -54.02 2.50
C LEU E 53 27.15 -54.84 1.93
N SER E 54 26.83 -55.79 1.07
CA SER E 54 27.80 -56.61 0.39
C SER E 54 28.35 -55.85 -0.81
N GLU E 55 29.44 -56.35 -1.39
CA GLU E 55 30.05 -55.69 -2.53
C GLU E 55 29.02 -55.44 -3.64
N SER E 56 28.08 -56.37 -3.83
CA SER E 56 27.06 -56.22 -4.85
C SER E 56 25.99 -55.22 -4.42
N GLN E 57 25.60 -55.26 -3.14
CA GLN E 57 24.61 -54.30 -2.64
C GLN E 57 25.16 -52.89 -2.63
N ARG E 58 26.44 -52.73 -2.30
CA ARG E 58 27.06 -51.42 -2.31
C ARG E 58 26.99 -50.80 -3.69
N LEU E 59 27.10 -51.61 -4.74
CA LEU E 59 27.03 -51.05 -6.08
C LEU E 59 25.64 -50.52 -6.40
N MET E 60 24.61 -51.17 -5.86
CA MET E 60 23.25 -50.67 -6.05
C MET E 60 23.04 -49.40 -5.25
N PHE E 61 23.47 -49.39 -3.99
CA PHE E 61 23.36 -48.20 -3.16
C PHE E 61 24.06 -47.02 -3.83
N GLU E 62 25.22 -47.26 -4.42
CA GLU E 62 25.95 -46.19 -5.09
C GLU E 62 25.16 -45.69 -6.29
N LYS E 63 24.48 -46.60 -6.99
CA LYS E 63 23.66 -46.20 -8.12
C LYS E 63 22.39 -45.50 -7.62
N LEU E 64 21.88 -45.94 -6.46
CA LEU E 64 20.72 -45.29 -5.87
C LEU E 64 21.06 -43.89 -5.36
N ALA E 65 22.24 -43.74 -4.76
CA ALA E 65 22.66 -42.44 -4.25
C ALA E 65 22.86 -41.44 -5.39
N LEU E 66 23.38 -41.90 -6.52
CA LEU E 66 23.55 -41.01 -7.67
C LEU E 66 22.20 -40.54 -8.18
N TYR E 67 21.19 -41.40 -8.08
CA TYR E 67 19.84 -41.07 -8.52
C TYR E 67 19.23 -40.02 -7.60
N CYS E 68 19.28 -40.28 -6.28
CA CYS E 68 18.74 -39.34 -5.31
C CYS E 68 19.47 -38.00 -5.40
N ASN E 69 20.80 -38.04 -5.50
CA ASN E 69 21.57 -36.81 -5.55
C ASN E 69 21.18 -35.95 -6.74
N SER E 70 20.78 -36.58 -7.85
CA SER E 70 20.40 -35.77 -9.01
C SER E 70 19.08 -35.07 -8.79
N TYR E 71 18.34 -35.43 -7.74
CA TYR E 71 17.06 -34.80 -7.47
C TYR E 71 17.12 -33.90 -6.25
N ALA E 72 18.28 -33.76 -5.60
CA ALA E 72 18.39 -32.76 -4.53
C ALA E 72 18.74 -31.45 -5.21
N GLU E 73 17.71 -30.73 -5.64
CA GLU E 73 17.85 -29.47 -6.37
C GLU E 73 17.23 -28.36 -5.53
N LEU E 74 18.05 -27.41 -5.09
CA LEU E 74 17.53 -26.36 -4.20
C LEU E 74 16.71 -25.32 -4.96
N ALA E 75 17.07 -25.02 -6.21
CA ALA E 75 16.40 -23.96 -6.99
C ALA E 75 14.88 -23.99 -6.92
N PRO E 76 14.19 -25.13 -7.11
CA PRO E 76 12.73 -25.11 -6.94
C PRO E 76 12.32 -24.90 -5.49
N VAL E 77 13.10 -25.39 -4.53
CA VAL E 77 12.77 -25.16 -3.13
C VAL E 77 12.91 -23.69 -2.78
N SER E 78 14.00 -23.06 -3.23
CA SER E 78 14.19 -21.63 -3.00
C SER E 78 13.02 -20.82 -3.54
N ALA E 79 12.49 -21.20 -4.71
CA ALA E 79 11.39 -20.47 -5.30
C ALA E 79 10.16 -20.50 -4.39
N VAL E 80 9.68 -21.69 -4.06
CA VAL E 80 8.44 -21.80 -3.29
C VAL E 80 8.65 -21.33 -1.86
N LEU E 81 9.81 -21.60 -1.27
CA LEU E 81 10.08 -21.16 0.09
C LEU E 81 10.09 -19.63 0.18
N GLY E 82 10.91 -18.98 -0.67
CA GLY E 82 10.97 -17.54 -0.67
C GLY E 82 9.61 -16.88 -0.75
N ALA E 83 8.77 -17.36 -1.68
CA ALA E 83 7.43 -16.80 -1.82
C ALA E 83 6.60 -17.02 -0.56
N TYR E 84 6.61 -18.25 -0.04
CA TYR E 84 5.80 -18.58 1.12
C TYR E 84 6.24 -17.79 2.35
N VAL E 85 7.55 -17.77 2.62
CA VAL E 85 8.06 -17.02 3.76
C VAL E 85 7.77 -15.54 3.62
N SER E 86 7.79 -15.02 2.39
CA SER E 86 7.47 -13.62 2.17
C SER E 86 6.02 -13.34 2.54
N LEU E 87 5.11 -14.24 2.16
CA LEU E 87 3.71 -14.11 2.54
C LEU E 87 3.55 -14.12 4.05
N VAL E 88 4.22 -15.07 4.72
CA VAL E 88 4.14 -15.16 6.17
C VAL E 88 4.65 -13.88 6.82
N VAL E 89 5.82 -13.41 6.38
CA VAL E 89 6.38 -12.20 6.97
C VAL E 89 5.45 -11.01 6.75
N SER E 90 4.81 -10.94 5.58
CA SER E 90 3.87 -9.87 5.30
C SER E 90 2.73 -9.88 6.32
N ARG E 91 2.07 -11.04 6.46
CA ARG E 91 0.99 -11.17 7.44
C ARG E 91 1.50 -10.93 8.86
N TRP E 92 2.72 -11.41 9.15
CA TRP E 92 3.32 -11.21 10.46
C TRP E 92 3.34 -9.75 10.88
N TRP E 93 3.83 -8.87 10.01
CA TRP E 93 3.89 -7.46 10.36
C TRP E 93 2.51 -6.82 10.33
N ALA E 94 1.63 -7.29 9.44
CA ALA E 94 0.28 -6.74 9.38
C ALA E 94 -0.45 -7.04 10.68
N GLN E 95 -0.24 -8.24 11.23
CA GLN E 95 -0.88 -8.60 12.49
C GLN E 95 -0.35 -7.74 13.63
N TYR E 96 0.94 -7.43 13.63
CA TYR E 96 1.48 -6.57 14.68
C TYR E 96 0.80 -5.21 14.65
N GLU E 97 0.75 -4.58 13.47
CA GLU E 97 0.14 -3.27 13.38
C GLU E 97 -1.36 -3.31 13.64
N SER E 98 -1.94 -4.51 13.74
CA SER E 98 -3.35 -4.67 14.04
C SER E 98 -3.63 -4.82 15.53
N ILE E 99 -2.58 -4.85 16.36
CA ILE E 99 -2.76 -4.87 17.82
C ILE E 99 -3.17 -3.47 18.24
N PRO E 100 -4.37 -3.32 18.79
CA PRO E 100 -4.89 -2.00 19.15
C PRO E 100 -4.16 -1.34 20.31
N TRP E 101 -3.90 -0.04 20.16
CA TRP E 101 -3.29 0.73 21.21
C TRP E 101 -4.27 1.80 21.70
N PRO E 102 -4.37 2.01 23.01
CA PRO E 102 -5.35 2.96 23.53
C PRO E 102 -4.99 4.41 23.28
N ASP E 103 -3.72 4.73 23.14
CA ASP E 103 -3.20 6.10 23.05
C ASP E 103 -4.05 7.09 22.26
N ARG E 104 -4.61 6.71 21.11
CA ARG E 104 -5.39 7.71 20.35
C ARG E 104 -6.73 8.00 21.02
N ILE E 105 -7.45 6.97 21.47
CA ILE E 105 -8.68 7.21 22.22
C ILE E 105 -8.35 7.83 23.56
N MET E 106 -7.33 7.30 24.21
CA MET E 106 -6.83 7.78 25.49
C MET E 106 -6.68 9.30 25.51
N ASN E 107 -6.08 9.87 24.45
CA ASN E 107 -5.89 11.31 24.38
C ASN E 107 -7.23 12.06 24.33
N LEU E 108 -8.19 11.56 23.57
CA LEU E 108 -9.47 12.25 23.46
C LEU E 108 -10.30 12.16 24.74
N VAL E 109 -10.47 10.94 25.26
CA VAL E 109 -11.24 10.74 26.49
C VAL E 109 -10.67 11.56 27.65
N SER E 110 -9.35 11.60 27.75
CA SER E 110 -8.70 12.34 28.84
C SER E 110 -9.01 13.83 28.80
N CYS E 111 -9.10 14.42 27.61
CA CYS E 111 -9.30 15.86 27.52
C CYS E 111 -10.73 16.30 27.22
N ASN E 112 -11.56 15.45 26.62
CA ASN E 112 -12.91 15.85 26.21
C ASN E 112 -14.06 15.27 27.04
N VAL E 113 -13.80 14.54 28.11
CA VAL E 113 -14.88 14.08 28.98
C VAL E 113 -14.75 14.88 30.27
N ASP E 114 -15.59 15.91 30.38
CA ASP E 114 -15.48 16.92 31.43
C ASP E 114 -15.85 16.38 32.82
N GLY E 115 -15.28 17.02 33.84
CA GLY E 115 -15.59 16.72 35.21
C GLY E 115 -14.38 16.35 36.05
N GLU E 116 -14.15 17.11 37.12
CA GLU E 116 -13.09 16.83 38.07
C GLU E 116 -13.66 16.21 39.34
N ASP E 117 -14.89 15.74 39.26
CA ASP E 117 -15.64 15.09 40.33
C ASP E 117 -15.66 13.58 40.09
N GLU E 118 -15.88 12.83 41.17
CA GLU E 118 -15.90 11.37 41.14
C GLU E 118 -16.64 10.78 39.94
N TYR E 119 -17.75 11.40 39.52
CA TYR E 119 -18.47 10.86 38.37
C TYR E 119 -17.66 11.06 37.09
N GLY E 120 -17.14 12.28 36.89
CA GLY E 120 -16.29 12.51 35.75
C GLY E 120 -15.11 11.55 35.72
N ARG E 121 -14.59 11.22 36.90
CA ARG E 121 -13.50 10.26 36.99
C ARG E 121 -13.99 8.86 36.64
N LEU E 122 -15.10 8.45 37.25
CA LEU E 122 -15.66 7.12 36.95
C LEU E 122 -16.04 7.02 35.48
N LEU E 123 -16.52 8.12 34.90
CA LEU E 123 -16.93 8.11 33.50
C LEU E 123 -15.72 7.84 32.61
N ARG E 124 -14.67 8.64 32.75
CA ARG E 124 -13.46 8.47 31.95
C ARG E 124 -12.82 7.10 32.17
N ARG E 125 -12.74 6.63 33.42
CA ARG E 125 -12.13 5.34 33.67
C ARG E 125 -12.94 4.21 33.05
N THR E 126 -14.27 4.32 33.08
CA THR E 126 -15.10 3.25 32.53
C THR E 126 -15.02 3.22 31.01
N LEU E 127 -14.92 4.40 30.40
CA LEU E 127 -14.78 4.48 28.94
C LEU E 127 -13.52 3.76 28.47
N MET E 128 -12.36 4.11 29.07
CA MET E 128 -11.12 3.43 28.72
C MET E 128 -11.21 1.93 28.93
N ARG E 129 -11.79 1.49 30.05
CA ARG E 129 -11.89 0.06 30.31
C ARG E 129 -12.74 -0.65 29.25
N TYR E 130 -13.71 0.05 28.67
CA TYR E 130 -14.50 -0.59 27.63
C TYR E 130 -13.64 -0.82 26.39
N SER E 131 -12.69 0.07 26.13
CA SER E 131 -11.74 -0.12 25.04
C SER E 131 -10.81 -1.29 25.34
N ASN E 132 -10.14 -1.25 26.50
CA ASN E 132 -9.23 -2.33 26.87
C ASN E 132 -9.95 -3.66 26.92
N LEU E 133 -11.23 -3.66 27.27
CA LEU E 133 -11.98 -4.92 27.29
C LEU E 133 -12.22 -5.43 25.88
N CYS E 134 -12.55 -4.52 24.96
CA CYS E 134 -12.74 -4.91 23.56
C CYS E 134 -11.47 -5.59 23.04
N SER E 135 -10.29 -5.11 23.48
CA SER E 135 -9.01 -5.69 23.09
C SER E 135 -8.72 -7.02 23.78
N VAL E 136 -8.70 -7.03 25.11
CA VAL E 136 -8.44 -8.25 25.88
C VAL E 136 -9.33 -9.40 25.40
N LEU E 137 -10.58 -9.10 25.09
CA LEU E 137 -11.49 -10.15 24.62
C LEU E 137 -11.01 -10.77 23.30
N ILE E 138 -10.56 -9.94 22.35
CA ILE E 138 -10.09 -10.48 21.08
C ILE E 138 -8.71 -11.13 21.22
N LEU E 139 -7.83 -10.54 22.04
CA LEU E 139 -6.50 -11.11 22.24
C LEU E 139 -6.57 -12.52 22.83
N ARG E 140 -7.48 -12.75 23.78
CA ARG E 140 -7.56 -14.07 24.37
C ARG E 140 -8.21 -15.08 23.42
N SER E 141 -8.72 -14.60 22.29
CA SER E 141 -9.31 -15.43 21.25
C SER E 141 -8.30 -15.85 20.20
N VAL E 142 -7.24 -15.06 20.01
CA VAL E 142 -6.27 -15.30 18.97
C VAL E 142 -4.88 -15.66 19.51
N SER E 143 -4.57 -15.32 20.76
CA SER E 143 -3.25 -15.57 21.33
C SER E 143 -3.32 -16.67 22.37
N THR E 144 -2.53 -17.74 22.17
CA THR E 144 -2.52 -18.83 23.14
C THR E 144 -1.84 -18.36 24.42
N ALA E 145 -0.91 -17.42 24.31
CA ALA E 145 -0.24 -16.88 25.49
C ALA E 145 -1.23 -16.12 26.35
N VAL E 146 -2.16 -15.40 25.72
CA VAL E 146 -3.15 -14.66 26.49
C VAL E 146 -4.24 -15.59 27.00
N TYR E 147 -4.75 -16.47 26.14
CA TYR E 147 -5.79 -17.40 26.57
C TYR E 147 -5.35 -18.21 27.78
N LYS E 148 -4.09 -18.67 27.81
CA LYS E 148 -3.67 -19.44 28.97
C LYS E 148 -3.63 -18.61 30.23
N ARG E 149 -3.73 -17.29 30.10
CA ARG E 149 -3.79 -16.37 31.22
C ARG E 149 -5.23 -15.99 31.54
N PHE E 150 -6.12 -16.10 30.55
CA PHE E 150 -7.55 -15.81 30.70
C PHE E 150 -8.36 -16.96 30.12
N PRO E 151 -8.17 -18.18 30.62
CA PRO E 151 -8.84 -19.34 30.02
C PRO E 151 -10.36 -19.26 30.07
N SER E 152 -10.91 -18.55 31.04
CA SER E 152 -12.34 -18.42 31.21
C SER E 152 -12.70 -16.96 31.45
N MET E 153 -13.96 -16.63 31.16
CA MET E 153 -14.41 -15.25 31.35
C MET E 153 -14.34 -14.84 32.82
N GLU E 154 -14.27 -15.82 33.74
CA GLU E 154 -14.12 -15.48 35.15
C GLU E 154 -12.73 -14.89 35.40
N HIS E 155 -11.71 -15.43 34.72
CA HIS E 155 -10.36 -14.89 34.87
C HIS E 155 -10.32 -13.42 34.47
N VAL E 156 -11.03 -13.06 33.39
CA VAL E 156 -11.09 -11.68 32.94
C VAL E 156 -11.64 -10.79 34.05
N VAL E 157 -12.73 -11.24 34.69
CA VAL E 157 -13.34 -10.46 35.76
C VAL E 157 -12.40 -10.36 36.96
N ARG E 158 -11.92 -11.50 37.47
CA ARG E 158 -11.06 -11.49 38.65
C ARG E 158 -9.76 -10.73 38.42
N ALA E 159 -9.35 -10.56 37.16
CA ALA E 159 -8.12 -9.83 36.85
C ALA E 159 -8.34 -8.33 36.87
N GLY E 160 -9.59 -7.89 36.95
CA GLY E 160 -9.91 -6.48 37.02
C GLY E 160 -10.10 -5.82 35.68
N LEU E 161 -10.34 -6.61 34.64
CA LEU E 161 -10.56 -6.09 33.30
C LEU E 161 -12.03 -5.94 33.00
N MET E 162 -12.90 -6.53 33.83
CA MET E 162 -14.34 -6.48 33.65
C MET E 162 -14.98 -6.57 35.03
N THR E 163 -15.99 -5.74 35.26
CA THR E 163 -16.68 -5.79 36.54
C THR E 163 -17.73 -6.92 36.51
N PRO E 164 -18.09 -7.45 37.69
CA PRO E 164 -19.12 -8.51 37.71
C PRO E 164 -20.47 -8.07 37.18
N GLU E 165 -20.80 -6.77 37.28
CA GLU E 165 -22.04 -6.30 36.67
C GLU E 165 -21.92 -6.36 35.17
N GLU E 166 -20.77 -5.92 34.64
CA GLU E 166 -20.52 -6.00 33.21
C GLU E 166 -20.60 -7.44 32.74
N HIS E 167 -20.05 -8.36 33.53
CA HIS E 167 -20.13 -9.77 33.18
C HIS E 167 -21.59 -10.22 33.17
N LYS E 168 -22.41 -9.68 34.06
CA LYS E 168 -23.83 -10.03 34.10
C LYS E 168 -24.53 -9.52 32.85
N LYS E 169 -24.25 -8.26 32.49
CA LYS E 169 -24.79 -7.67 31.28
C LYS E 169 -24.30 -8.41 30.08
N PHE E 170 -23.04 -8.84 30.12
CA PHE E 170 -22.42 -9.62 29.05
C PHE E 170 -23.23 -10.90 28.80
N GLU E 171 -23.48 -11.67 29.86
CA GLU E 171 -24.23 -12.92 29.73
C GLU E 171 -25.67 -12.65 29.31
N SER E 172 -26.26 -11.55 29.79
CA SER E 172 -27.66 -11.25 29.47
C SER E 172 -27.90 -11.13 27.96
N LEU E 173 -26.91 -10.65 27.22
CA LEU E 173 -27.02 -10.48 25.78
C LEU E 173 -26.80 -11.83 25.09
N ASN E 174 -27.88 -12.41 24.58
CA ASN E 174 -27.84 -13.76 24.00
C ASN E 174 -27.33 -13.70 22.55
N SER E 175 -26.16 -14.29 22.32
CA SER E 175 -25.58 -14.36 20.99
C SER E 175 -24.65 -15.56 20.91
N PRO E 176 -24.72 -16.34 19.83
CA PRO E 176 -23.85 -17.51 19.70
C PRO E 176 -22.44 -17.19 19.23
N HIS E 177 -22.17 -15.96 18.83
CA HIS E 177 -20.90 -15.55 18.25
C HIS E 177 -20.01 -14.89 19.29
N ASN E 178 -18.74 -14.72 18.92
CA ASN E 178 -17.77 -14.05 19.79
C ASN E 178 -18.24 -12.65 20.13
N LYS E 179 -18.35 -12.36 21.43
CA LYS E 179 -18.87 -11.10 21.94
C LYS E 179 -17.80 -10.02 22.12
N PHE E 180 -16.62 -10.17 21.50
CA PHE E 180 -15.57 -9.17 21.68
C PHE E 180 -16.03 -7.77 21.27
N TRP E 181 -17.08 -7.70 20.45
CA TRP E 181 -17.60 -6.43 19.95
C TRP E 181 -18.51 -5.73 20.95
N ILE E 182 -18.98 -6.43 21.97
CA ILE E 182 -19.88 -5.86 22.99
C ILE E 182 -19.30 -4.61 23.63
N PRO E 183 -18.14 -4.67 24.32
CA PRO E 183 -17.60 -3.44 24.95
C PRO E 183 -17.50 -2.28 23.99
N CYS E 184 -17.32 -2.58 22.71
CA CYS E 184 -17.19 -1.51 21.73
C CYS E 184 -18.54 -0.82 21.52
N VAL E 185 -19.65 -1.55 21.71
CA VAL E 185 -20.98 -0.94 21.63
C VAL E 185 -21.29 -0.15 22.90
N TRP E 186 -21.03 -0.77 24.05
CA TRP E 186 -21.17 -0.08 25.33
C TRP E 186 -20.46 1.25 25.31
N PHE E 187 -19.23 1.28 24.81
CA PHE E 187 -18.45 2.50 24.71
C PHE E 187 -19.23 3.58 23.97
N SER E 188 -19.71 3.25 22.77
CA SER E 188 -20.44 4.25 21.99
C SER E 188 -21.69 4.73 22.72
N ASN E 189 -22.42 3.81 23.36
CA ASN E 189 -23.59 4.22 24.14
C ASN E 189 -23.18 5.06 25.35
N LEU E 190 -22.16 4.64 26.09
CA LEU E 190 -21.72 5.41 27.25
C LEU E 190 -21.18 6.77 26.82
N ALA E 191 -20.55 6.84 25.64
CA ALA E 191 -20.03 8.12 25.17
C ALA E 191 -21.17 9.07 24.83
N VAL E 192 -22.26 8.53 24.28
CA VAL E 192 -23.41 9.36 23.95
C VAL E 192 -24.12 9.81 25.22
N LYS E 193 -24.34 8.87 26.14
CA LYS E 193 -24.94 9.23 27.43
C LYS E 193 -24.13 10.31 28.10
N ALA E 194 -22.79 10.20 28.04
CA ALA E 194 -21.94 11.22 28.63
C ALA E 194 -22.17 12.57 27.97
N ARG E 195 -22.44 12.56 26.66
CA ARG E 195 -22.66 13.82 25.96
C ARG E 195 -23.99 14.43 26.35
N ASN E 196 -25.00 13.58 26.56
CA ASN E 196 -26.33 14.05 26.95
C ASN E 196 -26.33 14.60 28.38
N GLU E 197 -25.48 14.06 29.25
CA GLU E 197 -25.32 14.56 30.60
C GLU E 197 -24.52 15.85 30.67
N GLY E 198 -24.08 16.37 29.52
CA GLY E 198 -23.31 17.58 29.44
C GLY E 198 -21.83 17.39 29.70
N ARG E 199 -21.38 16.12 29.78
CA ARG E 199 -19.98 15.85 30.04
C ARG E 199 -19.12 15.92 28.79
N ILE E 200 -19.75 15.91 27.63
CA ILE E 200 -19.04 16.10 26.37
C ILE E 200 -19.70 17.25 25.64
N ARG E 201 -19.01 18.39 25.53
CA ARG E 201 -19.56 19.62 24.96
C ARG E 201 -20.31 19.45 23.64
N ASP E 202 -19.56 19.35 22.55
CA ASP E 202 -20.14 19.29 21.22
C ASP E 202 -20.30 17.87 20.69
N SER E 203 -20.92 17.79 19.50
CA SER E 203 -21.05 16.53 18.77
C SER E 203 -19.82 16.30 17.92
N VAL E 204 -19.13 17.38 17.55
CA VAL E 204 -17.87 17.27 16.83
C VAL E 204 -16.88 16.49 17.68
N LEU E 205 -16.83 16.82 18.98
CA LEU E 205 -15.94 16.12 19.90
C LEU E 205 -16.44 14.71 20.17
N LEU E 206 -17.76 14.49 20.14
CA LEU E 206 -18.29 13.15 20.39
C LEU E 206 -18.01 12.23 19.22
N GLN E 207 -18.26 12.72 17.99
CA GLN E 207 -17.98 11.91 16.81
C GLN E 207 -16.50 11.60 16.70
N GLY E 208 -15.66 12.57 17.07
CA GLY E 208 -14.22 12.35 17.09
C GLY E 208 -13.83 11.22 18.01
N ILE E 209 -14.52 11.08 19.14
CA ILE E 209 -14.23 9.99 20.06
C ILE E 209 -14.81 8.70 19.50
N LEU E 210 -15.97 8.79 18.86
CA LEU E 210 -16.58 7.62 18.25
C LEU E 210 -15.75 7.09 17.08
N ASN E 211 -15.08 7.97 16.35
CA ASN E 211 -14.25 7.53 15.23
C ASN E 211 -13.06 6.72 15.71
N GLU E 212 -12.33 7.23 16.70
CA GLU E 212 -11.19 6.47 17.23
C GLU E 212 -11.63 5.13 17.81
N LEU E 213 -12.86 5.05 18.32
CA LEU E 213 -13.38 3.76 18.75
C LEU E 213 -13.55 2.82 17.57
N ASN E 214 -14.24 3.29 16.53
CA ASN E 214 -14.44 2.48 15.33
C ASN E 214 -13.11 2.00 14.77
N THR E 215 -12.09 2.86 14.79
CA THR E 215 -10.76 2.45 14.37
C THR E 215 -10.27 1.27 15.19
N LEU E 216 -10.44 1.36 16.51
CA LEU E 216 -10.05 0.26 17.40
C LEU E 216 -10.84 -1.00 17.06
N ARG E 217 -12.12 -0.85 16.71
CA ARG E 217 -12.91 -2.01 16.31
C ARG E 217 -12.33 -2.64 15.04
N SER E 218 -11.94 -1.82 14.07
CA SER E 218 -11.35 -2.33 12.85
C SER E 218 -10.04 -3.06 13.14
N GLN E 219 -9.29 -2.59 14.15
CA GLN E 219 -8.07 -3.28 14.55
C GLN E 219 -8.39 -4.68 15.03
N CYS E 220 -9.37 -4.80 15.93
CA CYS E 220 -9.78 -6.10 16.45
C CYS E 220 -10.29 -7.00 15.32
N GLY E 221 -10.94 -6.41 14.32
CA GLY E 221 -11.42 -7.20 13.19
C GLY E 221 -10.28 -7.80 12.38
N ARG E 222 -9.22 -7.01 12.15
CA ARG E 222 -8.07 -7.51 11.42
C ARG E 222 -7.47 -8.70 12.14
N LEU E 223 -7.32 -8.58 13.47
CA LEU E 223 -6.80 -9.68 14.26
C LEU E 223 -7.70 -10.91 14.13
N TYR E 224 -9.01 -10.71 14.16
CA TYR E 224 -9.94 -11.83 13.97
C TYR E 224 -9.76 -12.44 12.58
N GLY E 225 -9.63 -11.59 11.56
CA GLY E 225 -9.45 -12.07 10.20
C GLY E 225 -8.21 -12.93 10.01
N TYR E 226 -7.07 -12.44 10.50
CA TYR E 226 -5.83 -13.20 10.35
C TYR E 226 -5.86 -14.50 11.14
N ASP E 227 -6.59 -14.52 12.25
CA ASP E 227 -6.72 -15.75 13.03
C ASP E 227 -7.66 -16.73 12.34
N TRP E 228 -8.74 -16.22 11.79
CA TRP E 228 -9.74 -17.04 11.12
C TRP E 228 -9.22 -17.54 9.78
N ILE E 229 -8.78 -16.63 8.92
CA ILE E 229 -8.33 -16.96 7.57
C ILE E 229 -6.85 -17.34 7.63
N SER E 230 -6.57 -18.63 7.82
CA SER E 230 -5.20 -19.12 7.82
C SER E 230 -4.65 -19.07 6.39
N ILE E 231 -3.33 -19.17 6.28
CA ILE E 231 -2.79 -19.34 4.93
C ILE E 231 -3.31 -20.67 4.39
N PRO E 232 -3.89 -20.71 3.18
CA PRO E 232 -4.45 -21.96 2.65
C PRO E 232 -3.60 -23.19 2.92
N LEU E 233 -4.21 -24.22 3.50
CA LEU E 233 -3.49 -25.42 3.91
C LEU E 233 -2.69 -26.02 2.77
N VAL E 234 -3.29 -26.09 1.58
CA VAL E 234 -2.60 -26.67 0.43
C VAL E 234 -1.27 -25.95 0.19
N TYR E 235 -1.25 -24.63 0.33
CA TYR E 235 -0.01 -23.88 0.13
C TYR E 235 1.03 -24.31 1.15
N THR E 236 0.63 -24.36 2.43
CA THR E 236 1.55 -24.80 3.48
C THR E 236 2.06 -26.21 3.21
N GLN E 237 1.18 -27.13 2.78
CA GLN E 237 1.62 -28.49 2.51
C GLN E 237 2.60 -28.55 1.35
N VAL E 238 2.33 -27.78 0.29
CA VAL E 238 3.22 -27.74 -0.86
C VAL E 238 4.65 -27.41 -0.45
N VAL E 239 4.84 -26.37 0.36
CA VAL E 239 6.21 -25.99 0.74
C VAL E 239 6.87 -27.00 1.65
N THR E 240 6.11 -27.75 2.45
CA THR E 240 6.76 -28.74 3.29
C THR E 240 7.12 -29.97 2.47
N VAL E 241 6.28 -30.31 1.49
CA VAL E 241 6.58 -31.42 0.60
C VAL E 241 7.86 -31.13 -0.19
N ALA E 242 7.96 -29.92 -0.73
CA ALA E 242 9.15 -29.54 -1.48
C ALA E 242 10.40 -29.60 -0.60
N VAL E 243 10.34 -29.02 0.59
CA VAL E 243 11.48 -29.03 1.50
C VAL E 243 11.86 -30.46 1.87
N TYR E 244 10.88 -31.25 2.29
CA TYR E 244 11.15 -32.63 2.69
C TYR E 244 11.64 -33.47 1.52
N SER E 245 11.12 -33.23 0.32
CA SER E 245 11.62 -33.93 -0.86
C SER E 245 13.12 -33.73 -1.00
N PHE E 246 13.58 -32.48 -0.81
CA PHE E 246 15.00 -32.18 -0.88
C PHE E 246 15.80 -32.95 0.17
N PHE E 247 15.36 -32.88 1.42
CA PHE E 247 16.12 -33.57 2.47
C PHE E 247 16.03 -35.07 2.32
N LEU E 248 14.96 -35.59 1.70
CA LEU E 248 14.90 -37.02 1.43
C LEU E 248 15.98 -37.41 0.44
N ALA E 249 16.11 -36.63 -0.64
CA ALA E 249 17.17 -36.85 -1.62
C ALA E 249 18.54 -36.78 -0.97
N CYS E 250 18.78 -35.74 -0.16
CA CYS E 250 20.08 -35.59 0.49
C CYS E 250 20.42 -36.77 1.39
N LEU E 251 19.43 -37.31 2.10
CA LEU E 251 19.70 -38.44 3.00
C LEU E 251 20.47 -39.56 2.32
N ILE E 252 20.15 -39.84 1.07
CA ILE E 252 20.82 -40.91 0.31
C ILE E 252 21.81 -40.32 -0.70
N GLY E 253 21.36 -39.36 -1.50
CA GLY E 253 22.22 -38.74 -2.50
C GLY E 253 23.52 -38.17 -1.97
N ARG E 254 23.49 -37.57 -0.79
CA ARG E 254 24.68 -36.93 -0.22
C ARG E 254 25.57 -37.90 0.56
N GLN E 255 25.29 -39.20 0.49
CA GLN E 255 26.14 -40.19 1.13
C GLN E 255 27.52 -40.20 0.46
N PHE E 256 28.56 -40.40 1.28
CA PHE E 256 29.92 -40.47 0.75
C PHE E 256 30.14 -41.83 0.12
N LEU E 257 30.21 -41.87 -1.21
CA LEU E 257 30.37 -43.11 -1.92
C LEU E 257 31.82 -43.56 -1.87
N ASP E 258 32.06 -44.78 -2.34
CA ASP E 258 33.39 -45.36 -2.38
C ASP E 258 34.36 -44.50 -3.17
N PRO E 259 35.44 -44.01 -2.56
CA PRO E 259 36.41 -43.22 -3.31
C PRO E 259 37.11 -44.05 -4.38
N GLU E 260 37.36 -45.33 -4.08
CA GLU E 260 38.03 -46.20 -5.03
C GLU E 260 37.26 -46.30 -6.34
N LYS E 261 35.93 -46.44 -6.27
CA LYS E 261 35.12 -46.53 -7.48
C LYS E 261 35.22 -45.29 -8.36
N ALA E 262 35.75 -44.18 -7.84
CA ALA E 262 36.03 -42.97 -8.62
C ALA E 262 34.79 -42.46 -9.37
N TYR E 263 33.69 -42.27 -8.65
CA TYR E 263 32.51 -41.69 -9.27
C TYR E 263 32.72 -40.19 -9.48
N PRO E 264 32.41 -39.66 -10.67
CA PRO E 264 32.55 -38.22 -10.91
C PRO E 264 31.72 -37.43 -9.90
N GLY E 265 32.42 -36.61 -9.11
CA GLY E 265 31.81 -35.84 -8.07
C GLY E 265 32.05 -36.40 -6.69
N HIS E 266 32.44 -37.66 -6.59
CA HIS E 266 32.66 -38.29 -5.30
C HIS E 266 34.07 -38.84 -5.16
N GLU E 267 35.08 -37.98 -5.28
CA GLU E 267 36.47 -38.38 -5.19
C GLU E 267 37.01 -38.39 -3.77
N LEU E 268 36.37 -37.70 -2.83
CA LEU E 268 36.85 -37.57 -1.46
C LEU E 268 35.79 -38.02 -0.46
N ASP E 269 36.21 -38.81 0.53
CA ASP E 269 35.34 -39.30 1.60
C ASP E 269 35.68 -38.57 2.89
N LEU E 270 34.77 -37.70 3.36
CA LEU E 270 34.97 -36.97 4.60
C LEU E 270 34.12 -37.50 5.76
N PHE E 271 33.30 -38.53 5.52
CA PHE E 271 32.40 -39.13 6.50
C PHE E 271 31.30 -38.19 6.98
N VAL E 272 31.64 -36.94 7.29
CA VAL E 272 30.66 -35.95 7.73
C VAL E 272 30.43 -34.96 6.59
N PRO E 273 29.12 -34.87 6.01
CA PRO E 273 28.74 -33.97 4.90
C PRO E 273 28.57 -32.54 5.39
N VAL E 274 29.71 -31.89 5.60
CA VAL E 274 29.74 -30.52 6.14
C VAL E 274 28.77 -29.60 5.39
N PHE E 275 28.93 -29.49 4.07
CA PHE E 275 28.09 -28.55 3.32
C PHE E 275 26.64 -29.02 3.23
N THR E 276 26.38 -30.32 3.33
CA THR E 276 24.99 -30.76 3.29
C THR E 276 24.30 -30.39 4.59
N PHE E 277 25.03 -30.49 5.71
CA PHE E 277 24.47 -30.06 6.99
C PHE E 277 24.29 -28.55 6.99
N LEU E 278 25.23 -27.83 6.35
CA LEU E 278 25.07 -26.39 6.24
C LEU E 278 23.88 -26.05 5.36
N GLN E 279 23.57 -26.89 4.37
CA GLN E 279 22.38 -26.65 3.57
C GLN E 279 21.12 -26.95 4.36
N PHE E 280 21.21 -27.92 5.28
CA PHE E 280 20.06 -28.25 6.13
C PHE E 280 19.70 -27.07 7.02
N PHE E 281 20.69 -26.49 7.69
CA PHE E 281 20.43 -25.31 8.52
C PHE E 281 19.81 -24.20 7.70
N PHE E 282 20.32 -23.98 6.49
CA PHE E 282 19.80 -22.96 5.61
C PHE E 282 18.32 -23.20 5.32
N TYR E 283 17.98 -24.31 4.66
CA TYR E 283 16.59 -24.55 4.27
C TYR E 283 15.68 -24.91 5.43
N ALA E 284 16.12 -25.79 6.34
CA ALA E 284 15.25 -26.09 7.48
C ALA E 284 15.09 -24.85 8.35
N GLY E 285 16.16 -24.07 8.53
CA GLY E 285 16.03 -22.83 9.28
C GLY E 285 15.18 -21.81 8.54
N TRP E 286 15.27 -21.79 7.22
CA TRP E 286 14.45 -20.85 6.44
C TRP E 286 12.98 -21.22 6.58
N LEU E 287 12.68 -22.52 6.61
CA LEU E 287 11.29 -22.95 6.81
C LEU E 287 10.84 -22.62 8.23
N LYS E 288 11.76 -22.68 9.20
CA LYS E 288 11.40 -22.35 10.57
C LYS E 288 11.02 -20.88 10.71
N VAL E 289 11.52 -20.01 9.83
CA VAL E 289 11.11 -18.62 9.86
C VAL E 289 9.60 -18.54 9.68
N ALA E 290 9.10 -19.20 8.62
CA ALA E 290 7.66 -19.25 8.40
C ALA E 290 6.98 -20.02 9.51
N GLU E 291 7.57 -21.16 9.91
CA GLU E 291 7.00 -21.99 10.96
C GLU E 291 6.75 -21.19 12.23
N GLN E 292 7.64 -20.26 12.58
CA GLN E 292 7.49 -19.47 13.79
C GLN E 292 6.55 -18.28 13.61
N LEU E 293 6.65 -17.58 12.48
CA LEU E 293 5.84 -16.38 12.28
C LEU E 293 4.46 -16.64 11.69
N ILE E 294 4.13 -17.88 11.33
CA ILE E 294 2.82 -18.14 10.75
C ILE E 294 1.71 -17.86 11.76
N ASN E 295 2.05 -17.86 13.05
CA ASN E 295 1.12 -17.51 14.12
C ASN E 295 1.94 -16.76 15.16
N PRO E 296 2.01 -15.44 15.02
CA PRO E 296 2.86 -14.62 15.90
C PRO E 296 2.28 -14.39 17.28
N PHE E 297 1.12 -14.96 17.57
CA PHE E 297 0.45 -14.80 18.85
C PHE E 297 0.57 -16.05 19.71
N GLY E 298 1.45 -16.98 19.32
CA GLY E 298 1.71 -18.19 20.07
C GLY E 298 2.69 -17.91 21.19
N GLU E 299 3.37 -18.97 21.63
CA GLU E 299 4.32 -18.89 22.72
C GLU E 299 5.77 -19.06 22.26
N ASP E 300 6.07 -18.76 21.00
CA ASP E 300 7.45 -18.83 20.54
C ASP E 300 8.25 -17.66 21.10
N ASP E 301 9.57 -17.85 21.12
CA ASP E 301 10.46 -16.79 21.60
C ASP E 301 10.23 -15.50 20.83
N ASP E 302 10.05 -15.57 19.51
CA ASP E 302 9.84 -14.41 18.68
C ASP E 302 8.36 -14.10 18.45
N ASP E 303 7.46 -14.79 19.13
CA ASP E 303 6.06 -14.43 19.04
C ASP E 303 5.81 -13.19 19.89
N PHE E 304 4.81 -12.40 19.49
CA PHE E 304 4.52 -11.14 20.16
C PHE E 304 4.30 -11.29 21.65
N GLU E 305 4.70 -10.24 22.38
CA GLU E 305 4.55 -10.16 23.83
C GLU E 305 3.18 -9.53 24.13
N THR E 306 2.13 -10.32 23.89
CA THR E 306 0.78 -9.79 24.01
C THR E 306 0.37 -9.53 25.46
N ASN E 307 0.85 -10.32 26.41
CA ASN E 307 0.46 -10.10 27.79
C ASN E 307 1.09 -8.83 28.37
N TRP E 308 2.33 -8.53 28.00
CA TRP E 308 2.92 -7.28 28.47
C TRP E 308 2.18 -6.09 27.91
N LEU E 309 1.79 -6.16 26.64
CA LEU E 309 1.03 -5.08 26.00
C LEU E 309 -0.25 -4.81 26.78
N ILE E 310 -0.98 -5.86 27.13
CA ILE E 310 -2.20 -5.72 27.93
C ILE E 310 -1.91 -4.98 29.23
N ASP E 311 -0.87 -5.41 29.95
CA ASP E 311 -0.50 -4.74 31.21
C ASP E 311 -0.14 -3.28 30.98
N ARG E 312 0.78 -3.01 30.04
CA ARG E 312 1.18 -1.64 29.78
C ARG E 312 -0.02 -0.77 29.42
N ASN E 313 -0.90 -1.27 28.56
CA ASN E 313 -2.04 -0.48 28.13
C ASN E 313 -2.97 -0.17 29.30
N LEU E 314 -3.24 -1.16 30.15
CA LEU E 314 -4.10 -0.93 31.32
C LEU E 314 -3.56 0.21 32.19
N GLN E 315 -2.30 0.10 32.61
CA GLN E 315 -1.68 1.12 33.45
C GLN E 315 -1.73 2.51 32.80
N VAL E 316 -1.17 2.65 31.61
CA VAL E 316 -1.12 3.94 30.93
C VAL E 316 -2.51 4.50 30.66
N SER E 317 -3.42 3.67 30.13
CA SER E 317 -4.78 4.11 29.82
C SER E 317 -5.44 4.86 30.98
N LEU E 318 -5.72 4.14 32.06
CA LEU E 318 -6.36 4.73 33.22
C LEU E 318 -5.60 5.95 33.74
N MET E 319 -4.28 5.85 33.83
CA MET E 319 -3.47 6.97 34.32
C MET E 319 -3.67 8.23 33.50
N ALA E 320 -3.83 8.10 32.18
CA ALA E 320 -3.92 9.29 31.34
C ALA E 320 -5.27 9.97 31.43
N VAL E 321 -6.34 9.20 31.66
CA VAL E 321 -7.68 9.77 31.74
C VAL E 321 -8.09 10.12 33.16
N ASP E 322 -7.35 9.66 34.18
CA ASP E 322 -7.67 9.95 35.56
C ASP E 322 -6.69 10.97 36.10
N GLU E 323 -5.52 10.55 36.60
CA GLU E 323 -4.52 11.46 37.16
C GLU E 323 -4.13 12.61 36.23
N MET E 324 -4.35 12.48 34.93
CA MET E 324 -3.90 13.49 33.99
C MET E 324 -5.02 14.31 33.38
N HIS E 325 -6.28 14.09 33.79
CA HIS E 325 -7.38 14.89 33.25
C HIS E 325 -7.21 16.34 33.67
N GLN E 326 -7.17 17.23 32.66
CA GLN E 326 -6.98 18.66 32.83
C GLN E 326 -5.89 19.00 33.84
N ASP E 327 -4.90 18.12 33.98
CA ASP E 327 -3.79 18.29 34.92
C ASP E 327 -2.51 18.54 34.13
N LEU E 328 -2.07 19.79 34.12
CA LEU E 328 -0.90 20.16 33.33
C LEU E 328 0.22 20.66 34.23
N PRO E 329 1.44 20.76 33.72
CA PRO E 329 2.51 21.37 34.50
C PRO E 329 2.40 22.89 34.42
N ILE E 330 3.23 23.56 35.21
CA ILE E 330 3.19 25.01 35.26
C ILE E 330 3.74 25.57 33.96
N LEU E 331 2.92 26.35 33.25
CA LEU E 331 3.37 26.97 32.01
C LEU E 331 4.50 27.94 32.30
N GLU E 332 5.63 27.74 31.62
CA GLU E 332 6.78 28.62 31.71
C GLU E 332 7.17 29.11 30.33
N LYS E 333 7.97 30.17 30.32
CA LYS E 333 8.60 30.59 29.08
C LYS E 333 9.70 29.60 28.74
N ASP E 334 9.78 29.21 27.47
CA ASP E 334 10.77 28.22 27.12
C ASP E 334 12.16 28.87 27.11
N LEU E 335 13.18 28.01 27.21
CA LEU E 335 14.55 28.50 27.29
C LEU E 335 14.95 29.29 26.05
N TYR E 336 14.18 29.17 24.96
CA TYR E 336 14.48 29.83 23.70
C TYR E 336 13.45 30.92 23.39
N TRP E 337 12.77 31.41 24.42
CA TRP E 337 11.72 32.43 24.29
C TRP E 337 12.17 33.59 23.41
N ASN E 338 13.35 34.14 23.67
CA ASN E 338 13.87 35.27 22.92
C ASN E 338 14.89 34.84 21.88
N GLU E 339 15.00 33.55 21.60
CA GLU E 339 15.94 33.07 20.61
C GLU E 339 15.20 32.54 19.40
N PRO E 340 15.22 33.26 18.27
CA PRO E 340 14.53 32.80 17.07
C PRO E 340 15.18 31.59 16.40
N ASP E 341 16.51 31.50 16.41
CA ASP E 341 17.26 30.38 15.84
C ASP E 341 18.04 29.65 16.93
N PRO E 342 17.34 28.88 17.76
CA PRO E 342 17.99 28.15 18.85
C PRO E 342 19.03 27.18 18.32
N GLN E 343 20.09 26.98 19.11
CA GLN E 343 21.17 26.07 18.77
C GLN E 343 21.33 25.11 19.94
N PRO E 344 20.40 24.16 20.09
CA PRO E 344 20.48 23.19 21.19
C PRO E 344 21.85 22.56 21.25
N PRO E 345 22.39 22.39 22.46
CA PRO E 345 23.74 21.86 22.62
C PRO E 345 23.85 20.40 22.18
N TYR E 346 25.11 19.97 22.10
CA TYR E 346 25.46 18.60 21.76
C TYR E 346 26.45 18.08 22.78
N THR E 347 26.36 16.80 23.10
CA THR E 347 27.36 16.25 23.99
C THR E 347 28.69 16.17 23.25
N ALA E 348 29.74 15.85 23.99
CA ALA E 348 31.06 15.76 23.36
C ALA E 348 31.06 14.68 22.29
N ALA E 349 30.45 13.53 22.58
CA ALA E 349 30.42 12.40 21.66
C ALA E 349 29.54 12.61 20.43
N THR E 350 28.62 13.59 20.46
CA THR E 350 27.65 13.75 19.38
C THR E 350 27.83 15.03 18.57
N ALA E 351 28.93 15.76 18.78
CA ALA E 351 29.11 17.02 18.06
C ALA E 351 29.28 16.80 16.56
N GLU E 352 29.80 15.64 16.15
CA GLU E 352 29.95 15.34 14.73
C GLU E 352 28.61 15.27 14.01
N TYR E 353 27.52 15.11 14.77
CA TYR E 353 26.20 14.96 14.21
C TYR E 353 25.45 16.29 14.05
N LYS E 354 26.08 17.41 14.36
CA LYS E 354 25.48 18.72 14.11
C LYS E 354 25.82 19.09 12.67
N ARG E 355 24.84 18.94 11.79
CA ARG E 355 25.06 19.09 10.36
C ARG E 355 24.43 20.38 9.83
N PRO E 356 24.91 20.89 8.70
CA PRO E 356 24.24 22.03 8.07
C PRO E 356 22.94 21.56 7.44
N SER E 357 21.99 22.48 7.33
CA SER E 357 20.67 22.13 6.80
C SER E 357 20.76 21.64 5.37
N PHE E 358 20.10 20.51 5.09
CA PHE E 358 19.99 20.03 3.72
C PHE E 358 18.92 20.83 3.00
N LEU E 359 19.34 21.62 2.02
CA LEU E 359 18.42 22.52 1.33
C LEU E 359 17.77 21.86 0.12
N GLY E 360 18.48 20.94 -0.52
CA GLY E 360 18.02 20.26 -1.71
C GLY E 360 19.21 19.85 -2.56
N SER E 361 18.98 18.85 -3.41
CA SER E 361 20.07 18.36 -4.24
C SER E 361 20.50 19.41 -5.27
N THR E 362 19.55 20.21 -5.76
CA THR E 362 19.82 21.16 -6.83
C THR E 362 20.71 22.32 -6.41
N PHE E 363 20.75 22.66 -5.12
CA PHE E 363 21.49 23.84 -4.70
C PHE E 363 22.98 23.58 -4.61
N ASP E 364 23.76 24.59 -5.01
CA ASP E 364 25.21 24.51 -4.91
C ASP E 364 25.62 24.62 -3.44
N ILE E 365 26.40 23.64 -2.99
CA ILE E 365 26.89 23.63 -1.61
C ILE E 365 28.13 24.50 -1.49
N SER E 366 27.93 25.77 -1.12
CA SER E 366 29.04 26.71 -0.99
C SER E 366 28.89 27.59 0.25
N ASP F 1 42.11 21.73 16.20
CA ASP F 1 41.70 22.17 17.51
C ASP F 1 41.12 23.59 17.42
N ILE F 2 40.26 23.94 18.37
CA ILE F 2 39.67 25.27 18.44
C ILE F 2 40.41 26.05 19.52
N GLN F 3 40.91 27.23 19.16
CA GLN F 3 41.72 28.00 20.08
C GLN F 3 40.86 29.03 20.81
N MET F 4 40.95 29.05 22.13
CA MET F 4 40.21 29.99 22.97
C MET F 4 41.17 31.08 23.43
N THR F 5 40.95 32.31 22.97
CA THR F 5 41.79 33.44 23.36
C THR F 5 41.00 34.33 24.32
N GLN F 6 41.41 34.37 25.59
CA GLN F 6 40.72 35.12 26.61
C GLN F 6 41.49 36.40 26.94
N SER F 7 40.73 37.45 27.24
CA SER F 7 41.30 38.76 27.57
C SER F 7 40.31 39.54 28.42
N PRO F 8 40.80 40.36 29.36
CA PRO F 8 42.20 40.62 29.71
C PRO F 8 42.82 39.52 30.57
N ALA F 9 44.16 39.44 30.58
CA ALA F 9 44.81 38.45 31.43
C ALA F 9 44.48 38.68 32.90
N SER F 10 44.27 39.93 33.28
CA SER F 10 43.88 40.29 34.64
C SER F 10 43.23 41.66 34.60
N LEU F 11 42.15 41.82 35.33
CA LEU F 11 41.42 43.07 35.41
C LEU F 11 41.36 43.49 36.87
N SER F 12 41.56 44.78 37.14
CA SER F 12 41.55 45.29 38.49
C SER F 12 40.41 46.28 38.65
N ALA F 13 39.52 46.02 39.61
CA ALA F 13 38.38 46.88 39.87
C ALA F 13 37.98 46.75 41.33
N SER F 14 37.18 47.71 41.78
CA SER F 14 36.68 47.80 43.14
C SER F 14 35.18 47.49 43.18
N VAL F 15 34.71 47.11 44.37
CA VAL F 15 33.30 46.81 44.59
C VAL F 15 32.40 47.90 44.01
N GLY F 16 31.28 47.46 43.41
CA GLY F 16 30.31 48.33 42.77
C GLY F 16 30.50 48.48 41.27
N GLU F 17 31.73 48.33 40.79
CA GLU F 17 32.07 48.47 39.39
C GLU F 17 31.46 47.33 38.55
N THR F 18 31.57 47.49 37.23
CA THR F 18 31.08 46.51 36.26
C THR F 18 32.18 46.19 35.24
N VAL F 19 32.63 44.94 35.21
CA VAL F 19 33.69 44.52 34.29
C VAL F 19 33.12 43.60 33.21
N THR F 20 33.91 43.38 32.16
CA THR F 20 33.52 42.54 31.03
C THR F 20 34.71 41.77 30.49
N ILE F 21 34.70 40.43 30.67
CA ILE F 21 35.72 39.51 30.16
C ILE F 21 35.30 39.05 28.77
N THR F 22 36.29 38.74 27.92
CA THR F 22 36.01 38.38 26.54
C THR F 22 36.78 37.14 26.10
N CYS F 23 36.05 36.19 25.53
CA CYS F 23 36.63 34.98 24.93
C CYS F 23 36.34 35.03 23.44
N ARG F 24 37.34 34.72 22.64
CA ARG F 24 37.17 34.75 21.19
C ARG F 24 37.58 33.40 20.62
N ALA F 25 36.72 32.83 19.79
CA ALA F 25 36.91 31.49 19.25
C ALA F 25 37.72 31.51 17.96
N SER F 26 38.59 30.52 17.82
CA SER F 26 39.36 30.35 16.58
C SER F 26 38.43 30.13 15.40
N GLU F 27 37.28 29.50 15.65
CA GLU F 27 36.30 29.23 14.61
C GLU F 27 34.92 29.18 15.25
N ASN F 28 33.90 29.30 14.40
CA ASN F 28 32.50 29.33 14.82
C ASN F 28 32.16 28.17 15.76
N ILE F 29 31.67 28.53 16.96
CA ILE F 29 31.23 27.55 17.95
C ILE F 29 29.78 27.80 18.36
N TYR F 30 29.01 28.49 17.52
CA TYR F 30 27.58 28.81 17.72
C TYR F 30 27.40 29.39 19.12
N SER F 31 26.50 28.83 19.94
CA SER F 31 26.26 29.29 21.30
C SER F 31 26.87 28.34 22.32
N TYR F 32 27.83 27.51 21.89
CA TYR F 32 28.43 26.48 22.75
C TYR F 32 29.64 27.03 23.49
N LEU F 33 29.37 27.83 24.53
CA LEU F 33 30.45 28.37 25.34
C LEU F 33 29.99 28.41 26.80
N THR F 34 30.90 28.09 27.71
CA THR F 34 30.61 28.10 29.14
C THR F 34 31.61 28.99 29.88
N TRP F 35 31.14 29.60 30.96
CA TRP F 35 31.94 30.49 31.80
C TRP F 35 32.08 29.89 33.20
N TYR F 36 33.31 29.78 33.68
CA TYR F 36 33.59 29.22 35.00
C TYR F 36 34.23 30.25 35.91
N GLN F 37 33.94 30.15 37.21
CA GLN F 37 34.57 30.98 38.22
C GLN F 37 35.39 30.06 39.13
N GLN F 38 36.67 30.38 39.30
CA GLN F 38 37.55 29.58 40.14
C GLN F 38 38.35 30.45 41.08
N LYS F 39 38.15 30.24 42.38
CA LYS F 39 38.87 30.98 43.41
C LYS F 39 40.07 30.16 43.81
N GLN F 40 41.26 30.78 43.81
CA GLN F 40 42.54 30.15 44.13
C GLN F 40 42.44 28.98 45.11
N GLY F 41 42.90 27.81 44.67
CA GLY F 41 42.90 26.62 45.48
C GLY F 41 41.65 25.76 45.40
N LYS F 42 40.50 26.35 45.08
CA LYS F 42 39.26 25.60 45.00
C LYS F 42 39.01 25.15 43.57
N SER F 43 38.08 24.21 43.41
CA SER F 43 37.75 23.72 42.08
C SER F 43 36.77 24.65 41.37
N PRO F 44 36.92 24.83 40.06
CA PRO F 44 36.04 25.77 39.33
C PRO F 44 34.56 25.48 39.50
N GLN F 45 33.76 26.50 39.24
CA GLN F 45 32.31 26.39 39.36
C GLN F 45 31.65 26.99 38.13
N LEU F 46 30.58 26.34 37.69
CA LEU F 46 29.86 26.75 36.50
C LEU F 46 29.07 28.03 36.75
N LEU F 47 29.25 29.03 35.87
CA LEU F 47 28.52 30.29 35.94
C LEU F 47 27.46 30.36 34.84
N VAL F 48 27.89 30.34 33.59
CA VAL F 48 27.01 30.47 32.44
C VAL F 48 27.32 29.31 31.51
N TYR F 49 26.29 28.72 30.92
CA TYR F 49 26.46 27.67 29.93
C TYR F 49 25.59 28.02 28.74
N ASN F 50 25.94 27.44 27.58
CA ASN F 50 25.19 27.70 26.36
C ASN F 50 25.20 29.19 25.98
N ALA F 51 26.27 29.87 26.41
CA ALA F 51 26.65 31.25 26.15
C ALA F 51 25.86 32.31 26.93
N LYS F 52 24.61 32.03 27.26
CA LYS F 52 23.75 33.01 27.93
C LYS F 52 23.13 32.48 29.21
N THR F 53 22.67 31.23 29.22
CA THR F 53 21.95 30.67 30.35
C THR F 53 22.81 30.58 31.61
N LEU F 54 22.28 31.16 32.69
CA LEU F 54 22.91 31.09 34.00
C LEU F 54 22.53 29.77 34.67
N THR F 55 23.45 29.23 35.46
CA THR F 55 23.17 27.99 36.17
C THR F 55 22.38 28.30 37.44
N GLU F 56 22.16 27.28 38.27
CA GLU F 56 21.37 27.38 39.48
C GLU F 56 21.72 28.56 40.39
N GLY F 57 22.80 28.42 41.15
CA GLY F 57 23.19 29.37 42.19
C GLY F 57 23.58 30.77 41.75
N VAL F 58 24.01 30.95 40.50
CA VAL F 58 24.50 32.23 40.00
C VAL F 58 23.54 33.40 40.18
N PRO F 59 24.01 34.48 40.81
CA PRO F 59 23.19 35.69 41.01
C PRO F 59 22.99 36.50 39.73
N SER F 60 21.83 37.17 39.67
CA SER F 60 21.44 37.97 38.51
C SER F 60 22.50 38.95 38.02
N ARG F 61 23.47 39.31 38.87
CA ARG F 61 24.49 40.27 38.47
C ARG F 61 25.44 39.72 37.41
N PHE F 62 25.41 38.42 37.16
CA PHE F 62 26.21 37.78 36.13
C PHE F 62 25.39 37.63 34.85
N SER F 63 26.00 37.92 33.71
CA SER F 63 25.31 37.76 32.44
C SER F 63 26.33 37.48 31.35
N GLY F 64 25.96 36.60 30.43
CA GLY F 64 26.81 36.25 29.32
C GLY F 64 26.19 36.65 28.00
N SER F 65 27.02 36.79 26.96
CA SER F 65 26.49 37.17 25.65
C SER F 65 27.49 36.74 24.59
N GLY F 66 27.09 36.91 23.34
CA GLY F 66 27.93 36.58 22.21
C GLY F 66 27.46 35.31 21.51
N SER F 67 28.10 35.04 20.37
CA SER F 67 27.78 33.88 19.54
C SER F 67 28.72 33.82 18.33
N GLY F 68 29.07 32.62 17.89
CA GLY F 68 29.97 32.50 16.77
C GLY F 68 31.40 32.44 17.27
N THR F 69 32.13 33.55 17.15
CA THR F 69 33.51 33.63 17.59
C THR F 69 33.74 34.72 18.62
N GLN F 70 32.73 35.48 18.99
CA GLN F 70 32.89 36.58 19.94
C GLN F 70 31.92 36.43 21.09
N PHE F 71 32.44 36.19 22.29
CA PHE F 71 31.64 36.03 23.48
C PHE F 71 32.18 36.94 24.56
N SER F 72 31.37 37.15 25.60
CA SER F 72 31.79 38.03 26.68
C SER F 72 30.97 37.76 27.93
N LEU F 73 31.66 37.79 29.08
CA LEU F 73 31.03 37.68 30.38
C LEU F 73 31.01 39.09 30.97
N LYS F 74 29.90 39.46 31.60
CA LYS F 74 29.76 40.81 32.15
C LYS F 74 29.28 40.71 33.58
N ILE F 75 30.09 41.20 34.51
CA ILE F 75 29.75 41.19 35.93
C ILE F 75 29.49 42.63 36.34
N ASN F 76 28.21 42.99 36.44
CA ASN F 76 27.80 44.32 36.86
C ASN F 76 27.56 44.33 38.36
N SER F 77 27.85 45.47 38.99
CA SER F 77 27.70 45.66 40.44
C SER F 77 28.50 44.60 41.21
N LEU F 78 29.83 44.71 41.07
CA LEU F 78 30.74 43.77 41.73
C LEU F 78 30.46 43.62 43.22
N GLN F 79 30.97 42.54 43.79
CA GLN F 79 30.82 42.19 45.19
C GLN F 79 32.16 41.71 45.72
N PRO F 80 32.29 41.43 47.02
CA PRO F 80 33.58 40.90 47.50
C PRO F 80 33.82 39.49 46.99
N GLU F 81 32.76 38.68 46.86
CA GLU F 81 32.91 37.31 46.40
C GLU F 81 33.40 37.24 44.95
N ASP F 82 32.94 38.16 44.11
CA ASP F 82 33.25 38.15 42.69
C ASP F 82 34.71 38.35 42.33
N PHE F 83 35.61 38.37 43.31
CA PHE F 83 37.01 38.58 43.02
C PHE F 83 37.72 37.23 42.97
N GLY F 84 38.41 36.98 41.86
CA GLY F 84 39.10 35.71 41.70
C GLY F 84 39.35 35.39 40.22
N GLY F 85 39.35 34.09 39.93
CA GLY F 85 39.61 33.60 38.60
C GLY F 85 38.37 33.39 37.74
N TYR F 86 38.52 33.63 36.44
CA TYR F 86 37.43 33.47 35.48
C TYR F 86 37.98 32.94 34.17
N PHE F 87 37.44 31.82 33.69
CA PHE F 87 37.87 31.28 32.41
C PHE F 87 36.67 30.73 31.67
N CYS F 88 36.86 30.55 30.36
CA CYS F 88 35.82 30.05 29.46
C CYS F 88 36.25 28.72 28.85
N GLN F 89 35.26 28.04 28.26
CA GLN F 89 35.49 26.77 27.57
C GLN F 89 34.45 26.61 26.47
N HIS F 90 34.89 26.14 25.30
CA HIS F 90 33.92 25.86 24.25
C HIS F 90 33.43 24.44 24.44
N HIS F 91 32.22 24.16 23.95
CA HIS F 91 31.65 22.84 24.08
C HIS F 91 31.24 22.29 22.71
N TYR F 92 31.89 22.76 21.66
CA TYR F 92 31.61 22.30 20.31
C TYR F 92 32.69 21.32 19.85
N GLY F 93 32.51 20.06 20.21
CA GLY F 93 33.43 19.03 19.76
C GLY F 93 34.44 18.64 20.82
N THR F 94 35.39 17.83 20.35
CA THR F 94 36.49 17.34 21.17
C THR F 94 37.79 17.62 20.42
N PRO F 95 38.81 18.11 21.13
CA PRO F 95 38.83 18.41 22.56
C PRO F 95 38.23 19.78 22.92
N PRO F 96 37.48 19.84 24.01
CA PRO F 96 36.92 21.12 24.47
C PRO F 96 37.95 22.01 25.17
N THR F 97 38.73 22.72 24.37
CA THR F 97 39.81 23.56 24.91
C THR F 97 39.25 24.67 25.79
N PHE F 98 40.06 25.08 26.77
CA PHE F 98 39.72 26.13 27.72
C PHE F 98 40.39 27.44 27.36
N GLY F 99 39.88 28.53 27.96
CA GLY F 99 40.45 29.84 27.77
C GLY F 99 41.64 30.09 28.70
N GLY F 100 42.41 31.13 28.35
CA GLY F 100 43.59 31.46 29.14
C GLY F 100 43.32 31.85 30.59
N GLY F 101 42.16 32.42 30.86
CA GLY F 101 41.80 32.81 32.21
C GLY F 101 41.90 34.32 32.41
N THR F 102 41.30 34.76 33.52
CA THR F 102 41.31 36.18 33.88
C THR F 102 41.33 36.32 35.39
N LYS F 103 42.34 37.01 35.92
CA LYS F 103 42.48 37.25 37.36
C LYS F 103 41.82 38.59 37.70
N LEU F 104 40.70 38.54 38.42
CA LEU F 104 40.00 39.76 38.82
C LEU F 104 40.46 40.16 40.21
N GLU F 105 41.34 41.15 40.28
CA GLU F 105 41.90 41.58 41.56
C GLU F 105 41.28 42.89 42.00
N VAL F 106 41.35 43.16 43.30
CA VAL F 106 40.77 44.37 43.85
C VAL F 106 41.68 45.56 43.56
N LYS F 107 41.05 46.72 43.34
CA LYS F 107 41.78 47.96 43.08
C LYS F 107 41.66 48.87 44.29
N ARG F 108 42.78 49.49 44.68
CA ARG F 108 42.82 50.39 45.83
C ARG F 108 43.65 51.63 45.53
N ALA F 109 44.39 52.14 46.52
CA ALA F 109 45.25 53.30 46.34
C ALA F 109 46.69 52.81 46.26
N ASP F 110 47.46 53.45 45.38
CA ASP F 110 48.85 53.04 45.16
C ASP F 110 49.65 53.06 46.46
N ALA F 111 50.69 52.22 46.51
CA ALA F 111 51.54 52.09 47.70
C ALA F 111 52.96 51.72 47.29
N ALA F 112 53.97 52.23 48.08
CA ALA F 112 55.40 52.00 47.86
C ALA F 112 55.85 50.73 48.58
N PRO F 113 56.80 49.99 48.01
CA PRO F 113 57.29 48.76 48.65
C PRO F 113 58.20 49.04 49.84
N THR F 114 57.90 48.40 50.98
CA THR F 114 58.70 48.54 52.20
C THR F 114 59.89 47.58 52.13
N VAL F 115 60.95 48.04 51.44
CA VAL F 115 62.14 47.23 51.20
C VAL F 115 62.94 47.01 52.49
N SER F 116 63.35 45.75 52.71
CA SER F 116 64.16 45.36 53.86
C SER F 116 65.18 44.33 53.39
N ILE F 117 66.46 44.72 53.31
CA ILE F 117 67.52 43.82 52.87
C ILE F 117 68.17 43.18 54.08
N PHE F 118 68.52 41.89 53.95
CA PHE F 118 69.14 41.17 55.05
C PHE F 118 70.43 40.50 54.61
N PRO F 119 71.47 40.55 55.43
CA PRO F 119 72.74 39.88 55.09
C PRO F 119 72.68 38.40 55.44
N PRO F 120 73.54 37.58 54.82
CA PRO F 120 73.57 36.15 55.15
C PRO F 120 73.77 35.91 56.63
N SER F 121 72.99 34.98 57.19
CA SER F 121 73.08 34.64 58.59
C SER F 121 74.38 33.88 58.88
N SER F 122 74.90 34.06 60.10
CA SER F 122 76.13 33.40 60.50
C SER F 122 76.01 31.88 60.52
N GLU F 123 74.81 31.36 60.83
CA GLU F 123 74.63 29.92 60.81
C GLU F 123 74.74 29.39 59.39
N GLN F 124 74.34 30.20 58.43
CA GLN F 124 74.40 29.80 57.02
C GLN F 124 75.82 29.96 56.47
N LEU F 125 76.51 31.04 56.86
CA LEU F 125 77.87 31.25 56.37
C LEU F 125 78.80 30.14 56.83
N THR F 126 78.59 29.64 58.06
CA THR F 126 79.39 28.52 58.55
C THR F 126 79.03 27.22 57.86
N SER F 127 77.87 27.16 57.20
CA SER F 127 77.43 25.96 56.50
C SER F 127 78.08 25.84 55.12
N GLY F 128 78.65 26.92 54.61
CA GLY F 128 79.33 26.94 53.33
C GLY F 128 78.59 27.66 52.21
N GLY F 129 77.49 28.33 52.52
CA GLY F 129 76.74 29.05 51.52
C GLY F 129 76.32 30.40 52.06
N ALA F 130 76.02 31.32 51.14
CA ALA F 130 75.58 32.67 51.50
C ALA F 130 74.39 33.07 50.66
N SER F 131 73.33 33.54 51.31
CA SER F 131 72.10 33.96 50.65
C SER F 131 71.64 35.31 51.20
N VAL F 132 71.56 36.30 50.31
CA VAL F 132 71.11 37.65 50.66
C VAL F 132 69.64 37.78 50.29
N VAL F 133 68.80 38.02 51.30
CA VAL F 133 67.36 38.12 51.13
C VAL F 133 66.97 39.60 51.06
N CYS F 134 65.91 39.88 50.31
CA CYS F 134 65.41 41.24 50.15
C CYS F 134 63.89 41.18 50.03
N PHE F 135 63.20 41.75 51.03
CA PHE F 135 61.74 41.77 51.05
C PHE F 135 61.19 43.06 50.46
N LEU F 136 59.97 42.99 49.88
CA LEU F 136 59.27 44.15 49.33
C LEU F 136 57.79 43.95 49.68
N ASN F 137 57.41 44.35 50.89
CA ASN F 137 56.07 44.05 51.39
C ASN F 137 55.09 45.19 51.12
N ASN F 138 53.80 44.82 51.19
CA ASN F 138 52.65 45.73 51.07
C ASN F 138 52.74 46.90 50.08
N PHE F 139 52.63 46.61 48.79
CA PHE F 139 52.60 47.60 47.73
C PHE F 139 51.41 47.36 46.80
N TYR F 140 51.31 48.21 45.77
CA TYR F 140 50.24 48.18 44.78
C TYR F 140 50.56 49.15 43.66
N PRO F 141 50.32 48.75 42.40
CA PRO F 141 49.78 47.50 41.87
C PRO F 141 50.72 46.29 41.98
N LYS F 142 50.26 45.15 41.45
CA LYS F 142 51.03 43.90 41.52
C LYS F 142 52.36 44.02 40.78
N ASP F 143 52.42 44.87 39.76
CA ASP F 143 53.62 45.05 38.96
C ASP F 143 54.79 45.56 39.80
N ILE F 144 55.99 45.03 39.55
CA ILE F 144 57.19 45.42 40.28
C ILE F 144 58.41 44.77 39.63
N ASN F 145 59.57 45.39 39.82
CA ASN F 145 60.85 44.92 39.26
C ASN F 145 61.97 45.03 40.29
N VAL F 146 62.66 43.93 40.55
CA VAL F 146 63.75 43.88 41.52
C VAL F 146 65.06 43.57 40.80
N LYS F 147 66.11 44.34 41.11
CA LYS F 147 67.45 44.17 40.54
C LYS F 147 68.49 44.10 41.65
N TRP F 148 69.49 43.24 41.46
CA TRP F 148 70.60 43.07 42.40
C TRP F 148 71.90 43.60 41.81
N LYS F 149 72.72 44.24 42.65
CA LYS F 149 74.00 44.78 42.20
C LYS F 149 75.08 44.42 43.23
N ILE F 150 76.02 43.56 42.84
CA ILE F 150 77.13 43.18 43.71
C ILE F 150 78.32 44.07 43.36
N ASP F 151 78.60 45.05 44.23
CA ASP F 151 79.67 46.04 44.02
C ASP F 151 79.40 46.90 42.79
N GLY F 152 78.16 47.37 42.68
CA GLY F 152 77.78 48.21 41.55
C GLY F 152 77.38 47.42 40.32
N SER F 153 78.10 46.35 40.03
CA SER F 153 77.81 45.53 38.86
C SER F 153 76.49 44.81 39.04
N GLU F 154 75.73 44.69 37.95
CA GLU F 154 74.42 44.07 38.01
C GLU F 154 74.56 42.56 38.22
N ARG F 155 73.66 42.00 39.03
CA ARG F 155 73.67 40.56 39.32
C ARG F 155 72.31 39.95 39.01
N GLN F 156 72.31 38.97 38.09
CA GLN F 156 71.11 38.29 37.65
C GLN F 156 71.14 36.77 37.85
N ASN F 157 72.32 36.15 37.83
CA ASN F 157 72.46 34.71 37.99
C ASN F 157 72.44 34.33 39.47
N GLY F 158 71.50 33.46 39.85
CA GLY F 158 71.40 33.01 41.23
C GLY F 158 70.23 33.58 42.00
N VAL F 159 69.46 34.47 41.38
CA VAL F 159 68.33 35.14 42.01
C VAL F 159 67.05 34.32 41.84
N LEU F 160 66.28 34.21 42.92
CA LEU F 160 65.02 33.46 42.94
C LEU F 160 63.95 34.34 43.58
N ASN F 161 62.86 34.57 42.85
CA ASN F 161 61.79 35.44 43.32
C ASN F 161 60.55 34.64 43.71
N SER F 162 59.70 35.28 44.52
CA SER F 162 58.44 34.66 44.94
C SER F 162 57.46 35.74 45.37
N TRP F 163 56.30 35.81 44.71
CA TRP F 163 55.28 36.79 45.00
C TRP F 163 54.16 36.16 45.81
N THR F 164 53.29 37.01 46.36
CA THR F 164 52.16 36.55 47.16
C THR F 164 50.85 36.96 46.51
N ASP F 165 49.77 36.39 47.04
CA ASP F 165 48.43 36.71 46.57
C ASP F 165 47.98 38.03 47.20
N GLN F 166 47.11 38.74 46.51
CA GLN F 166 46.59 39.99 47.05
C GLN F 166 46.07 39.76 48.47
N ASP F 167 46.61 40.53 49.42
CA ASP F 167 46.24 40.38 50.81
C ASP F 167 44.75 40.66 51.00
N SER F 168 44.07 39.79 51.73
CA SER F 168 42.63 39.93 51.92
C SER F 168 42.25 41.02 52.92
N LYS F 169 43.23 41.66 53.57
CA LYS F 169 42.96 42.71 54.55
C LYS F 169 43.23 44.09 53.95
N ASP F 170 44.46 44.34 53.51
CA ASP F 170 44.85 45.63 52.96
C ASP F 170 44.88 45.66 51.43
N SER F 171 44.60 44.52 50.77
CA SER F 171 44.56 44.43 49.31
C SER F 171 45.88 44.83 48.66
N THR F 172 47.00 44.55 49.31
CA THR F 172 48.30 44.87 48.77
C THR F 172 49.07 43.58 48.48
N TYR F 173 50.08 43.69 47.63
CA TYR F 173 50.89 42.56 47.21
C TYR F 173 52.23 42.57 47.93
N SER F 174 53.00 41.50 47.72
CA SER F 174 54.32 41.40 48.33
C SER F 174 55.16 40.40 47.54
N MET F 175 56.49 40.60 47.58
CA MET F 175 57.41 39.69 46.91
C MET F 175 58.72 39.68 47.68
N SER F 176 59.52 38.63 47.44
CA SER F 176 60.80 38.45 48.12
C SER F 176 61.85 37.90 47.17
N SER F 177 62.92 38.65 46.95
CA SER F 177 64.02 38.25 46.09
C SER F 177 65.16 37.69 46.93
N THR F 178 65.77 36.60 46.47
CA THR F 178 66.85 35.95 47.21
C THR F 178 68.04 35.67 46.31
N LEU F 179 69.15 36.36 46.55
CA LEU F 179 70.40 36.16 45.82
C LEU F 179 71.27 35.15 46.57
N THR F 180 71.57 34.03 45.93
CA THR F 180 72.35 32.95 46.53
C THR F 180 73.72 32.85 45.87
N LEU F 181 74.77 32.81 46.71
CA LEU F 181 76.15 32.70 46.26
C LEU F 181 76.83 31.62 47.07
N THR F 182 78.09 31.34 46.72
CA THR F 182 78.91 30.43 47.50
C THR F 182 79.65 31.25 48.56
N LYS F 183 79.86 30.63 49.73
CA LYS F 183 80.59 31.31 50.80
C LYS F 183 81.88 31.94 50.27
N ASP F 184 82.47 31.33 49.24
CA ASP F 184 83.69 31.87 48.65
C ASP F 184 83.43 33.17 47.92
N GLU F 185 82.45 33.19 47.02
CA GLU F 185 82.19 34.38 46.22
C GLU F 185 81.58 35.50 47.06
N TYR F 186 80.87 35.15 48.13
CA TYR F 186 80.25 36.18 48.95
C TYR F 186 81.29 37.05 49.66
N GLU F 187 82.39 36.45 50.13
CA GLU F 187 83.42 37.19 50.86
C GLU F 187 84.40 37.87 49.93
N ARG F 188 84.18 37.72 48.63
CA ARG F 188 84.99 38.32 47.58
C ARG F 188 84.49 39.68 47.16
N HIS F 189 83.38 40.15 47.73
CA HIS F 189 82.78 41.41 47.34
C HIS F 189 82.42 42.25 48.56
N ASN F 190 82.11 43.52 48.29
CA ASN F 190 81.80 44.51 49.31
C ASN F 190 80.32 44.88 49.40
N SER F 191 79.81 45.67 48.45
CA SER F 191 78.44 46.15 48.57
C SER F 191 77.48 45.19 47.90
N TYR F 192 76.38 44.91 48.59
CA TYR F 192 75.29 44.07 48.11
C TYR F 192 74.04 44.93 48.20
N THR F 193 73.63 45.51 47.09
CA THR F 193 72.46 46.38 47.07
C THR F 193 71.27 45.69 46.40
N CYS F 194 70.08 46.10 46.81
CA CYS F 194 68.83 45.54 46.28
C CYS F 194 67.97 46.70 45.79
N GLU F 195 68.04 46.99 44.50
CA GLU F 195 67.32 48.11 43.90
C GLU F 195 65.95 47.64 43.43
N ALA F 196 64.92 48.43 43.72
CA ALA F 196 63.56 48.08 43.36
C ALA F 196 62.90 49.20 42.58
N THR F 197 62.30 48.86 41.43
CA THR F 197 61.60 49.80 40.59
C THR F 197 60.10 49.55 40.67
N HIS F 198 59.33 50.62 40.84
CA HIS F 198 57.88 50.56 40.96
C HIS F 198 57.26 51.78 40.28
N LYS F 199 55.94 51.78 40.21
CA LYS F 199 55.18 52.88 39.63
C LYS F 199 54.90 53.94 40.67
N THR F 200 55.25 53.67 41.93
CA THR F 200 55.00 54.61 43.01
C THR F 200 55.97 55.78 43.02
N SER F 201 57.08 55.66 42.30
CA SER F 201 58.07 56.72 42.20
C SER F 201 58.97 56.46 41.00
N THR F 202 59.65 57.52 40.57
CA THR F 202 60.56 57.45 39.44
C THR F 202 61.92 56.88 39.86
N SER F 203 62.37 57.22 41.08
CA SER F 203 63.67 56.73 41.52
C SER F 203 63.54 55.39 42.24
N PRO F 204 64.36 54.41 41.87
CA PRO F 204 64.31 53.10 42.51
C PRO F 204 64.51 53.19 44.02
N ILE F 205 63.64 52.53 44.78
CA ILE F 205 63.80 52.50 46.23
C ILE F 205 64.88 51.46 46.50
N VAL F 206 66.09 51.92 46.81
CA VAL F 206 67.25 51.05 47.02
C VAL F 206 67.56 50.91 48.49
N LYS F 207 67.94 49.70 48.89
CA LYS F 207 68.37 49.38 50.25
C LYS F 207 69.56 48.43 50.14
N SER F 208 70.67 48.77 50.79
CA SER F 208 71.90 47.99 50.66
C SER F 208 72.56 47.76 52.02
N PHE F 209 73.72 47.11 51.97
CA PHE F 209 74.51 46.81 53.16
C PHE F 209 75.92 46.44 52.72
N ASN F 210 76.86 46.58 53.65
CA ASN F 210 78.25 46.17 53.44
C ASN F 210 78.52 44.92 54.26
N ARG F 211 79.49 44.13 53.81
CA ARG F 211 79.82 42.85 54.44
C ARG F 211 80.63 43.05 55.72
N ASN F 212 80.22 43.98 56.56
CA ASN F 212 80.94 44.30 57.80
C ASN F 212 80.20 45.31 58.67
N GLN G 1 22.51 14.89 46.32
CA GLN G 1 23.34 15.92 45.70
C GLN G 1 24.56 15.31 45.01
N VAL G 2 24.85 15.84 43.82
CA VAL G 2 25.99 15.37 43.03
C VAL G 2 27.28 15.70 43.74
N GLN G 3 28.15 14.69 43.86
CA GLN G 3 29.43 14.86 44.56
C GLN G 3 30.45 13.93 43.92
N LEU G 4 31.60 14.50 43.52
CA LEU G 4 32.70 13.76 42.94
C LEU G 4 33.87 13.78 43.92
N GLN G 5 34.15 12.63 44.52
CA GLN G 5 35.20 12.52 45.53
C GLN G 5 36.42 11.81 44.94
N GLN G 6 37.49 12.56 44.66
CA GLN G 6 38.71 11.99 44.11
C GLN G 6 39.64 11.47 45.21
N SER G 7 40.68 10.76 44.76
CA SER G 7 41.68 10.21 45.68
C SER G 7 42.56 11.33 46.24
N GLY G 8 43.40 10.94 47.19
CA GLY G 8 44.31 11.87 47.83
C GLY G 8 45.50 12.22 46.97
N PRO G 9 46.31 13.15 47.48
CA PRO G 9 47.50 13.60 46.76
C PRO G 9 48.54 12.50 46.62
N GLU G 10 49.34 12.59 45.56
CA GLU G 10 50.35 11.58 45.28
C GLU G 10 51.71 12.20 45.06
N LEU G 11 52.72 11.39 45.37
CA LEU G 11 54.13 11.74 45.20
C LEU G 11 54.83 10.51 44.66
N VAL G 12 55.39 10.59 43.46
CA VAL G 12 56.03 9.43 42.84
C VAL G 12 57.33 9.88 42.18
N ARG G 13 58.18 8.89 41.88
CA ARG G 13 59.44 9.19 41.21
C ARG G 13 59.27 9.15 39.69
N PRO G 14 60.05 9.94 38.96
CA PRO G 14 59.97 9.92 37.49
C PRO G 14 60.09 8.52 36.93
N GLY G 15 59.35 8.28 35.85
CA GLY G 15 59.32 6.99 35.18
C GLY G 15 58.27 6.04 35.69
N ALA G 16 57.83 6.20 36.93
CA ALA G 16 56.82 5.32 37.52
C ALA G 16 55.44 5.62 36.92
N SER G 17 54.40 5.09 37.54
CA SER G 17 53.03 5.30 37.10
C SER G 17 52.14 5.54 38.32
N VAL G 18 51.02 6.21 38.09
CA VAL G 18 50.09 6.55 39.16
C VAL G 18 48.68 6.34 38.61
N LYS G 19 47.75 6.01 39.50
CA LYS G 19 46.35 5.78 39.13
C LYS G 19 45.47 6.42 40.20
N MET G 20 44.84 7.54 39.86
CA MET G 20 43.98 8.27 40.77
C MET G 20 42.53 7.92 40.47
N SER G 21 41.68 8.09 41.47
CA SER G 21 40.28 7.71 41.33
C SER G 21 39.36 8.93 41.44
N CYS G 22 38.07 8.66 41.24
CA CYS G 22 37.01 9.67 41.33
C CYS G 22 35.69 8.95 41.52
N LYS G 23 35.15 9.00 42.73
CA LYS G 23 33.92 8.30 43.07
C LYS G 23 32.72 9.24 43.00
N ALA G 24 31.78 8.94 42.12
CA ALA G 24 30.59 9.74 41.90
C ALA G 24 29.44 9.23 42.75
N SER G 25 28.57 10.15 43.17
CA SER G 25 27.42 9.78 43.99
C SER G 25 26.37 10.88 43.86
N GLY G 26 25.10 10.49 43.95
CA GLY G 26 24.01 11.44 43.87
C GLY G 26 23.40 11.59 42.50
N TYR G 27 23.72 10.70 41.55
CA TYR G 27 23.17 10.75 40.21
C TYR G 27 23.50 9.43 39.53
N THR G 28 22.76 9.13 38.46
CA THR G 28 23.00 7.90 37.70
C THR G 28 24.36 7.99 37.02
N PHE G 29 25.30 7.19 37.52
CA PHE G 29 26.68 7.18 37.03
C PHE G 29 26.75 7.04 35.50
N THR G 30 26.08 6.03 34.96
CA THR G 30 26.18 5.66 33.54
C THR G 30 25.53 6.63 32.54
N ASN G 31 24.78 7.64 32.97
CA ASN G 31 24.12 8.53 32.02
C ASN G 31 24.88 9.83 31.75
N TYR G 32 26.08 9.99 32.28
CA TYR G 32 26.82 11.22 32.04
C TYR G 32 28.27 10.90 31.75
N TRP G 33 28.81 11.52 30.71
CA TRP G 33 30.20 11.29 30.34
C TRP G 33 31.14 11.96 31.33
N MET G 34 32.19 11.24 31.73
CA MET G 34 33.17 11.70 32.71
C MET G 34 34.42 12.23 32.02
N HIS G 35 34.82 13.45 32.34
CA HIS G 35 36.00 14.09 31.75
C HIS G 35 37.10 14.26 32.79
N TRP G 36 38.32 14.49 32.29
CA TRP G 36 39.49 14.71 33.12
C TRP G 36 40.27 15.92 32.63
N VAL G 37 40.57 16.85 33.55
CA VAL G 37 41.25 18.09 33.22
C VAL G 37 42.54 18.20 34.03
N LYS G 38 43.60 18.69 33.39
CA LYS G 38 44.89 18.87 34.02
C LYS G 38 45.09 20.36 34.30
N GLN G 39 45.50 20.70 35.53
CA GLN G 39 45.66 22.09 35.92
C GLN G 39 47.08 22.33 36.41
N ARG G 40 47.86 23.07 35.60
CA ARG G 40 49.21 23.41 36.00
C ARG G 40 49.27 24.91 36.26
N PRO G 41 49.99 25.35 37.29
CA PRO G 41 50.13 26.80 37.54
C PRO G 41 50.77 27.51 36.36
N GLY G 42 50.17 28.62 35.95
CA GLY G 42 50.64 29.43 34.86
C GLY G 42 50.18 29.02 33.48
N GLN G 43 49.79 27.76 33.27
CA GLN G 43 49.30 27.30 31.98
C GLN G 43 47.77 27.23 32.02
N ALA G 44 47.17 27.07 30.84
CA ALA G 44 45.72 26.99 30.77
C ALA G 44 45.27 25.55 31.05
N LEU G 45 44.00 25.41 31.44
CA LEU G 45 43.47 24.08 31.73
C LEU G 45 43.52 23.21 30.48
N GLU G 46 44.08 22.01 30.65
CA GLU G 46 44.23 21.05 29.57
C GLU G 46 43.18 19.96 29.71
N TRP G 47 42.53 19.61 28.60
CA TRP G 47 41.54 18.55 28.59
C TRP G 47 42.26 17.22 28.31
N ILE G 48 42.18 16.29 29.24
CA ILE G 48 42.87 15.01 29.07
C ILE G 48 42.05 14.05 28.22
N GLY G 49 40.78 13.85 28.59
CA GLY G 49 39.93 12.95 27.85
C GLY G 49 38.61 12.76 28.56
N MET G 50 37.79 11.88 27.98
CA MET G 50 36.50 11.56 28.54
C MET G 50 36.26 10.06 28.44
N ILE G 51 35.27 9.58 29.19
CA ILE G 51 34.92 8.17 29.24
C ILE G 51 33.41 8.04 29.34
N ASP G 52 32.86 7.09 28.58
CA ASP G 52 31.43 6.78 28.64
C ASP G 52 31.21 5.64 29.62
N PRO G 53 30.73 5.93 30.84
CA PRO G 53 30.54 4.87 31.85
C PRO G 53 29.85 3.61 31.37
N SER G 54 28.81 3.75 30.53
CA SER G 54 28.06 2.59 30.03
C SER G 54 28.95 1.57 29.34
N LYS G 55 29.60 1.98 28.24
CA LYS G 55 30.38 1.05 27.43
C LYS G 55 31.88 1.22 27.61
N SER G 56 32.32 2.08 28.52
CA SER G 56 33.74 2.34 28.77
C SER G 56 34.47 2.81 27.51
N GLU G 57 33.76 3.54 26.65
CA GLU G 57 34.40 4.09 25.45
C GLU G 57 35.18 5.32 25.86
N THR G 58 36.46 5.33 25.51
CA THR G 58 37.35 6.42 25.89
C THR G 58 37.60 7.30 24.67
N THR G 59 37.79 8.58 24.92
CA THR G 59 38.16 9.54 23.88
C THR G 59 39.20 10.47 24.51
N LEU G 60 40.46 10.26 24.16
CA LEU G 60 41.55 11.02 24.75
C LEU G 60 41.89 12.22 23.88
N ASN G 61 42.69 13.09 24.46
CA ASN G 61 43.25 14.23 23.74
C ASN G 61 44.54 13.77 23.08
N GLN G 62 44.72 14.12 21.81
CA GLN G 62 45.92 13.72 21.08
C GLN G 62 47.18 14.02 21.88
N LYS G 63 47.20 15.15 22.60
CA LYS G 63 48.34 15.54 23.41
C LYS G 63 48.63 14.59 24.57
N PHE G 64 47.67 13.76 24.98
CA PHE G 64 47.83 12.83 26.10
C PHE G 64 47.77 11.38 25.69
N ARG G 65 47.79 11.09 24.38
CA ARG G 65 47.64 9.75 23.82
C ARG G 65 48.38 8.64 24.59
N GLY G 66 49.69 8.78 24.75
CA GLY G 66 50.45 7.75 25.42
C GLY G 66 50.66 7.92 26.92
N LYS G 67 50.17 9.02 27.49
CA LYS G 67 50.38 9.31 28.91
C LYS G 67 49.21 8.93 29.79
N ALA G 68 47.98 9.09 29.30
CA ALA G 68 46.78 8.87 30.11
C ALA G 68 45.98 7.66 29.66
N THR G 69 45.30 7.05 30.63
CA THR G 69 44.44 5.91 30.41
C THR G 69 43.18 6.07 31.23
N LEU G 70 42.02 5.82 30.61
CA LEU G 70 40.74 5.96 31.31
C LEU G 70 39.96 4.65 31.33
N ASN G 71 39.23 4.46 32.42
CA ASN G 71 38.35 3.33 32.65
C ASN G 71 37.49 3.64 33.87
N VAL G 72 36.40 2.89 34.03
CA VAL G 72 35.46 3.08 35.13
C VAL G 72 35.09 1.73 35.72
N ASP G 73 34.35 1.78 36.83
CA ASP G 73 33.81 0.62 37.54
C ASP G 73 32.34 0.92 37.81
N LYS G 74 31.48 0.47 36.90
CA LYS G 74 30.05 0.77 37.05
C LYS G 74 29.51 0.28 38.39
N SER G 75 30.04 -0.84 38.89
CA SER G 75 29.59 -1.39 40.17
C SER G 75 29.89 -0.43 41.33
N SER G 76 31.09 0.14 41.37
CA SER G 76 31.47 1.03 42.48
C SER G 76 31.20 2.50 42.20
N ASN G 77 30.68 2.83 41.01
CA ASN G 77 30.38 4.20 40.60
C ASN G 77 31.62 5.11 40.64
N THR G 78 32.80 4.57 40.38
CA THR G 78 34.02 5.35 40.40
C THR G 78 34.70 5.30 39.04
N ALA G 79 35.35 6.41 38.67
CA ALA G 79 36.14 6.51 37.45
C ALA G 79 37.60 6.58 37.83
N TYR G 80 38.48 6.12 36.93
CA TYR G 80 39.90 6.10 37.19
C TYR G 80 40.66 6.72 36.03
N MET G 81 41.86 7.21 36.33
CA MET G 81 42.79 7.72 35.32
C MET G 81 44.19 7.28 35.70
N GLN G 82 44.92 6.75 34.73
CA GLN G 82 46.29 6.28 34.93
C GLN G 82 47.26 7.08 34.08
N LEU G 83 48.31 7.57 34.71
CA LEU G 83 49.37 8.33 34.04
C LEU G 83 50.66 7.52 34.05
N SER G 84 51.25 7.31 32.87
CA SER G 84 52.44 6.48 32.76
C SER G 84 53.66 7.32 32.37
N SER G 85 54.84 6.75 32.60
CA SER G 85 56.12 7.38 32.27
C SER G 85 56.22 8.78 32.87
N LEU G 86 55.64 8.94 34.06
CA LEU G 86 55.59 10.22 34.76
C LEU G 86 56.94 10.96 34.74
N THR G 87 56.87 12.26 34.47
CA THR G 87 58.02 13.15 34.48
C THR G 87 57.70 14.31 35.42
N SER G 88 58.59 15.31 35.44
CA SER G 88 58.36 16.44 36.34
C SER G 88 57.21 17.28 35.81
N GLU G 89 57.00 17.28 34.50
CA GLU G 89 55.92 18.03 33.89
C GLU G 89 54.55 17.39 34.10
N ASP G 90 54.49 16.10 34.44
CA ASP G 90 53.22 15.45 34.71
C ASP G 90 52.72 15.81 36.11
N SER G 91 53.44 16.68 36.80
CA SER G 91 53.05 17.16 38.13
C SER G 91 52.07 18.29 37.96
N ALA G 92 50.89 18.14 38.57
CA ALA G 92 49.81 19.11 38.44
C ALA G 92 48.62 18.71 39.30
N VAL G 93 47.53 19.44 39.15
CA VAL G 93 46.27 19.12 39.80
C VAL G 93 45.36 18.48 38.76
N TYR G 94 44.75 17.35 39.10
CA TYR G 94 43.90 16.63 38.16
C TYR G 94 42.48 16.57 38.68
N TYR G 95 41.54 16.98 37.83
CA TYR G 95 40.12 17.01 38.16
C TYR G 95 39.38 15.97 37.35
N CYS G 96 38.19 15.62 37.84
CA CYS G 96 37.23 14.82 37.10
C CYS G 96 35.93 15.60 37.10
N ALA G 97 35.33 15.76 35.93
CA ALA G 97 34.11 16.56 35.80
C ALA G 97 33.03 15.78 35.07
N ARG G 98 31.79 16.15 35.35
CA ARG G 98 30.61 15.57 34.72
C ARG G 98 30.17 16.48 33.59
N GLU G 99 29.74 15.89 32.48
CA GLU G 99 29.32 16.68 31.34
C GLU G 99 27.82 16.56 31.16
N VAL G 100 27.18 17.71 30.91
CA VAL G 100 25.76 17.82 30.61
C VAL G 100 25.68 19.01 29.67
N TYR G 101 26.43 18.97 28.57
CA TYR G 101 26.61 20.09 27.62
C TYR G 101 27.55 21.10 28.25
N TYR G 102 28.11 20.79 29.42
CA TYR G 102 28.96 21.68 30.20
C TYR G 102 29.49 20.85 31.36
N PHE G 103 30.51 21.38 32.05
CA PHE G 103 31.05 20.70 33.23
C PHE G 103 30.46 21.33 34.48
N ASP G 104 29.37 20.74 34.99
CA ASP G 104 28.66 21.31 36.14
C ASP G 104 29.13 20.83 37.50
N TYR G 105 29.91 19.75 37.57
CA TYR G 105 30.38 19.23 38.86
C TYR G 105 31.79 18.69 38.73
N TRP G 106 32.72 19.28 39.49
CA TRP G 106 34.11 18.86 39.49
C TRP G 106 34.45 18.20 40.82
N GLY G 107 35.60 17.50 40.83
CA GLY G 107 36.09 16.93 42.06
C GLY G 107 36.94 17.94 42.80
N GLN G 108 37.35 17.58 44.02
CA GLN G 108 38.18 18.52 44.76
C GLN G 108 39.56 18.66 44.12
N GLY G 109 40.04 17.60 43.50
CA GLY G 109 41.33 17.63 42.84
C GLY G 109 42.29 16.64 43.45
N THR G 110 43.25 16.18 42.64
CA THR G 110 44.29 15.26 43.09
C THR G 110 45.62 15.88 42.69
N THR G 111 46.43 16.22 43.69
CA THR G 111 47.71 16.88 43.45
C THR G 111 48.76 15.80 43.28
N LEU G 112 49.40 15.77 42.12
CA LEU G 112 50.43 14.79 41.80
C LEU G 112 51.77 15.50 41.76
N THR G 113 52.75 14.94 42.46
CA THR G 113 54.09 15.50 42.51
C THR G 113 55.08 14.42 42.06
N VAL G 114 55.93 14.77 41.12
CA VAL G 114 56.92 13.87 40.55
C VAL G 114 58.31 14.47 40.72
N SER G 115 59.19 13.79 41.45
CA SER G 115 60.53 14.33 41.64
C SER G 115 61.48 13.23 42.07
N SER G 116 62.76 13.41 41.75
CA SER G 116 63.72 12.39 42.16
C SER G 116 64.50 12.83 43.39
N ALA G 117 63.89 13.67 44.21
CA ALA G 117 64.55 14.15 45.41
C ALA G 117 63.98 13.47 46.64
N LYS G 118 64.88 13.03 47.50
CA LYS G 118 64.46 12.36 48.72
C LYS G 118 64.13 13.38 49.80
N THR G 119 63.42 12.89 50.81
CA THR G 119 63.02 13.70 51.95
C THR G 119 64.23 14.33 52.63
N THR G 120 64.16 15.65 52.83
CA THR G 120 65.24 16.43 53.42
C THR G 120 64.64 17.38 54.46
N PRO G 121 65.25 17.47 55.64
CA PRO G 121 64.75 18.41 56.65
C PRO G 121 65.09 19.85 56.30
N PRO G 122 64.27 20.81 56.70
CA PRO G 122 64.50 22.22 56.37
C PRO G 122 65.56 22.89 57.25
N SER G 123 66.40 23.71 56.61
CA SER G 123 67.44 24.48 57.29
C SER G 123 66.90 25.88 57.57
N VAL G 124 66.62 26.18 58.84
CA VAL G 124 66.04 27.45 59.26
C VAL G 124 67.15 28.44 59.60
N TYR G 125 67.29 29.48 58.78
CA TYR G 125 68.29 30.53 59.01
C TYR G 125 67.62 31.84 59.40
N PRO G 126 68.08 32.48 60.48
CA PRO G 126 67.47 33.75 60.91
C PRO G 126 67.90 34.95 60.08
N LEU G 127 67.02 35.93 59.97
CA LEU G 127 67.29 37.17 59.23
C LEU G 127 67.08 38.36 60.16
N ALA G 128 68.17 39.02 60.52
CA ALA G 128 68.21 40.17 61.41
C ALA G 128 68.97 41.33 60.78
N PRO G 129 68.55 42.58 61.04
CA PRO G 129 69.24 43.76 60.49
C PRO G 129 70.75 43.75 60.76
N ASN G 136 61.78 53.44 60.23
CA ASN G 136 62.54 52.93 61.36
C ASN G 136 61.63 52.70 62.57
N SER G 137 60.36 53.11 62.44
CA SER G 137 59.39 52.94 63.53
C SER G 137 59.07 51.47 63.76
N MET G 138 58.82 50.71 62.69
CA MET G 138 58.55 49.27 62.76
C MET G 138 59.63 48.51 62.02
N VAL G 139 60.37 47.67 62.74
CA VAL G 139 61.48 46.93 62.17
C VAL G 139 60.98 45.61 61.60
N THR G 140 61.49 45.26 60.43
CA THR G 140 61.12 44.03 59.72
C THR G 140 62.16 42.96 59.92
N LEU G 141 61.72 41.76 60.31
CA LEU G 141 62.54 40.59 60.54
C LEU G 141 62.06 39.45 59.65
N GLY G 142 62.71 38.30 59.75
CA GLY G 142 62.28 37.17 58.92
C GLY G 142 63.10 35.92 59.14
N CYS G 143 62.58 34.82 58.58
CA CYS G 143 63.19 33.50 58.61
C CYS G 143 63.41 33.02 57.18
N LEU G 144 64.45 32.23 56.96
CA LEU G 144 64.78 31.68 55.65
C LEU G 144 64.84 30.16 55.71
N VAL G 145 63.85 29.49 55.14
CA VAL G 145 63.76 28.04 55.11
C VAL G 145 64.25 27.55 53.75
N LYS G 146 65.46 26.97 53.71
CA LYS G 146 66.07 26.52 52.47
C LYS G 146 66.39 25.03 52.53
N GLY G 147 66.51 24.44 51.34
CA GLY G 147 66.91 23.05 51.16
C GLY G 147 66.09 21.96 51.81
N TYR G 148 64.77 22.02 51.68
CA TYR G 148 63.87 21.00 52.20
C TYR G 148 63.05 20.35 51.08
N PHE G 149 62.43 19.23 51.42
CA PHE G 149 61.60 18.45 50.51
C PHE G 149 60.99 17.27 51.27
N PRO G 150 59.70 16.98 51.02
CA PRO G 150 58.80 17.70 50.11
C PRO G 150 57.88 18.67 50.83
N GLU G 151 57.00 19.31 50.05
CA GLU G 151 56.03 20.25 50.58
C GLU G 151 55.03 19.52 51.50
N PRO G 152 54.43 20.23 52.46
CA PRO G 152 54.62 21.65 52.78
C PRO G 152 55.35 21.85 54.09
N VAL G 153 55.43 23.11 54.53
CA VAL G 153 56.01 23.46 55.81
C VAL G 153 55.14 24.52 56.45
N THR G 154 55.00 24.45 57.76
CA THR G 154 54.18 25.41 58.51
C THR G 154 55.13 26.35 59.23
N VAL G 155 54.98 27.64 58.99
CA VAL G 155 55.83 28.65 59.61
C VAL G 155 54.93 29.54 60.46
N THR G 156 55.25 29.64 61.74
CA THR G 156 54.50 30.48 62.66
C THR G 156 55.50 31.24 63.51
N TRP G 157 55.05 32.37 64.04
CA TRP G 157 55.88 33.23 64.88
C TRP G 157 55.38 33.19 66.31
N ASN G 158 56.24 32.75 67.22
CA ASN G 158 55.94 32.61 68.65
C ASN G 158 54.84 31.58 68.85
N SER G 159 54.94 30.46 68.15
CA SER G 159 53.98 29.35 68.24
C SER G 159 52.57 29.80 67.89
N GLY G 160 52.43 30.73 66.94
CA GLY G 160 51.15 31.19 66.47
C GLY G 160 50.64 32.47 67.11
N SER G 161 51.09 32.79 68.32
CA SER G 161 50.62 34.01 69.00
C SER G 161 50.85 35.27 68.17
N LEU G 162 52.01 35.38 67.53
CA LEU G 162 52.29 36.54 66.66
C LEU G 162 51.88 36.18 65.24
N SER G 163 50.67 36.60 64.87
CA SER G 163 50.08 36.30 63.57
C SER G 163 50.04 37.52 62.66
N SER G 164 49.42 38.62 63.13
CA SER G 164 49.29 39.81 62.31
C SER G 164 50.65 40.33 61.88
N GLY G 165 50.69 40.91 60.67
CA GLY G 165 51.91 41.48 60.14
C GLY G 165 52.94 40.49 59.66
N VAL G 166 52.53 39.33 59.17
CA VAL G 166 53.45 38.31 58.69
C VAL G 166 53.15 37.99 57.22
N HIS G 167 54.22 37.74 56.46
CA HIS G 167 54.14 37.39 55.04
C HIS G 167 55.01 36.16 54.80
N THR G 168 54.41 34.99 54.67
CA THR G 168 55.14 33.78 54.35
C THR G 168 55.04 33.58 52.85
N PHE G 169 56.16 33.74 52.13
CA PHE G 169 56.13 33.70 50.68
C PHE G 169 56.14 32.26 50.15
N PRO G 170 55.46 32.03 49.02
CA PRO G 170 55.41 30.70 48.42
C PRO G 170 56.78 30.14 48.06
N ALA G 171 57.00 28.89 48.46
CA ALA G 171 58.25 28.20 48.18
C ALA G 171 58.54 28.14 46.69
N VAL G 172 59.82 28.08 46.38
CA VAL G 172 60.31 27.96 45.01
C VAL G 172 61.19 26.71 44.95
N LEU G 173 61.47 26.28 43.73
CA LEU G 173 62.29 25.09 43.50
C LEU G 173 63.67 25.56 43.12
N GLN G 174 64.68 25.12 43.89
CA GLN G 174 66.08 25.46 43.65
C GLN G 174 66.89 24.17 43.70
N SER G 175 67.27 23.68 42.53
CA SER G 175 68.05 22.44 42.39
C SER G 175 67.38 21.27 43.11
N ASP G 176 66.16 20.94 42.66
CA ASP G 176 65.40 19.82 43.20
C ASP G 176 65.18 19.92 44.72
N LEU G 177 65.16 21.13 45.26
CA LEU G 177 64.91 21.33 46.68
C LEU G 177 64.16 22.65 46.86
N TYR G 178 63.18 22.65 47.76
CA TYR G 178 62.35 23.84 47.97
C TYR G 178 63.03 24.83 48.90
N THR G 179 62.69 26.11 48.71
CA THR G 179 63.21 27.22 49.50
C THR G 179 62.12 28.29 49.60
N LEU G 180 61.86 28.77 50.83
CA LEU G 180 60.87 29.82 51.03
C LEU G 180 61.34 30.83 52.07
N SER G 181 60.69 31.99 52.05
CA SER G 181 60.99 33.09 52.98
C SER G 181 59.74 33.44 53.78
N SER G 182 59.95 34.06 54.94
CA SER G 182 58.85 34.52 55.78
C SER G 182 59.24 35.80 56.49
N SER G 183 58.49 36.89 56.26
CA SER G 183 58.79 38.17 56.89
C SER G 183 57.75 38.52 57.95
N VAL G 184 58.16 39.34 58.91
CA VAL G 184 57.27 39.83 59.97
C VAL G 184 57.72 41.23 60.39
N THR G 185 56.76 42.12 60.60
CA THR G 185 57.07 43.50 60.98
C THR G 185 56.47 43.81 62.34
N VAL G 186 57.33 44.20 63.29
CA VAL G 186 56.87 44.55 64.64
C VAL G 186 57.44 45.90 65.04
N PRO G 187 56.77 46.64 65.92
CA PRO G 187 57.27 47.93 66.39
C PRO G 187 58.67 47.85 67.00
N SER G 188 59.52 48.81 66.62
CA SER G 188 60.90 48.86 67.13
C SER G 188 60.92 48.82 68.66
N SER G 189 59.84 49.26 69.32
CA SER G 189 59.85 49.23 70.77
C SER G 189 59.76 47.80 71.28
N SER G 190 59.06 46.92 70.57
CA SER G 190 58.93 45.55 71.03
C SER G 190 60.11 44.66 70.62
N TRP G 191 61.09 45.20 69.92
CA TRP G 191 62.22 44.35 69.54
C TRP G 191 63.50 45.21 69.62
N PRO G 192 64.58 44.64 70.16
CA PRO G 192 64.76 43.29 70.70
C PRO G 192 64.17 43.10 72.10
N SER G 193 63.39 44.09 72.55
CA SER G 193 62.73 44.02 73.85
C SER G 193 62.00 42.70 74.06
N GLU G 194 61.06 42.38 73.17
CA GLU G 194 60.32 41.12 73.23
C GLU G 194 60.97 40.07 72.34
N THR G 195 61.26 38.90 72.91
CA THR G 195 61.89 37.83 72.15
C THR G 195 60.94 37.41 71.03
N VAL G 196 61.47 37.30 69.82
CA VAL G 196 60.70 36.91 68.64
C VAL G 196 61.40 35.72 68.01
N THR G 197 60.65 34.64 67.79
CA THR G 197 61.22 33.42 67.21
C THR G 197 60.22 32.74 66.27
N CYS G 198 60.68 32.41 65.08
CA CYS G 198 59.85 31.71 64.10
C CYS G 198 59.93 30.21 64.34
N ASN G 199 58.82 29.52 64.05
CA ASN G 199 58.74 28.07 64.22
C ASN G 199 58.41 27.41 62.89
N VAL G 200 59.31 26.56 62.41
CA VAL G 200 59.17 25.87 61.13
C VAL G 200 58.83 24.40 61.39
N ALA G 201 57.69 23.97 60.86
CA ALA G 201 57.21 22.60 61.01
C ALA G 201 57.28 21.91 59.65
N HIS G 202 57.97 20.77 59.59
CA HIS G 202 58.12 20.00 58.36
C HIS G 202 57.59 18.57 58.58
N PRO G 203 56.28 18.38 58.45
CA PRO G 203 55.70 17.05 58.70
C PRO G 203 56.31 15.92 57.89
N ALA G 204 56.75 16.20 56.67
CA ALA G 204 57.33 15.16 55.81
C ALA G 204 58.53 14.48 56.45
N SER G 205 59.28 15.20 57.29
CA SER G 205 60.43 14.65 58.00
C SER G 205 60.23 14.72 59.51
N SER G 206 59.05 15.12 59.96
CA SER G 206 58.73 15.29 61.38
C SER G 206 59.71 16.24 62.06
N THR G 207 60.11 17.28 61.34
CA THR G 207 61.08 18.24 61.84
C THR G 207 60.36 19.46 62.41
N LYS G 208 60.75 19.88 63.61
CA LYS G 208 60.19 21.07 64.25
C LYS G 208 61.35 21.90 64.77
N VAL G 209 61.74 22.93 64.01
CA VAL G 209 62.86 23.79 64.39
C VAL G 209 62.34 25.16 64.80
N ASP G 210 62.96 25.74 65.81
CA ASP G 210 62.63 27.08 66.27
C ASP G 210 63.94 27.86 66.30
N LYS G 211 64.01 28.96 65.54
CA LYS G 211 65.21 29.79 65.45
C LYS G 211 64.86 31.20 65.89
N LYS G 212 65.32 31.59 67.07
CA LYS G 212 65.10 32.93 67.57
C LYS G 212 66.01 33.91 66.83
N ILE G 213 65.42 34.97 66.30
CA ILE G 213 66.17 35.96 65.52
C ILE G 213 66.83 36.94 66.50
N VAL G 214 68.11 36.72 66.77
CA VAL G 214 68.89 37.58 67.65
C VAL G 214 69.47 38.73 66.82
N PRO G 215 69.44 39.96 67.34
CA PRO G 215 69.99 41.10 66.60
C PRO G 215 71.45 40.86 66.21
N ARG G 216 71.86 41.48 65.10
CA ARG G 216 73.22 41.30 64.61
C ARG G 216 74.24 41.72 65.66
N ASP G 217 75.35 41.00 65.72
CA ASP G 217 76.39 41.27 66.70
C ASP G 217 77.44 42.21 66.10
N ASP H 1 17.86 28.50 -35.52
CA ASP H 1 18.02 29.79 -34.86
C ASP H 1 16.79 30.68 -35.10
N ILE H 2 16.54 31.60 -34.19
CA ILE H 2 15.44 32.55 -34.32
C ILE H 2 16.03 33.88 -34.79
N GLN H 3 15.48 34.41 -35.87
CA GLN H 3 16.02 35.62 -36.48
C GLN H 3 15.27 36.84 -35.97
N MET H 4 16.02 37.84 -35.50
CA MET H 4 15.47 39.09 -35.00
C MET H 4 15.67 40.17 -36.06
N THR H 5 14.57 40.66 -36.63
CA THR H 5 14.62 41.71 -37.64
C THR H 5 14.12 43.01 -37.05
N GLN H 6 15.02 43.97 -36.88
CA GLN H 6 14.70 45.26 -36.26
C GLN H 6 14.59 46.33 -37.33
N SER H 7 13.67 47.26 -37.12
CA SER H 7 13.44 48.38 -38.05
C SER H 7 12.80 49.54 -37.31
N PRO H 8 13.12 50.78 -37.70
CA PRO H 8 14.04 51.22 -38.77
C PRO H 8 15.51 51.15 -38.38
N ALA H 9 16.41 51.10 -39.37
CA ALA H 9 17.84 51.09 -39.06
C ALA H 9 18.24 52.33 -38.29
N SER H 10 17.57 53.45 -38.55
CA SER H 10 17.82 54.69 -37.84
C SER H 10 16.60 55.59 -37.98
N LEU H 11 16.22 56.23 -36.88
CA LEU H 11 15.07 57.13 -36.86
C LEU H 11 15.58 58.48 -36.39
N SER H 12 15.08 59.55 -37.02
CA SER H 12 15.50 60.89 -36.68
C SER H 12 14.31 61.69 -36.17
N ALA H 13 14.42 62.21 -34.96
CA ALA H 13 13.35 62.98 -34.34
C ALA H 13 13.94 63.99 -33.37
N SER H 14 13.11 64.96 -32.99
CA SER H 14 13.46 66.04 -32.08
C SER H 14 12.74 65.87 -30.75
N VAL H 15 13.29 66.49 -29.71
CA VAL H 15 12.70 66.46 -28.37
C VAL H 15 11.20 66.75 -28.41
N GLY H 16 10.45 66.01 -27.59
CA GLY H 16 9.00 66.11 -27.50
C GLY H 16 8.25 65.10 -28.34
N GLU H 17 8.85 64.65 -29.43
CA GLU H 17 8.24 63.70 -30.35
C GLU H 17 8.07 62.31 -29.70
N THR H 18 7.36 61.44 -30.41
CA THR H 18 7.11 60.07 -29.99
C THR H 18 7.44 59.11 -31.13
N VAL H 19 8.43 58.25 -30.92
CA VAL H 19 8.87 57.29 -31.94
C VAL H 19 8.48 55.86 -31.53
N THR H 20 8.56 54.94 -32.49
CA THR H 20 8.20 53.53 -32.27
C THR H 20 9.14 52.61 -33.07
N ILE H 21 9.99 51.84 -32.35
CA ILE H 21 10.89 50.85 -32.93
C ILE H 21 10.17 49.50 -32.97
N THR H 22 10.53 48.65 -33.94
CA THR H 22 9.84 47.38 -34.15
C THR H 22 10.81 46.23 -34.34
N CYS H 23 10.61 45.16 -33.57
CA CYS H 23 11.35 43.92 -33.72
C CYS H 23 10.38 42.83 -34.13
N ARG H 24 10.75 42.02 -35.11
CA ARG H 24 9.88 40.96 -35.59
C ARG H 24 10.62 39.64 -35.54
N ALA H 25 9.98 38.64 -34.93
CA ALA H 25 10.59 37.33 -34.71
C ALA H 25 10.40 36.38 -35.87
N SER H 26 11.43 35.60 -36.17
CA SER H 26 11.34 34.57 -37.20
C SER H 26 10.29 33.54 -36.86
N GLU H 27 10.06 33.30 -35.57
CA GLU H 27 9.08 32.34 -35.10
C GLU H 27 8.58 32.77 -33.73
N ASN H 28 7.43 32.22 -33.34
CA ASN H 28 6.77 32.54 -32.08
C ASN H 28 7.72 32.49 -30.89
N ILE H 29 7.83 33.62 -30.18
CA ILE H 29 8.65 33.72 -28.97
C ILE H 29 7.81 34.20 -27.77
N TYR H 30 6.49 34.02 -27.84
CA TYR H 30 5.52 34.39 -26.79
C TYR H 30 5.79 35.83 -26.33
N SER H 31 5.99 36.06 -25.03
CA SER H 31 6.28 37.37 -24.48
C SER H 31 7.74 37.49 -24.07
N TYR H 32 8.61 36.64 -24.63
CA TYR H 32 10.02 36.58 -24.27
C TYR H 32 10.86 37.51 -25.15
N LEU H 33 10.78 38.81 -24.87
CA LEU H 33 11.58 39.78 -25.61
C LEU H 33 12.04 40.89 -24.67
N THR H 34 13.27 41.35 -24.86
CA THR H 34 13.83 42.42 -24.04
C THR H 34 14.33 43.56 -24.92
N TRP H 35 14.25 44.78 -24.39
CA TRP H 35 14.68 45.99 -25.08
C TRP H 35 15.85 46.63 -24.34
N TYR H 36 16.93 46.91 -25.05
CA TYR H 36 18.12 47.52 -24.47
C TYR H 36 18.40 48.88 -25.07
N GLN H 37 18.96 49.77 -24.25
CA GLN H 37 19.41 51.09 -24.69
C GLN H 37 20.93 51.14 -24.53
N GLN H 38 21.62 51.48 -25.61
CA GLN H 38 23.09 51.56 -25.59
C GLN H 38 23.57 52.86 -26.21
N LYS H 39 24.24 53.68 -25.42
CA LYS H 39 24.79 54.93 -25.89
C LYS H 39 26.24 54.68 -26.30
N GLN H 40 26.59 55.11 -27.53
CA GLN H 40 27.92 54.93 -28.11
C GLN H 40 29.04 54.87 -27.09
N GLY H 41 29.79 53.77 -27.07
CA GLY H 41 30.90 53.59 -26.18
C GLY H 41 30.58 52.96 -24.84
N LYS H 42 29.34 53.11 -24.35
CA LYS H 42 28.98 52.55 -23.05
C LYS H 42 28.34 51.18 -23.26
N SER H 43 28.24 50.43 -22.16
CA SER H 43 27.63 49.11 -22.24
C SER H 43 26.11 49.21 -22.19
N PRO H 44 25.39 48.34 -22.93
CA PRO H 44 23.92 48.43 -22.98
C PRO H 44 23.25 48.38 -21.62
N GLN H 45 22.02 48.87 -21.57
CA GLN H 45 21.26 48.88 -20.33
C GLN H 45 19.86 48.36 -20.60
N LEU H 46 19.34 47.60 -19.62
CA LEU H 46 18.02 46.99 -19.76
C LEU H 46 16.93 48.05 -19.63
N LEU H 47 16.01 48.07 -20.61
CA LEU H 47 14.85 48.96 -20.58
C LEU H 47 13.58 48.21 -20.25
N VAL H 48 13.19 47.28 -21.11
CA VAL H 48 11.97 46.51 -20.95
C VAL H 48 12.35 45.04 -21.04
N TYR H 49 11.73 44.22 -20.20
CA TYR H 49 11.93 42.79 -20.25
C TYR H 49 10.57 42.12 -20.24
N ASN H 50 10.53 40.87 -20.72
CA ASN H 50 9.30 40.12 -20.77
C ASN H 50 8.27 40.82 -21.65
N ALA H 51 8.78 41.60 -22.61
CA ALA H 51 8.06 42.33 -23.65
C ALA H 51 7.34 43.60 -23.20
N LYS H 52 6.89 43.66 -21.95
CA LYS H 52 6.12 44.81 -21.47
C LYS H 52 6.69 45.43 -20.21
N THR H 53 7.15 44.62 -19.27
CA THR H 53 7.62 45.09 -17.98
C THR H 53 8.86 45.98 -18.08
N LEU H 54 8.75 47.18 -17.49
CA LEU H 54 9.87 48.10 -17.42
C LEU H 54 10.75 47.72 -16.22
N THR H 55 12.05 47.94 -16.37
CA THR H 55 12.97 47.64 -15.28
C THR H 55 12.95 48.77 -14.26
N GLU H 56 13.85 48.70 -13.27
CA GLU H 56 13.94 49.66 -12.18
C GLU H 56 13.93 51.13 -12.62
N GLY H 57 15.08 51.60 -13.09
CA GLY H 57 15.31 53.01 -13.40
C GLY H 57 14.49 53.60 -14.53
N VAL H 58 14.01 52.79 -15.47
CA VAL H 58 13.31 53.29 -16.65
C VAL H 58 12.11 54.21 -16.36
N PRO H 59 12.10 55.39 -16.97
CA PRO H 59 11.00 56.34 -16.81
C PRO H 59 9.74 55.94 -17.56
N SER H 60 8.59 56.35 -17.01
CA SER H 60 7.27 56.02 -17.55
C SER H 60 7.12 56.32 -19.04
N ARG H 61 7.96 57.19 -19.60
CA ARG H 61 7.83 57.53 -21.02
C ARG H 61 8.18 56.37 -21.95
N PHE H 62 8.78 55.30 -21.41
CA PHE H 62 9.12 54.11 -22.17
C PHE H 62 8.03 53.05 -21.99
N SER H 63 7.66 52.40 -23.07
CA SER H 63 6.67 51.33 -22.99
C SER H 63 6.89 50.33 -24.10
N GLY H 64 6.69 49.06 -23.78
CA GLY H 64 6.85 47.99 -24.75
C GLY H 64 5.53 47.28 -24.98
N SER H 65 5.40 46.60 -26.12
CA SER H 65 4.16 45.90 -26.43
C SER H 65 4.46 44.81 -27.44
N GLY H 66 3.44 44.00 -27.72
CA GLY H 66 3.55 42.93 -28.69
C GLY H 66 3.62 41.57 -28.02
N SER H 67 3.57 40.53 -28.86
CA SER H 67 3.61 39.14 -28.44
C SER H 67 3.59 38.23 -29.66
N GLY H 68 4.26 37.09 -29.58
CA GLY H 68 4.32 36.18 -30.71
C GLY H 68 5.52 36.51 -31.59
N THR H 69 5.26 37.17 -32.72
CA THR H 69 6.32 37.55 -33.64
C THR H 69 6.37 39.04 -33.91
N GLN H 70 5.50 39.84 -33.31
CA GLN H 70 5.47 41.28 -33.57
C GLN H 70 5.55 42.03 -32.25
N PHE H 71 6.65 42.76 -32.05
CA PHE H 71 6.88 43.54 -30.85
C PHE H 71 7.26 44.96 -31.25
N SER H 72 7.17 45.88 -30.30
CA SER H 72 7.50 47.27 -30.60
C SER H 72 7.82 48.03 -29.31
N LEU H 73 8.83 48.88 -29.37
CA LEU H 73 9.18 49.78 -28.29
C LEU H 73 8.65 51.16 -28.69
N LYS H 74 8.07 51.88 -27.73
CA LYS H 74 7.50 53.20 -28.01
C LYS H 74 8.00 54.19 -26.97
N ILE H 75 8.70 55.21 -27.43
CA ILE H 75 9.23 56.26 -26.57
C ILE H 75 8.43 57.53 -26.87
N ASN H 76 7.48 57.84 -26.00
CA ASN H 76 6.67 59.05 -26.14
C ASN H 76 7.29 60.18 -25.33
N SER H 77 7.13 61.41 -25.84
CA SER H 77 7.68 62.62 -25.20
C SER H 77 9.19 62.50 -25.02
N LEU H 78 9.90 62.46 -26.17
CA LEU H 78 11.35 62.32 -26.16
C LEU H 78 12.05 63.32 -25.26
N GLN H 79 13.29 63.02 -24.92
CA GLN H 79 14.14 63.83 -24.05
C GLN H 79 15.53 63.89 -24.66
N PRO H 80 16.47 64.66 -24.09
CA PRO H 80 17.82 64.65 -24.67
C PRO H 80 18.52 63.32 -24.43
N GLU H 81 18.27 62.69 -23.28
CA GLU H 81 18.92 61.42 -22.94
C GLU H 81 18.52 60.29 -23.89
N ASP H 82 17.26 60.29 -24.32
CA ASP H 82 16.72 59.22 -25.14
C ASP H 82 17.33 59.06 -26.52
N PHE H 83 18.40 59.81 -26.82
CA PHE H 83 19.01 59.73 -28.13
C PHE H 83 20.21 58.79 -28.06
N GLY H 84 20.23 57.79 -28.94
CA GLY H 84 21.31 56.82 -28.96
C GLY H 84 20.88 55.52 -29.61
N GLY H 85 21.48 54.43 -29.13
CA GLY H 85 21.23 53.11 -29.68
C GLY H 85 20.13 52.34 -28.96
N TYR H 86 19.40 51.54 -29.73
CA TYR H 86 18.31 50.73 -29.20
C TYR H 86 18.26 49.41 -29.93
N PHE H 87 18.32 48.31 -29.19
CA PHE H 87 18.23 46.99 -29.81
C PHE H 87 17.40 46.07 -28.93
N CYS H 88 16.93 44.98 -29.55
CA CYS H 88 16.10 43.98 -28.89
C CYS H 88 16.81 42.63 -28.86
N GLN H 89 16.28 41.74 -28.03
CA GLN H 89 16.80 40.38 -27.91
C GLN H 89 15.67 39.45 -27.50
N HIS H 90 15.60 38.28 -28.11
CA HIS H 90 14.60 37.31 -27.69
C HIS H 90 15.23 36.48 -26.57
N HIS H 91 14.38 35.94 -25.71
CA HIS H 91 14.87 35.11 -24.61
C HIS H 91 14.23 33.74 -24.61
N TYR H 92 13.79 33.26 -25.78
CA TYR H 92 13.17 31.95 -25.91
C TYR H 92 14.17 30.97 -26.50
N GLY H 93 14.99 30.38 -25.64
CA GLY H 93 15.92 29.36 -26.09
C GLY H 93 17.34 29.87 -26.25
N THR H 94 18.15 28.99 -26.82
CA THR H 94 19.55 29.26 -27.09
C THR H 94 19.81 28.89 -28.55
N PRO H 95 20.55 29.74 -29.28
CA PRO H 95 21.13 31.01 -28.82
C PRO H 95 20.14 32.18 -28.86
N PRO H 96 20.20 33.08 -27.80
CA PRO H 96 19.33 34.29 -27.75
C PRO H 96 19.81 35.40 -28.66
N THR H 97 19.46 35.29 -29.94
CA THR H 97 19.91 36.24 -30.94
C THR H 97 19.39 37.65 -30.66
N PHE H 98 20.17 38.65 -31.06
CA PHE H 98 19.86 40.06 -30.88
C PHE H 98 19.33 40.68 -32.18
N GLY H 99 18.70 41.86 -32.04
CA GLY H 99 18.22 42.60 -33.19
C GLY H 99 19.30 43.44 -33.84
N GLY H 100 19.00 43.88 -35.07
CA GLY H 100 19.97 44.68 -35.83
C GLY H 100 20.34 46.01 -35.19
N GLY H 101 19.44 46.60 -34.42
CA GLY H 101 19.68 47.87 -33.76
C GLY H 101 18.98 49.03 -34.43
N THR H 102 18.92 50.16 -33.71
CA THR H 102 18.29 51.37 -34.21
C THR H 102 19.01 52.59 -33.65
N LYS H 103 19.49 53.47 -34.54
CA LYS H 103 20.17 54.71 -34.15
C LYS H 103 19.17 55.84 -34.09
N LEU H 104 18.87 56.33 -32.89
CA LEU H 104 17.93 57.45 -32.72
C LEU H 104 18.69 58.75 -32.67
N GLU H 105 18.68 59.49 -33.79
CA GLU H 105 19.42 60.73 -33.93
C GLU H 105 18.47 61.92 -33.87
N VAL H 106 19.04 63.08 -33.54
CA VAL H 106 18.23 64.29 -33.42
C VAL H 106 17.91 64.79 -34.82
N LYS H 107 16.72 65.38 -34.97
CA LYS H 107 16.31 65.93 -36.25
C LYS H 107 16.35 67.44 -36.14
N ARG H 108 16.91 68.09 -37.16
CA ARG H 108 17.04 69.53 -37.18
C ARG H 108 16.73 70.08 -38.57
N ALA H 109 17.42 71.15 -38.99
CA ALA H 109 17.24 71.72 -40.32
C ALA H 109 18.43 71.33 -41.19
N ASP H 110 18.15 71.03 -42.45
CA ASP H 110 19.19 70.61 -43.39
C ASP H 110 20.31 71.64 -43.49
N ALA H 111 21.50 71.16 -43.84
CA ALA H 111 22.68 72.01 -43.96
C ALA H 111 23.60 71.43 -45.02
N ALA H 112 24.31 72.32 -45.75
CA ALA H 112 25.24 71.95 -46.82
C ALA H 112 26.64 71.71 -46.28
N PRO H 113 27.36 70.75 -46.87
CA PRO H 113 28.73 70.45 -46.42
C PRO H 113 29.75 71.51 -46.84
N THR H 114 30.54 71.99 -45.86
CA THR H 114 31.59 72.98 -46.09
C THR H 114 32.86 72.26 -46.57
N VAL H 115 32.91 72.01 -47.88
CA VAL H 115 34.01 71.27 -48.50
C VAL H 115 35.31 72.06 -48.49
N SER H 116 36.39 71.41 -48.09
CA SER H 116 37.73 72.01 -48.06
C SER H 116 38.74 70.97 -48.52
N ILE H 117 39.29 71.13 -49.74
CA ILE H 117 40.25 70.18 -50.27
C ILE H 117 41.66 70.68 -49.97
N PHE H 118 42.56 69.74 -49.65
CA PHE H 118 43.92 70.11 -49.32
C PHE H 118 44.90 69.30 -50.16
N PRO H 119 45.97 69.93 -50.65
CA PRO H 119 46.97 69.21 -51.44
C PRO H 119 47.96 68.52 -50.53
N PRO H 120 48.65 67.50 -51.04
CA PRO H 120 49.66 66.80 -50.21
C PRO H 120 50.70 67.76 -49.67
N SER H 121 51.03 67.58 -48.39
CA SER H 121 52.01 68.43 -47.73
C SER H 121 53.41 68.13 -48.27
N SER H 122 54.26 69.15 -48.26
CA SER H 122 55.63 69.00 -48.76
C SER H 122 56.45 68.02 -47.93
N GLU H 123 56.17 67.94 -46.62
CA GLU H 123 56.89 66.99 -45.78
C GLU H 123 56.55 65.56 -46.18
N GLN H 124 55.32 65.36 -46.64
CA GLN H 124 54.88 64.03 -47.05
C GLN H 124 55.39 63.68 -48.44
N LEU H 125 55.40 64.64 -49.36
CA LEU H 125 55.87 64.38 -50.71
C LEU H 125 57.35 63.98 -50.70
N THR H 126 58.13 64.60 -49.81
CA THR H 126 59.54 64.25 -49.67
C THR H 126 59.70 62.89 -49.02
N SER H 127 58.65 62.38 -48.36
CA SER H 127 58.68 61.09 -47.70
C SER H 127 58.48 59.94 -48.69
N GLY H 128 57.95 60.26 -49.87
CA GLY H 128 57.72 59.29 -50.92
C GLY H 128 56.26 58.94 -51.17
N GLY H 129 55.34 59.63 -50.53
CA GLY H 129 53.92 59.37 -50.70
C GLY H 129 53.17 60.67 -50.82
N ALA H 130 51.97 60.58 -51.41
CA ALA H 130 51.12 61.76 -51.59
C ALA H 130 49.69 61.40 -51.20
N SER H 131 49.08 62.23 -50.34
CA SER H 131 47.73 62.01 -49.86
C SER H 131 46.94 63.30 -49.95
N VAL H 132 45.87 63.29 -50.73
CA VAL H 132 44.98 64.45 -50.90
C VAL H 132 43.78 64.29 -49.98
N VAL H 133 43.63 65.20 -49.02
CA VAL H 133 42.56 65.15 -48.04
C VAL H 133 41.44 66.10 -48.49
N CYS H 134 40.20 65.73 -48.14
CA CYS H 134 39.02 66.53 -48.50
C CYS H 134 38.03 66.42 -47.35
N PHE H 135 37.77 67.54 -46.68
CA PHE H 135 36.85 67.59 -45.55
C PHE H 135 35.46 68.01 -46.01
N LEU H 136 34.43 67.54 -45.28
CA LEU H 136 33.04 67.92 -45.54
C LEU H 136 32.39 68.07 -44.16
N ASN H 137 32.56 69.22 -43.55
CA ASN H 137 32.11 69.44 -42.18
C ASN H 137 30.71 70.00 -42.08
N ASN H 138 30.14 69.83 -40.89
CA ASN H 138 28.83 70.34 -40.50
C ASN H 138 27.70 70.35 -41.53
N PHE H 139 27.14 69.17 -41.84
CA PHE H 139 26.00 69.04 -42.75
C PHE H 139 24.91 68.17 -42.09
N TYR H 140 23.83 67.96 -42.84
CA TYR H 140 22.66 67.19 -42.38
C TYR H 140 21.73 66.98 -43.56
N PRO H 141 21.16 65.77 -43.70
CA PRO H 141 21.28 64.55 -42.87
C PRO H 141 22.63 63.85 -42.96
N LYS H 142 22.74 62.72 -42.27
CA LYS H 142 23.98 61.95 -42.23
C LYS H 142 24.38 61.45 -43.61
N ASP H 143 23.39 61.24 -44.48
CA ASP H 143 23.63 60.74 -45.83
C ASP H 143 24.49 61.70 -46.64
N ILE H 144 25.43 61.13 -47.41
CA ILE H 144 26.34 61.92 -48.23
C ILE H 144 27.15 60.99 -49.13
N ASN H 145 27.62 61.51 -50.26
CA ASN H 145 28.41 60.77 -51.23
C ASN H 145 29.59 61.59 -51.74
N VAL H 146 30.80 61.05 -51.62
CA VAL H 146 32.03 61.73 -52.04
C VAL H 146 32.66 60.96 -53.20
N LYS H 147 33.04 61.67 -54.26
CA LYS H 147 33.70 61.08 -55.43
C LYS H 147 34.98 61.85 -55.75
N TRP H 148 36.02 61.12 -56.19
CA TRP H 148 37.30 61.71 -56.56
C TRP H 148 37.51 61.59 -58.06
N LYS H 149 38.09 62.63 -58.68
CA LYS H 149 38.36 62.62 -60.11
C LYS H 149 39.78 63.16 -60.36
N ILE H 150 40.68 62.30 -60.83
CA ILE H 150 42.04 62.71 -61.13
C ILE H 150 42.11 63.04 -62.62
N ASP H 151 42.12 64.34 -62.94
CA ASP H 151 42.12 64.82 -64.34
C ASP H 151 40.84 64.43 -65.05
N GLY H 152 39.71 64.62 -64.36
CA GLY H 152 38.43 64.29 -64.94
C GLY H 152 38.01 62.83 -64.77
N SER H 153 38.96 61.91 -64.91
CA SER H 153 38.64 60.49 -64.77
C SER H 153 38.30 60.18 -63.32
N GLU H 154 37.32 59.28 -63.13
CA GLU H 154 36.87 58.94 -61.79
C GLU H 154 37.93 58.11 -61.08
N ARG H 155 38.09 58.36 -59.77
CA ARG H 155 39.07 57.64 -58.96
C ARG H 155 38.41 57.04 -57.74
N GLN H 156 38.50 55.70 -57.62
CA GLN H 156 37.89 54.95 -56.53
C GLN H 156 38.88 54.11 -55.72
N ASN H 157 39.98 53.67 -56.32
CA ASN H 157 40.99 52.84 -55.64
C ASN H 157 41.95 53.72 -54.84
N GLY H 158 42.04 53.46 -53.54
CA GLY H 158 42.95 54.20 -52.68
C GLY H 158 42.27 55.19 -51.75
N VAL H 159 40.95 55.32 -51.84
CA VAL H 159 40.19 56.29 -51.04
C VAL H 159 39.77 55.66 -49.72
N LEU H 160 39.93 56.42 -48.64
CA LEU H 160 39.56 55.99 -47.30
C LEU H 160 38.72 57.07 -46.64
N ASN H 161 37.52 56.73 -46.20
CA ASN H 161 36.59 57.68 -45.63
C ASN H 161 36.46 57.49 -44.11
N SER H 162 35.97 58.53 -43.45
CA SER H 162 35.75 58.47 -41.99
C SER H 162 34.73 59.52 -41.60
N TRP H 163 33.62 59.08 -41.01
CA TRP H 163 32.55 59.97 -40.58
C TRP H 163 32.62 60.19 -39.07
N THR H 164 31.86 61.16 -38.60
CA THR H 164 31.81 61.49 -37.18
C THR H 164 30.41 61.29 -36.64
N ASP H 165 30.31 61.35 -35.32
CA ASP H 165 29.03 61.22 -34.65
C ASP H 165 28.32 62.56 -34.70
N GLN H 166 26.99 62.51 -34.66
CA GLN H 166 26.21 63.74 -34.66
C GLN H 166 26.74 64.67 -33.58
N ASP H 167 27.14 65.88 -33.98
CA ASP H 167 27.70 66.85 -33.06
C ASP H 167 26.69 67.19 -31.97
N SER H 168 27.13 67.19 -30.72
CA SER H 168 26.23 67.44 -29.60
C SER H 168 25.87 68.91 -29.43
N LYS H 169 26.45 69.80 -30.24
CA LYS H 169 26.16 71.22 -30.17
C LYS H 169 25.23 71.65 -31.30
N ASP H 170 25.63 71.45 -32.54
CA ASP H 170 24.86 71.84 -33.70
C ASP H 170 24.09 70.68 -34.35
N SER H 171 24.24 69.46 -33.83
CA SER H 171 23.53 68.27 -34.33
C SER H 171 23.80 68.01 -35.81
N THR H 172 25.00 68.32 -36.28
CA THR H 172 25.36 68.09 -37.66
C THR H 172 26.46 67.03 -37.73
N TYR H 173 26.60 66.45 -38.92
CA TYR H 173 27.56 65.37 -39.15
C TYR H 173 28.77 65.94 -39.91
N SER H 174 29.78 65.08 -40.05
CA SER H 174 31.00 65.47 -40.78
C SER H 174 31.72 64.21 -41.24
N MET H 175 32.45 64.34 -42.34
CA MET H 175 33.22 63.22 -42.85
C MET H 175 34.47 63.75 -43.55
N SER H 176 35.45 62.88 -43.73
CA SER H 176 36.72 63.24 -44.35
C SER H 176 37.19 62.11 -45.26
N SER H 177 37.33 62.41 -46.56
CA SER H 177 37.81 61.47 -47.54
C SER H 177 39.29 61.72 -47.82
N THR H 178 40.07 60.66 -47.94
CA THR H 178 41.51 60.79 -48.15
C THR H 178 41.97 59.89 -49.31
N LEU H 179 42.38 60.52 -50.40
CA LEU H 179 42.90 59.82 -51.57
C LEU H 179 44.42 59.71 -51.44
N THR H 180 44.93 58.48 -51.39
CA THR H 180 46.35 58.24 -51.23
C THR H 180 46.97 57.66 -52.50
N LEU H 181 48.06 58.26 -52.95
CA LEU H 181 48.78 57.82 -54.14
C LEU H 181 50.27 57.73 -53.81
N THR H 182 51.04 57.27 -54.79
CA THR H 182 52.49 57.26 -54.70
C THR H 182 53.03 58.57 -55.26
N LYS H 183 54.14 59.04 -54.67
CA LYS H 183 54.75 60.27 -55.16
C LYS H 183 54.94 60.25 -56.67
N ASP H 184 55.13 59.06 -57.25
CA ASP H 184 55.29 58.93 -58.70
C ASP H 184 53.98 59.23 -59.44
N GLU H 185 52.90 58.56 -59.05
CA GLU H 185 51.62 58.73 -59.75
C GLU H 185 51.01 60.10 -59.48
N TYR H 186 51.31 60.69 -58.32
CA TYR H 186 50.74 62.00 -57.99
C TYR H 186 51.26 63.09 -58.92
N GLU H 187 52.54 63.02 -59.30
CA GLU H 187 53.15 64.02 -60.18
C GLU H 187 52.89 63.74 -61.65
N ARG H 188 52.15 62.69 -61.96
CA ARG H 188 51.81 62.35 -63.34
C ARG H 188 50.52 63.00 -63.79
N HIS H 189 49.84 63.71 -62.91
CA HIS H 189 48.57 64.32 -63.24
C HIS H 189 48.57 65.77 -62.75
N ASN H 190 47.58 66.51 -63.23
CA ASN H 190 47.46 67.94 -62.93
C ASN H 190 46.33 68.22 -61.93
N SER H 191 45.07 68.16 -62.35
CA SER H 191 43.97 68.54 -61.49
C SER H 191 43.48 67.35 -60.66
N TYR H 192 43.24 67.63 -59.38
CA TYR H 192 42.70 66.68 -58.40
C TYR H 192 41.44 67.29 -57.80
N THR H 193 40.27 66.86 -58.26
CA THR H 193 39.02 67.41 -57.77
C THR H 193 38.30 66.46 -56.81
N CYS H 194 37.52 67.06 -55.90
CA CYS H 194 36.76 66.33 -54.88
C CYS H 194 35.30 66.76 -54.97
N GLU H 195 34.49 65.96 -55.68
CA GLU H 195 33.09 66.26 -55.90
C GLU H 195 32.24 65.63 -54.80
N ALA H 196 31.28 66.38 -54.28
CA ALA H 196 30.42 65.90 -53.20
C ALA H 196 28.95 66.06 -53.55
N THR H 197 28.19 64.98 -53.37
CA THR H 197 26.76 64.95 -53.64
C THR H 197 26.00 64.87 -52.32
N HIS H 198 24.96 65.70 -52.19
CA HIS H 198 24.14 65.77 -50.99
C HIS H 198 22.70 66.06 -51.39
N LYS H 199 21.82 66.02 -50.39
CA LYS H 199 20.40 66.31 -50.59
C LYS H 199 20.15 67.80 -50.47
N THR H 200 21.18 68.57 -50.12
CA THR H 200 21.07 70.01 -49.95
C THR H 200 21.03 70.75 -51.28
N SER H 201 21.41 70.09 -52.36
CA SER H 201 21.39 70.69 -53.69
C SER H 201 21.47 69.59 -54.74
N THR H 202 21.07 69.95 -55.96
CA THR H 202 21.10 69.03 -57.08
C THR H 202 22.50 68.95 -57.67
N SER H 203 23.23 70.07 -57.68
CA SER H 203 24.57 70.07 -58.25
C SER H 203 25.62 69.76 -57.19
N PRO H 204 26.52 68.83 -57.48
CA PRO H 204 27.57 68.45 -56.53
C PRO H 204 28.43 69.65 -56.12
N ILE H 205 28.63 69.82 -54.82
CA ILE H 205 29.50 70.89 -54.36
C ILE H 205 30.93 70.40 -54.56
N VAL H 206 31.59 70.90 -55.59
CA VAL H 206 32.92 70.46 -55.98
C VAL H 206 33.97 71.49 -55.55
N LYS H 207 35.12 71.00 -55.09
CA LYS H 207 36.27 71.81 -54.72
C LYS H 207 37.52 71.08 -55.18
N SER H 208 38.38 71.77 -55.93
CA SER H 208 39.57 71.15 -56.52
C SER H 208 40.80 72.03 -56.35
N PHE H 209 41.91 71.55 -56.92
CA PHE H 209 43.19 72.26 -56.91
C PHE H 209 44.06 71.60 -57.99
N ASN H 210 45.05 72.35 -58.45
CA ASN H 210 46.02 71.84 -59.40
C ASN H 210 47.41 71.68 -58.80
N ARG H 211 48.17 70.74 -59.36
CA ARG H 211 49.52 70.40 -58.92
C ARG H 211 50.46 71.44 -59.48
N ASN H 212 50.58 72.58 -58.82
CA ASN H 212 51.42 73.74 -59.21
C ASN H 212 50.68 74.96 -58.66
N GLN I 1 25.36 46.34 -4.48
CA GLN I 1 24.97 46.57 -5.87
C GLN I 1 25.71 45.65 -6.83
N VAL I 2 24.96 45.13 -7.80
CA VAL I 2 25.52 44.23 -8.81
C VAL I 2 26.52 44.99 -9.67
N GLN I 3 27.70 44.41 -9.84
CA GLN I 3 28.76 45.04 -10.61
C GLN I 3 29.60 43.94 -11.26
N LEU I 4 29.76 44.03 -12.58
CA LEU I 4 30.56 43.09 -13.35
C LEU I 4 31.80 43.84 -13.84
N GLN I 5 32.95 43.53 -13.27
CA GLN I 5 34.21 44.20 -13.60
C GLN I 5 35.07 43.28 -14.47
N GLN I 6 35.17 43.60 -15.75
CA GLN I 6 35.99 42.80 -16.67
C GLN I 6 37.45 43.26 -16.67
N SER I 7 38.29 42.46 -17.33
CA SER I 7 39.70 42.75 -17.45
C SER I 7 39.93 43.93 -18.41
N GLY I 8 41.19 44.36 -18.47
CA GLY I 8 41.59 45.45 -19.32
C GLY I 8 41.68 45.05 -20.78
N PRO I 9 41.94 46.05 -21.62
CA PRO I 9 42.05 45.81 -23.06
C PRO I 9 43.27 44.95 -23.39
N GLU I 10 43.17 44.21 -24.48
CA GLU I 10 44.24 43.30 -24.87
C GLU I 10 44.67 43.55 -26.31
N LEU I 11 45.93 43.22 -26.57
CA LEU I 11 46.54 43.35 -27.88
C LEU I 11 47.37 42.10 -28.13
N VAL I 12 47.02 41.31 -29.15
CA VAL I 12 47.73 40.06 -29.42
C VAL I 12 47.94 39.93 -30.93
N ARG I 13 48.87 39.01 -31.30
CA ARG I 13 49.17 38.73 -32.69
C ARG I 13 48.28 37.61 -33.23
N PRO I 14 47.95 37.61 -34.53
CA PRO I 14 47.12 36.53 -35.08
C PRO I 14 47.68 35.15 -34.76
N GLY I 15 46.77 34.20 -34.53
CA GLY I 15 47.13 32.84 -34.21
C GLY I 15 47.30 32.56 -32.73
N ALA I 16 47.58 33.59 -31.93
CA ALA I 16 47.76 33.41 -30.49
C ALA I 16 46.42 33.16 -29.81
N SER I 17 46.41 33.25 -28.49
CA SER I 17 45.20 33.05 -27.70
C SER I 17 45.14 34.09 -26.60
N VAL I 18 43.93 34.38 -26.12
CA VAL I 18 43.72 35.39 -25.10
C VAL I 18 42.67 34.85 -24.12
N LYS I 19 42.75 35.28 -22.87
CA LYS I 19 41.82 34.86 -21.83
C LYS I 19 41.47 36.08 -20.98
N MET I 20 40.25 36.58 -21.15
CA MET I 20 39.76 37.74 -20.43
C MET I 20 38.88 37.30 -19.27
N SER I 21 38.77 38.17 -18.27
CA SER I 21 38.03 37.84 -17.06
C SER I 21 36.81 38.74 -16.89
N CYS I 22 36.04 38.45 -15.83
CA CYS I 22 34.85 39.20 -15.46
C CYS I 22 34.53 38.87 -14.01
N LYS I 23 34.81 39.81 -13.10
CA LYS I 23 34.61 39.59 -11.67
C LYS I 23 33.27 40.19 -11.22
N ALA I 24 32.39 39.33 -10.72
CA ALA I 24 31.07 39.72 -10.25
C ALA I 24 31.09 40.01 -8.75
N SER I 25 30.23 40.93 -8.33
CA SER I 25 30.14 41.28 -6.92
C SER I 25 28.78 41.93 -6.67
N GLY I 26 28.27 41.74 -5.46
CA GLY I 26 26.99 42.30 -5.08
C GLY I 26 25.81 41.37 -5.25
N TYR I 27 26.05 40.08 -5.49
CA TYR I 27 24.99 39.10 -5.64
C TYR I 27 25.60 37.72 -5.58
N THR I 28 24.77 36.72 -5.32
CA THR I 28 25.23 35.33 -5.25
C THR I 28 25.69 34.87 -6.63
N PHE I 29 27.01 34.71 -6.77
CA PHE I 29 27.62 34.33 -8.04
C PHE I 29 26.97 33.11 -8.68
N THR I 30 26.86 32.02 -7.91
CA THR I 30 26.40 30.73 -8.42
C THR I 30 24.91 30.63 -8.77
N ASN I 31 24.09 31.62 -8.45
CA ASN I 31 22.66 31.54 -8.71
C ASN I 31 22.22 32.22 -10.01
N TYR I 32 23.14 32.72 -10.81
CA TYR I 32 22.76 33.37 -12.06
C TYR I 32 23.71 32.93 -13.16
N TRP I 33 23.15 32.57 -14.31
CA TRP I 33 23.98 32.13 -15.43
C TRP I 33 24.67 33.33 -16.08
N MET I 34 25.95 33.16 -16.39
CA MET I 34 26.77 34.21 -16.97
C MET I 34 26.90 34.03 -18.48
N HIS I 35 26.60 35.08 -19.24
CA HIS I 35 26.66 35.06 -20.69
C HIS I 35 27.79 35.96 -21.20
N TRP I 36 28.17 35.74 -22.46
CA TRP I 36 29.21 36.52 -23.11
C TRP I 36 28.73 36.96 -24.49
N VAL I 37 28.84 38.26 -24.77
CA VAL I 37 28.37 38.83 -26.03
C VAL I 37 29.53 39.50 -26.75
N LYS I 38 29.57 39.35 -28.07
CA LYS I 38 30.60 39.94 -28.92
C LYS I 38 30.00 41.14 -29.63
N GLN I 39 30.71 42.27 -29.60
CA GLN I 39 30.20 43.49 -30.22
C GLN I 39 31.20 44.02 -31.24
N ARG I 40 30.83 43.90 -32.53
CA ARG I 40 31.68 44.44 -33.56
C ARG I 40 30.99 45.64 -34.18
N PRO I 41 31.72 46.71 -34.50
CA PRO I 41 31.09 47.86 -35.16
C PRO I 41 30.47 47.47 -36.50
N GLY I 42 29.24 47.91 -36.72
CA GLY I 42 28.49 47.64 -37.93
C GLY I 42 27.73 46.33 -37.96
N GLN I 43 28.13 45.34 -37.16
CA GLN I 43 27.42 44.06 -37.09
C GLN I 43 26.53 44.04 -35.85
N ALA I 44 25.64 43.06 -35.80
CA ALA I 44 24.74 42.94 -34.66
C ALA I 44 25.44 42.19 -33.53
N LEU I 45 24.94 42.37 -32.31
CA LEU I 45 25.54 41.71 -31.16
C LEU I 45 25.43 40.19 -31.33
N GLU I 46 26.55 39.51 -31.15
CA GLU I 46 26.64 38.07 -31.29
C GLU I 46 26.69 37.43 -29.91
N TRP I 47 25.90 36.37 -29.71
CA TRP I 47 25.90 35.64 -28.46
C TRP I 47 26.95 34.55 -28.52
N ILE I 48 27.94 34.61 -27.61
CA ILE I 48 29.01 33.62 -27.63
C ILE I 48 28.61 32.35 -26.88
N GLY I 49 28.12 32.49 -25.66
CA GLY I 49 27.73 31.32 -24.89
C GLY I 49 27.38 31.71 -23.47
N MET I 50 27.09 30.68 -22.68
CA MET I 50 26.76 30.86 -21.27
C MET I 50 27.45 29.77 -20.45
N ILE I 51 27.50 30.01 -19.14
CA ILE I 51 28.15 29.11 -18.20
C ILE I 51 27.34 29.07 -16.91
N ASP I 52 27.16 27.87 -16.36
CA ASP I 52 26.49 27.69 -15.07
C ASP I 52 27.54 27.70 -13.97
N PRO I 53 27.66 28.81 -13.22
CA PRO I 53 28.69 28.90 -12.17
C PRO I 53 28.75 27.69 -11.24
N SER I 54 27.59 27.15 -10.86
CA SER I 54 27.52 26.02 -9.95
C SER I 54 28.31 24.80 -10.45
N LYS I 55 27.93 24.26 -11.59
CA LYS I 55 28.54 23.03 -12.09
C LYS I 55 29.47 23.27 -13.27
N SER I 56 29.71 24.53 -13.63
CA SER I 56 30.59 24.89 -14.75
C SER I 56 30.13 24.26 -16.06
N GLU I 57 28.82 24.09 -16.22
CA GLU I 57 28.28 23.57 -17.47
C GLU I 57 28.27 24.69 -18.49
N THR I 58 28.88 24.44 -19.64
CA THR I 58 28.99 25.46 -20.68
C THR I 58 28.01 25.12 -21.79
N THR I 59 27.50 26.17 -22.44
CA THR I 59 26.63 26.02 -23.61
C THR I 59 27.05 27.11 -24.59
N LEU I 60 27.78 26.72 -25.62
CA LEU I 60 28.30 27.68 -26.58
C LEU I 60 27.37 27.83 -27.77
N ASN I 61 27.65 28.85 -28.57
CA ASN I 61 26.96 29.07 -29.82
C ASN I 61 27.69 28.28 -30.90
N GLN I 62 26.93 27.58 -31.74
CA GLN I 62 27.55 26.79 -32.81
C GLN I 62 28.57 27.60 -33.60
N LYS I 63 28.29 28.89 -33.82
CA LYS I 63 29.19 29.78 -34.55
C LYS I 63 30.53 30.01 -33.85
N PHE I 64 30.63 29.75 -32.54
CA PHE I 64 31.86 29.97 -31.78
C PHE I 64 32.45 28.67 -31.24
N ARG I 65 31.93 27.52 -31.67
CA ARG I 65 32.31 26.21 -31.18
C ARG I 65 33.81 26.02 -30.95
N GLY I 66 34.63 26.25 -31.97
CA GLY I 66 36.07 26.06 -31.81
C GLY I 66 36.87 27.27 -31.40
N LYS I 67 36.24 28.42 -31.27
CA LYS I 67 36.95 29.66 -30.96
C LYS I 67 36.91 30.04 -29.49
N ALA I 68 35.80 29.78 -28.80
CA ALA I 68 35.60 30.22 -27.42
C ALA I 68 35.57 29.07 -26.43
N THR I 69 36.01 29.37 -25.20
CA THR I 69 36.02 28.43 -24.09
C THR I 69 35.57 29.14 -22.83
N LEU I 70 34.67 28.52 -22.07
CA LEU I 70 34.15 29.13 -20.84
C LEU I 70 34.44 28.27 -19.61
N ASN I 71 34.67 28.96 -18.50
CA ASN I 71 34.89 28.38 -17.18
C ASN I 71 34.82 29.51 -16.15
N VAL I 72 34.65 29.13 -14.88
CA VAL I 72 34.53 30.09 -13.79
C VAL I 72 35.38 29.63 -12.61
N ASP I 73 35.46 30.51 -11.62
CA ASP I 73 36.16 30.28 -10.35
C ASP I 73 35.21 30.71 -9.24
N LYS I 74 34.44 29.74 -8.73
CA LYS I 74 33.45 30.04 -7.71
C LYS I 74 34.09 30.71 -6.49
N SER I 75 35.33 30.33 -6.17
CA SER I 75 36.03 30.90 -5.02
C SER I 75 36.27 32.40 -5.20
N SER I 76 36.71 32.83 -6.38
CA SER I 76 37.01 34.24 -6.61
C SER I 76 35.85 35.01 -7.21
N ASN I 77 34.72 34.35 -7.46
CA ASN I 77 33.52 34.97 -8.03
C ASN I 77 33.78 35.62 -9.38
N THR I 78 34.71 35.06 -10.17
CA THR I 78 35.03 35.59 -11.49
C THR I 78 34.76 34.54 -12.56
N ALA I 79 34.35 35.00 -13.73
CA ALA I 79 34.13 34.17 -14.90
C ALA I 79 35.21 34.47 -15.94
N TYR I 80 35.54 33.48 -16.76
CA TYR I 80 36.58 33.64 -17.77
C TYR I 80 36.08 33.18 -19.13
N MET I 81 36.72 33.72 -20.17
CA MET I 81 36.48 33.31 -21.55
C MET I 81 37.80 33.29 -22.29
N GLN I 82 38.06 32.21 -23.02
CA GLN I 82 39.29 32.05 -23.79
C GLN I 82 38.99 31.95 -25.27
N LEU I 83 39.69 32.74 -26.06
CA LEU I 83 39.57 32.77 -27.51
C LEU I 83 40.85 32.25 -28.16
N SER I 84 40.72 31.24 -29.03
CA SER I 84 41.88 30.61 -29.64
C SER I 84 41.94 30.88 -31.14
N SER I 85 43.14 30.67 -31.70
CA SER I 85 43.41 30.86 -33.14
C SER I 85 42.98 32.25 -33.62
N LEU I 86 43.16 33.24 -32.76
CA LEU I 86 42.76 34.61 -33.02
C LEU I 86 43.15 35.09 -34.42
N THR I 87 42.21 35.75 -35.09
CA THR I 87 42.42 36.36 -36.40
C THR I 87 42.02 37.83 -36.31
N SER I 88 42.01 38.52 -37.45
CA SER I 88 41.66 39.93 -37.43
C SER I 88 40.18 40.12 -37.14
N GLU I 89 39.36 39.13 -37.52
CA GLU I 89 37.92 39.19 -37.29
C GLU I 89 37.53 38.94 -35.83
N ASP I 90 38.42 38.35 -35.03
CA ASP I 90 38.15 38.13 -33.61
C ASP I 90 38.34 39.41 -32.81
N SER I 91 38.64 40.52 -33.49
CA SER I 91 38.80 41.81 -32.84
C SER I 91 37.44 42.45 -32.66
N ALA I 92 37.12 42.81 -31.41
CA ALA I 92 35.81 43.36 -31.06
C ALA I 92 35.74 43.74 -29.59
N VAL I 93 34.55 44.12 -29.13
CA VAL I 93 34.29 44.39 -27.72
C VAL I 93 33.55 43.18 -27.17
N TYR I 94 34.00 42.67 -26.02
CA TYR I 94 33.40 41.50 -25.41
C TYR I 94 32.81 41.84 -24.05
N TYR I 95 31.55 41.49 -23.86
CA TYR I 95 30.83 41.76 -22.62
C TYR I 95 30.54 40.46 -21.89
N CYS I 96 30.28 40.60 -20.58
CA CYS I 96 29.78 39.52 -19.77
C CYS I 96 28.52 40.05 -19.09
N ALA I 97 27.44 39.29 -19.17
CA ALA I 97 26.15 39.73 -18.63
C ALA I 97 25.57 38.67 -17.72
N ARG I 98 24.73 39.12 -16.80
CA ARG I 98 24.03 38.26 -15.86
C ARG I 98 22.63 38.01 -16.42
N GLU I 99 22.14 36.79 -16.29
CA GLU I 99 20.83 36.46 -16.81
C GLU I 99 19.86 36.23 -15.66
N VAL I 100 18.66 36.80 -15.81
CA VAL I 100 17.54 36.63 -14.90
C VAL I 100 16.30 36.72 -15.78
N TYR I 101 16.24 35.89 -16.82
CA TYR I 101 15.21 35.91 -17.87
C TYR I 101 15.54 37.08 -18.80
N TYR I 102 16.68 37.73 -18.59
CA TYR I 102 17.12 38.91 -19.32
C TYR I 102 18.52 39.23 -18.86
N PHE I 103 19.22 40.10 -19.61
CA PHE I 103 20.56 40.53 -19.23
C PHE I 103 20.46 41.88 -18.53
N ASP I 104 20.38 41.86 -17.20
CA ASP I 104 20.18 43.08 -16.43
C ASP I 104 21.46 43.78 -16.01
N TYR I 105 22.62 43.11 -16.09
CA TYR I 105 23.88 43.73 -15.69
C TYR I 105 25.00 43.27 -16.61
N TRP I 106 25.63 44.23 -17.28
CA TRP I 106 26.73 43.96 -18.18
C TRP I 106 28.03 44.50 -17.60
N GLY I 107 29.15 44.07 -18.16
CA GLY I 107 30.42 44.60 -17.77
C GLY I 107 30.72 45.83 -18.61
N GLN I 108 31.82 46.51 -18.26
CA GLN I 108 32.16 47.70 -19.03
C GLN I 108 32.60 47.31 -20.44
N GLY I 109 33.22 46.14 -20.57
CA GLY I 109 33.66 45.66 -21.87
C GLY I 109 35.16 45.45 -21.91
N THR I 110 35.61 44.53 -22.77
CA THR I 110 37.03 44.27 -22.97
C THR I 110 37.29 44.37 -24.45
N THR I 111 38.13 45.34 -24.84
CA THR I 111 38.42 45.58 -26.25
C THR I 111 39.63 44.74 -26.65
N LEU I 112 39.42 43.86 -27.62
CA LEU I 112 40.47 42.98 -28.11
C LEU I 112 40.85 43.44 -29.50
N THR I 113 42.15 43.61 -29.72
CA THR I 113 42.69 44.02 -31.01
C THR I 113 43.70 42.98 -31.44
N VAL I 114 43.54 42.48 -32.66
CA VAL I 114 44.40 41.44 -33.21
C VAL I 114 45.01 41.92 -34.51
N SER I 115 46.33 42.05 -34.51
CA SER I 115 47.11 42.47 -35.66
C SER I 115 48.55 42.08 -35.41
N SER I 116 49.28 41.88 -36.50
CA SER I 116 50.69 41.51 -36.43
C SER I 116 51.61 42.70 -36.68
N ALA I 117 51.15 43.90 -36.29
CA ALA I 117 51.88 45.14 -36.46
C ALA I 117 52.52 45.60 -35.15
N LYS I 118 53.78 46.01 -35.25
CA LYS I 118 54.57 46.48 -34.12
C LYS I 118 54.29 47.97 -33.89
N THR I 119 54.65 48.43 -32.69
CA THR I 119 54.46 49.83 -32.30
C THR I 119 55.11 50.81 -33.28
N THR I 120 54.32 51.79 -33.75
CA THR I 120 54.82 52.77 -34.73
C THR I 120 54.40 54.19 -34.36
N PRO I 121 55.34 55.14 -34.42
CA PRO I 121 55.01 56.54 -34.12
C PRO I 121 54.22 57.19 -35.25
N PRO I 122 53.36 58.15 -34.94
CA PRO I 122 52.54 58.81 -35.97
C PRO I 122 53.29 59.87 -36.76
N SER I 123 53.02 59.91 -38.07
CA SER I 123 53.58 60.91 -38.97
C SER I 123 52.58 62.05 -39.14
N VAL I 124 52.90 63.21 -38.55
CA VAL I 124 52.01 64.37 -38.56
C VAL I 124 52.31 65.26 -39.76
N TYR I 125 51.36 65.33 -40.70
CA TYR I 125 51.50 66.16 -41.89
C TYR I 125 50.53 67.33 -41.85
N PRO I 126 51.00 68.56 -42.08
CA PRO I 126 50.11 69.73 -42.05
C PRO I 126 49.26 69.87 -43.32
N LEU I 127 48.07 70.46 -43.15
CA LEU I 127 47.17 70.68 -44.28
C LEU I 127 46.83 72.17 -44.35
N ALA I 128 47.34 72.84 -45.38
CA ALA I 128 47.16 74.27 -45.63
C ALA I 128 46.67 74.52 -47.04
N PRO I 129 45.82 75.55 -47.24
CA PRO I 129 45.32 75.89 -48.58
C PRO I 129 46.44 76.08 -49.62
N ASN I 136 34.81 82.19 -47.69
CA ASN I 136 36.18 82.70 -47.59
C ASN I 136 36.36 83.47 -46.27
N SER I 137 35.25 83.67 -45.55
CA SER I 137 35.30 84.40 -44.28
C SER I 137 36.06 83.62 -43.21
N MET I 138 35.79 82.32 -43.07
CA MET I 138 36.48 81.44 -42.14
C MET I 138 37.23 80.35 -42.89
N VAL I 139 38.55 80.32 -42.76
CA VAL I 139 39.39 79.38 -43.48
C VAL I 139 39.53 78.10 -42.66
N THR I 140 39.46 76.96 -43.33
CA THR I 140 39.56 75.65 -42.72
C THR I 140 40.95 75.07 -42.92
N LEU I 141 41.55 74.61 -41.84
CA LEU I 141 42.88 73.99 -41.80
C LEU I 141 42.75 72.59 -41.23
N GLY I 142 43.88 71.89 -41.12
CA GLY I 142 43.81 70.54 -40.57
C GLY I 142 45.17 69.88 -40.50
N CYS I 143 45.18 68.75 -39.79
CA CYS I 143 46.34 67.88 -39.60
C CYS I 143 46.00 66.49 -40.11
N LEU I 144 47.03 65.79 -40.62
CA LEU I 144 46.87 64.42 -41.13
C LEU I 144 47.84 63.50 -40.40
N VAL I 145 47.31 62.65 -39.53
CA VAL I 145 48.10 61.70 -38.76
C VAL I 145 48.02 60.34 -39.44
N LYS I 146 49.10 59.93 -40.10
CA LYS I 146 49.13 58.69 -40.85
C LYS I 146 50.23 57.75 -40.34
N GLY I 147 50.05 56.46 -40.64
CA GLY I 147 51.02 55.42 -40.34
C GLY I 147 51.45 55.21 -38.90
N TYR I 148 50.50 55.17 -37.96
CA TYR I 148 50.79 54.91 -36.56
C TYR I 148 50.08 53.65 -36.07
N PHE I 149 50.50 53.18 -34.90
CA PHE I 149 49.97 51.98 -34.25
C PHE I 149 50.63 51.81 -32.89
N PRO I 150 49.84 51.45 -31.86
CA PRO I 150 48.39 51.25 -31.89
C PRO I 150 47.61 52.45 -31.37
N GLU I 151 46.28 52.32 -31.32
CA GLU I 151 45.41 53.36 -30.80
C GLU I 151 45.67 53.60 -29.31
N PRO I 152 45.36 54.80 -28.82
CA PRO I 152 44.84 55.97 -29.53
C PRO I 152 45.87 57.08 -29.67
N VAL I 153 45.42 58.23 -30.17
CA VAL I 153 46.25 59.41 -30.28
C VAL I 153 45.41 60.61 -29.87
N THR I 154 46.04 61.56 -29.18
CA THR I 154 45.36 62.76 -28.73
C THR I 154 45.78 63.91 -29.64
N VAL I 155 44.80 64.55 -30.25
CA VAL I 155 45.04 65.66 -31.15
C VAL I 155 44.39 66.89 -30.55
N THR I 156 45.20 67.94 -30.34
CA THR I 156 44.71 69.19 -29.80
C THR I 156 45.34 70.31 -30.61
N TRP I 157 44.68 71.45 -30.62
CA TRP I 157 45.14 72.63 -31.34
C TRP I 157 45.58 73.70 -30.37
N ASN I 158 46.87 74.08 -30.46
CA ASN I 158 47.47 75.08 -29.59
C ASN I 158 47.48 74.60 -28.13
N SER I 159 47.83 73.33 -27.93
CA SER I 159 47.91 72.71 -26.60
C SER I 159 46.57 72.79 -25.87
N GLY I 160 45.47 72.66 -26.61
CA GLY I 160 44.14 72.63 -26.04
C GLY I 160 43.40 73.95 -26.01
N SER I 161 44.11 75.08 -26.05
CA SER I 161 43.46 76.39 -26.01
C SER I 161 42.44 76.56 -27.15
N LEU I 162 42.78 76.12 -28.36
CA LEU I 162 41.84 76.20 -29.48
C LEU I 162 41.07 74.89 -29.57
N SER I 163 39.88 74.88 -28.98
CA SER I 163 39.03 73.71 -28.90
C SER I 163 37.82 73.80 -29.82
N SER I 164 37.02 74.84 -29.68
CA SER I 164 35.81 75.00 -30.48
C SER I 164 36.13 75.01 -31.97
N GLY I 165 35.20 74.47 -32.77
CA GLY I 165 35.36 74.43 -34.21
C GLY I 165 36.35 73.44 -34.74
N VAL I 166 36.54 72.31 -34.06
CA VAL I 166 37.48 71.28 -34.47
C VAL I 166 36.74 69.97 -34.70
N HIS I 167 37.17 69.21 -35.71
CA HIS I 167 36.60 67.91 -36.05
C HIS I 167 37.76 66.93 -36.24
N THR I 168 38.00 66.09 -35.25
CA THR I 168 39.01 65.05 -35.35
C THR I 168 38.28 63.78 -35.76
N PHE I 169 38.54 63.32 -36.99
CA PHE I 169 37.79 62.19 -37.51
C PHE I 169 38.36 60.85 -37.00
N PRO I 170 37.47 59.88 -36.82
CA PRO I 170 37.89 58.55 -36.36
C PRO I 170 38.91 57.89 -37.28
N ALA I 171 39.96 57.35 -36.66
CA ALA I 171 41.02 56.69 -37.40
C ALA I 171 40.47 55.52 -38.21
N VAL I 172 41.15 55.22 -39.31
CA VAL I 172 40.82 54.10 -40.18
C VAL I 172 42.06 53.23 -40.28
N LEU I 173 41.86 52.01 -40.78
CA LEU I 173 42.93 51.05 -40.92
C LEU I 173 43.37 51.02 -42.37
N GLN I 174 44.65 51.30 -42.60
CA GLN I 174 45.25 51.30 -43.95
C GLN I 174 46.54 50.49 -43.90
N SER I 175 46.50 49.27 -44.42
CA SER I 175 47.64 48.36 -44.46
C SER I 175 48.28 48.17 -43.07
N ASP I 176 47.47 47.63 -42.14
CA ASP I 176 47.91 47.33 -40.77
C ASP I 176 48.46 48.56 -40.05
N LEU I 177 48.02 49.76 -40.41
CA LEU I 177 48.44 50.98 -39.75
C LEU I 177 47.28 51.96 -39.76
N TYR I 178 47.11 52.68 -38.65
CA TYR I 178 45.99 53.60 -38.51
C TYR I 178 46.31 54.95 -39.14
N THR I 179 45.26 55.63 -39.60
CA THR I 179 45.34 56.95 -40.21
C THR I 179 44.09 57.74 -39.88
N LEU I 180 44.25 58.98 -39.42
CA LEU I 180 43.13 59.84 -39.09
C LEU I 180 43.38 61.27 -39.54
N SER I 181 42.29 62.03 -39.63
CA SER I 181 42.32 63.43 -40.02
C SER I 181 41.74 64.28 -38.91
N SER I 182 42.11 65.56 -38.90
CA SER I 182 41.58 66.51 -37.91
C SER I 182 41.45 67.87 -38.57
N SER I 183 40.23 68.41 -38.61
CA SER I 183 40.01 69.72 -39.23
C SER I 183 39.70 70.77 -38.16
N VAL I 184 39.97 72.03 -38.51
CA VAL I 184 39.70 73.17 -37.63
C VAL I 184 39.38 74.37 -38.50
N THR I 185 38.37 75.15 -38.12
CA THR I 185 37.97 76.33 -38.89
C THR I 185 38.11 77.58 -38.04
N VAL I 186 38.91 78.53 -38.52
CA VAL I 186 39.10 79.79 -37.79
C VAL I 186 38.88 80.96 -38.75
N PRO I 187 38.48 82.13 -38.23
CA PRO I 187 38.30 83.31 -39.06
C PRO I 187 39.54 83.72 -39.84
N SER I 188 39.34 84.05 -41.12
CA SER I 188 40.45 84.46 -41.99
C SER I 188 41.25 85.60 -41.37
N SER I 189 40.65 86.38 -40.48
CA SER I 189 41.41 87.47 -39.88
C SER I 189 42.45 86.92 -38.92
N SER I 190 42.16 85.81 -38.23
CA SER I 190 43.10 85.25 -37.28
C SER I 190 44.14 84.35 -37.92
N TRP I 191 44.10 84.14 -39.23
CA TRP I 191 45.11 83.29 -39.84
C TRP I 191 45.49 83.88 -41.20
N PRO I 192 46.78 83.90 -41.55
CA PRO I 192 47.96 83.42 -40.80
C PRO I 192 48.42 84.37 -39.69
N SER I 193 47.58 85.37 -39.38
CA SER I 193 47.87 86.32 -38.33
C SER I 193 48.29 85.63 -37.04
N GLU I 194 47.42 84.77 -36.49
CA GLU I 194 47.72 84.01 -35.28
C GLU I 194 48.28 82.64 -35.62
N THR I 195 49.43 82.31 -35.05
CA THR I 195 50.06 81.02 -35.31
C THR I 195 49.14 79.92 -34.83
N VAL I 196 48.91 78.93 -35.68
CA VAL I 196 48.05 77.79 -35.36
C VAL I 196 48.85 76.51 -35.57
N THR I 197 48.88 75.65 -34.55
CA THR I 197 49.63 74.41 -34.61
C THR I 197 48.90 73.29 -33.87
N CYS I 198 48.76 72.14 -34.54
CA CYS I 198 48.12 70.98 -33.94
C CYS I 198 49.17 70.19 -33.16
N ASN I 199 48.72 69.54 -32.08
CA ASN I 199 49.58 68.72 -31.23
C ASN I 199 49.07 67.29 -31.18
N VAL I 200 49.89 66.36 -31.65
CA VAL I 200 49.53 64.94 -31.70
C VAL I 200 50.30 64.20 -30.62
N ALA I 201 49.56 63.53 -29.73
CA ALA I 201 50.12 62.76 -28.62
C ALA I 201 49.88 61.28 -28.90
N HIS I 202 50.95 60.48 -28.89
CA HIS I 202 50.87 59.03 -29.12
C HIS I 202 51.46 58.29 -27.92
N PRO I 203 50.68 58.09 -26.86
CA PRO I 203 51.20 57.42 -25.66
C PRO I 203 51.84 56.04 -25.91
N ALA I 204 51.33 55.30 -26.88
CA ALA I 204 51.86 53.96 -27.17
C ALA I 204 53.35 53.98 -27.51
N SER I 205 53.84 55.07 -28.10
CA SER I 205 55.25 55.23 -28.44
C SER I 205 55.86 56.42 -27.71
N SER I 206 55.10 57.04 -26.80
CA SER I 206 55.54 58.23 -26.04
C SER I 206 55.95 59.36 -26.98
N THR I 207 55.22 59.49 -28.09
CA THR I 207 55.50 60.49 -29.11
C THR I 207 54.63 61.72 -28.90
N LYS I 208 55.25 62.91 -28.93
CA LYS I 208 54.53 64.17 -28.81
C LYS I 208 55.04 65.10 -29.92
N VAL I 209 54.31 65.19 -31.03
CA VAL I 209 54.72 66.01 -32.16
C VAL I 209 53.81 67.23 -32.27
N ASP I 210 54.40 68.36 -32.64
CA ASP I 210 53.66 69.60 -32.88
C ASP I 210 54.06 70.09 -34.25
N LYS I 211 53.07 70.23 -35.14
CA LYS I 211 53.30 70.67 -36.52
C LYS I 211 52.48 71.93 -36.80
N LYS I 212 53.16 73.07 -36.89
CA LYS I 212 52.49 74.33 -37.19
C LYS I 212 52.15 74.38 -38.68
N ILE I 213 50.88 74.67 -38.98
CA ILE I 213 50.39 74.71 -40.36
C ILE I 213 50.74 76.07 -40.95
N VAL I 214 51.82 76.10 -41.72
CA VAL I 214 52.28 77.32 -42.40
C VAL I 214 51.57 77.45 -43.74
N PRO I 215 51.11 78.64 -44.11
CA PRO I 215 50.44 78.83 -45.40
C PRO I 215 51.30 78.33 -46.56
N ARG I 216 50.63 77.89 -47.63
CA ARG I 216 51.34 77.37 -48.79
C ARG I 216 52.28 78.41 -49.36
N ASP I 217 53.44 77.94 -49.83
CA ASP I 217 54.46 78.84 -50.38
C ASP I 217 54.31 78.98 -51.90
N ASP J 1 -25.92 -8.71 -40.75
CA ASP J 1 -26.39 -7.38 -41.14
C ASP J 1 -27.79 -7.14 -40.59
N ILE J 2 -28.16 -5.88 -40.39
CA ILE J 2 -29.49 -5.50 -39.92
C ILE J 2 -30.28 -5.03 -41.13
N GLN J 3 -31.46 -5.61 -41.34
CA GLN J 3 -32.27 -5.31 -42.51
C GLN J 3 -33.29 -4.23 -42.19
N MET J 4 -33.33 -3.19 -43.01
CA MET J 4 -34.26 -2.07 -42.87
C MET J 4 -35.36 -2.24 -43.90
N THR J 5 -36.60 -2.48 -43.45
CA THR J 5 -37.74 -2.63 -44.34
C THR J 5 -38.64 -1.41 -44.22
N GLN J 6 -38.69 -0.61 -45.28
CA GLN J 6 -39.45 0.63 -45.28
C GLN J 6 -40.74 0.44 -46.07
N SER J 7 -41.80 1.10 -45.62
CA SER J 7 -43.11 1.04 -46.25
C SER J 7 -43.92 2.28 -45.88
N PRO J 8 -44.76 2.78 -46.80
CA PRO J 8 -45.03 2.29 -48.16
C PRO J 8 -43.95 2.69 -49.16
N ALA J 9 -43.88 1.96 -50.28
CA ALA J 9 -42.90 2.32 -51.30
C ALA J 9 -43.15 3.72 -51.84
N SER J 10 -44.41 4.14 -51.85
CA SER J 10 -44.78 5.49 -52.27
C SER J 10 -46.16 5.81 -51.69
N LEU J 11 -46.30 7.03 -51.20
CA LEU J 11 -47.55 7.50 -50.61
C LEU J 11 -47.97 8.74 -51.39
N SER J 12 -49.26 8.86 -51.69
CA SER J 12 -49.77 9.99 -52.43
C SER J 12 -50.75 10.77 -51.58
N ALA J 13 -50.47 12.07 -51.38
CA ALA J 13 -51.32 12.92 -50.58
C ALA J 13 -51.21 14.36 -51.07
N SER J 14 -52.17 15.18 -50.63
CA SER J 14 -52.28 16.58 -50.99
C SER J 14 -51.97 17.45 -49.78
N VAL J 15 -51.60 18.71 -50.05
CA VAL J 15 -51.30 19.68 -49.01
C VAL J 15 -52.38 19.69 -47.92
N GLY J 16 -51.94 19.80 -46.67
CA GLY J 16 -52.79 19.80 -45.50
C GLY J 16 -52.91 18.45 -44.82
N GLU J 17 -52.76 17.36 -45.59
CA GLU J 17 -52.85 16.00 -45.08
C GLU J 17 -51.71 15.66 -44.13
N THR J 18 -51.85 14.50 -43.49
CA THR J 18 -50.86 13.96 -42.56
C THR J 18 -50.55 12.51 -42.91
N VAL J 19 -49.29 12.23 -43.28
CA VAL J 19 -48.87 10.88 -43.66
C VAL J 19 -47.95 10.30 -42.59
N THR J 20 -47.72 8.99 -42.67
CA THR J 20 -46.87 8.27 -41.71
C THR J 20 -46.10 7.15 -42.43
N ILE J 21 -44.76 7.32 -42.52
CA ILE J 21 -43.85 6.33 -43.08
C ILE J 21 -43.38 5.41 -41.96
N THR J 22 -43.05 4.16 -42.31
CA THR J 22 -42.68 3.17 -41.30
C THR J 22 -41.43 2.39 -41.71
N CYS J 23 -40.46 2.33 -40.79
CA CYS J 23 -39.27 1.52 -40.95
C CYS J 23 -39.28 0.46 -39.87
N ARG J 24 -38.97 -0.78 -40.25
CA ARG J 24 -38.99 -1.89 -39.30
C ARG J 24 -37.63 -2.58 -39.34
N ALA J 25 -37.05 -2.78 -38.16
CA ALA J 25 -35.70 -3.33 -38.05
C ALA J 25 -35.71 -4.85 -38.00
N SER J 26 -34.72 -5.46 -38.65
CA SER J 26 -34.53 -6.90 -38.60
C SER J 26 -34.27 -7.37 -37.17
N GLU J 27 -33.64 -6.52 -36.37
CA GLU J 27 -33.34 -6.84 -34.98
C GLU J 27 -33.28 -5.54 -34.20
N ASN J 28 -33.38 -5.67 -32.88
CA ASN J 28 -33.39 -4.54 -31.96
C ASN J 28 -32.26 -3.56 -32.23
N ILE J 29 -32.63 -2.31 -32.49
CA ILE J 29 -31.67 -1.23 -32.70
C ILE J 29 -31.90 -0.07 -31.71
N TYR J 30 -32.56 -0.36 -30.59
CA TYR J 30 -32.86 0.60 -29.51
C TYR J 30 -33.46 1.87 -30.12
N SER J 31 -32.90 3.05 -29.85
CA SER J 31 -33.36 4.32 -30.38
C SER J 31 -32.42 4.83 -31.47
N TYR J 32 -31.61 3.95 -32.05
CA TYR J 32 -30.61 4.33 -33.04
C TYR J 32 -31.18 4.27 -34.47
N LEU J 33 -31.99 5.27 -34.81
CA LEU J 33 -32.55 5.36 -36.16
C LEU J 33 -32.60 6.82 -36.58
N THR J 34 -32.32 7.08 -37.86
CA THR J 34 -32.34 8.42 -38.40
C THR J 34 -33.25 8.48 -39.63
N TRP J 35 -33.87 9.64 -39.84
CA TRP J 35 -34.76 9.88 -40.97
C TRP J 35 -34.19 10.97 -41.87
N TYR J 36 -34.08 10.67 -43.17
CA TYR J 36 -33.54 11.61 -44.15
C TYR J 36 -34.60 11.99 -45.18
N GLN J 37 -34.51 13.23 -45.66
CA GLN J 37 -35.35 13.72 -46.75
C GLN J 37 -34.45 14.01 -47.94
N GLN J 38 -34.77 13.43 -49.10
CA GLN J 38 -33.97 13.64 -50.30
C GLN J 38 -34.86 13.99 -51.48
N LYS J 39 -34.68 15.18 -52.03
CA LYS J 39 -35.44 15.63 -53.19
C LYS J 39 -34.62 15.30 -54.43
N GLN J 40 -35.26 14.64 -55.40
CA GLN J 40 -34.64 14.19 -56.65
C GLN J 40 -33.48 15.06 -57.13
N GLY J 41 -32.30 14.45 -57.28
CA GLY J 41 -31.12 15.13 -57.76
C GLY J 41 -30.25 15.76 -56.69
N LYS J 42 -30.83 16.14 -55.55
CA LYS J 42 -30.07 16.76 -54.49
C LYS J 42 -29.60 15.71 -53.49
N SER J 43 -28.66 16.10 -52.64
CA SER J 43 -28.16 15.17 -51.63
C SER J 43 -29.08 15.15 -50.42
N PRO J 44 -29.26 13.96 -49.80
CA PRO J 44 -30.19 13.85 -48.66
C PRO J 44 -29.91 14.82 -47.52
N GLN J 45 -30.91 15.05 -46.69
CA GLN J 45 -30.78 15.97 -45.56
C GLN J 45 -31.33 15.32 -44.31
N LEU J 46 -30.66 15.56 -43.19
CA LEU J 46 -31.06 14.97 -41.93
C LEU J 46 -32.34 15.62 -41.40
N LEU J 47 -33.32 14.78 -41.06
CA LEU J 47 -34.57 15.23 -40.48
C LEU J 47 -34.64 14.90 -38.99
N VAL J 48 -34.61 13.62 -38.65
CA VAL J 48 -34.72 13.16 -37.28
C VAL J 48 -33.54 12.23 -37.03
N TYR J 49 -32.94 12.32 -35.85
CA TYR J 49 -31.89 11.41 -35.45
C TYR J 49 -32.19 10.87 -34.05
N ASN J 50 -31.59 9.73 -33.71
CA ASN J 50 -31.81 9.14 -32.42
C ASN J 50 -33.27 8.79 -32.20
N ALA J 51 -33.98 8.54 -33.31
CA ALA J 51 -35.37 8.10 -33.45
C ALA J 51 -36.43 9.17 -33.21
N LYS J 52 -36.15 10.14 -32.36
CA LYS J 52 -37.14 11.15 -32.01
C LYS J 52 -36.64 12.58 -32.22
N THR J 53 -35.38 12.85 -31.87
CA THR J 53 -34.83 14.20 -31.93
C THR J 53 -34.78 14.78 -33.34
N LEU J 54 -35.38 15.95 -33.50
CA LEU J 54 -35.34 16.70 -34.75
C LEU J 54 -34.03 17.48 -34.84
N THR J 55 -33.52 17.63 -36.06
CA THR J 55 -32.28 18.39 -36.25
C THR J 55 -32.59 19.88 -36.27
N GLU J 56 -31.57 20.69 -36.59
CA GLU J 56 -31.66 22.15 -36.60
C GLU J 56 -32.86 22.69 -37.36
N GLY J 57 -32.75 22.73 -38.69
CA GLY J 57 -33.71 23.36 -39.58
C GLY J 57 -35.11 22.77 -39.61
N VAL J 58 -35.29 21.50 -39.28
CA VAL J 58 -36.57 20.81 -39.38
C VAL J 58 -37.73 21.50 -38.66
N PRO J 59 -38.81 21.75 -39.39
CA PRO J 59 -40.01 22.37 -38.79
C PRO J 59 -40.82 21.43 -37.91
N SER J 60 -41.48 22.01 -36.91
CA SER J 60 -42.26 21.27 -35.92
C SER J 60 -43.24 20.25 -36.52
N ARG J 61 -43.62 20.41 -37.79
CA ARG J 61 -44.58 19.49 -38.40
C ARG J 61 -44.03 18.09 -38.59
N PHE J 62 -42.72 17.89 -38.44
CA PHE J 62 -42.07 16.59 -38.53
C PHE J 62 -41.89 15.99 -37.15
N SER J 63 -42.17 14.70 -37.03
CA SER J 63 -41.99 14.02 -35.75
C SER J 63 -41.70 12.55 -36.01
N GLY J 64 -40.81 11.98 -35.19
CA GLY J 64 -40.45 10.59 -35.29
C GLY J 64 -40.83 9.84 -34.04
N SER J 65 -40.97 8.53 -34.12
CA SER J 65 -41.33 7.74 -32.95
C SER J 65 -40.90 6.30 -33.17
N GLY J 66 -41.06 5.49 -32.14
CA GLY J 66 -40.72 4.09 -32.19
C GLY J 66 -39.44 3.80 -31.41
N SER J 67 -39.15 2.50 -31.31
CA SER J 67 -37.98 1.99 -30.60
C SER J 67 -37.92 0.47 -30.71
N GLY J 68 -36.71 -0.09 -30.77
CA GLY J 68 -36.58 -1.52 -30.92
C GLY J 68 -36.53 -1.89 -32.39
N THR J 69 -37.65 -2.40 -32.89
CA THR J 69 -37.75 -2.81 -34.28
C THR J 69 -38.87 -2.10 -35.03
N GLN J 70 -39.63 -1.23 -34.38
CA GLN J 70 -40.75 -0.55 -35.03
C GLN J 70 -40.60 0.95 -34.86
N PHE J 71 -40.39 1.65 -35.97
CA PHE J 71 -40.24 3.09 -35.97
C PHE J 71 -41.17 3.68 -37.02
N SER J 72 -41.39 4.99 -36.93
CA SER J 72 -42.28 5.64 -37.87
C SER J 72 -42.02 7.14 -37.92
N LEU J 73 -42.07 7.70 -39.13
CA LEU J 73 -41.99 9.14 -39.35
C LEU J 73 -43.39 9.62 -39.64
N LYS J 74 -43.77 10.76 -39.07
CA LYS J 74 -45.11 11.31 -39.25
C LYS J 74 -45.02 12.77 -39.65
N ILE J 75 -45.52 13.09 -40.84
CA ILE J 75 -45.52 14.46 -41.34
C ILE J 75 -46.97 14.93 -41.33
N ASN J 76 -47.33 15.72 -40.33
CA ASN J 76 -48.66 16.28 -40.20
C ASN J 76 -48.70 17.67 -40.85
N SER J 77 -49.86 18.01 -41.42
CA SER J 77 -50.07 19.30 -42.10
C SER J 77 -49.04 19.49 -43.22
N LEU J 78 -49.16 18.64 -44.24
CA LEU J 78 -48.24 18.68 -45.37
C LEU J 78 -48.11 20.08 -45.98
N GLN J 79 -47.05 20.29 -46.74
CA GLN J 79 -46.71 21.54 -47.40
C GLN J 79 -46.25 21.23 -48.82
N PRO J 80 -45.98 22.23 -49.66
CA PRO J 80 -45.46 21.90 -50.99
C PRO J 80 -44.04 21.35 -50.92
N GLU J 81 -43.23 21.84 -49.99
CA GLU J 81 -41.85 21.39 -49.85
C GLU J 81 -41.76 19.93 -49.44
N ASP J 82 -42.68 19.48 -48.59
CA ASP J 82 -42.63 18.14 -48.03
C ASP J 82 -42.83 17.01 -49.04
N PHE J 83 -42.87 17.33 -50.32
CA PHE J 83 -43.08 16.31 -51.34
C PHE J 83 -41.73 15.88 -51.90
N GLY J 84 -41.46 14.59 -51.87
CA GLY J 84 -40.18 14.08 -52.37
C GLY J 84 -39.82 12.73 -51.76
N GLY J 85 -38.52 12.50 -51.61
CA GLY J 85 -38.01 11.24 -51.10
C GLY J 85 -37.78 11.23 -49.59
N TYR J 86 -38.01 10.07 -48.99
CA TYR J 86 -37.83 9.88 -47.56
C TYR J 86 -37.28 8.49 -47.28
N PHE J 87 -36.16 8.40 -46.58
CA PHE J 87 -35.61 7.09 -46.24
C PHE J 87 -35.04 7.13 -44.82
N CYS J 88 -34.85 5.95 -44.25
CA CYS J 88 -34.34 5.78 -42.90
C CYS J 88 -33.01 5.04 -42.92
N GLN J 89 -32.32 5.09 -41.78
CA GLN J 89 -31.05 4.42 -41.59
C GLN J 89 -30.88 4.07 -40.11
N HIS J 90 -30.40 2.86 -39.83
CA HIS J 90 -30.12 2.52 -38.45
C HIS J 90 -28.69 2.95 -38.15
N HIS J 91 -28.41 3.23 -36.89
CA HIS J 91 -27.07 3.66 -36.50
C HIS J 91 -26.50 2.76 -35.41
N TYR J 92 -26.96 1.51 -35.35
CA TYR J 92 -26.48 0.55 -34.37
C TYR J 92 -25.51 -0.43 -35.04
N GLY J 93 -24.25 -0.03 -35.11
CA GLY J 93 -23.23 -0.90 -35.64
C GLY J 93 -22.83 -0.58 -37.06
N THR J 94 -22.04 -1.50 -37.60
CA THR J 94 -21.54 -1.42 -38.96
C THR J 94 -21.82 -2.77 -39.61
N PRO J 95 -22.32 -2.75 -40.87
CA PRO J 95 -22.64 -1.57 -41.67
C PRO J 95 -24.00 -0.96 -41.36
N PRO J 96 -24.08 0.40 -41.36
CA PRO J 96 -25.37 1.10 -41.13
C PRO J 96 -26.28 1.10 -42.35
N THR J 97 -27.01 -0.01 -42.53
CA THR J 97 -27.86 -0.18 -43.68
C THR J 97 -28.98 0.88 -43.71
N PHE J 98 -29.42 1.23 -44.92
CA PHE J 98 -30.47 2.20 -45.17
C PHE J 98 -31.79 1.53 -45.50
N GLY J 99 -32.88 2.31 -45.40
CA GLY J 99 -34.20 1.82 -45.76
C GLY J 99 -34.47 1.90 -47.26
N GLY J 100 -35.52 1.18 -47.68
CA GLY J 100 -35.86 1.15 -49.10
C GLY J 100 -36.26 2.49 -49.68
N GLY J 101 -36.83 3.37 -48.88
CA GLY J 101 -37.24 4.69 -49.33
C GLY J 101 -38.75 4.80 -49.50
N THR J 102 -39.21 6.05 -49.61
CA THR J 102 -40.63 6.35 -49.81
C THR J 102 -40.78 7.61 -50.66
N LYS J 103 -41.50 7.50 -51.77
CA LYS J 103 -41.75 8.63 -52.67
C LYS J 103 -43.08 9.27 -52.30
N LEU J 104 -43.03 10.50 -51.76
CA LEU J 104 -44.24 11.23 -51.37
C LEU J 104 -44.66 12.15 -52.52
N GLU J 105 -45.68 11.72 -53.26
CA GLU J 105 -46.16 12.45 -54.43
C GLU J 105 -47.48 13.15 -54.13
N VAL J 106 -47.79 14.17 -54.91
CA VAL J 106 -49.05 14.88 -54.69
C VAL J 106 -50.17 14.04 -55.28
N LYS J 107 -51.34 14.05 -54.66
CA LYS J 107 -52.48 13.30 -55.16
C LYS J 107 -53.51 14.28 -55.73
N ARG J 108 -54.07 13.95 -56.88
CA ARG J 108 -55.05 14.77 -57.58
C ARG J 108 -56.23 14.02 -58.19
N ALA J 109 -56.71 14.47 -59.35
CA ALA J 109 -57.81 13.83 -60.05
C ALA J 109 -57.28 13.05 -61.25
N ASP J 110 -57.89 11.89 -61.49
CA ASP J 110 -57.48 10.99 -62.56
C ASP J 110 -57.48 11.70 -63.91
N ALA J 111 -56.65 11.18 -64.83
CA ALA J 111 -56.52 11.74 -66.17
C ALA J 111 -56.16 10.63 -67.14
N ALA J 112 -56.69 10.77 -68.45
CA ALA J 112 -56.49 9.80 -69.53
C ALA J 112 -55.22 10.09 -70.33
N PRO J 113 -54.53 9.04 -70.80
CA PRO J 113 -53.31 9.24 -71.59
C PRO J 113 -53.60 9.71 -73.02
N THR J 114 -52.93 10.79 -73.45
CA THR J 114 -53.08 11.32 -74.80
C THR J 114 -52.13 10.59 -75.74
N VAL J 115 -52.57 9.44 -76.24
CA VAL J 115 -51.72 8.61 -77.11
C VAL J 115 -51.51 9.25 -78.47
N SER J 116 -50.26 9.27 -78.93
CA SER J 116 -49.89 9.80 -80.25
C SER J 116 -48.81 8.89 -80.82
N ILE J 117 -49.17 8.09 -81.83
CA ILE J 117 -48.21 7.18 -82.46
C ILE J 117 -47.60 7.86 -83.68
N PHE J 118 -46.30 7.64 -83.90
CA PHE J 118 -45.64 8.26 -85.03
C PHE J 118 -44.91 7.22 -85.86
N PRO J 119 -44.97 7.31 -87.18
CA PRO J 119 -44.25 6.36 -88.00
C PRO J 119 -42.80 6.77 -88.15
N PRO J 120 -41.92 5.81 -88.47
CA PRO J 120 -40.51 6.13 -88.69
C PRO J 120 -40.32 7.20 -89.75
N SER J 121 -39.44 8.14 -89.45
CA SER J 121 -39.12 9.25 -90.36
C SER J 121 -38.36 8.75 -91.57
N SER J 122 -38.55 9.45 -92.70
CA SER J 122 -37.89 9.07 -93.94
C SER J 122 -36.37 9.20 -93.84
N GLU J 123 -35.89 10.16 -93.03
CA GLU J 123 -34.44 10.29 -92.87
C GLU J 123 -33.87 9.08 -92.16
N GLN J 124 -34.66 8.47 -91.28
CA GLN J 124 -34.23 7.30 -90.53
C GLN J 124 -34.33 6.04 -91.38
N LEU J 125 -35.40 5.91 -92.19
CA LEU J 125 -35.56 4.74 -93.03
C LEU J 125 -34.44 4.63 -94.05
N THR J 126 -33.98 5.78 -94.56
CA THR J 126 -32.87 5.79 -95.51
C THR J 126 -31.54 5.46 -94.82
N SER J 127 -31.50 5.57 -93.49
CA SER J 127 -30.29 5.27 -92.72
C SER J 127 -30.13 3.76 -92.51
N GLY J 128 -31.19 3.01 -92.70
CA GLY J 128 -31.19 1.56 -92.56
C GLY J 128 -31.90 1.03 -91.33
N GLY J 129 -32.60 1.89 -90.59
CA GLY J 129 -33.30 1.46 -89.40
C GLY J 129 -34.67 2.12 -89.34
N ALA J 130 -35.57 1.50 -88.59
CA ALA J 130 -36.92 2.02 -88.42
C ALA J 130 -37.33 1.94 -86.95
N SER J 131 -37.83 3.06 -86.42
CA SER J 131 -38.25 3.15 -85.03
C SER J 131 -39.63 3.81 -84.96
N VAL J 132 -40.59 3.09 -84.40
CA VAL J 132 -41.96 3.58 -84.22
C VAL J 132 -42.11 4.09 -82.80
N VAL J 133 -42.39 5.38 -82.67
CA VAL J 133 -42.52 6.03 -81.37
C VAL J 133 -44.00 6.14 -81.02
N CYS J 134 -44.29 6.08 -79.72
CA CYS J 134 -45.66 6.19 -79.23
C CYS J 134 -45.62 6.93 -77.90
N PHE J 135 -46.22 8.12 -77.88
CA PHE J 135 -46.24 8.95 -76.68
C PHE J 135 -47.55 8.73 -75.90
N LEU J 136 -47.47 8.93 -74.57
CA LEU J 136 -48.64 8.83 -73.68
C LEU J 136 -48.47 9.94 -72.65
N ASN J 137 -48.88 11.14 -73.00
CA ASN J 137 -48.61 12.31 -72.17
C ASN J 137 -49.75 12.62 -71.21
N ASN J 138 -49.42 13.39 -70.16
CA ASN J 138 -50.34 13.90 -69.15
C ASN J 138 -51.48 13.00 -68.66
N PHE J 139 -51.15 11.99 -67.86
CA PHE J 139 -52.13 11.10 -67.24
C PHE J 139 -51.88 10.98 -65.73
N TYR J 140 -52.69 10.17 -65.07
CA TYR J 140 -52.65 9.95 -63.62
C TYR J 140 -53.60 8.81 -63.27
N PRO J 141 -53.18 7.90 -62.37
CA PRO J 141 -51.91 7.83 -61.63
C PRO J 141 -50.70 7.44 -62.48
N LYS J 142 -49.55 7.29 -61.82
CA LYS J 142 -48.30 6.97 -62.51
C LYS J 142 -48.37 5.61 -63.19
N ASP J 143 -49.21 4.71 -62.67
CA ASP J 143 -49.34 3.38 -63.21
C ASP J 143 -49.86 3.40 -64.65
N ILE J 144 -49.30 2.54 -65.50
CA ILE J 144 -49.68 2.46 -66.91
C ILE J 144 -49.00 1.26 -67.55
N ASN J 145 -49.61 0.74 -68.62
CA ASN J 145 -49.10 -0.41 -69.35
C ASN J 145 -49.22 -0.19 -70.86
N VAL J 146 -48.11 -0.32 -71.57
CA VAL J 146 -48.06 -0.13 -73.02
C VAL J 146 -47.71 -1.45 -73.70
N LYS J 147 -48.47 -1.80 -74.75
CA LYS J 147 -48.24 -3.02 -75.52
C LYS J 147 -48.18 -2.68 -77.01
N TRP J 148 -47.30 -3.36 -77.73
CA TRP J 148 -47.14 -3.19 -79.18
C TRP J 148 -47.62 -4.43 -79.91
N LYS J 149 -48.28 -4.23 -81.05
CA LYS J 149 -48.78 -5.34 -81.86
C LYS J 149 -48.45 -5.09 -83.33
N ILE J 150 -47.55 -5.91 -83.89
CA ILE J 150 -47.19 -5.81 -85.30
C ILE J 150 -48.05 -6.79 -86.09
N ASP J 151 -49.07 -6.26 -86.79
CA ASP J 151 -50.02 -7.07 -87.56
C ASP J 151 -50.85 -7.97 -86.64
N GLY J 152 -51.32 -7.38 -85.53
CA GLY J 152 -52.12 -8.13 -84.59
C GLY J 152 -51.30 -8.92 -83.58
N SER J 153 -50.20 -9.52 -84.02
CA SER J 153 -49.35 -10.29 -83.13
C SER J 153 -48.66 -9.37 -82.15
N GLU J 154 -48.52 -9.85 -80.91
CA GLU J 154 -47.92 -9.04 -79.86
C GLU J 154 -46.41 -8.89 -80.09
N ARG J 155 -45.89 -7.70 -79.80
CA ARG J 155 -44.46 -7.42 -79.97
C ARG J 155 -43.87 -6.89 -78.67
N GLN J 156 -42.88 -7.62 -78.16
CA GLN J 156 -42.19 -7.28 -76.91
C GLN J 156 -40.69 -7.07 -77.04
N ASN J 157 -40.04 -7.74 -78.00
CA ASN J 157 -38.60 -7.62 -78.20
C ASN J 157 -38.26 -6.38 -79.02
N GLY J 158 -37.43 -5.50 -78.46
CA GLY J 158 -37.03 -4.30 -79.16
C GLY J 158 -37.65 -3.03 -78.63
N VAL J 159 -38.54 -3.12 -77.65
CA VAL J 159 -39.26 -1.98 -77.10
C VAL J 159 -38.46 -1.37 -75.95
N LEU J 160 -38.38 -0.04 -75.93
CA LEU J 160 -37.66 0.71 -74.90
C LEU J 160 -38.58 1.81 -74.38
N ASN J 161 -38.81 1.82 -73.07
CA ASN J 161 -39.72 2.79 -72.45
C ASN J 161 -38.94 3.83 -71.64
N SER J 162 -39.61 4.95 -71.37
CA SER J 162 -39.01 6.03 -70.58
C SER J 162 -40.11 6.90 -69.99
N TRP J 163 -40.16 6.99 -68.66
CA TRP J 163 -41.18 7.78 -67.96
C TRP J 163 -40.58 9.10 -67.48
N THR J 164 -41.47 10.00 -67.07
CA THR J 164 -41.06 11.31 -66.57
C THR J 164 -41.49 11.50 -65.12
N ASP J 165 -40.98 12.57 -64.51
CA ASP J 165 -41.32 12.93 -63.15
C ASP J 165 -42.66 13.64 -63.13
N GLN J 166 -43.36 13.54 -62.00
CA GLN J 166 -44.64 14.23 -61.87
C GLN J 166 -44.45 15.70 -62.25
N ASP J 167 -45.24 16.16 -63.22
CA ASP J 167 -45.13 17.53 -63.71
C ASP J 167 -45.42 18.50 -62.57
N SER J 168 -44.58 19.52 -62.44
CA SER J 168 -44.73 20.49 -61.36
C SER J 168 -45.86 21.49 -61.59
N LYS J 169 -46.51 21.44 -62.76
CA LYS J 169 -47.60 22.36 -63.08
C LYS J 169 -48.95 21.67 -62.94
N ASP J 170 -49.17 20.60 -63.71
CA ASP J 170 -50.43 19.87 -63.71
C ASP J 170 -50.39 18.59 -62.88
N SER J 171 -49.24 18.24 -62.29
CA SER J 171 -49.09 17.05 -61.45
C SER J 171 -49.47 15.76 -62.17
N THR J 172 -49.20 15.69 -63.47
CA THR J 172 -49.49 14.49 -64.25
C THR J 172 -48.18 13.86 -64.73
N TYR J 173 -48.27 12.58 -65.09
CA TYR J 173 -47.11 11.82 -65.54
C TYR J 173 -47.13 11.67 -67.05
N SER J 174 -46.04 11.10 -67.59
CA SER J 174 -45.93 10.87 -69.03
C SER J 174 -44.89 9.79 -69.29
N MET J 175 -45.07 9.08 -70.40
CA MET J 175 -44.12 8.04 -70.81
C MET J 175 -44.10 7.95 -72.32
N SER J 176 -43.03 7.35 -72.84
CA SER J 176 -42.82 7.20 -74.27
C SER J 176 -42.24 5.84 -74.59
N SER J 177 -42.97 5.04 -75.36
CA SER J 177 -42.53 3.71 -75.78
C SER J 177 -41.98 3.79 -77.19
N THR J 178 -40.87 3.10 -77.45
CA THR J 178 -40.22 3.13 -78.76
C THR J 178 -39.91 1.72 -79.23
N LEU J 179 -40.60 1.28 -80.27
CA LEU J 179 -40.36 -0.02 -80.89
C LEU J 179 -39.36 0.15 -82.03
N THR J 180 -38.22 -0.51 -81.92
CA THR J 180 -37.15 -0.40 -82.91
C THR J 180 -37.00 -1.70 -83.69
N LEU J 181 -36.98 -1.59 -85.01
CA LEU J 181 -36.81 -2.73 -85.90
C LEU J 181 -35.75 -2.39 -86.94
N THR J 182 -35.44 -3.36 -87.79
CA THR J 182 -34.56 -3.14 -88.93
C THR J 182 -35.39 -2.72 -90.13
N LYS J 183 -34.81 -1.86 -90.96
CA LYS J 183 -35.51 -1.41 -92.17
C LYS J 183 -36.08 -2.59 -92.94
N ASP J 184 -35.43 -3.76 -92.86
CA ASP J 184 -35.93 -4.95 -93.54
C ASP J 184 -37.22 -5.46 -92.92
N GLU J 185 -37.21 -5.68 -91.60
CA GLU J 185 -38.39 -6.24 -90.92
C GLU J 185 -39.54 -5.23 -90.86
N TYR J 186 -39.23 -3.94 -90.86
CA TYR J 186 -40.26 -2.91 -90.78
C TYR J 186 -41.16 -2.91 -92.03
N GLU J 187 -40.58 -3.15 -93.22
CA GLU J 187 -41.31 -3.15 -94.49
C GLU J 187 -41.97 -4.48 -94.80
N ARG J 188 -41.85 -5.44 -93.90
CA ARG J 188 -42.43 -6.78 -93.98
C ARG J 188 -43.82 -6.91 -93.37
N HIS J 189 -44.37 -5.86 -92.81
CA HIS J 189 -45.67 -5.87 -92.14
C HIS J 189 -46.55 -4.71 -92.57
N ASN J 190 -47.83 -4.78 -92.14
CA ASN J 190 -48.79 -3.74 -92.55
C ASN J 190 -49.09 -2.76 -91.44
N SER J 191 -49.91 -3.17 -90.48
CA SER J 191 -50.36 -2.28 -89.42
C SER J 191 -49.44 -2.35 -88.20
N TYR J 192 -49.11 -1.19 -87.63
CA TYR J 192 -48.31 -1.08 -86.39
C TYR J 192 -49.11 -0.29 -85.37
N THR J 193 -49.71 -1.02 -84.42
CA THR J 193 -50.56 -0.42 -83.39
C THR J 193 -49.87 -0.36 -82.03
N CYS J 194 -50.27 0.64 -81.24
CA CYS J 194 -49.74 0.89 -79.90
C CYS J 194 -50.90 0.94 -78.92
N GLU J 195 -51.17 -0.19 -78.25
CA GLU J 195 -52.28 -0.30 -77.30
C GLU J 195 -51.81 0.08 -75.91
N ALA J 196 -52.63 0.88 -75.21
CA ALA J 196 -52.28 1.35 -73.88
C ALA J 196 -53.38 1.02 -72.89
N THR J 197 -53.01 0.42 -71.75
CA THR J 197 -53.94 0.08 -70.69
C THR J 197 -53.70 1.00 -69.49
N HIS J 198 -54.79 1.54 -68.94
CA HIS J 198 -54.74 2.46 -67.82
C HIS J 198 -55.94 2.20 -66.90
N LYS J 199 -55.95 2.90 -65.77
CA LYS J 199 -57.04 2.80 -64.82
C LYS J 199 -58.14 3.79 -65.17
N THR J 200 -57.91 4.62 -66.18
CA THR J 200 -58.88 5.63 -66.60
C THR J 200 -60.03 5.04 -67.40
N SER J 201 -59.86 3.82 -67.90
CA SER J 201 -60.90 3.14 -68.67
C SER J 201 -60.60 1.66 -68.74
N THR J 202 -61.64 0.89 -69.05
CA THR J 202 -61.53 -0.56 -69.17
C THR J 202 -60.95 -0.94 -70.52
N SER J 203 -61.31 -0.19 -71.57
CA SER J 203 -60.81 -0.53 -72.90
C SER J 203 -59.49 0.19 -73.19
N PRO J 204 -58.48 -0.52 -73.66
CA PRO J 204 -57.19 0.08 -73.97
C PRO J 204 -57.32 1.21 -74.98
N ILE J 205 -56.71 2.36 -74.67
CA ILE J 205 -56.72 3.47 -75.62
C ILE J 205 -55.67 3.13 -76.67
N VAL J 206 -56.12 2.72 -77.85
CA VAL J 206 -55.22 2.27 -78.91
C VAL J 206 -55.11 3.36 -79.97
N LYS J 207 -53.90 3.53 -80.50
CA LYS J 207 -53.59 4.44 -81.59
C LYS J 207 -52.60 3.71 -82.47
N SER J 208 -52.90 3.65 -83.76
CA SER J 208 -52.16 2.90 -84.75
C SER J 208 -51.98 3.76 -85.99
N PHE J 209 -51.38 3.15 -87.02
CA PHE J 209 -51.13 3.81 -88.28
C PHE J 209 -50.89 2.70 -89.28
N ASN J 210 -51.11 2.99 -90.56
CA ASN J 210 -50.83 2.02 -91.60
C ASN J 210 -49.60 2.44 -92.37
N ARG J 211 -48.93 1.44 -92.91
CA ARG J 211 -47.70 1.70 -93.63
C ARG J 211 -47.93 2.20 -95.03
N ASN J 212 -49.18 2.38 -95.44
CA ASN J 212 -49.49 2.84 -96.79
C ASN J 212 -49.94 4.29 -96.79
N GLN K 1 -19.39 27.21 -41.36
CA GLN K 1 -20.41 26.22 -41.71
C GLN K 1 -19.79 24.97 -42.35
N VAL K 2 -20.31 23.81 -41.94
CA VAL K 2 -19.84 22.53 -42.45
C VAL K 2 -20.18 22.41 -43.93
N GLN K 3 -19.18 22.04 -44.74
CA GLN K 3 -19.36 21.91 -46.17
C GLN K 3 -18.44 20.81 -46.69
N LEU K 4 -19.02 19.85 -47.41
CA LEU K 4 -18.28 18.74 -48.00
C LEU K 4 -18.31 18.93 -49.51
N GLN K 5 -17.18 19.29 -50.10
CA GLN K 5 -17.07 19.56 -51.53
C GLN K 5 -16.35 18.40 -52.22
N GLN K 6 -17.11 17.58 -52.96
CA GLN K 6 -16.52 16.45 -53.68
C GLN K 6 -16.02 16.87 -55.06
N SER K 7 -15.29 15.97 -55.71
CA SER K 7 -14.78 16.23 -57.04
C SER K 7 -15.93 16.18 -58.05
N GLY K 8 -15.62 16.54 -59.29
CA GLY K 8 -16.60 16.52 -60.34
C GLY K 8 -16.89 15.12 -60.84
N PRO K 9 -17.87 15.04 -61.73
CA PRO K 9 -18.25 13.74 -62.30
C PRO K 9 -17.14 13.15 -63.16
N GLU K 10 -17.11 11.82 -63.24
CA GLU K 10 -16.06 11.14 -63.98
C GLU K 10 -16.65 10.16 -64.98
N LEU K 11 -15.87 9.90 -66.03
CA LEU K 11 -16.24 8.97 -67.09
C LEU K 11 -15.00 8.15 -67.43
N VAL K 12 -15.09 6.83 -67.22
CA VAL K 12 -13.96 5.93 -67.43
C VAL K 12 -14.46 4.67 -68.13
N ARG K 13 -13.52 3.91 -68.67
CA ARG K 13 -13.73 2.66 -69.38
C ARG K 13 -13.70 1.46 -68.42
N PRO K 14 -14.46 0.40 -68.71
CA PRO K 14 -14.43 -0.79 -67.85
C PRO K 14 -13.02 -1.32 -67.60
N GLY K 15 -12.81 -1.82 -66.39
CA GLY K 15 -11.52 -2.36 -66.00
C GLY K 15 -10.56 -1.37 -65.40
N ALA K 16 -10.72 -0.08 -65.69
CA ALA K 16 -9.85 0.96 -65.18
C ALA K 16 -10.14 1.21 -63.70
N SER K 17 -9.60 2.31 -63.18
CA SER K 17 -9.78 2.69 -61.79
C SER K 17 -10.02 4.19 -61.73
N VAL K 18 -10.68 4.62 -60.66
CA VAL K 18 -11.03 6.03 -60.47
C VAL K 18 -10.81 6.36 -58.99
N LYS K 19 -10.49 7.63 -58.73
CA LYS K 19 -10.25 8.10 -57.36
C LYS K 19 -10.90 9.48 -57.21
N MET K 20 -12.01 9.53 -56.48
CA MET K 20 -12.75 10.77 -56.26
C MET K 20 -12.39 11.33 -54.89
N SER K 21 -12.58 12.63 -54.73
CA SER K 21 -12.20 13.31 -53.50
C SER K 21 -13.43 13.88 -52.80
N CYS K 22 -13.18 14.45 -51.62
CA CYS K 22 -14.19 15.10 -50.78
C CYS K 22 -13.47 16.00 -49.81
N LYS K 23 -13.53 17.31 -50.03
CA LYS K 23 -12.82 18.28 -49.20
C LYS K 23 -13.78 18.86 -48.16
N ALA K 24 -13.45 18.65 -46.89
CA ALA K 24 -14.26 19.12 -45.78
C ALA K 24 -13.77 20.47 -45.28
N SER K 25 -14.70 21.28 -44.79
CA SER K 25 -14.35 22.60 -44.27
C SER K 25 -15.45 23.05 -43.32
N GLY K 26 -15.06 23.83 -42.32
CA GLY K 26 -15.99 24.34 -41.35
C GLY K 26 -16.11 23.54 -40.08
N TYR K 27 -15.19 22.60 -39.83
CA TYR K 27 -15.20 21.78 -38.63
C TYR K 27 -13.87 21.05 -38.55
N THR K 28 -13.54 20.58 -37.35
CA THR K 28 -12.30 19.84 -37.16
C THR K 28 -12.37 18.51 -37.91
N PHE K 29 -11.59 18.43 -38.99
CA PHE K 29 -11.58 17.25 -39.85
C PHE K 29 -11.39 15.95 -39.09
N THR K 30 -10.36 15.88 -38.25
CA THR K 30 -9.96 14.65 -37.58
C THR K 30 -10.90 14.18 -36.47
N ASN K 31 -11.89 14.96 -36.06
CA ASN K 31 -12.76 14.55 -34.96
C ASN K 31 -14.07 13.91 -35.42
N TYR K 32 -14.26 13.67 -36.70
CA TYR K 32 -15.49 13.05 -37.16
C TYR K 32 -15.18 12.00 -38.21
N TRP K 33 -15.79 10.83 -38.08
CA TRP K 33 -15.56 9.75 -39.02
C TRP K 33 -16.28 10.05 -40.33
N MET K 34 -15.58 9.81 -41.44
CA MET K 34 -16.08 10.08 -42.79
C MET K 34 -16.61 8.79 -43.42
N HIS K 35 -17.84 8.84 -43.91
CA HIS K 35 -18.47 7.69 -44.54
C HIS K 35 -18.68 7.94 -46.02
N TRP K 36 -18.91 6.86 -46.77
CA TRP K 36 -19.14 6.92 -48.20
C TRP K 36 -20.36 6.08 -48.56
N VAL K 37 -21.31 6.68 -49.28
CA VAL K 37 -22.55 6.01 -49.64
C VAL K 37 -22.68 5.98 -51.16
N LYS K 38 -23.16 4.84 -51.68
CA LYS K 38 -23.36 4.65 -53.11
C LYS K 38 -24.86 4.76 -53.41
N GLN K 39 -25.21 5.56 -54.43
CA GLN K 39 -26.61 5.77 -54.78
C GLN K 39 -26.85 5.37 -56.22
N ARG K 40 -27.58 4.26 -56.41
CA ARG K 40 -27.92 3.84 -57.76
C ARG K 40 -29.42 4.04 -57.93
N PRO K 41 -29.87 4.48 -59.10
CA PRO K 41 -31.32 4.62 -59.32
C PRO K 41 -32.03 3.28 -59.20
N GLY K 42 -33.13 3.28 -58.45
CA GLY K 42 -33.94 2.09 -58.24
C GLY K 42 -33.50 1.20 -57.09
N GLN K 43 -32.24 1.25 -56.68
CA GLN K 43 -31.75 0.46 -55.57
C GLN K 43 -31.66 1.33 -54.32
N ALA K 44 -31.47 0.69 -53.18
CA ALA K 44 -31.36 1.42 -51.92
C ALA K 44 -29.93 1.91 -51.72
N LEU K 45 -29.78 2.93 -50.89
CA LEU K 45 -28.45 3.47 -50.61
C LEU K 45 -27.57 2.42 -49.97
N GLU K 46 -26.38 2.24 -50.53
CA GLU K 46 -25.41 1.27 -50.07
C GLU K 46 -24.31 1.97 -49.28
N TRP K 47 -23.96 1.41 -48.13
CA TRP K 47 -22.89 1.95 -47.31
C TRP K 47 -21.58 1.32 -47.76
N ILE K 48 -20.65 2.14 -48.23
CA ILE K 48 -19.39 1.61 -48.73
C ILE K 48 -18.40 1.37 -47.59
N GLY K 49 -18.20 2.36 -46.75
CA GLY K 49 -17.27 2.23 -45.65
C GLY K 49 -17.09 3.56 -44.95
N MET K 50 -16.19 3.54 -43.98
CA MET K 50 -15.86 4.73 -43.21
C MET K 50 -14.36 4.78 -42.99
N ILE K 51 -13.88 5.95 -42.60
CA ILE K 51 -12.46 6.20 -42.36
C ILE K 51 -12.31 7.11 -41.16
N ASP K 52 -11.35 6.78 -40.30
CA ASP K 52 -11.02 7.61 -39.15
C ASP K 52 -9.90 8.56 -39.55
N PRO K 53 -10.22 9.84 -39.80
CA PRO K 53 -9.20 10.80 -40.24
C PRO K 53 -7.92 10.79 -39.41
N SER K 54 -8.03 10.67 -38.09
CA SER K 54 -6.87 10.68 -37.19
C SER K 54 -5.84 9.61 -37.56
N LYS K 55 -6.23 8.34 -37.49
CA LYS K 55 -5.28 7.24 -37.70
C LYS K 55 -5.46 6.55 -39.04
N SER K 56 -6.34 7.05 -39.90
CA SER K 56 -6.61 6.47 -41.22
C SER K 56 -7.05 5.01 -41.11
N GLU K 57 -7.76 4.67 -40.04
CA GLU K 57 -8.27 3.33 -39.88
C GLU K 57 -9.52 3.21 -40.75
N THR K 58 -9.54 2.22 -41.61
CA THR K 58 -10.64 2.04 -42.54
C THR K 58 -11.50 0.89 -42.06
N THR K 59 -12.80 0.98 -42.31
CA THR K 59 -13.72 -0.11 -42.03
C THR K 59 -14.69 -0.15 -43.21
N LEU K 60 -14.48 -1.14 -44.08
CA LEU K 60 -15.27 -1.26 -45.30
C LEU K 60 -16.46 -2.19 -45.09
N ASN K 61 -17.34 -2.17 -46.09
CA ASN K 61 -18.47 -3.08 -46.14
C ASN K 61 -18.01 -4.34 -46.85
N GLN K 62 -18.35 -5.51 -46.28
CA GLN K 62 -17.96 -6.77 -46.89
C GLN K 62 -18.27 -6.82 -48.38
N LYS K 63 -19.41 -6.24 -48.78
CA LYS K 63 -19.84 -6.20 -50.18
C LYS K 63 -18.91 -5.39 -51.09
N PHE K 64 -18.06 -4.51 -50.54
CA PHE K 64 -17.18 -3.66 -51.32
C PHE K 64 -15.70 -3.96 -51.05
N ARG K 65 -15.42 -5.06 -50.35
CA ARG K 65 -14.09 -5.46 -49.92
C ARG K 65 -12.99 -5.24 -50.96
N GLY K 66 -13.14 -5.83 -52.14
CA GLY K 66 -12.11 -5.68 -53.15
C GLY K 66 -12.29 -4.54 -54.13
N LYS K 67 -13.39 -3.79 -54.01
CA LYS K 67 -13.70 -2.73 -54.95
C LYS K 67 -13.31 -1.34 -54.46
N ALA K 68 -13.45 -1.07 -53.16
CA ALA K 68 -13.23 0.25 -52.61
C ALA K 68 -12.00 0.33 -51.71
N THR K 69 -11.41 1.53 -51.69
CA THR K 69 -10.26 1.84 -50.87
C THR K 69 -10.42 3.23 -50.27
N LEU K 70 -10.15 3.39 -48.97
CA LEU K 70 -10.29 4.67 -48.30
C LEU K 70 -8.98 5.14 -47.68
N ASN K 71 -8.80 6.46 -47.71
CA ASN K 71 -7.67 7.15 -47.11
C ASN K 71 -7.99 8.64 -47.10
N VAL K 72 -7.25 9.38 -46.29
CA VAL K 72 -7.46 10.83 -46.13
C VAL K 72 -6.11 11.54 -46.17
N ASP K 73 -6.18 12.87 -46.19
CA ASP K 73 -5.03 13.77 -46.15
C ASP K 73 -5.34 14.80 -45.08
N LYS K 74 -4.88 14.53 -43.86
CA LYS K 74 -5.17 15.42 -42.75
C LYS K 74 -4.70 16.84 -43.04
N SER K 75 -3.58 16.98 -43.76
CA SER K 75 -3.06 18.30 -44.11
C SER K 75 -4.02 19.09 -44.98
N SER K 76 -4.61 18.46 -46.00
CA SER K 76 -5.51 19.17 -46.92
C SER K 76 -6.98 19.07 -46.52
N ASN K 77 -7.29 18.37 -45.43
CA ASN K 77 -8.65 18.19 -44.94
C ASN K 77 -9.58 17.55 -45.97
N THR K 78 -9.04 16.67 -46.81
CA THR K 78 -9.83 15.98 -47.83
C THR K 78 -9.78 14.47 -47.62
N ALA K 79 -10.88 13.81 -47.95
CA ALA K 79 -10.96 12.36 -47.92
C ALA K 79 -11.05 11.84 -49.35
N TYR K 80 -10.57 10.62 -49.57
CA TYR K 80 -10.55 10.04 -50.90
C TYR K 80 -11.15 8.64 -50.88
N MET K 81 -11.64 8.21 -52.04
CA MET K 81 -12.14 6.86 -52.25
C MET K 81 -11.70 6.40 -53.64
N GLN K 82 -11.16 5.18 -53.70
CA GLN K 82 -10.69 4.60 -54.96
C GLN K 82 -11.49 3.35 -55.28
N LEU K 83 -12.00 3.28 -56.51
CA LEU K 83 -12.75 2.14 -57.01
C LEU K 83 -11.96 1.44 -58.10
N SER K 84 -11.73 0.14 -57.95
CA SER K 84 -10.92 -0.61 -58.90
C SER K 84 -11.75 -1.62 -59.67
N SER K 85 -11.20 -2.08 -60.80
CA SER K 85 -11.83 -3.06 -61.68
C SER K 85 -13.25 -2.64 -62.09
N LEU K 86 -13.42 -1.32 -62.28
CA LEU K 86 -14.71 -0.73 -62.62
C LEU K 86 -15.46 -1.50 -63.70
N THR K 87 -16.76 -1.70 -63.46
CA THR K 87 -17.67 -2.33 -64.41
C THR K 87 -18.84 -1.41 -64.66
N SER K 88 -19.85 -1.90 -65.39
CA SER K 88 -21.00 -1.04 -65.68
C SER K 88 -21.84 -0.83 -64.42
N GLU K 89 -21.81 -1.81 -63.51
CA GLU K 89 -22.57 -1.71 -62.27
C GLU K 89 -21.95 -0.76 -61.25
N ASP K 90 -20.66 -0.41 -61.40
CA ASP K 90 -20.01 0.55 -60.51
C ASP K 90 -20.39 1.97 -60.86
N SER K 91 -21.29 2.15 -61.82
CA SER K 91 -21.79 3.46 -62.21
C SER K 91 -22.92 3.88 -61.29
N ALA K 92 -22.77 5.05 -60.66
CA ALA K 92 -23.72 5.55 -59.67
C ALA K 92 -23.33 6.92 -59.18
N VAL K 93 -24.04 7.41 -58.16
CA VAL K 93 -23.73 8.66 -57.49
C VAL K 93 -23.06 8.30 -56.17
N TYR K 94 -21.93 8.93 -55.87
CA TYR K 94 -21.19 8.63 -54.66
C TYR K 94 -21.12 9.85 -53.74
N TYR K 95 -21.52 9.67 -52.49
CA TYR K 95 -21.53 10.72 -51.50
C TYR K 95 -20.47 10.46 -50.43
N CYS K 96 -20.13 11.53 -49.73
CA CYS K 96 -19.31 11.46 -48.53
C CYS K 96 -20.08 12.18 -47.44
N ALA K 97 -20.21 11.54 -46.29
CA ALA K 97 -20.99 12.10 -45.19
C ALA K 97 -20.19 12.11 -43.90
N ARG K 98 -20.55 13.03 -43.03
CA ARG K 98 -19.93 13.17 -41.72
C ARG K 98 -20.81 12.46 -40.71
N GLU K 99 -20.19 11.78 -39.76
CA GLU K 99 -20.95 11.04 -38.76
C GLU K 99 -20.81 11.71 -37.40
N VAL K 100 -21.94 11.84 -36.71
CA VAL K 100 -22.02 12.35 -35.36
C VAL K 100 -23.20 11.60 -34.74
N TYR K 101 -23.15 10.26 -34.78
CA TYR K 101 -24.24 9.36 -34.38
C TYR K 101 -25.29 9.38 -35.50
N TYR K 102 -24.99 10.06 -36.60
CA TYR K 102 -25.89 10.25 -37.74
C TYR K 102 -25.10 10.94 -38.84
N PHE K 103 -25.65 10.93 -40.05
CA PHE K 103 -25.02 11.63 -41.17
C PHE K 103 -25.68 13.00 -41.35
N ASP K 104 -25.09 14.02 -40.74
CA ASP K 104 -25.67 15.36 -40.76
C ASP K 104 -25.22 16.23 -41.92
N TYR K 105 -24.15 15.87 -42.63
CA TYR K 105 -23.67 16.67 -43.75
C TYR K 105 -23.15 15.78 -44.86
N TRP K 106 -23.75 15.89 -46.04
CA TRP K 106 -23.35 15.12 -47.21
C TRP K 106 -22.72 16.04 -48.24
N GLY K 107 -22.04 15.43 -49.21
CA GLY K 107 -21.50 16.20 -50.32
C GLY K 107 -22.54 16.33 -51.42
N GLN K 108 -22.21 17.11 -52.44
CA GLN K 108 -23.17 17.29 -53.53
C GLN K 108 -23.31 15.99 -54.32
N GLY K 109 -22.23 15.21 -54.40
CA GLY K 109 -22.24 13.94 -55.11
C GLY K 109 -21.26 13.92 -56.26
N THR K 110 -20.79 12.72 -56.60
CA THR K 110 -19.88 12.52 -57.73
C THR K 110 -20.50 11.43 -58.60
N THR K 111 -20.85 11.79 -59.83
CA THR K 111 -21.50 10.86 -60.76
C THR K 111 -20.44 10.14 -61.56
N LEU K 112 -20.39 8.81 -61.44
CA LEU K 112 -19.41 7.99 -62.16
C LEU K 112 -20.14 7.20 -63.24
N THR K 113 -19.61 7.26 -64.46
CA THR K 113 -20.16 6.56 -65.61
C THR K 113 -19.06 5.69 -66.23
N VAL K 114 -19.35 4.41 -66.45
CA VAL K 114 -18.38 3.48 -67.00
C VAL K 114 -18.92 2.85 -68.28
N SER K 115 -18.25 3.11 -69.40
CA SER K 115 -18.63 2.56 -70.69
C SER K 115 -17.47 2.67 -71.67
N SER K 116 -17.44 1.76 -72.65
CA SER K 116 -16.41 1.71 -73.69
C SER K 116 -16.89 2.27 -75.02
N ALA K 117 -17.80 3.24 -74.99
CA ALA K 117 -18.34 3.84 -76.20
C ALA K 117 -17.66 5.18 -76.41
N LYS K 118 -17.22 5.44 -77.63
CA LYS K 118 -16.56 6.70 -77.94
C LYS K 118 -17.59 7.77 -78.22
N THR K 119 -17.14 9.02 -78.14
CA THR K 119 -18.03 10.15 -78.40
C THR K 119 -18.66 10.04 -79.79
N THR K 120 -19.99 10.13 -79.83
CA THR K 120 -20.77 9.99 -81.06
C THR K 120 -21.82 11.10 -81.12
N PRO K 121 -21.98 11.75 -82.27
CA PRO K 121 -23.01 12.79 -82.38
C PRO K 121 -24.40 12.22 -82.46
N PRO K 122 -25.42 12.95 -81.97
CA PRO K 122 -26.80 12.47 -81.97
C PRO K 122 -27.49 12.58 -83.32
N SER K 123 -28.28 11.55 -83.66
CA SER K 123 -29.07 11.52 -84.90
C SER K 123 -30.50 12.00 -84.62
N VAL K 124 -30.82 13.18 -85.12
CA VAL K 124 -32.12 13.83 -84.89
C VAL K 124 -33.09 13.44 -86.00
N TYR K 125 -34.13 12.66 -85.66
CA TYR K 125 -35.15 12.24 -86.61
C TYR K 125 -36.49 12.92 -86.29
N PRO K 126 -37.15 13.52 -87.27
CA PRO K 126 -38.43 14.18 -87.01
C PRO K 126 -39.60 13.20 -86.89
N LEU K 127 -40.60 13.59 -86.09
CA LEU K 127 -41.79 12.77 -85.90
C LEU K 127 -43.02 13.62 -86.25
N ALA K 128 -43.66 13.28 -87.37
CA ALA K 128 -44.84 13.96 -87.90
C ALA K 128 -45.96 12.96 -88.17
N PRO K 129 -47.22 13.37 -87.99
CA PRO K 129 -48.37 12.49 -88.25
C PRO K 129 -48.35 11.86 -89.64
N ASN K 136 -58.21 16.12 -81.85
CA ASN K 136 -57.71 16.64 -83.12
C ASN K 136 -57.52 18.16 -83.05
N SER K 137 -57.95 18.76 -81.94
CA SER K 137 -57.82 20.20 -81.75
C SER K 137 -56.37 20.63 -81.61
N MET K 138 -55.59 19.91 -80.81
CA MET K 138 -54.16 20.15 -80.63
C MET K 138 -53.36 18.96 -81.11
N VAL K 139 -52.53 19.18 -82.11
CA VAL K 139 -51.75 18.11 -82.73
C VAL K 139 -50.43 17.94 -81.99
N THR K 140 -50.04 16.69 -81.77
CA THR K 140 -48.82 16.35 -81.07
C THR K 140 -47.73 15.97 -82.06
N LEU K 141 -46.57 16.56 -81.90
CA LEU K 141 -45.36 16.35 -82.70
C LEU K 141 -44.24 15.90 -81.76
N GLY K 142 -43.05 15.67 -82.33
CA GLY K 142 -41.94 15.26 -81.49
C GLY K 142 -40.67 15.05 -82.28
N CYS K 143 -39.58 14.91 -81.53
CA CYS K 143 -38.25 14.65 -82.05
C CYS K 143 -37.72 13.37 -81.42
N LEU K 144 -36.90 12.64 -82.18
CA LEU K 144 -36.29 11.38 -81.72
C LEU K 144 -34.78 11.46 -81.84
N VAL K 145 -34.10 11.57 -80.70
CA VAL K 145 -32.65 11.65 -80.62
C VAL K 145 -32.09 10.28 -80.28
N LYS K 146 -31.49 9.60 -81.26
CA LYS K 146 -30.98 8.25 -81.09
C LYS K 146 -29.49 8.18 -81.39
N GLY K 147 -28.85 7.14 -80.84
CA GLY K 147 -27.45 6.82 -81.06
C GLY K 147 -26.38 7.85 -80.73
N TYR K 148 -26.47 8.47 -79.54
CA TYR K 148 -25.47 9.42 -79.09
C TYR K 148 -24.81 8.96 -77.79
N PHE K 149 -23.70 9.64 -77.47
CA PHE K 149 -22.91 9.36 -76.26
C PHE K 149 -21.77 10.38 -76.17
N PRO K 150 -21.50 10.91 -74.96
CA PRO K 150 -22.20 10.64 -73.72
C PRO K 150 -23.21 11.72 -73.34
N GLU K 151 -23.85 11.56 -72.19
CA GLU K 151 -24.82 12.52 -71.67
C GLU K 151 -24.15 13.86 -71.34
N PRO K 152 -24.92 14.97 -71.38
CA PRO K 152 -26.34 15.07 -71.71
C PRO K 152 -26.58 15.74 -73.04
N VAL K 153 -27.84 16.02 -73.35
CA VAL K 153 -28.22 16.75 -74.55
C VAL K 153 -29.34 17.72 -74.18
N THR K 154 -29.31 18.90 -74.79
CA THR K 154 -30.29 19.94 -74.54
C THR K 154 -31.23 19.96 -75.74
N VAL K 155 -32.52 19.79 -75.49
CA VAL K 155 -33.53 19.79 -76.54
C VAL K 155 -34.45 20.97 -76.28
N THR K 156 -34.59 21.84 -77.28
CA THR K 156 -35.46 23.00 -77.18
C THR K 156 -36.21 23.12 -78.49
N TRP K 157 -37.36 23.78 -78.43
CA TRP K 157 -38.22 23.97 -79.58
C TRP K 157 -38.22 25.45 -79.97
N ASN K 158 -37.79 25.73 -81.21
CA ASN K 158 -37.70 27.08 -81.74
C ASN K 158 -36.70 27.93 -80.95
N SER K 159 -35.55 27.34 -80.64
CA SER K 159 -34.47 28.00 -79.90
C SER K 159 -34.95 28.50 -78.54
N GLY K 160 -35.84 27.74 -77.89
CA GLY K 160 -36.31 28.05 -76.56
C GLY K 160 -37.62 28.82 -76.49
N SER K 161 -37.99 29.55 -77.55
CA SER K 161 -39.22 30.32 -77.54
C SER K 161 -40.45 29.45 -77.26
N LEU K 162 -40.52 28.26 -77.86
CA LEU K 162 -41.64 27.35 -77.60
C LEU K 162 -41.24 26.41 -76.47
N SER K 163 -41.66 26.76 -75.25
CA SER K 163 -41.33 26.03 -74.04
C SER K 163 -42.53 25.27 -73.49
N SER K 164 -43.64 25.97 -73.22
CA SER K 164 -44.81 25.33 -72.66
C SER K 164 -45.31 24.20 -73.55
N GLY K 165 -45.85 23.16 -72.91
CA GLY K 165 -46.39 22.02 -73.63
C GLY K 165 -45.38 21.07 -74.22
N VAL K 166 -44.20 20.93 -73.61
CA VAL K 166 -43.15 20.04 -74.12
C VAL K 166 -42.81 19.00 -73.07
N HIS K 167 -42.52 17.78 -73.53
CA HIS K 167 -42.13 16.67 -72.67
C HIS K 167 -40.89 16.00 -73.26
N THR K 168 -39.72 16.27 -72.70
CA THR K 168 -38.48 15.64 -73.13
C THR K 168 -38.23 14.45 -72.20
N PHE K 169 -38.36 13.22 -72.74
CA PHE K 169 -38.26 12.05 -71.89
C PHE K 169 -36.80 11.67 -71.60
N PRO K 170 -36.56 11.13 -70.39
CA PRO K 170 -35.21 10.71 -70.00
C PRO K 170 -34.61 9.67 -70.95
N ALA K 171 -33.36 9.91 -71.33
CA ALA K 171 -32.64 9.01 -72.23
C ALA K 171 -32.55 7.61 -71.62
N VAL K 172 -32.47 6.62 -72.51
CA VAL K 172 -32.32 5.22 -72.15
C VAL K 172 -31.07 4.71 -72.84
N LEU K 173 -30.60 3.55 -72.39
CA LEU K 173 -29.40 2.94 -72.93
C LEU K 173 -29.83 1.83 -73.89
N GLN K 174 -29.38 1.94 -75.14
CA GLN K 174 -29.67 0.94 -76.17
C GLN K 174 -28.36 0.59 -76.86
N SER K 175 -27.80 -0.57 -76.54
CA SER K 175 -26.55 -1.07 -77.09
C SER K 175 -25.41 -0.06 -76.94
N ASP K 176 -25.09 0.27 -75.68
CA ASP K 176 -24.00 1.19 -75.35
C ASP K 176 -24.16 2.57 -76.00
N LEU K 177 -25.39 2.97 -76.29
CA LEU K 177 -25.66 4.28 -76.87
C LEU K 177 -26.99 4.79 -76.34
N TYR K 178 -27.05 6.09 -76.04
CA TYR K 178 -28.25 6.67 -75.45
C TYR K 178 -29.27 7.03 -76.53
N THR K 179 -30.54 7.01 -76.13
CA THR K 179 -31.67 7.35 -76.99
C THR K 179 -32.75 8.00 -76.15
N LEU K 180 -33.28 9.14 -76.61
CA LEU K 180 -34.35 9.83 -75.92
C LEU K 180 -35.38 10.38 -76.89
N SER K 181 -36.57 10.69 -76.36
CA SER K 181 -37.67 11.26 -77.13
C SER K 181 -38.06 12.60 -76.55
N SER K 182 -38.71 13.42 -77.38
CA SER K 182 -39.20 14.73 -76.95
C SER K 182 -40.49 15.06 -77.68
N SER K 183 -41.58 15.25 -76.93
CA SER K 183 -42.87 15.56 -77.54
C SER K 183 -43.28 17.00 -77.26
N VAL K 184 -44.13 17.55 -78.14
CA VAL K 184 -44.65 18.91 -78.01
C VAL K 184 -46.06 18.95 -78.60
N THR K 185 -46.98 19.63 -77.92
CA THR K 185 -48.36 19.74 -78.39
C THR K 185 -48.73 21.19 -78.66
N VAL K 186 -49.13 21.48 -79.90
CA VAL K 186 -49.52 22.84 -80.26
C VAL K 186 -50.88 22.82 -80.96
N PRO K 187 -51.65 23.90 -80.91
CA PRO K 187 -52.95 23.96 -81.60
C PRO K 187 -52.87 23.69 -83.09
N SER K 188 -53.79 22.87 -83.58
CA SER K 188 -53.83 22.52 -85.00
C SER K 188 -53.85 23.75 -85.88
N SER K 189 -54.31 24.89 -85.36
CA SER K 189 -54.32 26.09 -86.18
C SER K 189 -52.90 26.60 -86.41
N SER K 190 -52.01 26.43 -85.44
CA SER K 190 -50.65 26.93 -85.57
C SER K 190 -49.74 25.96 -86.32
N TRP K 191 -50.23 24.80 -86.74
CA TRP K 191 -49.36 23.88 -87.46
C TRP K 191 -50.18 23.21 -88.56
N PRO K 192 -49.61 23.06 -89.77
CA PRO K 192 -48.26 23.46 -90.22
C PRO K 192 -48.13 24.95 -90.52
N SER K 193 -49.15 25.71 -90.12
CA SER K 193 -49.13 27.16 -90.31
C SER K 193 -47.83 27.79 -89.83
N GLU K 194 -47.50 27.60 -88.56
CA GLU K 194 -46.26 28.11 -87.99
C GLU K 194 -45.17 27.05 -88.03
N THR K 195 -44.03 27.41 -88.61
CA THR K 195 -42.93 26.46 -88.71
C THR K 195 -42.49 26.08 -87.31
N VAL K 196 -42.35 24.78 -87.06
CA VAL K 196 -41.93 24.26 -85.77
C VAL K 196 -40.71 23.39 -85.98
N THR K 197 -39.63 23.67 -85.24
CA THR K 197 -38.39 22.91 -85.37
C THR K 197 -37.71 22.74 -84.02
N CYS K 198 -37.34 21.51 -83.69
CA CYS K 198 -36.64 21.21 -82.45
C CYS K 198 -35.13 21.39 -82.66
N ASN K 199 -34.44 21.80 -81.59
CA ASN K 199 -33.00 22.01 -81.62
C ASN K 199 -32.32 21.13 -80.58
N VAL K 200 -31.44 20.24 -81.04
CA VAL K 200 -30.73 19.29 -80.20
C VAL K 200 -29.27 19.75 -80.07
N ALA K 201 -28.83 19.98 -78.84
CA ALA K 201 -27.47 20.41 -78.52
C ALA K 201 -26.74 19.28 -77.80
N HIS K 202 -25.58 18.89 -78.34
CA HIS K 202 -24.75 17.81 -77.78
C HIS K 202 -23.35 18.35 -77.47
N PRO K 203 -23.17 18.99 -76.31
CA PRO K 203 -21.86 19.57 -75.97
C PRO K 203 -20.68 18.60 -76.01
N ALA K 204 -20.90 17.32 -75.69
CA ALA K 204 -19.82 16.34 -75.69
C ALA K 204 -19.14 16.22 -77.06
N SER K 205 -19.87 16.46 -78.13
CA SER K 205 -19.31 16.42 -79.49
C SER K 205 -19.45 17.76 -80.19
N SER K 206 -19.88 18.79 -79.46
CA SER K 206 -20.11 20.14 -80.01
C SER K 206 -21.07 20.12 -81.21
N THR K 207 -22.08 19.27 -81.13
CA THR K 207 -23.06 19.11 -82.21
C THR K 207 -24.30 19.94 -81.93
N LYS K 208 -24.75 20.70 -82.94
CA LYS K 208 -25.97 21.49 -82.84
C LYS K 208 -26.81 21.25 -84.09
N VAL K 209 -27.80 20.37 -83.99
CA VAL K 209 -28.65 20.02 -85.12
C VAL K 209 -30.05 20.59 -84.93
N ASP K 210 -30.65 21.05 -86.03
CA ASP K 210 -32.01 21.56 -86.02
C ASP K 210 -32.76 20.83 -87.12
N LYS K 211 -33.83 20.13 -86.74
CA LYS K 211 -34.63 19.34 -87.69
C LYS K 211 -36.07 19.82 -87.64
N LYS K 212 -36.49 20.52 -88.69
CA LYS K 212 -37.86 21.01 -88.77
C LYS K 212 -38.78 19.85 -89.10
N ILE K 213 -39.84 19.68 -88.31
CA ILE K 213 -40.78 18.58 -88.50
C ILE K 213 -41.77 19.00 -89.58
N VAL K 214 -41.53 18.50 -90.79
CA VAL K 214 -42.40 18.78 -91.93
C VAL K 214 -43.53 17.75 -91.94
N PRO K 215 -44.77 18.17 -92.20
CA PRO K 215 -45.88 17.21 -92.24
C PRO K 215 -45.61 16.06 -93.21
N ARG K 216 -46.19 14.91 -92.93
CA ARG K 216 -45.98 13.74 -93.78
C ARG K 216 -46.39 14.03 -95.22
N ASP K 217 -45.65 13.48 -96.16
CA ASP K 217 -45.92 13.70 -97.57
C ASP K 217 -46.81 12.58 -98.11
N ASP L 1 -28.70 -39.82 7.16
CA ASP L 1 -30.04 -39.32 6.86
C ASP L 1 -30.74 -38.88 8.15
N ILE L 2 -31.70 -37.97 8.03
CA ILE L 2 -32.50 -37.50 9.16
C ILE L 2 -33.84 -38.21 9.09
N GLN L 3 -34.24 -38.85 10.17
CA GLN L 3 -35.47 -39.64 10.19
C GLN L 3 -36.62 -38.80 10.74
N MET L 4 -37.73 -38.76 9.98
CA MET L 4 -38.93 -38.03 10.36
C MET L 4 -39.97 -39.04 10.86
N THR L 5 -40.31 -38.96 12.14
CA THR L 5 -41.30 -39.86 12.74
C THR L 5 -42.58 -39.09 13.03
N GLN L 6 -43.64 -39.40 12.29
CA GLN L 6 -44.92 -38.70 12.42
C GLN L 6 -45.92 -39.55 13.19
N SER L 7 -46.75 -38.89 13.99
CA SER L 7 -47.78 -39.54 14.80
C SER L 7 -48.91 -38.55 15.11
N PRO L 8 -50.16 -39.03 15.18
CA PRO L 8 -50.63 -40.41 15.00
C PRO L 8 -50.75 -40.83 13.54
N ALA L 9 -50.75 -42.15 13.28
CA ALA L 9 -50.90 -42.62 11.91
C ALA L 9 -52.22 -42.16 11.31
N SER L 10 -53.26 -42.03 12.14
CA SER L 10 -54.57 -41.54 11.70
C SER L 10 -55.32 -41.03 12.93
N LEU L 11 -55.98 -39.90 12.77
CA LEU L 11 -56.75 -39.29 13.84
C LEU L 11 -58.17 -39.14 13.35
N SER L 12 -59.14 -39.42 14.21
CA SER L 12 -60.55 -39.32 13.86
C SER L 12 -61.21 -38.28 14.74
N ALA L 13 -61.81 -37.27 14.10
CA ALA L 13 -62.47 -36.20 14.82
C ALA L 13 -63.60 -35.65 13.96
N SER L 14 -64.49 -34.90 14.59
CA SER L 14 -65.65 -34.27 13.97
C SER L 14 -65.47 -32.76 13.90
N VAL L 15 -66.21 -32.15 12.97
CA VAL L 15 -66.18 -30.71 12.79
C VAL L 15 -66.31 -29.97 14.12
N GLY L 16 -65.53 -28.88 14.25
CA GLY L 16 -65.48 -28.05 15.44
C GLY L 16 -64.33 -28.39 16.37
N GLU L 17 -63.88 -29.64 16.36
CA GLU L 17 -62.80 -30.11 17.22
C GLU L 17 -61.45 -29.48 16.83
N THR L 18 -60.46 -29.72 17.68
CA THR L 18 -59.09 -29.25 17.48
C THR L 18 -58.11 -30.40 17.65
N VAL L 19 -57.38 -30.73 16.59
CA VAL L 19 -56.42 -31.85 16.63
C VAL L 19 -54.99 -31.30 16.55
N THR L 20 -54.02 -32.17 16.88
CA THR L 20 -52.60 -31.82 16.88
C THR L 20 -51.76 -33.00 16.40
N ILE L 21 -51.13 -32.86 15.21
CA ILE L 21 -50.22 -33.83 14.62
C ILE L 21 -48.80 -33.53 15.09
N THR L 22 -47.95 -34.56 15.18
CA THR L 22 -46.60 -34.40 15.72
C THR L 22 -45.55 -35.06 14.86
N CYS L 23 -44.52 -34.30 14.49
CA CYS L 23 -43.35 -34.81 13.78
C CYS L 23 -42.14 -34.65 14.69
N ARG L 24 -41.31 -35.68 14.77
CA ARG L 24 -40.13 -35.64 15.62
C ARG L 24 -38.90 -35.98 14.79
N ALA L 25 -37.87 -35.13 14.91
CA ALA L 25 -36.67 -35.26 14.10
C ALA L 25 -35.64 -36.18 14.74
N SER L 26 -34.97 -36.98 13.91
CA SER L 26 -33.89 -37.84 14.37
C SER L 26 -32.75 -37.02 14.98
N GLU L 27 -32.55 -35.80 14.48
CA GLU L 27 -31.51 -34.92 14.97
C GLU L 27 -31.97 -33.48 14.75
N ASN L 28 -31.31 -32.56 15.46
CA ASN L 28 -31.63 -31.14 15.41
C ASN L 28 -31.75 -30.63 13.98
N ILE L 29 -32.92 -30.07 13.64
CA ILE L 29 -33.16 -29.47 12.35
C ILE L 29 -33.61 -28.02 12.49
N TYR L 30 -33.29 -27.38 13.62
CA TYR L 30 -33.60 -25.98 13.95
C TYR L 30 -35.07 -25.70 13.66
N SER L 31 -35.40 -24.70 12.84
CA SER L 31 -36.77 -24.36 12.47
C SER L 31 -37.07 -24.78 11.04
N TYR L 32 -36.29 -25.71 10.48
CA TYR L 32 -36.42 -26.11 9.08
C TYR L 32 -37.39 -27.28 8.94
N LEU L 33 -38.69 -26.98 9.03
CA LEU L 33 -39.72 -28.00 8.87
C LEU L 33 -40.92 -27.41 8.14
N THR L 34 -41.52 -28.19 7.26
CA THR L 34 -42.69 -27.77 6.49
C THR L 34 -43.82 -28.77 6.67
N TRP L 35 -45.06 -28.27 6.60
CA TRP L 35 -46.27 -29.07 6.74
C TRP L 35 -47.08 -29.02 5.45
N TYR L 36 -47.43 -30.20 4.93
CA TYR L 36 -48.20 -30.29 3.69
C TYR L 36 -49.56 -30.95 3.94
N GLN L 37 -50.55 -30.53 3.16
CA GLN L 37 -51.87 -31.14 3.18
C GLN L 37 -52.10 -31.78 1.81
N GLN L 38 -52.45 -33.07 1.80
CA GLN L 38 -52.70 -33.78 0.56
C GLN L 38 -53.99 -34.56 0.63
N LYS L 39 -54.94 -34.22 -0.23
CA LYS L 39 -56.22 -34.90 -0.30
C LYS L 39 -56.11 -35.99 -1.36
N GLN L 40 -56.50 -37.21 -1.00
CA GLN L 40 -56.43 -38.40 -1.85
C GLN L 40 -56.58 -38.11 -3.35
N GLY L 41 -55.57 -38.49 -4.12
CA GLY L 41 -55.57 -38.29 -5.55
C GLY L 41 -54.99 -36.97 -6.03
N LYS L 42 -55.03 -35.93 -5.21
CA LYS L 42 -54.50 -34.64 -5.63
C LYS L 42 -53.05 -34.50 -5.17
N SER L 43 -52.37 -33.50 -5.73
CA SER L 43 -50.98 -33.27 -5.34
C SER L 43 -50.91 -32.45 -4.06
N PRO L 44 -49.92 -32.74 -3.18
CA PRO L 44 -49.84 -32.04 -1.89
C PRO L 44 -49.79 -30.52 -2.01
N GLN L 45 -50.14 -29.84 -0.92
CA GLN L 45 -50.14 -28.39 -0.90
C GLN L 45 -49.46 -27.90 0.37
N LEU L 46 -48.69 -26.82 0.23
CA LEU L 46 -47.94 -26.26 1.34
C LEU L 46 -48.87 -25.57 2.33
N LEU L 47 -48.73 -25.92 3.62
CA LEU L 47 -49.49 -25.29 4.69
C LEU L 47 -48.62 -24.36 5.51
N VAL L 48 -47.59 -24.91 6.16
CA VAL L 48 -46.71 -24.16 7.03
C VAL L 48 -45.29 -24.45 6.58
N TYR L 49 -44.46 -23.41 6.57
CA TYR L 49 -43.05 -23.57 6.24
C TYR L 49 -42.21 -22.88 7.27
N ASN L 50 -40.95 -23.31 7.36
CA ASN L 50 -40.04 -22.69 8.35
C ASN L 50 -40.57 -22.85 9.79
N ALA L 51 -41.33 -23.93 9.99
CA ALA L 51 -41.92 -24.47 11.23
C ALA L 51 -43.14 -23.71 11.77
N LYS L 52 -43.23 -22.43 11.53
CA LYS L 52 -44.32 -21.63 12.08
C LYS L 52 -45.08 -20.84 11.03
N THR L 53 -44.38 -20.28 10.06
CA THR L 53 -44.99 -19.41 9.06
C THR L 53 -46.00 -20.12 8.17
N LEU L 54 -47.21 -19.56 8.13
CA LEU L 54 -48.25 -20.06 7.25
C LEU L 54 -48.04 -19.51 5.85
N THR L 55 -48.40 -20.31 4.84
CA THR L 55 -48.25 -19.84 3.47
C THR L 55 -49.44 -18.95 3.10
N GLU L 56 -49.51 -18.56 1.82
CA GLU L 56 -50.54 -17.66 1.31
C GLU L 56 -51.96 -18.02 1.73
N GLY L 57 -52.54 -19.02 1.04
CA GLY L 57 -53.94 -19.37 1.19
C GLY L 57 -54.37 -19.91 2.54
N VAL L 58 -53.46 -20.46 3.33
CA VAL L 58 -53.81 -21.10 4.61
C VAL L 58 -54.60 -20.22 5.58
N PRO L 59 -55.74 -20.71 6.05
CA PRO L 59 -56.56 -19.98 7.02
C PRO L 59 -55.99 -19.98 8.43
N SER L 60 -56.29 -18.91 9.16
CA SER L 60 -55.78 -18.69 10.52
C SER L 60 -55.97 -19.88 11.45
N ARG L 61 -56.90 -20.79 11.15
CA ARG L 61 -57.14 -21.93 12.04
C ARG L 61 -55.97 -22.90 12.07
N PHE L 62 -55.02 -22.79 11.14
CA PHE L 62 -53.84 -23.62 11.10
C PHE L 62 -52.68 -22.90 11.80
N SER L 63 -51.92 -23.64 12.60
CA SER L 63 -50.78 -23.05 13.26
C SER L 63 -49.74 -24.13 13.52
N GLY L 64 -48.47 -23.76 13.36
CA GLY L 64 -47.38 -24.68 13.60
C GLY L 64 -46.50 -24.23 14.74
N SER L 65 -45.75 -25.15 15.33
CA SER L 65 -44.87 -24.79 16.45
C SER L 65 -43.78 -25.85 16.56
N GLY L 66 -42.84 -25.59 17.45
CA GLY L 66 -41.73 -26.49 17.71
C GLY L 66 -40.43 -25.96 17.13
N SER L 67 -39.36 -26.68 17.47
CA SER L 67 -38.00 -26.35 17.04
C SER L 67 -37.02 -27.39 17.55
N GLY L 68 -35.97 -27.68 16.78
CA GLY L 68 -35.01 -28.69 17.20
C GLY L 68 -35.42 -30.05 16.68
N THR L 69 -35.98 -30.88 17.56
CA THR L 69 -36.42 -32.21 17.19
C THR L 69 -37.89 -32.46 17.46
N GLN L 70 -38.62 -31.49 18.01
CA GLN L 70 -40.02 -31.67 18.35
C GLN L 70 -40.86 -30.57 17.71
N PHE L 71 -41.73 -30.96 16.78
CA PHE L 71 -42.60 -30.03 16.08
C PHE L 71 -44.03 -30.55 16.15
N SER L 72 -44.99 -29.67 15.85
CA SER L 72 -46.39 -30.07 15.90
C SER L 72 -47.23 -29.12 15.08
N LEU L 73 -48.20 -29.69 14.37
CA LEU L 73 -49.21 -28.94 13.63
C LEU L 73 -50.49 -28.98 14.44
N LYS L 74 -51.19 -27.85 14.53
CA LYS L 74 -52.41 -27.78 15.32
C LYS L 74 -53.52 -27.15 14.48
N ILE L 75 -54.58 -27.90 14.25
CA ILE L 75 -55.73 -27.43 13.50
C ILE L 75 -56.87 -27.27 14.48
N ASN L 76 -57.13 -26.03 14.88
CA ASN L 76 -58.20 -25.72 15.80
C ASN L 76 -59.45 -25.35 15.00
N SER L 77 -60.62 -25.69 15.54
CA SER L 77 -61.91 -25.43 14.90
C SER L 77 -61.97 -26.06 13.50
N LEU L 78 -61.94 -27.40 13.49
CA LEU L 78 -61.97 -28.15 12.23
C LEU L 78 -63.11 -27.73 11.31
N GLN L 79 -62.98 -28.07 10.03
CA GLN L 79 -63.92 -27.76 8.97
C GLN L 79 -64.11 -29.00 8.11
N PRO L 80 -65.01 -28.99 7.12
CA PRO L 80 -65.13 -30.16 6.26
C PRO L 80 -63.91 -30.34 5.36
N GLU L 81 -63.32 -29.23 4.89
CA GLU L 81 -62.16 -29.29 4.01
C GLU L 81 -60.95 -29.90 4.69
N ASP L 82 -60.79 -29.62 5.99
CA ASP L 82 -59.60 -30.05 6.73
C ASP L 82 -59.46 -31.55 6.90
N PHE L 83 -60.30 -32.35 6.25
CA PHE L 83 -60.22 -33.79 6.39
C PHE L 83 -59.43 -34.37 5.23
N GLY L 84 -58.39 -35.14 5.55
CA GLY L 84 -57.56 -35.75 4.52
C GLY L 84 -56.18 -36.09 5.04
N GLY L 85 -55.20 -36.00 4.15
CA GLY L 85 -53.82 -36.36 4.47
C GLY L 85 -52.98 -35.18 4.92
N TYR L 86 -52.05 -35.47 5.84
CA TYR L 86 -51.15 -34.45 6.38
C TYR L 86 -49.78 -35.06 6.63
N PHE L 87 -48.73 -34.45 6.04
CA PHE L 87 -47.39 -34.95 6.27
C PHE L 87 -46.43 -33.77 6.42
N CYS L 88 -45.27 -34.07 7.00
CA CYS L 88 -44.22 -33.09 7.24
C CYS L 88 -42.96 -33.44 6.46
N GLN L 89 -42.05 -32.48 6.37
CA GLN L 89 -40.77 -32.66 5.70
C GLN L 89 -39.74 -31.73 6.32
N HIS L 90 -38.53 -32.24 6.55
CA HIS L 90 -37.47 -31.37 7.06
C HIS L 90 -36.78 -30.74 5.87
N HIS L 91 -36.20 -29.57 6.08
CA HIS L 91 -35.51 -28.87 5.01
C HIS L 91 -34.07 -28.56 5.39
N TYR L 92 -33.49 -29.35 6.28
CA TYR L 92 -32.11 -29.16 6.71
C TYR L 92 -31.21 -30.18 6.03
N GLY L 93 -30.77 -29.87 4.81
CA GLY L 93 -29.85 -30.74 4.11
C GLY L 93 -30.49 -31.61 3.06
N THR L 94 -29.68 -32.51 2.55
CA THR L 94 -30.10 -33.47 1.54
C THR L 94 -29.68 -34.87 2.00
N PRO L 95 -30.59 -35.85 1.86
CA PRO L 95 -31.94 -35.73 1.31
C PRO L 95 -32.98 -35.23 2.32
N PRO L 96 -33.93 -34.35 1.84
CA PRO L 96 -35.02 -33.84 2.70
C PRO L 96 -36.13 -34.87 2.90
N THR L 97 -35.90 -35.80 3.83
CA THR L 97 -36.85 -36.88 4.08
C THR L 97 -38.22 -36.37 4.53
N PHE L 98 -39.26 -37.12 4.19
CA PHE L 98 -40.64 -36.81 4.54
C PHE L 98 -41.12 -37.64 5.73
N GLY L 99 -42.23 -37.20 6.32
CA GLY L 99 -42.85 -37.92 7.42
C GLY L 99 -43.77 -39.04 6.96
N GLY L 100 -44.11 -39.93 7.91
CA GLY L 100 -44.96 -41.07 7.60
C GLY L 100 -46.36 -40.71 7.13
N GLY L 101 -46.90 -39.59 7.58
CA GLY L 101 -48.22 -39.15 7.19
C GLY L 101 -49.25 -39.35 8.29
N THR L 102 -50.40 -38.70 8.12
CA THR L 102 -51.51 -38.79 9.05
C THR L 102 -52.82 -38.67 8.30
N LYS L 103 -53.70 -39.66 8.45
CA LYS L 103 -55.00 -39.67 7.80
C LYS L 103 -56.03 -39.08 8.76
N LEU L 104 -56.53 -37.88 8.44
CA LEU L 104 -57.52 -37.20 9.28
C LEU L 104 -58.92 -37.52 8.78
N GLU L 105 -59.60 -38.43 9.48
CA GLU L 105 -60.92 -38.90 9.09
C GLU L 105 -62.00 -38.32 9.99
N VAL L 106 -63.22 -38.31 9.45
CA VAL L 106 -64.39 -37.81 10.16
C VAL L 106 -64.85 -38.86 11.15
N LYS L 107 -65.37 -38.42 12.29
CA LYS L 107 -65.88 -39.33 13.30
C LYS L 107 -67.39 -39.23 13.29
N ARG L 108 -68.09 -40.36 13.34
CA ARG L 108 -69.53 -40.15 13.32
C ARG L 108 -70.15 -41.11 14.32
N ALA L 109 -71.35 -41.61 13.99
CA ALA L 109 -72.06 -42.59 14.78
C ALA L 109 -71.96 -43.91 14.05
N ASP L 110 -71.79 -44.99 14.81
CA ASP L 110 -71.63 -46.29 14.19
C ASP L 110 -72.82 -46.62 13.28
N ALA L 111 -72.60 -47.46 12.27
CA ALA L 111 -73.63 -47.84 11.30
C ALA L 111 -73.36 -49.27 10.80
N ALA L 112 -74.55 -50.06 10.48
CA ALA L 112 -74.51 -51.46 10.01
C ALA L 112 -74.40 -51.54 8.49
N PRO L 113 -73.68 -52.57 8.01
CA PRO L 113 -73.48 -52.80 6.58
C PRO L 113 -74.70 -53.37 5.84
N THR L 114 -75.07 -52.72 4.73
CA THR L 114 -76.19 -53.15 3.89
C THR L 114 -75.71 -54.23 2.90
N VAL L 115 -75.68 -55.48 3.36
CA VAL L 115 -75.19 -56.60 2.55
C VAL L 115 -76.13 -56.94 1.39
N SER L 116 -75.56 -57.09 0.19
CA SER L 116 -76.30 -57.45 -1.01
C SER L 116 -75.46 -58.44 -1.82
N ILE L 117 -75.86 -59.72 -1.85
CA ILE L 117 -75.13 -60.75 -2.59
C ILE L 117 -75.75 -60.92 -3.98
N PHE L 118 -74.91 -61.13 -4.98
CA PHE L 118 -75.39 -61.28 -6.35
C PHE L 118 -74.86 -62.57 -6.97
N PRO L 119 -75.69 -63.28 -7.72
CA PRO L 119 -75.24 -64.50 -8.39
C PRO L 119 -74.53 -64.20 -9.70
N PRO L 120 -73.71 -65.12 -10.20
CA PRO L 120 -73.03 -64.90 -11.48
C PRO L 120 -74.01 -64.59 -12.59
N SER L 121 -73.67 -63.59 -13.39
CA SER L 121 -74.50 -63.18 -14.52
C SER L 121 -74.47 -64.23 -15.62
N SER L 122 -75.58 -64.32 -16.36
CA SER L 122 -75.67 -65.30 -17.44
C SER L 122 -74.67 -65.02 -18.56
N GLU L 123 -74.34 -63.75 -18.79
CA GLU L 123 -73.35 -63.43 -19.81
C GLU L 123 -71.98 -63.96 -19.42
N GLN L 124 -71.69 -63.99 -18.11
CA GLN L 124 -70.42 -64.46 -17.62
C GLN L 124 -70.36 -65.98 -17.57
N LEU L 125 -71.47 -66.63 -17.18
CA LEU L 125 -71.48 -68.09 -17.12
C LEU L 125 -71.25 -68.71 -18.48
N THR L 126 -71.79 -68.08 -19.54
CA THR L 126 -71.57 -68.57 -20.89
C THR L 126 -70.15 -68.30 -21.37
N SER L 127 -69.43 -67.40 -20.69
CA SER L 127 -68.05 -67.07 -21.02
C SER L 127 -67.06 -68.08 -20.49
N GLY L 128 -67.48 -68.91 -19.53
CA GLY L 128 -66.66 -69.94 -18.94
C GLY L 128 -66.17 -69.66 -17.54
N GLY L 129 -66.67 -68.61 -16.89
CA GLY L 129 -66.26 -68.29 -15.54
C GLY L 129 -67.47 -67.87 -14.74
N ALA L 130 -67.34 -67.98 -13.41
CA ALA L 130 -68.43 -67.62 -12.52
C ALA L 130 -67.88 -66.80 -11.35
N SER L 131 -68.50 -65.64 -11.08
CA SER L 131 -68.06 -64.76 -10.01
C SER L 131 -69.26 -64.30 -9.19
N VAL L 132 -69.25 -64.64 -7.90
CA VAL L 132 -70.30 -64.25 -6.96
C VAL L 132 -69.84 -63.00 -6.22
N VAL L 133 -70.58 -61.90 -6.39
CA VAL L 133 -70.25 -60.62 -5.80
C VAL L 133 -71.08 -60.41 -4.54
N CYS L 134 -70.50 -59.70 -3.57
CA CYS L 134 -71.18 -59.42 -2.30
C CYS L 134 -70.76 -58.03 -1.85
N PHE L 135 -71.70 -57.10 -1.81
CA PHE L 135 -71.45 -55.72 -1.40
C PHE L 135 -71.76 -55.55 0.07
N LEU L 136 -71.06 -54.59 0.71
CA LEU L 136 -71.28 -54.23 2.12
C LEU L 136 -71.13 -52.70 2.19
N ASN L 137 -72.20 -51.99 1.86
CA ASN L 137 -72.15 -50.54 1.73
C ASN L 137 -72.52 -49.81 3.01
N ASN L 138 -72.10 -48.55 3.06
CA ASN L 138 -72.38 -47.59 4.11
C ASN L 138 -72.40 -48.07 5.56
N PHE L 139 -71.24 -48.36 6.14
CA PHE L 139 -71.09 -48.75 7.53
C PHE L 139 -70.01 -47.90 8.21
N TYR L 140 -69.77 -48.21 9.48
CA TYR L 140 -68.82 -47.50 10.33
C TYR L 140 -68.68 -48.25 11.64
N PRO L 141 -67.44 -48.41 12.15
CA PRO L 141 -66.14 -47.96 11.65
C PRO L 141 -65.63 -48.68 10.40
N LYS L 142 -64.41 -48.32 9.98
CA LYS L 142 -63.80 -48.89 8.78
C LYS L 142 -63.57 -50.39 8.93
N ASP L 143 -63.40 -50.87 10.15
CA ASP L 143 -63.13 -52.28 10.43
C ASP L 143 -64.30 -53.16 9.99
N ILE L 144 -63.98 -54.31 9.41
CA ILE L 144 -65.00 -55.26 8.93
C ILE L 144 -64.33 -56.55 8.50
N ASN L 145 -65.10 -57.66 8.53
CA ASN L 145 -64.61 -58.99 8.17
C ASN L 145 -65.65 -59.74 7.32
N VAL L 146 -65.26 -60.19 6.14
CA VAL L 146 -66.14 -60.91 5.21
C VAL L 146 -65.66 -62.36 5.06
N LYS L 147 -66.59 -63.32 5.16
CA LYS L 147 -66.28 -64.73 4.98
C LYS L 147 -67.25 -65.35 3.98
N TRP L 148 -66.74 -66.26 3.14
CA TRP L 148 -67.54 -66.97 2.16
C TRP L 148 -67.67 -68.44 2.52
N LYS L 149 -68.85 -69.02 2.29
CA LYS L 149 -69.11 -70.43 2.58
C LYS L 149 -69.84 -71.05 1.41
N ILE L 150 -69.18 -71.96 0.69
CA ILE L 150 -69.80 -72.67 -0.43
C ILE L 150 -70.35 -73.99 0.11
N ASP L 151 -71.67 -74.05 0.28
CA ASP L 151 -72.36 -75.22 0.84
C ASP L 151 -71.95 -75.46 2.29
N GLY L 152 -71.91 -74.38 3.07
CA GLY L 152 -71.55 -74.48 4.47
C GLY L 152 -70.05 -74.45 4.72
N SER L 153 -69.28 -75.12 3.87
CA SER L 153 -67.83 -75.17 4.03
C SER L 153 -67.25 -73.79 3.78
N GLU L 154 -66.23 -73.43 4.55
CA GLU L 154 -65.62 -72.12 4.42
C GLU L 154 -64.83 -72.02 3.13
N ARG L 155 -64.89 -70.85 2.48
CA ARG L 155 -64.19 -70.62 1.23
C ARG L 155 -63.32 -69.38 1.35
N GLN L 156 -62.01 -69.56 1.16
CA GLN L 156 -61.03 -68.49 1.25
C GLN L 156 -60.21 -68.29 -0.02
N ASN L 157 -60.01 -69.33 -0.82
CA ASN L 157 -59.24 -69.28 -2.05
C ASN L 157 -60.10 -68.76 -3.20
N GLY L 158 -59.67 -67.66 -3.82
CA GLY L 158 -60.39 -67.09 -4.93
C GLY L 158 -61.11 -65.79 -4.62
N VAL L 159 -61.07 -65.34 -3.38
CA VAL L 159 -61.76 -64.14 -2.93
C VAL L 159 -60.87 -62.92 -3.11
N LEU L 160 -61.46 -61.83 -3.62
CA LEU L 160 -60.76 -60.56 -3.84
C LEU L 160 -61.62 -59.45 -3.27
N ASN L 161 -61.05 -58.67 -2.35
CA ASN L 161 -61.76 -57.61 -1.66
C ASN L 161 -61.32 -56.23 -2.14
N SER L 162 -62.17 -55.22 -1.89
CA SER L 162 -61.85 -53.84 -2.26
C SER L 162 -62.67 -52.88 -1.40
N TRP L 163 -61.99 -52.02 -0.65
CA TRP L 163 -62.65 -51.05 0.23
C TRP L 163 -62.64 -49.67 -0.43
N THR L 164 -63.41 -48.75 0.14
CA THR L 164 -63.50 -47.38 -0.36
C THR L 164 -63.04 -46.40 0.70
N ASP L 165 -62.87 -45.16 0.26
CA ASP L 165 -62.48 -44.08 1.16
C ASP L 165 -63.72 -43.59 1.90
N GLN L 166 -63.51 -43.07 3.11
CA GLN L 166 -64.63 -42.53 3.88
C GLN L 166 -65.44 -41.59 3.01
N ASP L 167 -66.73 -41.87 2.87
CA ASP L 167 -67.60 -41.06 2.01
C ASP L 167 -67.66 -39.63 2.52
N SER L 168 -67.53 -38.68 1.62
CA SER L 168 -67.51 -37.27 1.97
C SER L 168 -68.89 -36.71 2.31
N LYS L 169 -69.95 -37.50 2.18
CA LYS L 169 -71.30 -37.04 2.48
C LYS L 169 -71.79 -37.60 3.81
N ASP L 170 -71.82 -38.92 3.94
CA ASP L 170 -72.30 -39.59 5.15
C ASP L 170 -71.18 -40.10 6.05
N SER L 171 -69.91 -39.94 5.66
CA SER L 171 -68.75 -40.36 6.45
C SER L 171 -68.77 -41.84 6.78
N THR L 172 -69.28 -42.67 5.87
CA THR L 172 -69.31 -44.11 6.08
C THR L 172 -68.41 -44.80 5.07
N TYR L 173 -68.04 -46.03 5.37
CA TYR L 173 -67.14 -46.81 4.54
C TYR L 173 -67.93 -47.85 3.75
N SER L 174 -67.24 -48.53 2.84
CA SER L 174 -67.87 -49.57 2.04
C SER L 174 -66.80 -50.51 1.49
N MET L 175 -67.19 -51.76 1.25
CA MET L 175 -66.28 -52.74 0.68
C MET L 175 -67.08 -53.73 -0.15
N SER L 176 -66.37 -54.44 -1.03
CA SER L 176 -67.00 -55.41 -1.93
C SER L 176 -66.12 -56.65 -2.07
N SER L 177 -66.65 -57.80 -1.67
CA SER L 177 -65.94 -59.07 -1.77
C SER L 177 -66.44 -59.83 -3.00
N THR L 178 -65.51 -60.45 -3.73
CA THR L 178 -65.85 -61.16 -4.97
C THR L 178 -65.22 -62.56 -4.97
N LEU L 179 -66.07 -63.58 -4.90
CA LEU L 179 -65.63 -64.97 -4.97
C LEU L 179 -65.69 -65.43 -6.42
N THR L 180 -64.55 -65.81 -6.99
CA THR L 180 -64.45 -66.24 -8.37
C THR L 180 -64.14 -67.73 -8.46
N LEU L 181 -64.92 -68.44 -9.27
CA LEU L 181 -64.75 -69.87 -9.48
C LEU L 181 -64.78 -70.14 -10.99
N THR L 182 -64.57 -71.41 -11.33
CA THR L 182 -64.72 -71.85 -12.71
C THR L 182 -66.16 -72.30 -12.93
N LYS L 183 -66.67 -72.07 -14.15
CA LYS L 183 -68.03 -72.49 -14.47
C LYS L 183 -68.29 -73.94 -14.05
N ASP L 184 -67.24 -74.77 -14.07
CA ASP L 184 -67.38 -76.17 -13.66
C ASP L 184 -67.62 -76.31 -12.16
N GLU L 185 -66.77 -75.67 -11.35
CA GLU L 185 -66.91 -75.82 -9.91
C GLU L 185 -68.14 -75.07 -9.41
N TYR L 186 -68.56 -74.00 -10.10
CA TYR L 186 -69.72 -73.24 -9.65
C TYR L 186 -71.04 -74.02 -9.73
N GLU L 187 -71.25 -74.81 -10.78
CA GLU L 187 -72.50 -75.55 -10.93
C GLU L 187 -72.51 -76.89 -10.21
N ARG L 188 -71.43 -77.25 -9.52
CA ARG L 188 -71.39 -78.50 -8.76
C ARG L 188 -71.88 -78.29 -7.35
N HIS L 189 -72.27 -77.07 -7.00
CA HIS L 189 -72.70 -76.74 -5.66
C HIS L 189 -74.01 -75.98 -5.75
N ASN L 190 -74.65 -75.84 -4.60
CA ASN L 190 -75.97 -75.22 -4.47
C ASN L 190 -75.90 -73.82 -3.88
N SER L 191 -75.66 -73.72 -2.57
CA SER L 191 -75.69 -72.46 -1.85
C SER L 191 -74.36 -71.73 -1.82
N TYR L 192 -74.43 -70.43 -2.04
CA TYR L 192 -73.29 -69.53 -1.98
C TYR L 192 -73.63 -68.45 -0.95
N THR L 193 -73.12 -68.57 0.26
CA THR L 193 -73.44 -67.59 1.28
C THR L 193 -72.26 -66.65 1.53
N CYS L 194 -72.60 -65.42 1.96
CA CYS L 194 -71.64 -64.37 2.22
C CYS L 194 -71.86 -63.84 3.64
N GLU L 195 -71.10 -64.35 4.60
CA GLU L 195 -71.24 -63.96 5.99
C GLU L 195 -70.34 -62.76 6.29
N ALA L 196 -70.89 -61.78 7.01
CA ALA L 196 -70.15 -60.56 7.33
C ALA L 196 -70.17 -60.29 8.83
N THR L 197 -68.98 -60.05 9.40
CA THR L 197 -68.83 -59.75 10.82
C THR L 197 -68.46 -58.28 11.00
N HIS L 198 -69.13 -57.60 11.93
CA HIS L 198 -68.92 -56.19 12.21
C HIS L 198 -69.07 -55.93 13.71
N LYS L 199 -68.78 -54.70 14.10
CA LYS L 199 -68.91 -54.28 15.49
C LYS L 199 -70.32 -53.78 15.76
N THR L 200 -71.14 -53.69 14.73
CA THR L 200 -72.51 -53.21 14.87
C THR L 200 -73.43 -54.25 15.46
N SER L 201 -73.00 -55.51 15.49
CA SER L 201 -73.80 -56.59 16.07
C SER L 201 -72.89 -57.79 16.32
N THR L 202 -73.37 -58.68 17.18
CA THR L 202 -72.64 -59.89 17.55
C THR L 202 -72.82 -60.96 16.48
N SER L 203 -74.02 -61.04 15.88
CA SER L 203 -74.28 -62.06 14.88
C SER L 203 -73.94 -61.56 13.48
N PRO L 204 -73.19 -62.36 12.71
CA PRO L 204 -72.80 -61.97 11.36
C PRO L 204 -74.02 -61.69 10.49
N ILE L 205 -74.01 -60.56 9.80
CA ILE L 205 -75.09 -60.24 8.88
C ILE L 205 -74.82 -61.06 7.62
N VAL L 206 -75.56 -62.14 7.43
CA VAL L 206 -75.34 -63.05 6.33
C VAL L 206 -76.40 -62.84 5.26
N LYS L 207 -75.96 -62.92 4.01
CA LYS L 207 -76.82 -62.84 2.82
C LYS L 207 -76.29 -63.86 1.83
N SER L 208 -77.20 -64.72 1.38
CA SER L 208 -76.90 -65.85 0.53
C SER L 208 -77.94 -65.92 -0.58
N PHE L 209 -77.84 -66.97 -1.37
CA PHE L 209 -78.78 -67.25 -2.45
C PHE L 209 -78.54 -68.72 -2.69
N ASN L 210 -79.60 -69.47 -3.05
CA ASN L 210 -79.44 -70.88 -3.37
C ASN L 210 -79.69 -71.21 -4.84
N ARG L 211 -79.00 -72.25 -5.29
CA ARG L 211 -79.16 -72.71 -6.66
C ARG L 211 -80.40 -73.61 -6.64
N ASN L 212 -81.49 -73.15 -6.01
CA ASN L 212 -82.71 -73.96 -5.90
C ASN L 212 -83.85 -73.16 -5.30
N GLN M 1 -48.98 -16.97 -12.83
CA GLN M 1 -49.08 -17.96 -11.75
C GLN M 1 -48.20 -19.17 -12.01
N VAL M 2 -47.54 -19.63 -10.95
CA VAL M 2 -46.66 -20.79 -11.02
C VAL M 2 -47.47 -22.03 -11.33
N GLN M 3 -47.03 -22.79 -12.33
CA GLN M 3 -47.73 -24.00 -12.74
C GLN M 3 -46.70 -24.99 -13.26
N LEU M 4 -46.74 -26.21 -12.71
CA LEU M 4 -45.86 -27.30 -13.11
C LEU M 4 -46.71 -28.35 -13.80
N GLN M 5 -46.56 -28.46 -15.12
CA GLN M 5 -47.35 -29.37 -15.94
C GLN M 5 -46.48 -30.56 -16.34
N GLN M 6 -46.73 -31.72 -15.74
CA GLN M 6 -45.98 -32.93 -16.06
C GLN M 6 -46.60 -33.67 -17.25
N SER M 7 -45.87 -34.67 -17.72
CA SER M 7 -46.33 -35.50 -18.81
C SER M 7 -47.47 -36.40 -18.36
N GLY M 8 -48.06 -37.10 -19.33
CA GLY M 8 -49.14 -38.00 -19.05
C GLY M 8 -48.69 -39.29 -18.41
N PRO M 9 -49.65 -40.12 -18.04
CA PRO M 9 -49.32 -41.40 -17.41
C PRO M 9 -48.60 -42.32 -18.39
N GLU M 10 -47.77 -43.20 -17.86
CA GLU M 10 -46.99 -44.08 -18.71
C GLU M 10 -47.14 -45.54 -18.28
N LEU M 11 -46.94 -46.40 -19.26
CA LEU M 11 -47.01 -47.85 -19.14
C LEU M 11 -45.87 -48.49 -19.92
N VAL M 12 -45.00 -49.21 -19.22
CA VAL M 12 -43.83 -49.83 -19.85
C VAL M 12 -43.70 -51.24 -19.29
N ARG M 13 -42.90 -52.07 -20.00
CA ARG M 13 -42.65 -53.45 -19.61
C ARG M 13 -41.41 -53.50 -18.71
N PRO M 14 -41.30 -54.44 -17.76
CA PRO M 14 -40.10 -54.50 -16.91
C PRO M 14 -38.81 -54.52 -17.72
N GLY M 15 -37.78 -53.88 -17.18
CA GLY M 15 -36.47 -53.79 -17.81
C GLY M 15 -36.27 -52.62 -18.74
N ALA M 16 -37.34 -52.05 -19.30
CA ALA M 16 -37.24 -50.93 -20.22
C ALA M 16 -36.86 -49.66 -19.45
N SER M 17 -36.99 -48.51 -20.10
CA SER M 17 -36.70 -47.23 -19.50
C SER M 17 -37.79 -46.24 -19.89
N VAL M 18 -37.99 -45.21 -19.07
CA VAL M 18 -39.02 -44.22 -19.30
C VAL M 18 -38.45 -42.85 -18.96
N LYS M 19 -38.99 -41.80 -19.61
CA LYS M 19 -38.54 -40.43 -19.39
C LYS M 19 -39.76 -39.51 -19.35
N MET M 20 -40.11 -39.03 -18.16
CA MET M 20 -41.26 -38.15 -17.97
C MET M 20 -40.77 -36.71 -17.87
N SER M 21 -41.67 -35.78 -18.17
CA SER M 21 -41.32 -34.36 -18.19
C SER M 21 -42.08 -33.58 -17.13
N CYS M 22 -41.76 -32.29 -17.05
CA CYS M 22 -42.38 -31.35 -16.12
C CYS M 22 -42.10 -29.94 -16.64
N LYS M 23 -43.12 -29.30 -17.22
CA LYS M 23 -42.96 -27.98 -17.81
C LYS M 23 -43.41 -26.91 -16.83
N ALA M 24 -42.48 -26.04 -16.45
CA ALA M 24 -42.74 -24.96 -15.51
C ALA M 24 -43.11 -23.68 -16.26
N SER M 25 -43.95 -22.86 -15.62
CA SER M 25 -44.37 -21.60 -16.23
C SER M 25 -44.85 -20.69 -15.12
N GLY M 26 -44.66 -19.39 -15.33
CA GLY M 26 -45.09 -18.41 -14.36
C GLY M 26 -44.03 -17.95 -13.39
N TYR M 27 -42.76 -18.28 -13.64
CA TYR M 27 -41.66 -17.87 -12.78
C TYR M 27 -40.36 -18.16 -13.52
N THR M 28 -39.29 -17.51 -13.07
CA THR M 28 -37.98 -17.71 -13.68
C THR M 28 -37.50 -19.13 -13.42
N PHE M 29 -37.48 -19.94 -14.47
CA PHE M 29 -37.12 -21.34 -14.38
C PHE M 29 -35.78 -21.57 -13.67
N THR M 30 -34.74 -20.88 -14.11
CA THR M 30 -33.37 -21.09 -13.64
C THR M 30 -33.08 -20.62 -12.22
N ASN M 31 -33.98 -19.91 -11.55
CA ASN M 31 -33.70 -19.40 -10.21
C ASN M 31 -34.26 -20.27 -9.10
N TYR M 32 -34.82 -21.43 -9.41
CA TYR M 32 -35.35 -22.30 -8.37
C TYR M 32 -34.98 -23.74 -8.65
N TRP M 33 -34.50 -24.43 -7.63
CA TRP M 33 -34.09 -25.82 -7.80
C TRP M 33 -35.32 -26.72 -7.92
N MET M 34 -35.27 -27.65 -8.86
CA MET M 34 -36.36 -28.57 -9.15
C MET M 34 -36.12 -29.92 -8.50
N HIS M 35 -37.09 -30.39 -7.74
CA HIS M 35 -37.00 -31.67 -7.04
C HIS M 35 -37.98 -32.66 -7.63
N TRP M 36 -37.75 -33.94 -7.33
CA TRP M 36 -38.61 -35.03 -7.79
C TRP M 36 -38.92 -35.95 -6.63
N VAL M 37 -40.22 -36.22 -6.42
CA VAL M 37 -40.67 -37.03 -5.30
C VAL M 37 -41.45 -38.23 -5.85
N LYS M 38 -41.23 -39.39 -5.23
CA LYS M 38 -41.89 -40.63 -5.60
C LYS M 38 -42.98 -40.92 -4.58
N GLN M 39 -44.19 -41.23 -5.05
CA GLN M 39 -45.31 -41.48 -4.14
C GLN M 39 -45.88 -42.87 -4.40
N ARG M 40 -45.64 -43.78 -3.44
CA ARG M 40 -46.22 -45.11 -3.56
C ARG M 40 -47.29 -45.26 -2.50
N PRO M 41 -48.41 -45.92 -2.81
CA PRO M 41 -49.44 -46.15 -1.80
C PRO M 41 -48.91 -46.97 -0.63
N GLY M 42 -49.20 -46.50 0.58
CA GLY M 42 -48.78 -47.17 1.79
C GLY M 42 -47.39 -46.81 2.30
N GLN M 43 -46.50 -46.34 1.44
CA GLN M 43 -45.17 -45.95 1.85
C GLN M 43 -45.11 -44.42 1.95
N ALA M 44 -44.04 -43.92 2.57
CA ALA M 44 -43.89 -42.48 2.71
C ALA M 44 -43.27 -41.89 1.44
N LEU M 45 -43.47 -40.59 1.26
CA LEU M 45 -42.92 -39.92 0.09
C LEU M 45 -41.41 -40.02 0.09
N GLU M 46 -40.86 -40.46 -1.04
CA GLU M 46 -39.43 -40.64 -1.23
C GLU M 46 -38.87 -39.49 -2.06
N TRP M 47 -37.76 -38.92 -1.62
CA TRP M 47 -37.09 -37.86 -2.36
C TRP M 47 -36.11 -38.50 -3.34
N ILE M 48 -36.33 -38.25 -4.64
CA ILE M 48 -35.47 -38.86 -5.66
C ILE M 48 -34.21 -38.04 -5.85
N GLY M 49 -34.34 -36.73 -6.05
CA GLY M 49 -33.19 -35.88 -6.25
C GLY M 49 -33.63 -34.49 -6.63
N MET M 50 -32.63 -33.66 -6.93
CA MET M 50 -32.86 -32.29 -7.34
C MET M 50 -31.93 -31.94 -8.47
N ILE M 51 -32.23 -30.84 -9.15
CA ILE M 51 -31.46 -30.37 -10.30
C ILE M 51 -31.40 -28.86 -10.27
N ASP M 52 -30.22 -28.31 -10.55
CA ASP M 52 -30.05 -26.87 -10.65
C ASP M 52 -30.23 -26.46 -12.11
N PRO M 53 -31.38 -25.90 -12.47
CA PRO M 53 -31.63 -25.53 -13.87
C PRO M 53 -30.51 -24.76 -14.55
N SER M 54 -29.88 -23.82 -13.85
CA SER M 54 -28.80 -23.02 -14.41
C SER M 54 -27.65 -23.86 -14.96
N LYS M 55 -27.00 -24.64 -14.10
CA LYS M 55 -25.81 -25.38 -14.50
C LYS M 55 -26.08 -26.88 -14.66
N SER M 56 -27.33 -27.31 -14.53
CA SER M 56 -27.71 -28.72 -14.66
C SER M 56 -26.96 -29.60 -13.67
N GLU M 57 -26.66 -29.06 -12.49
CA GLU M 57 -26.02 -29.85 -11.46
C GLU M 57 -27.07 -30.69 -10.78
N THR M 58 -26.85 -31.99 -10.73
CA THR M 58 -27.81 -32.93 -10.17
C THR M 58 -27.31 -33.37 -8.80
N THR M 59 -28.26 -33.64 -7.90
CA THR M 59 -27.94 -34.21 -6.60
C THR M 59 -29.02 -35.23 -6.32
N LEU M 60 -28.67 -36.50 -6.47
CA LEU M 60 -29.64 -37.58 -6.32
C LEU M 60 -29.62 -38.13 -4.91
N ASN M 61 -30.62 -38.95 -4.62
CA ASN M 61 -30.69 -39.69 -3.37
C ASN M 61 -29.92 -40.98 -3.55
N GLN M 62 -29.08 -41.32 -2.57
CA GLN M 62 -28.30 -42.55 -2.65
C GLN M 62 -29.18 -43.75 -3.01
N LYS M 63 -30.40 -43.79 -2.49
CA LYS M 63 -31.34 -44.87 -2.77
C LYS M 63 -31.77 -44.96 -4.24
N PHE M 64 -31.59 -43.89 -5.02
CA PHE M 64 -31.99 -43.86 -6.43
C PHE M 64 -30.80 -43.72 -7.36
N ARG M 65 -29.58 -43.85 -6.84
CA ARG M 65 -28.33 -43.66 -7.57
C ARG M 65 -28.33 -44.22 -8.98
N GLY M 66 -28.61 -45.52 -9.14
CA GLY M 66 -28.59 -46.11 -10.45
C GLY M 66 -29.91 -46.16 -11.18
N LYS M 67 -30.98 -45.69 -10.55
CA LYS M 67 -32.31 -45.76 -11.14
C LYS M 67 -32.76 -44.47 -11.81
N ALA M 68 -32.40 -43.32 -11.26
CA ALA M 68 -32.89 -42.04 -11.75
C ALA M 68 -31.81 -41.19 -12.39
N THR M 69 -32.24 -40.37 -13.35
CA THR M 69 -31.38 -39.44 -14.06
C THR M 69 -32.12 -38.11 -14.23
N LEU M 70 -31.44 -37.00 -13.94
CA LEU M 70 -32.06 -35.69 -14.07
C LEU M 70 -31.31 -34.81 -15.05
N ASN M 71 -32.09 -33.97 -15.73
CA ASN M 71 -31.60 -32.98 -16.67
C ASN M 71 -32.76 -32.05 -17.01
N VAL M 72 -32.43 -30.89 -17.57
CA VAL M 72 -33.41 -29.86 -17.89
C VAL M 72 -33.12 -29.32 -19.28
N ASP M 73 -34.05 -28.48 -19.75
CA ASP M 73 -33.96 -27.77 -21.03
C ASP M 73 -34.30 -26.32 -20.72
N LYS M 74 -33.27 -25.51 -20.44
CA LYS M 74 -33.50 -24.12 -20.08
C LYS M 74 -34.30 -23.39 -21.15
N SER M 75 -34.09 -23.74 -22.42
CA SER M 75 -34.82 -23.11 -23.51
C SER M 75 -36.32 -23.36 -23.43
N SER M 76 -36.74 -24.60 -23.16
CA SER M 76 -38.16 -24.93 -23.11
C SER M 76 -38.76 -24.84 -21.72
N ASN M 77 -37.96 -24.49 -20.71
CA ASN M 77 -38.40 -24.36 -19.32
C ASN M 77 -39.02 -25.65 -18.77
N THR M 78 -38.53 -26.81 -19.23
CA THR M 78 -39.04 -28.08 -18.76
C THR M 78 -37.92 -28.89 -18.11
N ALA M 79 -38.27 -29.67 -17.10
CA ALA M 79 -37.35 -30.57 -16.43
C ALA M 79 -37.74 -32.01 -16.78
N TYR M 80 -36.76 -32.91 -16.76
CA TYR M 80 -36.99 -34.30 -17.12
C TYR M 80 -36.40 -35.21 -16.05
N MET M 81 -36.96 -36.42 -15.98
CA MET M 81 -36.45 -37.47 -15.12
C MET M 81 -36.53 -38.79 -15.87
N GLN M 82 -35.44 -39.56 -15.85
CA GLN M 82 -35.37 -40.83 -16.54
C GLN M 82 -35.16 -41.96 -15.54
N LEU M 83 -35.98 -42.99 -15.64
CA LEU M 83 -35.92 -44.18 -14.79
C LEU M 83 -35.51 -45.38 -15.63
N SER M 84 -34.45 -46.07 -15.24
CA SER M 84 -33.92 -47.19 -16.00
C SER M 84 -34.10 -48.51 -15.25
N SER M 85 -34.00 -49.60 -16.01
CA SER M 85 -34.14 -50.96 -15.47
C SER M 85 -35.43 -51.14 -14.67
N LEU M 86 -36.49 -50.48 -15.14
CA LEU M 86 -37.80 -50.48 -14.49
C LEU M 86 -38.24 -51.88 -14.04
N THR M 87 -38.74 -51.95 -12.80
CA THR M 87 -39.30 -53.16 -12.22
C THR M 87 -40.72 -52.88 -11.75
N SER M 88 -41.33 -53.84 -11.06
CA SER M 88 -42.70 -53.62 -10.60
C SER M 88 -42.72 -52.59 -9.47
N GLU M 89 -41.63 -52.50 -8.70
CA GLU M 89 -41.54 -51.56 -7.60
C GLU M 89 -41.33 -50.12 -8.06
N ASP M 90 -40.86 -49.90 -9.30
CA ASP M 90 -40.69 -48.55 -9.83
C ASP M 90 -42.01 -47.95 -10.25
N SER M 91 -43.11 -48.66 -10.01
CA SER M 91 -44.45 -48.19 -10.31
C SER M 91 -44.95 -47.32 -9.17
N ALA M 92 -45.33 -46.09 -9.49
CA ALA M 92 -45.75 -45.11 -8.50
C ALA M 92 -46.20 -43.82 -9.14
N VAL M 93 -46.46 -42.80 -8.32
CA VAL M 93 -46.78 -41.46 -8.78
C VAL M 93 -45.52 -40.61 -8.60
N TYR M 94 -45.15 -39.88 -9.63
CA TYR M 94 -43.94 -39.07 -9.59
C TYR M 94 -44.27 -37.59 -9.74
N TYR M 95 -43.78 -36.79 -8.80
CA TYR M 95 -44.02 -35.36 -8.79
C TYR M 95 -42.74 -34.61 -9.07
N CYS M 96 -42.91 -33.36 -9.49
CA CYS M 96 -41.82 -32.41 -9.61
C CYS M 96 -42.24 -31.19 -8.81
N ALA M 97 -41.36 -30.71 -7.94
CA ALA M 97 -41.69 -29.60 -7.07
C ALA M 97 -40.63 -28.53 -7.16
N ARG M 98 -41.05 -27.29 -6.87
CA ARG M 98 -40.16 -26.14 -6.85
C ARG M 98 -39.74 -25.91 -5.42
N GLU M 99 -38.47 -25.55 -5.22
CA GLU M 99 -37.97 -25.32 -3.86
C GLU M 99 -37.65 -23.84 -3.65
N VAL M 100 -38.07 -23.33 -2.49
CA VAL M 100 -37.81 -21.98 -2.02
C VAL M 100 -37.72 -22.08 -0.50
N TYR M 101 -36.84 -22.94 0.01
CA TYR M 101 -36.72 -23.30 1.43
C TYR M 101 -37.86 -24.25 1.76
N TYR M 102 -38.65 -24.65 0.76
CA TYR M 102 -39.84 -25.50 0.90
C TYR M 102 -40.33 -25.84 -0.50
N PHE M 103 -41.22 -26.84 -0.59
CA PHE M 103 -41.83 -27.21 -1.88
C PHE M 103 -43.20 -26.54 -1.98
N ASP M 104 -43.24 -25.37 -2.60
CA ASP M 104 -44.47 -24.59 -2.68
C ASP M 104 -45.34 -24.89 -3.90
N TYR M 105 -44.83 -25.56 -4.92
CA TYR M 105 -45.61 -25.85 -6.12
C TYR M 105 -45.24 -27.22 -6.66
N TRP M 106 -46.22 -28.11 -6.74
CA TRP M 106 -46.03 -29.44 -7.27
C TRP M 106 -46.75 -29.59 -8.60
N GLY M 107 -46.41 -30.65 -9.33
CA GLY M 107 -47.11 -30.96 -10.55
C GLY M 107 -48.31 -31.82 -10.24
N GLN M 108 -49.12 -32.08 -11.27
CA GLN M 108 -50.29 -32.91 -11.02
C GLN M 108 -49.87 -34.34 -10.73
N GLY M 109 -48.76 -34.78 -11.31
CA GLY M 109 -48.27 -36.12 -11.09
C GLY M 109 -48.21 -36.93 -12.36
N THR M 110 -47.31 -37.90 -12.41
CA THR M 110 -47.19 -38.80 -13.54
C THR M 110 -47.24 -40.21 -12.97
N THR M 111 -48.27 -40.96 -13.34
CA THR M 111 -48.48 -42.31 -12.83
C THR M 111 -47.77 -43.28 -13.75
N LEU M 112 -46.81 -44.03 -13.20
CA LEU M 112 -46.04 -45.00 -13.95
C LEU M 112 -46.47 -46.39 -13.52
N THR M 113 -46.77 -47.23 -14.51
CA THR M 113 -47.18 -48.61 -14.29
C THR M 113 -46.26 -49.53 -15.09
N VAL M 114 -45.73 -50.55 -14.43
CA VAL M 114 -44.81 -51.49 -15.08
C VAL M 114 -45.43 -52.87 -14.96
N SER M 115 -45.76 -53.45 -16.10
CA SER M 115 -46.37 -54.77 -16.21
C SER M 115 -46.23 -55.25 -17.65
N SER M 116 -46.28 -56.58 -17.82
CA SER M 116 -46.17 -57.19 -19.13
C SER M 116 -47.54 -57.57 -19.70
N ALA M 117 -48.57 -56.81 -19.35
CA ALA M 117 -49.93 -57.06 -19.80
C ALA M 117 -50.27 -56.06 -20.91
N LYS M 118 -50.85 -56.57 -21.99
CA LYS M 118 -51.27 -55.76 -23.12
C LYS M 118 -52.65 -55.18 -22.89
N THR M 119 -52.99 -54.14 -23.67
CA THR M 119 -54.29 -53.50 -23.56
C THR M 119 -55.40 -54.54 -23.77
N THR M 120 -56.35 -54.58 -22.84
CA THR M 120 -57.45 -55.55 -22.91
C THR M 120 -58.74 -54.81 -22.60
N PRO M 121 -59.80 -55.02 -23.40
CA PRO M 121 -61.06 -54.35 -23.12
C PRO M 121 -61.79 -54.98 -21.93
N PRO M 122 -62.57 -54.19 -21.20
CA PRO M 122 -63.28 -54.70 -20.02
C PRO M 122 -64.54 -55.47 -20.37
N SER M 123 -64.77 -56.56 -19.63
CA SER M 123 -65.96 -57.39 -19.77
C SER M 123 -66.99 -56.95 -18.72
N VAL M 124 -68.06 -56.31 -19.18
CA VAL M 124 -69.09 -55.75 -18.29
C VAL M 124 -70.19 -56.78 -18.08
N TYR M 125 -70.31 -57.28 -16.84
CA TYR M 125 -71.32 -58.24 -16.45
C TYR M 125 -72.34 -57.60 -15.52
N PRO M 126 -73.64 -57.75 -15.80
CA PRO M 126 -74.66 -57.16 -14.93
C PRO M 126 -74.89 -57.95 -13.65
N LEU M 127 -75.28 -57.23 -12.59
CA LEU M 127 -75.57 -57.85 -11.29
C LEU M 127 -76.99 -57.48 -10.88
N ALA M 128 -77.89 -58.46 -10.90
CA ALA M 128 -79.30 -58.34 -10.56
C ALA M 128 -79.71 -59.37 -9.52
N PRO M 129 -80.64 -59.03 -8.62
CA PRO M 129 -81.11 -59.98 -7.60
C PRO M 129 -81.57 -61.32 -8.18
N ASN M 136 -85.89 -54.00 2.03
CA ASN M 136 -86.53 -54.32 0.76
C ASN M 136 -87.10 -53.06 0.12
N SER M 137 -87.05 -51.94 0.86
CA SER M 137 -87.56 -50.67 0.36
C SER M 137 -86.72 -50.14 -0.82
N MET M 138 -85.39 -50.19 -0.69
CA MET M 138 -84.47 -49.77 -1.74
C MET M 138 -83.62 -50.94 -2.19
N VAL M 139 -83.74 -51.32 -3.45
CA VAL M 139 -83.04 -52.48 -3.99
C VAL M 139 -81.67 -52.05 -4.51
N THR M 140 -80.66 -52.86 -4.23
CA THR M 140 -79.28 -52.59 -4.63
C THR M 140 -78.92 -53.40 -5.87
N LEU M 141 -78.36 -52.73 -6.87
CA LEU M 141 -77.91 -53.33 -8.13
C LEU M 141 -76.43 -53.03 -8.31
N GLY M 142 -75.87 -53.50 -9.43
CA GLY M 142 -74.45 -53.24 -9.68
C GLY M 142 -73.96 -53.82 -10.98
N CYS M 143 -72.75 -53.41 -11.34
CA CYS M 143 -72.03 -53.85 -12.52
C CYS M 143 -70.70 -54.45 -12.09
N LEU M 144 -70.21 -55.43 -12.85
CA LEU M 144 -68.93 -56.09 -12.57
C LEU M 144 -68.02 -55.99 -13.79
N VAL M 145 -66.98 -55.16 -13.68
CA VAL M 145 -66.01 -54.95 -14.74
C VAL M 145 -64.78 -55.79 -14.46
N LYS M 146 -64.60 -56.88 -15.21
CA LYS M 146 -63.49 -57.80 -15.00
C LYS M 146 -62.63 -57.94 -16.25
N GLY M 147 -61.39 -58.39 -16.03
CA GLY M 147 -60.42 -58.69 -17.07
C GLY M 147 -60.05 -57.59 -18.04
N TYR M 148 -59.76 -56.40 -17.55
CA TYR M 148 -59.31 -55.28 -18.37
C TYR M 148 -57.94 -54.80 -17.96
N PHE M 149 -57.34 -53.98 -18.82
CA PHE M 149 -56.01 -53.41 -18.63
C PHE M 149 -55.72 -52.47 -19.78
N PRO M 150 -55.12 -51.30 -19.49
CA PRO M 150 -54.74 -50.81 -18.17
C PRO M 150 -55.72 -49.80 -17.60
N GLU M 151 -55.40 -49.27 -16.42
CA GLU M 151 -56.20 -48.26 -15.75
C GLU M 151 -56.24 -46.97 -16.56
N PRO M 152 -57.29 -46.17 -16.40
CA PRO M 152 -58.48 -46.38 -15.57
C PRO M 152 -59.71 -46.67 -16.40
N VAL M 153 -60.87 -46.73 -15.73
CA VAL M 153 -62.15 -46.91 -16.40
C VAL M 153 -63.17 -45.99 -15.74
N THR M 154 -64.06 -45.43 -16.54
CA THR M 154 -65.09 -44.53 -16.05
C THR M 154 -66.40 -45.30 -16.04
N VAL M 155 -67.04 -45.38 -14.88
CA VAL M 155 -68.30 -46.08 -14.72
C VAL M 155 -69.34 -45.05 -14.31
N THR M 156 -70.41 -44.96 -15.08
CA THR M 156 -71.50 -44.04 -14.79
C THR M 156 -72.80 -44.81 -15.01
N TRP M 157 -73.84 -44.34 -14.34
CA TRP M 157 -75.16 -44.94 -14.43
C TRP M 157 -76.11 -44.01 -15.16
N ASN M 158 -76.65 -44.50 -16.29
CA ASN M 158 -77.56 -43.74 -17.14
C ASN M 158 -76.86 -42.50 -17.72
N SER M 159 -75.63 -42.71 -18.19
CA SER M 159 -74.81 -41.66 -18.81
C SER M 159 -74.59 -40.48 -17.85
N GLY M 160 -74.45 -40.76 -16.55
CA GLY M 160 -74.15 -39.75 -15.57
C GLY M 160 -75.35 -39.18 -14.83
N SER M 161 -76.55 -39.27 -15.42
CA SER M 161 -77.75 -38.72 -14.77
C SER M 161 -77.99 -39.33 -13.39
N LEU M 162 -77.80 -40.64 -13.23
CA LEU M 162 -77.95 -41.28 -11.93
C LEU M 162 -76.60 -41.32 -11.23
N SER M 163 -76.37 -40.34 -10.36
CA SER M 163 -75.10 -40.17 -9.65
C SER M 163 -75.22 -40.54 -8.18
N SER M 164 -76.15 -39.92 -7.45
CA SER M 164 -76.30 -40.18 -6.03
C SER M 164 -76.56 -41.65 -5.75
N GLY M 165 -76.04 -42.13 -4.62
CA GLY M 165 -76.25 -43.50 -4.19
C GLY M 165 -75.44 -44.54 -4.94
N VAL M 166 -74.25 -44.19 -5.42
CA VAL M 166 -73.40 -45.12 -6.17
C VAL M 166 -72.06 -45.29 -5.47
N HIS M 167 -71.54 -46.52 -5.51
CA HIS M 167 -70.24 -46.86 -4.91
C HIS M 167 -69.43 -47.65 -5.94
N THR M 168 -68.46 -47.00 -6.59
CA THR M 168 -67.55 -47.67 -7.51
C THR M 168 -66.29 -48.03 -6.75
N PHE M 169 -66.06 -49.34 -6.54
CA PHE M 169 -64.95 -49.75 -5.71
C PHE M 169 -63.63 -49.78 -6.49
N PRO M 170 -62.52 -49.48 -5.79
CA PRO M 170 -61.19 -49.47 -6.42
C PRO M 170 -60.83 -50.81 -7.03
N ALA M 171 -60.33 -50.76 -8.27
CA ALA M 171 -59.92 -51.96 -8.99
C ALA M 171 -58.84 -52.71 -8.22
N VAL M 172 -58.81 -54.02 -8.44
CA VAL M 172 -57.80 -54.91 -7.87
C VAL M 172 -57.13 -55.64 -9.01
N LEU M 173 -55.99 -56.26 -8.70
CA LEU M 173 -55.21 -56.99 -9.69
C LEU M 173 -55.48 -58.47 -9.51
N GLN M 174 -55.96 -59.11 -10.57
CA GLN M 174 -56.26 -60.55 -10.58
C GLN M 174 -55.62 -61.15 -11.83
N SER M 175 -54.49 -61.83 -11.64
CA SER M 175 -53.73 -62.47 -12.71
C SER M 175 -53.39 -61.48 -13.83
N ASP M 176 -52.63 -60.44 -13.47
CA ASP M 176 -52.16 -59.42 -14.42
C ASP M 176 -53.31 -58.74 -15.17
N LEU M 177 -54.50 -58.68 -14.57
CA LEU M 177 -55.63 -58.01 -15.18
C LEU M 177 -56.47 -57.38 -14.07
N TYR M 178 -56.97 -56.18 -14.32
CA TYR M 178 -57.72 -55.46 -13.31
C TYR M 178 -59.19 -55.91 -13.29
N THR M 179 -59.80 -55.79 -12.11
CA THR M 179 -61.20 -56.14 -11.89
C THR M 179 -61.77 -55.20 -10.82
N LEU M 180 -62.93 -54.61 -11.10
CA LEU M 180 -63.58 -53.71 -10.15
C LEU M 180 -65.10 -53.93 -10.14
N SER M 181 -65.73 -53.46 -9.07
CA SER M 181 -67.17 -53.54 -8.88
C SER M 181 -67.76 -52.14 -8.73
N SER M 182 -69.07 -52.05 -9.01
CA SER M 182 -69.79 -50.77 -8.87
C SER M 182 -71.21 -51.05 -8.43
N SER M 183 -71.62 -50.53 -7.27
CA SER M 183 -72.96 -50.75 -6.75
C SER M 183 -73.78 -49.46 -6.83
N VAL M 184 -75.11 -49.63 -6.89
CA VAL M 184 -76.06 -48.51 -6.92
C VAL M 184 -77.34 -48.94 -6.22
N THR M 185 -77.91 -48.05 -5.40
CA THR M 185 -79.14 -48.35 -4.67
C THR M 185 -80.25 -47.39 -5.08
N VAL M 186 -81.36 -47.94 -5.57
CA VAL M 186 -82.50 -47.12 -5.96
C VAL M 186 -83.77 -47.66 -5.32
N PRO M 187 -84.79 -46.82 -5.10
CA PRO M 187 -86.06 -47.29 -4.54
C PRO M 187 -86.71 -48.40 -5.35
N SER M 188 -87.21 -49.42 -4.64
CA SER M 188 -87.86 -50.56 -5.30
C SER M 188 -88.97 -50.09 -6.23
N SER M 189 -89.55 -48.91 -5.99
CA SER M 189 -90.60 -48.45 -6.87
C SER M 189 -90.04 -48.05 -8.23
N SER M 190 -88.81 -47.53 -8.28
CA SER M 190 -88.23 -47.11 -9.54
C SER M 190 -87.58 -48.25 -10.30
N TRP M 191 -87.58 -49.46 -9.77
CA TRP M 191 -86.96 -50.56 -10.51
C TRP M 191 -87.79 -51.83 -10.28
N PRO M 192 -88.02 -52.62 -11.34
CA PRO M 192 -87.58 -52.48 -12.74
C PRO M 192 -88.38 -51.46 -13.54
N SER M 193 -89.20 -50.67 -12.85
CA SER M 193 -90.00 -49.63 -13.49
C SER M 193 -89.18 -48.76 -14.42
N GLU M 194 -88.13 -48.12 -13.89
CA GLU M 194 -87.24 -47.29 -14.69
C GLU M 194 -86.03 -48.09 -15.15
N THR M 195 -85.78 -48.07 -16.46
CA THR M 195 -84.64 -48.82 -17.00
C THR M 195 -83.38 -48.24 -16.41
N VAL M 196 -82.51 -49.12 -15.92
CA VAL M 196 -81.23 -48.73 -15.32
C VAL M 196 -80.12 -49.47 -16.05
N THR M 197 -79.13 -48.73 -16.52
CA THR M 197 -78.02 -49.31 -17.26
C THR M 197 -76.71 -48.59 -16.92
N CYS M 198 -75.68 -49.36 -16.59
CA CYS M 198 -74.37 -48.80 -16.29
C CYS M 198 -73.59 -48.64 -17.59
N ASN M 199 -72.74 -47.61 -17.62
CA ASN M 199 -71.91 -47.31 -18.78
C ASN M 199 -70.44 -47.35 -18.38
N VAL M 200 -69.67 -48.24 -18.99
CA VAL M 200 -68.26 -48.44 -18.70
C VAL M 200 -67.43 -47.88 -19.85
N ALA M 201 -66.55 -46.93 -19.55
CA ALA M 201 -65.68 -46.29 -20.53
C ALA M 201 -64.24 -46.72 -20.27
N HIS M 202 -63.58 -47.27 -21.30
CA HIS M 202 -62.19 -47.72 -21.21
C HIS M 202 -61.36 -47.00 -22.26
N PRO M 203 -60.90 -45.78 -21.97
CA PRO M 203 -60.12 -45.01 -22.96
C PRO M 203 -58.90 -45.74 -23.49
N ALA M 204 -58.25 -46.57 -22.67
CA ALA M 204 -57.05 -47.29 -23.10
C ALA M 204 -57.31 -48.15 -24.33
N SER M 205 -58.54 -48.67 -24.48
CA SER M 205 -58.90 -49.48 -25.63
C SER M 205 -60.03 -48.84 -26.43
N SER M 206 -60.41 -47.61 -26.07
CA SER M 206 -61.51 -46.88 -26.72
C SER M 206 -62.81 -47.69 -26.67
N THR M 207 -63.03 -48.39 -25.57
CA THR M 207 -64.19 -49.24 -25.38
C THR M 207 -65.26 -48.49 -24.60
N LYS M 208 -66.50 -48.52 -25.09
CA LYS M 208 -67.63 -47.90 -24.41
C LYS M 208 -68.79 -48.90 -24.40
N VAL M 209 -68.96 -49.62 -23.29
CA VAL M 209 -70.00 -50.63 -23.18
C VAL M 209 -71.10 -50.15 -22.25
N ASP M 210 -72.35 -50.47 -22.60
CA ASP M 210 -73.50 -50.17 -21.78
C ASP M 210 -74.26 -51.47 -21.59
N LYS M 211 -74.44 -51.88 -20.35
CA LYS M 211 -75.11 -53.13 -20.00
C LYS M 211 -76.29 -52.83 -19.10
N LYS M 212 -77.49 -52.94 -19.64
CA LYS M 212 -78.69 -52.70 -18.85
C LYS M 212 -78.92 -53.89 -17.93
N ILE M 213 -79.08 -53.62 -16.64
CA ILE M 213 -79.25 -54.68 -15.65
C ILE M 213 -80.72 -55.08 -15.65
N VAL M 214 -81.01 -56.18 -16.34
CA VAL M 214 -82.37 -56.72 -16.41
C VAL M 214 -82.61 -57.64 -15.23
N PRO M 215 -83.77 -57.56 -14.58
CA PRO M 215 -84.06 -58.45 -13.44
C PRO M 215 -83.89 -59.91 -13.80
N ARG M 216 -83.54 -60.71 -12.78
CA ARG M 216 -83.31 -62.13 -13.00
C ARG M 216 -84.55 -62.80 -13.58
N ASP M 217 -84.32 -63.77 -14.47
CA ASP M 217 -85.42 -64.47 -15.12
C ASP M 217 -85.77 -65.75 -14.35
N ASP N 1 13.20 -22.20 42.56
CA ASP N 1 11.96 -22.19 43.32
C ASP N 1 11.91 -20.95 44.21
N ILE N 2 10.69 -20.52 44.55
CA ILE N 2 10.47 -19.38 45.44
C ILE N 2 10.11 -19.93 46.81
N GLN N 3 10.84 -19.49 47.84
CA GLN N 3 10.66 -20.02 49.18
C GLN N 3 9.70 -19.16 49.97
N MET N 4 8.69 -19.78 50.56
CA MET N 4 7.69 -19.11 51.38
C MET N 4 7.99 -19.39 52.85
N THR N 5 8.36 -18.35 53.59
CA THR N 5 8.66 -18.49 55.02
C THR N 5 7.53 -17.84 55.82
N GLN N 6 6.76 -18.67 56.53
CA GLN N 6 5.61 -18.21 57.30
C GLN N 6 5.95 -18.17 58.78
N SER N 7 5.40 -17.18 59.48
CA SER N 7 5.62 -17.00 60.91
C SER N 7 4.44 -16.22 61.50
N PRO N 8 4.07 -16.53 62.75
CA PRO N 8 4.64 -17.54 63.65
C PRO N 8 4.19 -18.96 63.34
N ALA N 9 4.95 -19.97 63.80
CA ALA N 9 4.55 -21.35 63.57
C ALA N 9 3.20 -21.63 64.22
N SER N 10 2.91 -20.95 65.33
CA SER N 10 1.62 -21.06 66.01
C SER N 10 1.43 -19.83 66.87
N LEU N 11 0.22 -19.28 66.86
CA LEU N 11 -0.12 -18.10 67.64
C LEU N 11 -1.28 -18.48 68.53
N SER N 12 -1.23 -18.02 69.79
CA SER N 12 -2.27 -18.32 70.76
C SER N 12 -2.95 -17.02 71.19
N ALA N 13 -4.26 -16.96 71.01
CA ALA N 13 -5.03 -15.77 71.37
C ALA N 13 -6.45 -16.18 71.72
N SER N 14 -7.16 -15.27 72.38
CA SER N 14 -8.53 -15.45 72.83
C SER N 14 -9.48 -14.59 72.00
N VAL N 15 -10.75 -14.99 71.99
CA VAL N 15 -11.79 -14.24 71.28
C VAL N 15 -11.71 -12.75 71.60
N GLY N 16 -11.92 -11.93 70.57
CA GLY N 16 -11.87 -10.47 70.64
C GLY N 16 -10.53 -9.88 70.22
N GLU N 17 -9.45 -10.63 70.39
CA GLU N 17 -8.10 -10.19 70.05
C GLU N 17 -7.93 -10.02 68.53
N THR N 18 -6.79 -9.44 68.17
CA THR N 18 -6.41 -9.22 66.77
C THR N 18 -4.99 -9.73 66.54
N VAL N 19 -4.85 -10.73 65.67
CA VAL N 19 -3.55 -11.33 65.37
C VAL N 19 -3.12 -10.96 63.95
N THR N 20 -1.83 -11.20 63.66
CA THR N 20 -1.24 -10.89 62.35
C THR N 20 -0.21 -11.95 61.98
N ILE N 21 -0.52 -12.77 60.95
CA ILE N 21 0.37 -13.78 60.40
C ILE N 21 1.20 -13.14 59.29
N THR N 22 2.41 -13.65 59.06
CA THR N 22 3.31 -13.04 58.09
C THR N 22 3.95 -14.09 57.20
N CYS N 23 3.85 -13.88 55.88
CA CYS N 23 4.53 -14.71 54.90
C CYS N 23 5.55 -13.82 54.21
N ARG N 24 6.76 -14.32 54.05
CA ARG N 24 7.79 -13.50 53.42
C ARG N 24 8.40 -14.29 52.26
N ALA N 25 8.49 -13.65 51.09
CA ALA N 25 8.93 -14.29 49.86
C ALA N 25 10.43 -14.28 49.65
N SER N 26 10.95 -15.39 49.11
CA SER N 26 12.37 -15.49 48.76
C SER N 26 12.77 -14.48 47.70
N GLU N 27 11.83 -14.11 46.83
CA GLU N 27 12.07 -13.12 45.79
C GLU N 27 10.75 -12.44 45.46
N ASN N 28 10.86 -11.28 44.82
CA ASN N 28 9.71 -10.46 44.45
C ASN N 28 8.61 -11.26 43.76
N ILE N 29 7.41 -11.24 44.36
CA ILE N 29 6.24 -11.90 43.81
C ILE N 29 5.08 -10.91 43.61
N TYR N 30 5.39 -9.61 43.51
CA TYR N 30 4.44 -8.51 43.29
C TYR N 30 3.27 -8.64 44.27
N SER N 31 2.02 -8.67 43.80
CA SER N 31 0.83 -8.83 44.62
C SER N 31 0.24 -10.22 44.48
N TYR N 32 1.03 -11.18 44.03
CA TYR N 32 0.56 -12.54 43.77
C TYR N 32 0.73 -13.43 45.00
N LEU N 33 -0.16 -13.26 45.97
CA LEU N 33 -0.13 -14.08 47.17
C LEU N 33 -1.57 -14.36 47.61
N THR N 34 -1.81 -15.58 48.07
CA THR N 34 -3.14 -15.99 48.54
C THR N 34 -3.04 -16.53 49.96
N TRP N 35 -4.11 -16.34 50.73
CA TRP N 35 -4.20 -16.79 52.10
C TRP N 35 -5.32 -17.83 52.24
N TYR N 36 -4.99 -18.98 52.81
CA TYR N 36 -5.95 -20.07 52.99
C TYR N 36 -6.19 -20.35 54.48
N GLN N 37 -7.42 -20.77 54.79
CA GLN N 37 -7.78 -21.23 56.12
C GLN N 37 -8.13 -22.71 56.04
N GLN N 38 -7.48 -23.53 56.86
CA GLN N 38 -7.73 -24.97 56.88
C GLN N 38 -7.95 -25.46 58.30
N LYS N 39 -9.14 -25.98 58.57
CA LYS N 39 -9.46 -26.53 59.88
C LYS N 39 -9.18 -28.03 59.84
N GLN N 40 -8.42 -28.51 60.82
CA GLN N 40 -8.00 -29.92 60.94
C GLN N 40 -9.00 -30.91 60.35
N GLY N 41 -8.53 -31.71 59.38
CA GLY N 41 -9.35 -32.70 58.74
C GLY N 41 -10.10 -32.23 57.51
N LYS N 42 -10.43 -30.95 57.43
CA LYS N 42 -11.18 -30.44 56.29
C LYS N 42 -10.21 -29.90 55.24
N SER N 43 -10.72 -29.69 54.04
CA SER N 43 -9.89 -29.15 52.97
C SER N 43 -9.79 -27.63 53.07
N PRO N 44 -8.62 -27.06 52.74
CA PRO N 44 -8.44 -25.59 52.87
C PRO N 44 -9.48 -24.76 52.14
N GLN N 45 -9.61 -23.51 52.55
CA GLN N 45 -10.57 -22.60 51.94
C GLN N 45 -9.90 -21.27 51.65
N LEU N 46 -10.25 -20.69 50.52
CA LEU N 46 -9.65 -19.43 50.09
C LEU N 46 -10.17 -18.28 50.94
N LEU N 47 -9.24 -17.48 51.48
CA LEU N 47 -9.56 -16.29 52.26
C LEU N 47 -9.30 -15.01 51.47
N VAL N 48 -8.04 -14.78 51.11
CA VAL N 48 -7.62 -13.57 50.42
C VAL N 48 -6.82 -14.02 49.20
N TYR N 49 -7.02 -13.36 48.07
CA TYR N 49 -6.24 -13.63 46.86
C TYR N 49 -5.75 -12.32 46.31
N ASN N 50 -4.68 -12.39 45.52
CA ASN N 50 -4.11 -11.19 44.92
C ASN N 50 -3.63 -10.21 45.98
N ALA N 51 -3.28 -10.76 47.16
CA ALA N 51 -2.70 -10.14 48.35
C ALA N 51 -3.66 -9.33 49.22
N LYS N 52 -4.68 -8.73 48.63
CA LYS N 52 -5.60 -7.88 49.39
C LYS N 52 -7.05 -8.27 49.24
N THR N 53 -7.47 -8.65 48.03
CA THR N 53 -8.87 -8.94 47.76
C THR N 53 -9.39 -10.14 48.54
N LEU N 54 -10.49 -9.92 49.25
CA LEU N 54 -11.18 -10.98 49.99
C LEU N 54 -12.09 -11.73 49.02
N THR N 55 -12.25 -13.03 49.26
CA THR N 55 -13.13 -13.83 48.41
C THR N 55 -14.58 -13.63 48.85
N GLU N 56 -15.50 -14.40 48.25
CA GLU N 56 -16.92 -14.31 48.50
C GLU N 56 -17.31 -14.30 49.97
N GLY N 57 -17.31 -15.48 50.60
CA GLY N 57 -17.81 -15.68 51.95
C GLY N 57 -17.06 -14.98 53.07
N VAL N 58 -15.79 -14.65 52.87
CA VAL N 58 -14.96 -14.05 53.93
C VAL N 58 -15.54 -12.79 54.56
N PRO N 59 -15.64 -12.79 55.89
CA PRO N 59 -16.14 -11.62 56.63
C PRO N 59 -15.14 -10.48 56.70
N SER N 60 -15.68 -9.26 56.77
CA SER N 60 -14.89 -8.03 56.78
C SER N 60 -13.76 -8.04 57.81
N ARG N 61 -13.83 -8.89 58.84
CA ARG N 61 -12.79 -8.93 59.87
C ARG N 61 -11.46 -9.44 59.35
N PHE N 62 -11.42 -10.03 58.16
CA PHE N 62 -10.20 -10.51 57.53
C PHE N 62 -9.67 -9.46 56.57
N SER N 63 -8.37 -9.23 56.59
CA SER N 63 -7.76 -8.29 55.68
C SER N 63 -6.32 -8.69 55.40
N GLY N 64 -5.89 -8.51 54.16
CA GLY N 64 -4.53 -8.83 53.77
C GLY N 64 -3.79 -7.58 53.33
N SER N 65 -2.47 -7.63 53.36
CA SER N 65 -1.67 -6.48 52.94
C SER N 65 -0.28 -6.97 52.57
N GLY N 66 0.51 -6.05 52.05
CA GLY N 66 1.87 -6.34 51.66
C GLY N 66 2.01 -6.40 50.14
N SER N 67 3.27 -6.53 49.71
CA SER N 67 3.63 -6.59 48.30
C SER N 67 5.14 -6.79 48.16
N GLY N 68 5.57 -7.51 47.12
CA GLY N 68 6.98 -7.76 46.93
C GLY N 68 7.40 -9.03 47.64
N THR N 69 8.05 -8.87 48.78
CA THR N 69 8.51 -10.00 49.56
C THR N 69 7.95 -10.02 50.98
N GLN N 70 7.14 -9.03 51.35
CA GLN N 70 6.59 -8.94 52.70
C GLN N 70 5.08 -8.85 52.64
N PHE N 71 4.40 -9.86 53.15
CA PHE N 71 2.95 -9.91 53.17
C PHE N 71 2.50 -10.25 54.58
N SER N 72 1.23 -10.01 54.86
CA SER N 72 0.71 -10.28 56.19
C SER N 72 -0.81 -10.40 56.15
N LEU N 73 -1.33 -11.36 56.90
CA LEU N 73 -2.75 -11.54 57.10
C LEU N 73 -3.07 -10.98 58.48
N LYS N 74 -4.18 -10.26 58.60
CA LYS N 74 -4.55 -9.65 59.87
C LYS N 74 -6.01 -9.98 60.17
N ILE N 75 -6.24 -10.68 61.27
CA ILE N 75 -7.57 -11.06 61.70
C ILE N 75 -7.89 -10.24 62.94
N ASN N 76 -8.67 -9.18 62.77
CA ASN N 76 -9.09 -8.34 63.88
C ASN N 76 -10.42 -8.82 64.40
N SER N 77 -10.63 -8.67 65.72
CA SER N 77 -11.87 -9.10 66.39
C SER N 77 -12.13 -10.59 66.16
N LEU N 78 -11.23 -11.42 66.72
CA LEU N 78 -11.34 -12.87 66.56
C LEU N 78 -12.72 -13.41 66.94
N GLN N 79 -13.00 -14.62 66.48
CA GLN N 79 -14.26 -15.31 66.71
C GLN N 79 -13.96 -16.76 67.06
N PRO N 80 -14.94 -17.58 67.40
CA PRO N 80 -14.63 -18.99 67.67
C PRO N 80 -14.24 -19.73 66.40
N GLU N 81 -14.85 -19.37 65.26
CA GLU N 81 -14.55 -20.04 64.00
C GLU N 81 -13.13 -19.80 63.54
N ASP N 82 -12.60 -18.61 63.79
CA ASP N 82 -11.28 -18.21 63.30
C ASP N 82 -10.12 -18.98 63.89
N PHE N 83 -10.39 -20.03 64.65
CA PHE N 83 -9.33 -20.80 65.27
C PHE N 83 -9.05 -22.03 64.41
N GLY N 84 -7.79 -22.20 64.02
CA GLY N 84 -7.42 -23.34 63.19
C GLY N 84 -6.13 -23.06 62.42
N GLY N 85 -6.05 -23.65 61.23
CA GLY N 85 -4.86 -23.53 60.40
C GLY N 85 -4.92 -22.40 59.40
N TYR N 86 -3.76 -21.79 59.14
CA TYR N 86 -3.65 -20.69 58.20
C TYR N 86 -2.33 -20.80 57.45
N PHE N 87 -2.39 -20.81 56.12
CA PHE N 87 -1.17 -20.86 55.32
C PHE N 87 -1.33 -19.98 54.10
N CYS N 88 -0.20 -19.63 53.51
CA CYS N 88 -0.14 -18.78 52.32
C CYS N 88 0.45 -19.54 51.14
N GLN N 89 0.27 -18.95 49.96
CA GLN N 89 0.81 -19.51 48.72
C GLN N 89 1.07 -18.39 47.73
N HIS N 90 2.20 -18.44 47.05
CA HIS N 90 2.48 -17.45 46.03
C HIS N 90 1.88 -17.96 44.72
N HIS N 91 1.55 -17.04 43.84
CA HIS N 91 0.96 -17.40 42.55
C HIS N 91 1.78 -16.84 41.39
N TYR N 92 3.06 -16.60 41.61
CA TYR N 92 3.94 -16.08 40.57
C TYR N 92 4.82 -17.21 40.02
N GLY N 93 4.29 -17.93 39.05
CA GLY N 93 5.06 -18.96 38.39
C GLY N 93 4.76 -20.36 38.87
N THR N 94 5.59 -21.28 38.39
CA THR N 94 5.51 -22.69 38.72
C THR N 94 6.90 -23.15 39.15
N PRO N 95 6.98 -23.93 40.24
CA PRO N 95 5.87 -24.38 41.07
C PRO N 95 5.43 -23.34 42.11
N PRO N 96 4.06 -23.21 42.33
CA PRO N 96 3.51 -22.29 43.35
C PRO N 96 3.62 -22.83 44.77
N THR N 97 4.82 -22.65 45.36
CA THR N 97 5.09 -23.17 46.69
C THR N 97 4.19 -22.55 47.76
N PHE N 98 3.94 -23.33 48.81
CA PHE N 98 3.09 -22.93 49.94
C PHE N 98 3.95 -22.54 51.14
N GLY N 99 3.31 -21.85 52.10
CA GLY N 99 3.96 -21.45 53.33
C GLY N 99 3.94 -22.57 54.38
N GLY N 100 4.78 -22.41 55.40
CA GLY N 100 4.87 -23.42 56.45
C GLY N 100 3.58 -23.64 57.23
N GLY N 101 2.75 -22.61 57.36
CA GLY N 101 1.50 -22.70 58.08
C GLY N 101 1.57 -22.03 59.44
N THR N 102 0.38 -21.82 60.02
CA THR N 102 0.25 -21.20 61.35
C THR N 102 -0.96 -21.76 62.08
N LYS N 103 -0.74 -22.32 63.27
CA LYS N 103 -1.82 -22.87 64.09
C LYS N 103 -2.31 -21.80 65.06
N LEU N 104 -3.53 -21.31 64.86
CA LEU N 104 -4.13 -20.28 65.71
C LEU N 104 -4.95 -20.98 66.79
N GLU N 105 -4.41 -21.03 68.00
CA GLU N 105 -4.96 -21.72 69.15
C GLU N 105 -5.54 -20.71 70.14
N VAL N 106 -6.47 -21.18 71.00
CA VAL N 106 -7.08 -20.29 71.98
C VAL N 106 -6.14 -20.07 73.15
N LYS N 107 -6.15 -18.85 73.70
CA LYS N 107 -5.34 -18.48 74.85
C LYS N 107 -6.23 -18.28 76.07
N ARG N 108 -5.81 -18.81 77.23
CA ARG N 108 -6.63 -18.65 78.43
C ARG N 108 -5.91 -18.33 79.73
N ALA N 109 -5.43 -19.36 80.43
CA ALA N 109 -4.70 -19.28 81.69
C ALA N 109 -3.94 -20.57 81.94
N ASP N 110 -2.74 -20.45 82.52
CA ASP N 110 -1.86 -21.60 82.78
C ASP N 110 -2.53 -22.72 83.57
N ALA N 111 -2.06 -23.95 83.39
CA ALA N 111 -2.62 -25.11 84.08
C ALA N 111 -1.54 -26.15 84.31
N ALA N 112 -1.66 -26.93 85.51
CA ALA N 112 -0.64 -27.95 85.79
C ALA N 112 -1.02 -29.30 85.18
N PRO N 113 -0.05 -30.08 84.71
CA PRO N 113 -0.35 -31.40 84.12
C PRO N 113 -0.72 -32.44 85.18
N THR N 114 -1.86 -33.12 84.99
CA THR N 114 -2.30 -34.16 85.92
C THR N 114 -1.64 -35.49 85.56
N VAL N 115 -0.42 -35.68 86.06
CA VAL N 115 0.37 -36.88 85.75
C VAL N 115 -0.21 -38.11 86.42
N SER N 116 -0.34 -39.19 85.65
CA SER N 116 -0.83 -40.48 86.16
C SER N 116 -0.02 -41.58 85.51
N ILE N 117 0.88 -42.22 86.27
CA ILE N 117 1.71 -43.28 85.74
C ILE N 117 1.05 -44.63 86.01
N PHE N 118 1.15 -45.54 85.04
CA PHE N 118 0.54 -46.85 85.20
C PHE N 118 1.55 -47.95 84.96
N PRO N 119 1.53 -49.01 85.76
CA PRO N 119 2.46 -50.12 85.55
C PRO N 119 1.93 -51.08 84.49
N PRO N 120 2.82 -51.88 83.88
CA PRO N 120 2.38 -52.85 82.88
C PRO N 120 1.31 -53.79 83.41
N SER N 121 0.28 -54.00 82.59
CA SER N 121 -0.82 -54.89 82.95
C SER N 121 -0.37 -56.35 82.95
N SER N 122 -1.00 -57.14 83.81
CA SER N 122 -0.65 -58.56 83.93
C SER N 122 -0.95 -59.33 82.65
N GLU N 123 -1.98 -58.94 81.90
CA GLU N 123 -2.27 -59.61 80.64
C GLU N 123 -1.17 -59.38 79.63
N GLN N 124 -0.52 -58.22 79.71
CA GLN N 124 0.56 -57.88 78.79
C GLN N 124 1.87 -58.52 79.20
N LEU N 125 2.14 -58.58 80.51
CA LEU N 125 3.38 -59.19 80.98
C LEU N 125 3.42 -60.67 80.63
N THR N 126 2.27 -61.34 80.68
CA THR N 126 2.20 -62.75 80.30
C THR N 126 2.33 -62.93 78.79
N SER N 127 2.15 -61.86 78.03
CA SER N 127 2.27 -61.92 76.57
C SER N 127 3.73 -61.83 76.13
N GLY N 128 4.62 -61.40 77.02
CA GLY N 128 6.03 -61.30 76.75
C GLY N 128 6.56 -59.89 76.57
N GLY N 129 5.76 -58.86 76.84
CA GLY N 129 6.20 -57.50 76.71
C GLY N 129 5.70 -56.66 77.88
N ALA N 130 6.38 -55.55 78.12
CA ALA N 130 6.02 -54.65 79.21
C ALA N 130 6.05 -53.20 78.72
N SER N 131 4.96 -52.46 78.98
CA SER N 131 4.83 -51.07 78.57
C SER N 131 4.31 -50.23 79.72
N VAL N 132 5.10 -49.24 80.13
CA VAL N 132 4.74 -48.32 81.21
C VAL N 132 4.17 -47.04 80.61
N VAL N 133 2.90 -46.76 80.91
CA VAL N 133 2.19 -45.60 80.37
C VAL N 133 2.20 -44.49 81.40
N CYS N 134 2.22 -43.25 80.91
CA CYS N 134 2.23 -42.07 81.77
C CYS N 134 1.42 -40.98 81.08
N PHE N 135 0.30 -40.59 81.69
CA PHE N 135 -0.59 -39.58 81.14
C PHE N 135 -0.27 -38.21 81.74
N LEU N 136 -0.55 -37.15 80.95
CA LEU N 136 -0.39 -35.77 81.40
C LEU N 136 -1.57 -34.99 80.81
N ASN N 137 -2.71 -35.06 81.47
CA ASN N 137 -3.94 -34.49 80.92
C ASN N 137 -4.17 -33.06 81.35
N ASN N 138 -5.03 -32.40 80.58
CA ASN N 138 -5.50 -31.03 80.81
C ASN N 138 -4.52 -30.01 81.37
N PHE N 139 -3.58 -29.53 80.54
CA PHE N 139 -2.63 -28.48 80.88
C PHE N 139 -2.64 -27.38 79.82
N TYR N 140 -1.79 -26.39 80.02
CA TYR N 140 -1.65 -25.23 79.14
C TYR N 140 -0.43 -24.41 79.57
N PRO N 141 0.36 -23.93 78.60
CA PRO N 141 0.27 -24.03 77.15
C PRO N 141 0.55 -25.42 76.58
N LYS N 142 0.53 -25.52 75.25
CA LYS N 142 0.75 -26.80 74.58
C LYS N 142 2.15 -27.36 74.85
N ASP N 143 3.10 -26.47 75.13
CA ASP N 143 4.48 -26.86 75.39
C ASP N 143 4.58 -27.76 76.62
N ILE N 144 5.43 -28.78 76.53
CA ILE N 144 5.63 -29.72 77.64
C ILE N 144 6.78 -30.66 77.30
N ASN N 145 7.42 -31.20 78.34
CA ASN N 145 8.57 -32.11 78.20
C ASN N 145 8.45 -33.27 79.17
N VAL N 146 8.51 -34.50 78.65
CA VAL N 146 8.40 -35.72 79.46
C VAL N 146 9.71 -36.50 79.39
N LYS N 147 10.22 -36.94 80.56
CA LYS N 147 11.44 -37.72 80.67
C LYS N 147 11.20 -38.97 81.49
N TRP N 148 11.82 -40.08 81.10
CA TRP N 148 11.71 -41.35 81.80
C TRP N 148 13.04 -41.71 82.47
N LYS N 149 12.96 -42.29 83.68
CA LYS N 149 14.16 -42.69 84.42
C LYS N 149 13.94 -44.09 85.00
N ILE N 150 14.69 -45.07 84.50
CA ILE N 150 14.61 -46.44 85.00
C ILE N 150 15.71 -46.63 86.04
N ASP N 151 15.32 -46.63 87.32
CA ASP N 151 16.27 -46.73 88.45
C ASP N 151 17.20 -45.51 88.49
N GLY N 152 16.61 -44.33 88.31
CA GLY N 152 17.39 -43.10 88.35
C GLY N 152 18.02 -42.76 87.02
N SER N 153 18.52 -43.76 86.29
CA SER N 153 19.15 -43.50 85.01
C SER N 153 18.12 -43.05 83.98
N GLU N 154 18.52 -42.12 83.13
CA GLU N 154 17.61 -41.55 82.14
C GLU N 154 17.31 -42.58 81.05
N ARG N 155 16.07 -42.62 80.59
CA ARG N 155 15.65 -43.55 79.55
C ARG N 155 15.02 -42.81 78.39
N GLN N 156 15.60 -42.97 77.20
CA GLN N 156 15.14 -42.32 75.98
C GLN N 156 14.80 -43.28 74.85
N ASN N 157 15.43 -44.45 74.77
CA ASN N 157 15.18 -45.42 73.72
C ASN N 157 13.95 -46.26 74.06
N GLY N 158 12.96 -46.25 73.16
CA GLY N 158 11.76 -47.03 73.36
C GLY N 158 10.53 -46.23 73.72
N VAL N 159 10.66 -44.92 73.88
CA VAL N 159 9.56 -44.04 74.28
C VAL N 159 8.80 -43.53 73.06
N LEU N 160 7.47 -43.54 73.14
CA LEU N 160 6.59 -43.08 72.06
C LEU N 160 5.56 -42.14 72.67
N ASN N 161 5.49 -40.91 72.14
CA ASN N 161 4.59 -39.89 72.65
C ASN N 161 3.43 -39.62 71.70
N SER N 162 2.37 -39.02 72.25
CA SER N 162 1.20 -38.67 71.46
C SER N 162 0.40 -37.55 72.13
N TRP N 163 0.25 -36.42 71.44
CA TRP N 163 -0.48 -35.27 71.96
C TRP N 163 -1.87 -35.20 71.35
N THR N 164 -2.72 -34.36 71.93
CA THR N 164 -4.09 -34.17 71.46
C THR N 164 -4.29 -32.73 71.00
N ASP N 165 -5.43 -32.52 70.35
CA ASP N 165 -5.79 -31.18 69.90
C ASP N 165 -6.37 -30.40 71.07
N GLN N 166 -6.23 -29.09 71.02
CA GLN N 166 -6.78 -28.26 72.08
C GLN N 166 -8.25 -28.65 72.31
N ASP N 167 -8.57 -29.01 73.54
CA ASP N 167 -9.91 -29.45 73.88
C ASP N 167 -10.91 -28.33 73.61
N SER N 168 -12.01 -28.68 72.96
CA SER N 168 -13.01 -27.67 72.60
C SER N 168 -13.87 -27.24 73.77
N LYS N 169 -13.69 -27.84 74.95
CA LYS N 169 -14.47 -27.50 76.14
C LYS N 169 -13.65 -26.64 77.10
N ASP N 170 -12.52 -27.15 77.56
CA ASP N 170 -11.66 -26.46 78.51
C ASP N 170 -10.45 -25.80 77.87
N SER N 171 -10.26 -25.95 76.56
CA SER N 171 -9.14 -25.33 75.82
C SER N 171 -7.78 -25.73 76.39
N THR N 172 -7.68 -26.96 76.88
CA THR N 172 -6.42 -27.46 77.41
C THR N 172 -5.91 -28.59 76.52
N TYR N 173 -4.61 -28.87 76.65
CA TYR N 173 -3.95 -29.90 75.85
C TYR N 173 -3.73 -31.13 76.71
N SER N 174 -3.26 -32.20 76.07
CA SER N 174 -2.97 -33.43 76.77
C SER N 174 -1.99 -34.26 75.96
N MET N 175 -1.20 -35.08 76.65
CA MET N 175 -0.25 -35.95 75.96
C MET N 175 -0.07 -37.23 76.78
N SER N 176 0.44 -38.26 76.13
CA SER N 176 0.65 -39.56 76.76
C SER N 176 1.96 -40.18 76.28
N SER N 177 2.87 -40.42 77.22
CA SER N 177 4.16 -41.03 76.93
C SER N 177 4.10 -42.52 77.29
N THR N 178 4.68 -43.36 76.44
CA THR N 178 4.65 -44.81 76.65
C THR N 178 6.05 -45.40 76.48
N LEU N 179 6.62 -45.89 77.58
CA LEU N 179 7.91 -46.55 77.57
C LEU N 179 7.70 -48.06 77.42
N THR N 180 8.24 -48.63 76.33
CA THR N 180 8.08 -50.04 76.04
C THR N 180 9.40 -50.78 76.20
N LEU N 181 9.37 -51.89 76.93
CA LEU N 181 10.53 -52.73 77.15
C LEU N 181 10.13 -54.17 76.89
N THR N 182 11.12 -55.07 77.00
CA THR N 182 10.88 -56.50 76.93
C THR N 182 10.62 -57.02 78.33
N LYS N 183 9.75 -58.04 78.43
CA LYS N 183 9.46 -58.63 79.72
C LYS N 183 10.73 -58.96 80.50
N ASP N 184 11.82 -59.26 79.80
CA ASP N 184 13.09 -59.55 80.45
C ASP N 184 13.70 -58.32 81.10
N GLU N 185 13.84 -57.23 80.35
CA GLU N 185 14.47 -56.01 80.88
C GLU N 185 13.60 -55.31 81.91
N TYR N 186 12.28 -55.45 81.82
CA TYR N 186 11.38 -54.79 82.77
C TYR N 186 11.56 -55.32 84.19
N GLU N 187 11.77 -56.62 84.35
CA GLU N 187 11.91 -57.24 85.67
C GLU N 187 13.33 -57.14 86.19
N ARG N 188 14.22 -56.48 85.45
CA ARG N 188 15.61 -56.28 85.82
C ARG N 188 15.85 -54.99 86.58
N HIS N 189 14.82 -54.18 86.80
CA HIS N 189 14.97 -52.91 87.50
C HIS N 189 13.87 -52.77 88.55
N ASN N 190 14.00 -51.79 89.44
CA ASN N 190 13.04 -51.61 90.53
C ASN N 190 12.11 -50.43 90.26
N SER N 191 12.61 -49.19 90.43
CA SER N 191 11.76 -48.02 90.32
C SER N 191 11.74 -47.51 88.90
N TYR N 192 10.53 -47.16 88.45
CA TYR N 192 10.24 -46.58 87.14
C TYR N 192 9.49 -45.26 87.33
N THR N 193 10.21 -44.15 87.18
CA THR N 193 9.63 -42.83 87.37
C THR N 193 9.40 -42.10 86.05
N CYS N 194 8.39 -41.22 86.06
CA CYS N 194 7.98 -40.43 84.90
C CYS N 194 8.00 -38.96 85.29
N GLU N 195 9.09 -38.27 84.99
CA GLU N 195 9.28 -36.87 85.33
C GLU N 195 8.75 -35.98 84.21
N ALA N 196 8.02 -34.94 84.59
CA ALA N 196 7.42 -34.02 83.62
C ALA N 196 7.80 -32.58 83.92
N THR N 197 8.29 -31.87 82.90
CA THR N 197 8.67 -30.47 83.02
C THR N 197 7.66 -29.60 82.27
N HIS N 198 7.22 -28.52 82.92
CA HIS N 198 6.23 -27.60 82.36
C HIS N 198 6.56 -26.18 82.80
N LYS N 199 5.81 -25.23 82.26
CA LYS N 199 5.97 -23.83 82.61
C LYS N 199 5.13 -23.47 83.83
N THR N 200 4.32 -24.43 84.30
CA THR N 200 3.46 -24.21 85.45
C THR N 200 4.21 -24.24 86.76
N SER N 201 5.43 -24.77 86.77
CA SER N 201 6.26 -24.82 87.96
C SER N 201 7.71 -25.08 87.57
N THR N 202 8.61 -24.77 88.48
CA THR N 202 10.04 -24.95 88.28
C THR N 202 10.44 -26.40 88.53
N SER N 203 9.79 -27.06 89.51
CA SER N 203 10.15 -28.44 89.81
C SER N 203 9.32 -29.41 88.98
N PRO N 204 9.96 -30.37 88.33
CA PRO N 204 9.24 -31.35 87.52
C PRO N 204 8.19 -32.10 88.32
N ILE N 205 6.97 -32.17 87.78
CA ILE N 205 5.91 -32.92 88.44
C ILE N 205 6.19 -34.39 88.11
N VAL N 206 6.72 -35.11 89.08
CA VAL N 206 7.14 -36.50 88.91
C VAL N 206 6.12 -37.43 89.55
N LYS N 207 5.86 -38.55 88.88
CA LYS N 207 4.99 -39.62 89.34
C LYS N 207 5.67 -40.93 88.97
N SER N 208 5.83 -41.81 89.95
CA SER N 208 6.57 -43.05 89.81
C SER N 208 5.79 -44.20 90.44
N PHE N 209 6.42 -45.37 90.44
CA PHE N 209 5.88 -46.60 90.98
C PHE N 209 7.07 -47.53 91.17
N ASN N 210 6.90 -48.52 92.03
CA ASN N 210 7.93 -49.51 92.25
C ASN N 210 7.54 -50.84 91.61
N ARG N 211 8.54 -51.64 91.24
CA ARG N 211 8.22 -52.89 90.56
C ARG N 211 7.77 -53.92 91.60
N ASN N 212 6.89 -53.51 92.51
CA ASN N 212 6.40 -54.38 93.56
C ASN N 212 5.31 -53.69 94.35
N GLN O 1 -23.14 -24.93 41.34
CA GLN O 1 -22.04 -24.70 42.28
C GLN O 1 -20.86 -25.60 41.98
N VAL O 2 -19.67 -25.01 42.05
CA VAL O 2 -18.43 -25.74 41.79
C VAL O 2 -18.23 -26.80 42.87
N GLN O 3 -17.94 -28.03 42.44
CA GLN O 3 -17.73 -29.14 43.36
C GLN O 3 -16.73 -30.10 42.75
N LEU O 4 -15.69 -30.42 43.51
CA LEU O 4 -14.65 -31.36 43.10
C LEU O 4 -14.78 -32.59 43.98
N GLN O 5 -15.25 -33.70 43.40
CA GLN O 5 -15.48 -34.94 44.13
C GLN O 5 -14.38 -35.94 43.76
N GLN O 6 -13.45 -36.18 44.68
CA GLN O 6 -12.38 -37.13 44.44
C GLN O 6 -12.79 -38.56 44.80
N SER O 7 -11.95 -39.52 44.43
CA SER O 7 -12.21 -40.91 44.74
C SER O 7 -12.00 -41.16 46.23
N GLY O 8 -12.35 -42.37 46.67
CA GLY O 8 -12.18 -42.72 48.07
C GLY O 8 -10.74 -43.01 48.41
N PRO O 9 -10.51 -43.21 49.71
CA PRO O 9 -9.15 -43.52 50.19
C PRO O 9 -8.67 -44.87 49.68
N GLU O 10 -7.36 -45.00 49.52
CA GLU O 10 -6.78 -46.23 49.01
C GLU O 10 -5.67 -46.72 49.93
N LEU O 11 -5.46 -48.04 49.91
CA LEU O 11 -4.42 -48.68 50.70
C LEU O 11 -3.75 -49.78 49.87
N VAL O 12 -2.45 -49.63 49.60
CA VAL O 12 -1.70 -50.56 48.76
C VAL O 12 -0.33 -50.82 49.40
N ARG O 13 0.38 -51.90 48.90
CA ARG O 13 1.69 -52.28 49.37
C ARG O 13 2.78 -51.55 48.58
N PRO O 14 3.92 -51.28 49.23
CA PRO O 14 5.02 -50.59 48.54
C PRO O 14 5.40 -51.23 47.22
N GLY O 15 5.79 -50.37 46.26
CA GLY O 15 6.17 -50.78 44.94
C GLY O 15 5.03 -50.79 43.93
N ALA O 16 3.78 -50.90 44.38
CA ALA O 16 2.64 -50.93 43.49
C ALA O 16 2.39 -49.53 42.92
N SER O 17 1.23 -49.33 42.30
CA SER O 17 0.86 -48.05 41.72
C SER O 17 -0.60 -47.78 42.05
N VAL O 18 -0.98 -46.51 42.05
CA VAL O 18 -2.33 -46.10 42.39
C VAL O 18 -2.76 -44.99 41.45
N LYS O 19 -4.06 -44.90 41.20
CA LYS O 19 -4.63 -43.88 40.32
C LYS O 19 -5.92 -43.36 40.93
N MET O 20 -5.89 -42.15 41.47
CA MET O 20 -7.05 -41.54 42.09
C MET O 20 -7.69 -40.55 41.12
N SER O 21 -8.98 -40.29 41.33
CA SER O 21 -9.74 -39.44 40.43
C SER O 21 -10.20 -38.16 41.12
N CYS O 22 -10.83 -37.29 40.31
CA CYS O 22 -11.40 -36.02 40.78
C CYS O 22 -12.40 -35.55 39.73
N LYS O 23 -13.69 -35.66 40.04
CA LYS O 23 -14.75 -35.31 39.11
C LYS O 23 -15.25 -33.90 39.40
N ALA O 24 -15.11 -33.01 38.43
CA ALA O 24 -15.52 -31.62 38.55
C ALA O 24 -16.93 -31.44 38.00
N SER O 25 -17.66 -30.49 38.60
CA SER O 25 -19.02 -30.20 38.19
C SER O 25 -19.38 -28.80 38.64
N GLY O 26 -20.24 -28.14 37.87
CA GLY O 26 -20.68 -26.81 38.20
C GLY O 26 -19.90 -25.71 37.51
N TYR O 27 -19.09 -26.03 36.52
CA TYR O 27 -18.31 -25.06 35.77
C TYR O 27 -17.75 -25.75 34.53
N THR O 28 -17.34 -24.93 33.56
CA THR O 28 -16.76 -25.45 32.32
C THR O 28 -15.41 -26.08 32.64
N PHE O 29 -15.37 -27.42 32.57
CA PHE O 29 -14.17 -28.19 32.90
C PHE O 29 -12.92 -27.67 32.19
N THR O 30 -12.99 -27.52 30.87
CA THR O 30 -11.83 -27.18 30.05
C THR O 30 -11.29 -25.76 30.19
N ASN O 31 -11.98 -24.86 30.89
CA ASN O 31 -11.53 -23.48 31.00
C ASN O 31 -10.73 -23.18 32.26
N TYR O 32 -10.43 -24.17 33.08
CA TYR O 32 -9.66 -23.91 34.29
C TYR O 32 -8.62 -25.00 34.47
N TRP O 33 -7.39 -24.59 34.77
CA TRP O 33 -6.31 -25.55 34.96
C TRP O 33 -6.48 -26.26 36.30
N MET O 34 -6.26 -27.58 36.28
CA MET O 34 -6.43 -28.43 37.46
C MET O 34 -5.08 -28.73 38.11
N HIS O 35 -4.97 -28.46 39.41
CA HIS O 35 -3.75 -28.67 40.15
C HIS O 35 -3.93 -29.82 41.15
N TRP O 36 -2.80 -30.35 41.64
CA TRP O 36 -2.79 -31.43 42.61
C TRP O 36 -1.81 -31.11 43.73
N VAL O 37 -2.27 -31.20 44.98
CA VAL O 37 -1.45 -30.86 46.14
C VAL O 37 -1.35 -32.07 47.06
N LYS O 38 -0.16 -32.28 47.61
CA LYS O 38 0.11 -33.37 48.54
C LYS O 38 0.17 -32.80 49.95
N GLN O 39 -0.53 -33.44 50.89
CA GLN O 39 -0.58 -32.95 52.26
C GLN O 39 -0.10 -34.03 53.22
N ARG O 40 1.10 -33.82 53.79
CA ARG O 40 1.59 -34.77 54.76
C ARG O 40 1.57 -34.10 56.13
N PRO O 41 1.20 -34.81 57.19
CA PRO O 41 1.23 -34.20 58.53
C PRO O 41 2.64 -33.76 58.91
N GLY O 42 2.74 -32.54 59.42
CA GLY O 42 3.99 -31.97 59.84
C GLY O 42 4.81 -31.27 58.77
N GLN O 43 4.61 -31.61 57.50
CA GLN O 43 5.32 -30.96 56.40
C GLN O 43 4.40 -29.93 55.74
N ALA O 44 4.98 -29.09 54.90
CA ALA O 44 4.19 -28.08 54.23
C ALA O 44 3.53 -28.67 52.98
N LEU O 45 2.46 -28.03 52.52
CA LEU O 45 1.77 -28.51 51.33
C LEU O 45 2.71 -28.47 50.13
N GLU O 46 2.77 -29.60 49.42
CA GLU O 46 3.63 -29.78 48.26
C GLU O 46 2.78 -29.71 46.99
N TRP O 47 3.26 -28.95 46.01
CA TRP O 47 2.58 -28.83 44.71
C TRP O 47 3.08 -29.94 43.81
N ILE O 48 2.17 -30.81 43.37
CA ILE O 48 2.58 -31.94 42.53
C ILE O 48 2.68 -31.51 41.06
N GLY O 49 1.63 -30.89 40.55
CA GLY O 49 1.65 -30.47 39.16
C GLY O 49 0.29 -29.95 38.74
N MET O 50 0.20 -29.62 37.45
CA MET O 50 -1.04 -29.11 36.89
C MET O 50 -1.27 -29.74 35.52
N ILE O 51 -2.50 -29.61 35.04
CA ILE O 51 -2.92 -30.18 33.77
C ILE O 51 -3.88 -29.21 33.10
N ASP O 52 -3.71 -29.02 31.79
CA ASP O 52 -4.63 -28.20 31.00
C ASP O 52 -5.70 -29.09 30.40
N PRO O 53 -6.91 -29.09 30.95
CA PRO O 53 -7.97 -29.97 30.45
C PRO O 53 -8.14 -29.97 28.93
N SER O 54 -8.05 -28.80 28.30
CA SER O 54 -8.22 -28.69 26.85
C SER O 54 -7.26 -29.58 26.07
N LYS O 55 -5.95 -29.36 26.21
CA LYS O 55 -4.96 -30.08 25.42
C LYS O 55 -4.21 -31.14 26.21
N SER O 56 -4.59 -31.37 27.47
CA SER O 56 -3.94 -32.36 28.34
C SER O 56 -2.44 -32.08 28.48
N GLU O 57 -2.05 -30.80 28.43
CA GLU O 57 -0.67 -30.45 28.63
C GLU O 57 -0.38 -30.49 30.12
N THR O 58 0.64 -31.25 30.49
CA THR O 58 0.97 -31.43 31.90
C THR O 58 2.21 -30.60 32.22
N THR O 59 2.27 -30.12 33.46
CA THR O 59 3.44 -29.40 33.95
C THR O 59 3.62 -29.87 35.40
N LEU O 60 4.59 -30.75 35.60
CA LEU O 60 4.82 -31.36 36.90
C LEU O 60 5.86 -30.58 37.69
N ASN O 61 5.95 -30.92 38.97
CA ASN O 61 6.99 -30.40 39.84
C ASN O 61 8.20 -31.29 39.70
N GLN O 62 9.39 -30.69 39.55
CA GLN O 62 10.61 -31.47 39.41
C GLN O 62 10.72 -32.54 40.49
N LYS O 63 10.28 -32.22 41.72
CA LYS O 63 10.31 -33.16 42.84
C LYS O 63 9.44 -34.40 42.64
N PHE O 64 8.46 -34.35 41.73
CA PHE O 64 7.54 -35.46 41.49
C PHE O 64 7.68 -36.04 40.10
N ARG O 65 8.72 -35.64 39.36
CA ARG O 65 8.95 -36.03 37.97
C ARG O 65 8.65 -37.50 37.67
N GLY O 66 9.30 -38.41 38.39
CA GLY O 66 9.08 -39.82 38.12
C GLY O 66 8.02 -40.50 38.94
N LYS O 67 7.39 -39.78 39.86
CA LYS O 67 6.39 -40.37 40.74
C LYS O 67 4.95 -40.13 40.30
N ALA O 68 4.66 -38.95 39.74
CA ALA O 68 3.30 -38.58 39.40
C ALA O 68 3.06 -38.48 37.90
N THR O 69 1.82 -38.75 37.50
CA THR O 69 1.37 -38.67 36.12
C THR O 69 -0.01 -38.04 36.07
N LEU O 70 -0.21 -37.09 35.16
CA LEU O 70 -1.50 -36.41 35.05
C LEU O 70 -2.12 -36.58 33.66
N ASN O 71 -3.45 -36.65 33.65
CA ASN O 71 -4.29 -36.74 32.46
C ASN O 71 -5.73 -36.50 32.88
N VAL O 72 -6.58 -36.20 31.90
CA VAL O 72 -7.98 -35.90 32.14
C VAL O 72 -8.85 -36.64 31.12
N ASP O 73 -10.17 -36.56 31.34
CA ASP O 73 -11.21 -37.11 30.47
C ASP O 73 -12.23 -36.01 30.26
N LYS O 74 -12.07 -35.23 29.19
CA LYS O 74 -12.96 -34.10 28.94
C LYS O 74 -14.41 -34.55 28.86
N SER O 75 -14.66 -35.75 28.34
CA SER O 75 -16.03 -36.26 28.22
C SER O 75 -16.69 -36.45 29.59
N SER O 76 -15.97 -37.01 30.56
CA SER O 76 -16.55 -37.27 31.88
C SER O 76 -16.30 -36.14 32.89
N ASN O 77 -15.59 -35.09 32.48
CA ASN O 77 -15.27 -33.95 33.33
C ASN O 77 -14.50 -34.36 34.59
N THR O 78 -13.66 -35.38 34.49
CA THR O 78 -12.87 -35.85 35.63
C THR O 78 -11.39 -35.77 35.32
N ALA O 79 -10.59 -35.48 36.35
CA ALA O 79 -9.14 -35.46 36.24
C ALA O 79 -8.56 -36.64 37.03
N TYR O 80 -7.39 -37.11 36.61
CA TYR O 80 -6.76 -38.26 37.25
C TYR O 80 -5.30 -37.96 37.58
N MET O 81 -4.79 -38.68 38.57
CA MET O 81 -3.38 -38.62 38.96
C MET O 81 -2.91 -40.03 39.29
N GLN O 82 -1.76 -40.42 38.75
CA GLN O 82 -1.19 -41.74 38.99
C GLN O 82 0.15 -41.63 39.69
N LEU O 83 0.30 -42.38 40.78
CA LEU O 83 1.53 -42.42 41.56
C LEU O 83 2.17 -43.80 41.41
N SER O 84 3.43 -43.84 41.00
CA SER O 84 4.12 -45.10 40.75
C SER O 84 5.24 -45.33 41.77
N SER O 85 5.68 -46.59 41.86
CA SER O 85 6.75 -47.01 42.76
C SER O 85 6.50 -46.57 44.20
N LEU O 86 5.23 -46.60 44.59
CA LEU O 86 4.79 -46.16 45.92
C LEU O 86 5.67 -46.69 47.05
N THR O 87 6.01 -45.80 47.98
CA THR O 87 6.77 -46.12 49.17
C THR O 87 5.97 -45.66 50.39
N SER O 88 6.58 -45.75 51.57
CA SER O 88 5.86 -45.34 52.78
C SER O 88 5.71 -43.83 52.82
N GLU O 89 6.64 -43.11 52.20
CA GLU O 89 6.60 -41.67 52.17
C GLU O 89 5.57 -41.12 51.19
N ASP O 90 5.11 -41.94 50.23
CA ASP O 90 4.07 -41.52 49.30
C ASP O 90 2.71 -41.54 49.96
N SER O 91 2.67 -41.86 51.25
CA SER O 91 1.43 -41.88 52.02
C SER O 91 1.13 -40.46 52.50
N ALA O 92 -0.06 -39.97 52.17
CA ALA O 92 -0.47 -38.61 52.48
C ALA O 92 -1.89 -38.35 52.04
N VAL O 93 -2.33 -37.09 52.14
CA VAL O 93 -3.63 -36.65 51.65
C VAL O 93 -3.39 -35.92 50.33
N TYR O 94 -4.16 -36.27 49.31
CA TYR O 94 -3.99 -35.67 47.99
C TYR O 94 -5.25 -34.91 47.60
N TYR O 95 -5.08 -33.65 47.21
CA TYR O 95 -6.17 -32.78 46.82
C TYR O 95 -6.09 -32.46 45.34
N CYS O 96 -7.23 -32.04 44.79
CA CYS O 96 -7.29 -31.47 43.45
C CYS O 96 -7.97 -30.13 43.58
N ALA O 97 -7.36 -29.10 42.98
CA ALA O 97 -7.87 -27.74 43.10
C ALA O 97 -8.00 -27.09 41.73
N ARG O 98 -8.91 -26.13 41.65
CA ARG O 98 -9.16 -25.35 40.44
C ARG O 98 -8.38 -24.05 40.56
N GLU O 99 -7.80 -23.60 39.46
CA GLU O 99 -7.02 -22.37 39.48
C GLU O 99 -7.75 -21.27 38.72
N VAL O 100 -7.76 -20.08 39.33
CA VAL O 100 -8.32 -18.87 38.74
C VAL O 100 -7.46 -17.74 39.30
N TYR O 101 -6.15 -17.83 39.13
CA TYR O 101 -5.15 -16.93 39.74
C TYR O 101 -5.01 -17.32 41.20
N TYR O 102 -5.67 -18.40 41.63
CA TYR O 102 -5.71 -18.87 43.00
C TYR O 102 -6.44 -20.20 43.00
N PHE O 103 -6.34 -20.94 44.11
CA PHE O 103 -7.06 -22.21 44.25
C PHE O 103 -8.33 -21.96 45.06
N ASP O 104 -9.44 -21.73 44.35
CA ASP O 104 -10.70 -21.38 45.00
C ASP O 104 -11.58 -22.58 45.34
N TYR O 105 -11.32 -23.76 44.79
CA TYR O 105 -12.15 -24.94 45.07
C TYR O 105 -11.28 -26.18 45.14
N TRP O 106 -11.29 -26.84 46.28
CA TRP O 106 -10.54 -28.06 46.50
C TRP O 106 -11.49 -29.25 46.64
N GLY O 107 -10.93 -30.45 46.54
CA GLY O 107 -11.70 -31.64 46.77
C GLY O 107 -11.68 -32.01 48.24
N GLN O 108 -12.46 -33.03 48.59
CA GLN O 108 -12.48 -33.42 50.00
C GLN O 108 -11.15 -34.05 50.39
N GLY O 109 -10.48 -34.71 49.45
CA GLY O 109 -9.20 -35.32 49.71
C GLY O 109 -9.21 -36.82 49.50
N THR O 110 -8.06 -37.39 49.16
CA THR O 110 -7.91 -38.82 48.99
C THR O 110 -6.73 -39.25 49.86
N THR O 111 -7.01 -40.07 50.87
CA THR O 111 -5.98 -40.51 51.80
C THR O 111 -5.36 -41.80 51.27
N LEU O 112 -4.05 -41.76 51.01
CA LEU O 112 -3.32 -42.91 50.52
C LEU O 112 -2.40 -43.44 51.61
N THR O 113 -2.47 -44.76 51.84
CA THR O 113 -1.63 -45.41 52.83
C THR O 113 -0.89 -46.55 52.15
N VAL O 114 0.44 -46.56 52.31
CA VAL O 114 1.31 -47.57 51.70
C VAL O 114 2.11 -48.26 52.79
N SER O 115 1.90 -49.57 52.95
CA SER O 115 2.63 -50.36 53.94
C SER O 115 2.50 -51.83 53.57
N SER O 116 3.48 -52.62 54.03
CA SER O 116 3.49 -54.06 53.79
C SER O 116 3.00 -54.84 55.00
N ALA O 117 2.11 -54.24 55.80
CA ALA O 117 1.56 -54.86 57.00
C ALA O 117 0.15 -55.36 56.70
N LYS O 118 -0.14 -56.59 57.12
CA LYS O 118 -1.44 -57.23 56.95
C LYS O 118 -2.38 -56.85 58.10
N THR O 119 -3.68 -57.07 57.89
CA THR O 119 -4.69 -56.77 58.90
C THR O 119 -4.41 -57.49 60.22
N THR O 120 -4.41 -56.73 61.33
CA THR O 120 -4.11 -57.30 62.67
C THR O 120 -5.10 -56.80 63.72
N PRO O 121 -5.63 -57.70 64.57
CA PRO O 121 -6.56 -57.28 65.61
C PRO O 121 -5.84 -56.56 66.77
N PRO O 122 -6.53 -55.63 67.43
CA PRO O 122 -5.91 -54.86 68.53
C PRO O 122 -5.85 -55.62 69.86
N SER O 123 -4.73 -55.45 70.57
CA SER O 123 -4.52 -56.04 71.89
C SER O 123 -4.85 -55.01 72.98
N VAL O 124 -5.98 -55.22 73.68
CA VAL O 124 -6.47 -54.29 74.69
C VAL O 124 -5.94 -54.65 76.07
N TYR O 125 -5.06 -53.79 76.64
CA TYR O 125 -4.49 -54.00 77.96
C TYR O 125 -5.04 -52.97 78.95
N PRO O 126 -5.52 -53.40 80.12
CA PRO O 126 -6.05 -52.46 81.10
C PRO O 126 -4.97 -51.72 81.89
N LEU O 127 -5.28 -50.49 82.31
CA LEU O 127 -4.37 -49.67 83.09
C LEU O 127 -5.06 -49.25 84.39
N ALA O 128 -4.61 -49.82 85.51
CA ALA O 128 -5.13 -49.58 86.85
C ALA O 128 -4.00 -49.19 87.80
N PRO O 129 -4.28 -48.31 88.78
CA PRO O 129 -3.26 -47.90 89.76
C PRO O 129 -2.58 -49.09 90.46
N ASN O 136 -6.11 -37.01 94.63
CA ASN O 136 -6.60 -38.34 95.00
C ASN O 136 -8.13 -38.36 94.98
N SER O 137 -8.75 -37.19 94.79
CA SER O 137 -10.20 -37.10 94.75
C SER O 137 -10.78 -37.80 93.53
N MET O 138 -10.19 -37.59 92.36
CA MET O 138 -10.61 -38.25 91.11
C MET O 138 -9.47 -39.11 90.59
N VAL O 139 -9.71 -40.41 90.50
CA VAL O 139 -8.70 -41.37 90.08
C VAL O 139 -8.74 -41.49 88.56
N THR O 140 -7.55 -41.54 87.95
CA THR O 140 -7.41 -41.65 86.51
C THR O 140 -7.10 -43.08 86.12
N LEU O 141 -7.84 -43.60 85.15
CA LEU O 141 -7.71 -44.94 84.60
C LEU O 141 -7.45 -44.85 83.10
N GLY O 142 -7.31 -45.99 82.44
CA GLY O 142 -7.08 -45.97 81.00
C GLY O 142 -6.95 -47.35 80.40
N CYS O 143 -6.98 -47.37 79.07
CA CYS O 143 -6.82 -48.56 78.25
C CYS O 143 -5.64 -48.36 77.31
N LEU O 144 -4.94 -49.45 76.98
CA LEU O 144 -3.79 -49.41 76.07
C LEU O 144 -4.01 -50.36 74.90
N VAL O 145 -4.26 -49.79 73.72
CA VAL O 145 -4.50 -50.55 72.49
C VAL O 145 -3.20 -50.59 71.68
N LYS O 146 -2.53 -51.75 71.65
CA LYS O 146 -1.26 -51.89 70.97
C LYS O 146 -1.32 -52.98 69.89
N GLY O 147 -0.39 -52.90 68.94
CA GLY O 147 -0.20 -53.87 67.88
C GLY O 147 -1.35 -54.19 66.94
N TYR O 148 -2.03 -53.17 66.42
CA TYR O 148 -3.11 -53.35 65.45
C TYR O 148 -2.79 -52.64 64.13
N PHE O 149 -3.59 -52.98 63.12
CA PHE O 149 -3.48 -52.43 61.75
C PHE O 149 -4.60 -52.99 60.88
N PRO O 150 -5.22 -52.13 60.06
CA PRO O 150 -4.95 -50.70 59.90
C PRO O 150 -5.95 -49.82 60.66
N GLU O 151 -5.78 -48.51 60.51
CA GLU O 151 -6.66 -47.52 61.13
C GLU O 151 -8.09 -47.59 60.58
N PRO O 152 -9.08 -47.17 61.36
CA PRO O 152 -9.03 -46.63 62.73
C PRO O 152 -9.62 -47.59 63.76
N VAL O 153 -9.74 -47.11 64.99
CA VAL O 153 -10.37 -47.86 66.06
C VAL O 153 -11.24 -46.93 66.88
N THR O 154 -12.39 -47.43 67.34
CA THR O 154 -13.32 -46.66 68.14
C THR O 154 -13.18 -47.11 69.59
N VAL O 155 -12.90 -46.17 70.48
CA VAL O 155 -12.73 -46.46 71.90
C VAL O 155 -13.81 -45.72 72.64
N THR O 156 -14.61 -46.46 73.42
CA THR O 156 -15.66 -45.87 74.22
C THR O 156 -15.62 -46.53 75.59
N TRP O 157 -16.14 -45.83 76.58
CA TRP O 157 -16.16 -46.31 77.96
C TRP O 157 -17.60 -46.62 78.35
N ASN O 158 -17.84 -47.88 78.71
CA ASN O 158 -19.17 -48.37 79.09
C ASN O 158 -20.15 -48.25 77.92
N SER O 159 -19.70 -48.64 76.73
CA SER O 159 -20.51 -48.61 75.51
C SER O 159 -21.03 -47.21 75.19
N GLY O 160 -20.22 -46.18 75.47
CA GLY O 160 -20.56 -44.81 75.14
C GLY O 160 -21.19 -44.00 76.27
N SER O 161 -21.82 -44.66 77.25
CA SER O 161 -22.46 -43.93 78.36
C SER O 161 -21.48 -43.02 79.09
N LEU O 162 -20.26 -43.47 79.34
CA LEU O 162 -19.25 -42.63 80.00
C LEU O 162 -18.42 -41.94 78.93
N SER O 163 -18.81 -40.69 78.63
CA SER O 163 -18.18 -39.88 77.59
C SER O 163 -17.33 -38.76 78.18
N SER O 164 -17.92 -37.91 79.02
CA SER O 164 -17.20 -36.79 79.59
C SER O 164 -15.98 -37.26 80.37
N GLY O 165 -14.92 -36.45 80.33
CA GLY O 165 -13.70 -36.76 81.05
C GLY O 165 -12.84 -37.84 80.43
N VAL O 166 -12.86 -38.00 79.11
CA VAL O 166 -12.07 -39.01 78.42
C VAL O 166 -11.14 -38.35 77.43
N HIS O 167 -9.93 -38.91 77.31
CA HIS O 167 -8.91 -38.42 76.37
C HIS O 167 -8.36 -39.62 75.60
N THR O 168 -8.79 -39.81 74.37
CA THR O 168 -8.28 -40.88 73.51
C THR O 168 -7.17 -40.26 72.65
N PHE O 169 -5.92 -40.67 72.91
CA PHE O 169 -4.80 -40.04 72.22
C PHE O 169 -4.59 -40.63 70.82
N PRO O 170 -4.13 -39.79 69.88
CA PRO O 170 -3.87 -40.23 68.51
C PRO O 170 -2.85 -41.36 68.42
N ALA O 171 -3.20 -42.39 67.64
CA ALA O 171 -2.33 -43.54 67.43
C ALA O 171 -0.98 -43.13 66.85
N VAL O 172 0.02 -43.94 67.15
CA VAL O 172 1.38 -43.78 66.64
C VAL O 172 1.79 -45.06 65.95
N LEU O 173 2.87 -44.97 65.17
CA LEU O 173 3.38 -46.11 64.41
C LEU O 173 4.58 -46.68 65.15
N GLN O 174 4.51 -47.97 65.50
CA GLN O 174 5.59 -48.67 66.19
C GLN O 174 5.84 -49.99 65.47
N SER O 175 6.92 -50.04 64.70
CA SER O 175 7.32 -51.22 63.93
C SER O 175 6.18 -51.73 63.03
N ASP O 176 5.75 -50.87 62.10
CA ASP O 176 4.70 -51.20 61.13
C ASP O 176 3.39 -51.64 61.81
N LEU O 177 3.14 -51.16 63.03
CA LEU O 177 1.90 -51.47 63.74
C LEU O 177 1.52 -50.27 64.59
N TYR O 178 0.23 -49.97 64.63
CA TYR O 178 -0.27 -48.80 65.36
C TYR O 178 -0.48 -49.11 66.84
N THR O 179 -0.35 -48.06 67.66
CA THR O 179 -0.52 -48.13 69.11
C THR O 179 -1.11 -46.81 69.62
N LEU O 180 -2.16 -46.88 70.44
CA LEU O 180 -2.77 -45.69 71.01
C LEU O 180 -3.17 -45.90 72.47
N SER O 181 -3.38 -44.78 73.17
CA SER O 181 -3.79 -44.76 74.57
C SER O 181 -5.12 -44.03 74.73
N SER O 182 -5.82 -44.33 75.82
CA SER O 182 -7.09 -43.68 76.13
C SER O 182 -7.23 -43.53 77.64
N SER O 183 -7.35 -42.30 78.14
CA SER O 183 -7.46 -42.07 79.57
C SER O 183 -8.88 -41.60 79.93
N VAL O 184 -9.28 -41.86 81.18
CA VAL O 184 -10.58 -41.44 81.71
C VAL O 184 -10.42 -41.15 83.19
N THR O 185 -11.04 -40.06 83.67
CA THR O 185 -10.97 -39.67 85.07
C THR O 185 -12.35 -39.68 85.69
N VAL O 186 -12.53 -40.47 86.75
CA VAL O 186 -13.81 -40.53 87.44
C VAL O 186 -13.59 -40.34 88.93
N PRO O 187 -14.60 -39.85 89.66
CA PRO O 187 -14.47 -39.68 91.12
C PRO O 187 -14.12 -40.97 91.86
N SER O 188 -13.16 -40.86 92.80
CA SER O 188 -12.74 -42.01 93.57
C SER O 188 -13.92 -42.71 94.23
N SER O 189 -15.03 -42.00 94.45
CA SER O 189 -16.17 -42.65 95.07
C SER O 189 -16.83 -43.62 94.09
N SER O 190 -16.81 -43.32 92.79
CA SER O 190 -17.43 -44.20 91.81
C SER O 190 -16.53 -45.34 91.36
N TRP O 191 -15.30 -45.43 91.88
CA TRP O 191 -14.44 -46.53 91.47
C TRP O 191 -13.63 -46.99 92.68
N PRO O 192 -13.47 -48.31 92.87
CA PRO O 192 -13.98 -49.44 92.07
C PRO O 192 -15.46 -49.74 92.29
N SER O 193 -16.14 -48.83 92.99
CA SER O 193 -17.56 -48.98 93.26
C SER O 193 -18.36 -49.31 92.00
N GLU O 194 -18.27 -48.44 90.99
CA GLU O 194 -18.94 -48.67 89.72
C GLU O 194 -17.99 -49.34 88.73
N THR O 195 -18.44 -50.46 88.16
CA THR O 195 -17.60 -51.18 87.21
C THR O 195 -17.36 -50.26 86.01
N VAL O 196 -16.09 -50.17 85.60
CA VAL O 196 -15.69 -49.34 84.47
C VAL O 196 -14.94 -50.22 83.49
N THR O 197 -15.39 -50.21 82.23
CA THR O 197 -14.78 -51.04 81.19
C THR O 197 -14.76 -50.30 79.86
N CYS O 198 -13.60 -50.28 79.21
CA CYS O 198 -13.44 -49.66 77.91
C CYS O 198 -13.80 -50.67 76.82
N ASN O 199 -14.34 -50.16 75.71
CA ASN O 199 -14.73 -50.98 74.57
C ASN O 199 -13.99 -50.53 73.33
N VAL O 200 -13.19 -51.43 72.76
CA VAL O 200 -12.36 -51.15 71.58
C VAL O 200 -12.98 -51.85 70.36
N ALA O 201 -13.31 -51.07 69.33
CA ALA O 201 -13.89 -51.56 68.10
C ALA O 201 -12.88 -51.41 66.96
N HIS O 202 -12.58 -52.52 66.27
CA HIS O 202 -11.63 -52.54 65.16
C HIS O 202 -12.31 -53.07 63.91
N PRO O 203 -13.03 -52.21 63.17
CA PRO O 203 -13.76 -52.66 61.98
C PRO O 203 -12.91 -53.38 60.94
N ALA O 204 -11.63 -53.00 60.79
CA ALA O 204 -10.76 -53.63 59.81
C ALA O 204 -10.64 -55.14 60.00
N SER O 205 -10.74 -55.62 61.24
CA SER O 205 -10.68 -57.04 61.55
C SER O 205 -11.97 -57.53 62.19
N SER O 206 -12.99 -56.67 62.26
CA SER O 206 -14.29 -56.99 62.89
C SER O 206 -14.10 -57.44 64.33
N THR O 207 -13.15 -56.82 65.04
CA THR O 207 -12.84 -57.16 66.42
C THR O 207 -13.56 -56.23 67.38
N LYS O 208 -14.21 -56.79 68.40
CA LYS O 208 -14.88 -56.02 69.44
C LYS O 208 -14.48 -56.57 70.80
N VAL O 209 -13.50 -55.94 71.46
CA VAL O 209 -13.00 -56.39 72.75
C VAL O 209 -13.43 -55.43 73.84
N ASP O 210 -13.78 -55.97 75.00
CA ASP O 210 -14.14 -55.18 76.18
C ASP O 210 -13.26 -55.67 77.31
N LYS O 211 -12.46 -54.76 77.89
CA LYS O 211 -11.55 -55.09 78.98
C LYS O 211 -11.87 -54.23 80.19
N LYS O 212 -12.45 -54.84 81.21
CA LYS O 212 -12.78 -54.13 82.45
C LYS O 212 -11.52 -53.91 83.25
N ILE O 213 -11.28 -52.66 83.64
CA ILE O 213 -10.08 -52.29 84.38
C ILE O 213 -10.31 -52.63 85.85
N VAL O 214 -9.79 -53.77 86.28
CA VAL O 214 -9.90 -54.21 87.67
C VAL O 214 -8.75 -53.60 88.47
N PRO O 215 -9.02 -53.10 89.68
CA PRO O 215 -7.95 -52.53 90.50
C PRO O 215 -6.81 -53.51 90.70
N ARG O 216 -5.60 -52.95 90.89
CA ARG O 216 -4.43 -53.80 91.05
C ARG O 216 -4.59 -54.74 92.23
N ASP O 217 -4.07 -55.95 92.07
CA ASP O 217 -4.18 -56.96 93.12
C ASP O 217 -2.95 -56.93 94.01
#